data_7R8O
#
_entry.id   7R8O
#
_cell.length_a   1.00
_cell.length_b   1.00
_cell.length_c   1.00
_cell.angle_alpha   90.00
_cell.angle_beta   90.00
_cell.angle_gamma   90.00
#
_symmetry.space_group_name_H-M   'P 1'
#
loop_
_entity.id
_entity.type
_entity.pdbx_description
1 polymer 'Spike glycoprotein'
2 polymer 'C548 Fab Heavy Chain'
3 polymer 'C548 Fab Light Chain'
4 branched 2-acetamido-2-deoxy-beta-D-glucopyranose-(1-4)-2-acetamido-2-deoxy-beta-D-glucopyranose
5 branched 2-acetamido-2-deoxy-beta-D-glucopyranose-(1-4)-[alpha-L-fucopyranose-(1-6)]2-acetamido-2-deoxy-beta-D-glucopyranose
6 branched beta-D-mannopyranose-(1-4)-2-acetamido-2-deoxy-beta-D-glucopyranose-(1-4)-[alpha-L-fucopyranose-(1-6)]2-acetamido-2-deoxy-beta-D-glucopyranose
7 branched alpha-D-mannopyranose-(1-6)-beta-D-mannopyranose-(1-4)-2-acetamido-2-deoxy-beta-D-glucopyranose-(1-4)-[alpha-L-fucopyranose-(1-6)]2-acetamido-2-deoxy-beta-D-glucopyranose
8 non-polymer 2-acetamido-2-deoxy-beta-D-glucopyranose
#
loop_
_entity_poly.entity_id
_entity_poly.type
_entity_poly.pdbx_seq_one_letter_code
_entity_poly.pdbx_strand_id
1 'polypeptide(L)'
;MFVFLVLLPLVSSQCVNLTTRTQLPPAYTNSFTRGVYYPDKVFRSSVLHSTQDLFLPFFSNVTWFHAIHVSGTNGTKRFD
NPVLPFNDGVYFASTEKSNIIRGWIFGTTLDSKTQSLLIVNNATNVVIKVCEFQFCNDPFLGVYYHKNNKSWMESEFRVY
SSANNCTFEYVSQPFLMDLEGKQGNFKNLREFVFKNIDGYFKIYSKHTPINLVRDLPQGFSALEPLVDLPIGINITRFQT
LLALHRSYLTPGDSSSGWTAGAAAYYVGYLQPRTFLLKYNENGTITDAVDCALDPLSETKCTLKSFTVEKGIYQTSNFRV
QPTESIVRFPNITNLCPFGEVFNATRFASVYAWNRKRISNCVADYSVLYNSASFSTFKCYGVSPTKLNDLCFTNVYADSF
VIRGDEVRQIAPGQTGKIADYNYKLPDDFTGCVIAWNSNNLDSKVGGNYNYLYRLFRKSNLKPFERDISTEIYQAGSTPC
NGVEGFNCYFPLQSYGFQPTNGVGYQPYRVVVLSFELLHAPATVCGPKKSTNLVKNKCVNFNFNGLTGTGVLTESNKKFL
PFQQFGRDIADTTDAVRDPQTLEILDITPCSFGGVSVITPGTNTSNQVAVLYQDVNCTEVPVAIHADQLTPTWRVYSTGS
NVFQTRAGCLIGAEHVNNSYECDIPIGAGICASYQTQTNSPASVASQSIIAYTMSLGAENSVAYSNNSIAIPTNFTISVT
TEILPVSMTKTSVDCTMYICGDSTECSNLLLQYGSFCTQLNRALTGIAVEQDKNTQEVFAQVKQIYKTPPIKDFGGFNFS
QILPDPSKPSKRSPIEDLLFNKVTLADAGFIKQYGDCLGDIAARDLICAQKFNGLTVLPPLLTDEMIAQYTSALLAGTIT
SGWTFGAGPALQIPFPMQMAYRFNGIGVTQNVLYENQKLIANQFNSAIGKIQDSLSSTPSALGKLQDVVNQNAQALNTLV
KQLSSNFGAISSVLNDILSRLDPPEAEVQIDRLITGRLQSLQTYVTQQLIRAAEIRASANLAATKMSECVLGQSKRVDFC
GKGYHLMSFPQSAPHGVVFLHVTYVPAQEKNFTTAPAICHDGKAHFPREGVFVSNGTHWFVTQRNFYEPQIITTDNTFVS
GNCDVVIGIVNNTVYDPLQPELDSFKEELDKYFKNHTSPDVDLGDISGINASVVNIQKEIDRLNEVAKNLNESLIDLQEL
GKYEQYIKWPSGRLVPRGSPGSGYIPEAPRDGQAYVRKDGEWVLLSTFLGHHHHHHGLNDIFEAQKIEWHE
;
A,B,E
2 'polypeptide(L)'
;QVQLVQSGAEVKKPGSSVKVSCKASGGTFSSYAISWVRQAPGQGLEWMGGIIPIFGTANYAQKFQGRVTITADESTSTAY
MELSSLRSEDTAVYYCARREAYGPRDYYYYYGMDVWGQGTTVTVSSASTKGPSVFPLAPSSKSTSGGTAALGCLVKDYFP
EPVTVSWNSGALTSGVHTFPAVLQSSGLYSLSSVVTVPSSSLGTQTYICNVNHKPSNTKVDKRVEPKSCDKT
;
H,M,O
3 'polypeptide(L)'
;QSALTQPPSASASLGASVTLTCTLSSGYSNYKVDWYQQRPGKGPRFVMRVGTGGIVGSKGDGIPDRFSVLGSGLNRYLTI
KNIQEEDESDYHCGADQGSGSNFVGVFGGGTKLTVGQPKAAPSVTLFPPSSEELQANKATLVCLISDFYPGAVTVAWKAD
SSPVKAGVETTTPSKQSNNKYAASSYLSLTPEQWKSHRSYSCQVTHEGSTVEKTVAPTECS
;
L,N,P
#
# COMPACT_ATOMS: atom_id res chain seq x y z
N CYS A 15 -32.65 41.21 -41.23
CA CYS A 15 -32.38 41.42 -39.82
C CYS A 15 -32.87 42.82 -39.44
N VAL A 16 -33.35 42.94 -38.20
CA VAL A 16 -33.79 44.20 -37.63
C VAL A 16 -33.16 44.43 -36.26
N ASN A 17 -32.61 45.62 -36.09
CA ASN A 17 -31.94 46.11 -34.89
C ASN A 17 -33.03 46.80 -34.11
N LEU A 18 -33.42 46.26 -32.97
CA LEU A 18 -34.46 46.92 -32.20
C LEU A 18 -33.76 47.90 -31.26
N THR A 19 -34.12 49.16 -31.45
CA THR A 19 -33.61 50.33 -30.75
C THR A 19 -34.64 51.01 -29.87
N THR A 20 -35.92 50.71 -30.05
CA THR A 20 -36.98 51.33 -29.27
C THR A 20 -37.02 50.60 -27.93
N ARG A 21 -35.96 50.86 -27.17
CA ARG A 21 -35.68 50.23 -25.90
C ARG A 21 -35.27 51.33 -24.95
N THR A 22 -35.85 51.33 -23.75
CA THR A 22 -35.41 52.31 -22.76
C THR A 22 -34.06 51.82 -22.24
N GLN A 23 -33.10 52.71 -22.09
CA GLN A 23 -31.78 52.27 -21.66
C GLN A 23 -31.70 52.58 -20.17
N LEU A 24 -31.95 51.53 -19.39
CA LEU A 24 -31.92 51.46 -17.95
C LEU A 24 -30.90 50.42 -17.52
N PRO A 25 -30.38 50.51 -16.30
CA PRO A 25 -29.49 49.47 -15.82
C PRO A 25 -30.27 48.18 -15.64
N PRO A 26 -29.60 47.03 -15.59
CA PRO A 26 -30.33 45.77 -15.36
C PRO A 26 -31.10 45.80 -14.05
N ALA A 27 -32.25 45.14 -14.07
CA ALA A 27 -33.08 45.00 -12.89
C ALA A 27 -32.70 43.69 -12.23
N TYR A 28 -33.05 43.56 -10.95
CA TYR A 28 -32.70 42.34 -10.26
C TYR A 28 -33.89 41.82 -9.47
N THR A 29 -33.93 40.49 -9.33
CA THR A 29 -34.97 39.81 -8.58
C THR A 29 -34.31 38.71 -7.75
N ASN A 30 -35.14 37.94 -7.05
CA ASN A 30 -34.66 36.90 -6.16
C ASN A 30 -34.87 35.54 -6.81
N SER A 31 -33.78 34.77 -6.92
CA SER A 31 -33.90 33.44 -7.53
C SER A 31 -34.66 32.47 -6.64
N PHE A 32 -34.81 32.78 -5.34
CA PHE A 32 -35.44 31.87 -4.38
C PHE A 32 -34.82 30.48 -4.40
N THR A 33 -35.63 29.50 -4.81
CA THR A 33 -35.20 28.11 -4.82
C THR A 33 -35.17 27.53 -6.22
N ARG A 34 -35.05 28.41 -7.22
CA ARG A 34 -34.99 28.00 -8.62
C ARG A 34 -33.58 27.58 -9.05
N GLY A 35 -33.52 26.87 -10.16
CA GLY A 35 -32.30 26.47 -10.81
C GLY A 35 -31.80 25.07 -10.54
N VAL A 36 -32.57 24.23 -9.86
CA VAL A 36 -32.16 22.85 -9.61
C VAL A 36 -32.63 21.97 -10.76
N TYR A 37 -31.73 21.13 -11.24
CA TYR A 37 -31.97 20.21 -12.36
C TYR A 37 -31.45 18.85 -11.93
N TYR A 38 -31.87 17.81 -12.63
CA TYR A 38 -31.36 16.48 -12.33
C TYR A 38 -29.89 16.39 -12.73
N PRO A 39 -28.96 16.23 -11.79
CA PRO A 39 -27.54 16.32 -12.13
C PRO A 39 -27.01 15.11 -12.88
N ASP A 40 -27.76 14.01 -12.90
CA ASP A 40 -27.27 12.77 -13.48
C ASP A 40 -28.45 11.99 -14.07
N LYS A 41 -28.16 10.79 -14.57
CA LYS A 41 -29.13 9.95 -15.26
C LYS A 41 -29.44 8.68 -14.48
N VAL A 42 -29.28 8.69 -13.16
CA VAL A 42 -29.48 7.52 -12.32
C VAL A 42 -30.68 7.75 -11.41
N PHE A 43 -31.54 6.75 -11.32
CA PHE A 43 -32.72 6.80 -10.47
C PHE A 43 -32.35 6.46 -9.03
N ARG A 44 -32.79 7.32 -8.11
CA ARG A 44 -32.66 7.09 -6.68
C ARG A 44 -33.91 7.61 -6.01
N SER A 45 -34.23 7.04 -4.86
CA SER A 45 -35.44 7.41 -4.16
C SER A 45 -35.23 7.27 -2.66
N SER A 46 -35.94 8.10 -1.90
CA SER A 46 -35.86 8.14 -0.44
C SER A 46 -34.42 8.30 0.04
N VAL A 47 -33.63 9.11 -0.67
CA VAL A 47 -32.25 9.35 -0.31
C VAL A 47 -31.93 10.84 -0.42
N LEU A 48 -30.87 11.23 0.26
CA LEU A 48 -30.28 12.55 0.10
C LEU A 48 -28.92 12.36 -0.55
N HIS A 49 -28.73 12.92 -1.74
CA HIS A 49 -27.50 12.72 -2.49
C HIS A 49 -26.78 14.06 -2.63
N SER A 50 -25.50 14.09 -2.26
CA SER A 50 -24.69 15.31 -2.34
C SER A 50 -23.90 15.30 -3.64
N THR A 51 -24.08 16.34 -4.44
CA THR A 51 -23.39 16.38 -5.73
C THR A 51 -22.72 17.74 -5.89
N GLN A 52 -21.50 17.74 -6.41
CA GLN A 52 -20.77 18.96 -6.75
C GLN A 52 -20.79 19.12 -8.26
N ASP A 53 -21.49 20.15 -8.74
CA ASP A 53 -21.73 20.45 -10.14
C ASP A 53 -22.03 21.93 -10.27
N LEU A 54 -22.31 22.34 -11.50
CA LEU A 54 -22.64 23.73 -11.80
C LEU A 54 -24.14 23.87 -11.59
N PHE A 55 -24.52 24.62 -10.57
CA PHE A 55 -25.90 24.84 -10.18
C PHE A 55 -26.16 26.32 -10.03
N LEU A 56 -27.41 26.72 -10.23
CA LEU A 56 -27.78 28.11 -9.92
C LEU A 56 -27.91 28.28 -8.41
N PRO A 57 -27.14 29.17 -7.79
CA PRO A 57 -27.22 29.35 -6.32
C PRO A 57 -28.60 29.77 -5.86
N PHE A 58 -28.97 29.34 -4.66
CA PHE A 58 -30.24 29.78 -4.09
C PHE A 58 -30.13 31.26 -3.71
N PHE A 59 -31.23 32.00 -3.92
CA PHE A 59 -31.31 33.43 -3.63
C PHE A 59 -30.21 34.21 -4.37
N SER A 60 -29.93 33.79 -5.61
CA SER A 60 -28.88 34.43 -6.38
C SER A 60 -29.37 35.73 -7.02
N ASN A 61 -28.40 36.53 -7.43
CA ASN A 61 -28.58 37.82 -8.10
C ASN A 61 -28.95 37.58 -9.57
N VAL A 62 -30.24 37.69 -9.93
CA VAL A 62 -30.70 37.39 -11.29
C VAL A 62 -31.08 38.68 -12.04
N THR A 63 -30.50 38.85 -13.24
CA THR A 63 -30.76 39.99 -14.12
C THR A 63 -32.08 39.75 -14.88
N TRP A 64 -32.93 40.79 -14.97
CA TRP A 64 -34.29 40.62 -15.48
C TRP A 64 -34.51 41.49 -16.71
N PHE A 65 -34.91 40.85 -17.82
CA PHE A 65 -35.12 41.48 -19.12
C PHE A 65 -36.57 41.33 -19.57
N HIS A 66 -37.03 42.30 -20.35
CA HIS A 66 -38.38 42.30 -20.92
C HIS A 66 -38.31 42.18 -22.44
N ARG A 78 -41.48 45.97 -23.33
CA ARG A 78 -40.44 46.71 -24.03
C ARG A 78 -40.05 45.81 -25.20
N PHE A 79 -38.74 45.63 -25.44
CA PHE A 79 -38.04 44.71 -26.34
C PHE A 79 -36.64 44.56 -25.81
N ASP A 80 -36.45 43.85 -24.70
CA ASP A 80 -35.17 43.86 -24.01
C ASP A 80 -34.40 42.58 -24.33
N ASN A 81 -33.22 42.73 -24.97
CA ASN A 81 -32.38 41.62 -25.42
C ASN A 81 -31.01 42.05 -25.98
N PRO A 82 -30.11 42.52 -25.13
CA PRO A 82 -28.75 42.80 -25.58
C PRO A 82 -27.97 41.50 -25.62
N VAL A 83 -26.71 41.58 -26.05
CA VAL A 83 -25.83 40.42 -25.97
C VAL A 83 -25.36 40.24 -24.53
N LEU A 84 -25.40 38.99 -24.06
CA LEU A 84 -25.00 38.75 -22.68
C LEU A 84 -23.75 37.87 -22.59
N PRO A 85 -22.98 37.99 -21.52
CA PRO A 85 -21.89 37.05 -21.28
C PRO A 85 -22.41 35.65 -21.00
N PHE A 86 -21.62 34.65 -21.39
CA PHE A 86 -21.87 33.26 -21.02
C PHE A 86 -20.60 32.77 -20.35
N ASN A 87 -20.68 32.37 -19.07
CA ASN A 87 -19.45 32.10 -18.34
C ASN A 87 -19.29 30.61 -18.16
N ASP A 88 -19.72 30.02 -17.05
CA ASP A 88 -19.68 28.58 -16.89
C ASP A 88 -20.89 27.92 -17.51
N GLY A 89 -21.99 28.65 -17.53
CA GLY A 89 -23.26 28.22 -18.09
C GLY A 89 -24.30 29.21 -17.62
N VAL A 90 -25.50 29.11 -18.19
CA VAL A 90 -26.56 30.03 -17.77
C VAL A 90 -27.85 29.30 -17.49
N TYR A 91 -28.66 29.96 -16.67
CA TYR A 91 -30.02 29.57 -16.36
C TYR A 91 -30.94 30.53 -17.08
N PHE A 92 -31.91 30.00 -17.79
CA PHE A 92 -32.82 30.82 -18.53
C PHE A 92 -34.22 30.40 -18.13
N ALA A 93 -35.06 31.37 -17.84
CA ALA A 93 -36.45 31.10 -17.53
C ALA A 93 -37.26 32.21 -18.14
N SER A 94 -38.45 31.89 -18.60
CA SER A 94 -39.31 32.90 -19.15
C SER A 94 -40.70 32.79 -18.56
N THR A 95 -41.32 33.95 -18.34
CA THR A 95 -42.71 33.98 -17.94
C THR A 95 -43.37 34.70 -19.11
N GLU A 96 -44.31 34.02 -19.73
CA GLU A 96 -44.88 34.50 -20.97
C GLU A 96 -46.37 34.16 -21.02
N LYS A 97 -47.10 34.94 -21.81
CA LYS A 97 -48.47 34.59 -22.15
C LYS A 97 -48.69 34.34 -23.64
N SER A 98 -47.74 34.71 -24.51
CA SER A 98 -48.00 34.53 -25.92
C SER A 98 -46.79 34.00 -26.66
N ASN A 99 -45.95 33.21 -25.96
CA ASN A 99 -44.81 32.48 -26.51
C ASN A 99 -43.95 33.34 -27.42
N ILE A 100 -43.27 34.28 -26.79
CA ILE A 100 -42.41 35.23 -27.51
C ILE A 100 -41.00 34.68 -27.69
N ILE A 101 -40.50 33.88 -26.74
CA ILE A 101 -39.15 33.35 -26.87
C ILE A 101 -39.11 32.40 -28.06
N ARG A 102 -38.06 32.51 -28.86
CA ARG A 102 -37.83 31.73 -30.07
C ARG A 102 -36.63 30.81 -29.98
N GLY A 103 -35.62 31.19 -29.22
CA GLY A 103 -34.41 30.40 -29.17
C GLY A 103 -33.27 31.24 -28.64
N TRP A 104 -32.07 30.73 -28.87
CA TRP A 104 -30.86 31.30 -28.31
C TRP A 104 -29.80 31.23 -29.39
N ILE A 105 -28.83 32.13 -29.31
CA ILE A 105 -27.68 32.10 -30.19
C ILE A 105 -26.45 31.81 -29.35
N PHE A 106 -25.67 30.81 -29.72
CA PHE A 106 -24.46 30.52 -28.96
C PHE A 106 -23.25 30.60 -29.89
N GLY A 107 -22.15 31.11 -29.36
CA GLY A 107 -20.91 31.16 -30.11
C GLY A 107 -19.86 31.91 -29.34
N THR A 108 -18.80 32.26 -30.07
CA THR A 108 -17.66 32.99 -29.51
C THR A 108 -17.64 34.43 -29.99
N THR A 109 -17.91 34.63 -31.28
CA THR A 109 -17.96 35.95 -31.89
C THR A 109 -19.31 36.11 -32.57
N LEU A 110 -19.87 34.98 -33.02
CA LEU A 110 -21.19 34.88 -33.65
C LEU A 110 -21.25 35.61 -34.98
N ASP A 111 -20.12 35.72 -35.68
CA ASP A 111 -20.01 36.41 -36.96
C ASP A 111 -19.21 35.59 -37.96
N SER A 112 -19.47 34.28 -38.03
CA SER A 112 -18.84 33.32 -38.94
C SER A 112 -17.33 33.16 -38.76
N LYS A 113 -16.75 33.84 -37.77
CA LYS A 113 -15.32 33.67 -37.53
C LYS A 113 -15.10 32.39 -36.72
N THR A 114 -16.11 31.97 -35.96
CA THR A 114 -16.06 30.77 -35.15
C THR A 114 -17.33 29.97 -35.42
N GLN A 115 -17.32 28.73 -34.94
CA GLN A 115 -18.48 27.86 -35.03
C GLN A 115 -19.57 28.37 -34.09
N SER A 116 -20.84 28.34 -34.54
CA SER A 116 -21.96 28.80 -33.73
C SER A 116 -23.15 27.84 -33.79
N LEU A 117 -23.95 27.89 -32.71
CA LEU A 117 -25.15 27.08 -32.53
C LEU A 117 -26.43 27.90 -32.63
N LEU A 118 -27.35 27.44 -33.48
CA LEU A 118 -28.65 28.07 -33.72
C LEU A 118 -29.78 27.11 -33.38
N ILE A 119 -30.68 27.52 -32.48
CA ILE A 119 -31.85 26.72 -32.13
C ILE A 119 -33.10 27.51 -32.54
N VAL A 120 -33.80 27.02 -33.55
CA VAL A 120 -35.01 27.64 -34.08
C VAL A 120 -36.22 27.04 -33.36
N ASN A 121 -37.39 27.71 -33.43
CA ASN A 121 -38.59 27.22 -32.77
C ASN A 121 -39.07 25.96 -33.48
N ASN A 122 -39.83 25.11 -32.78
CA ASN A 122 -40.33 23.90 -33.43
C ASN A 122 -41.42 24.17 -34.47
N ALA A 123 -41.85 25.43 -34.62
CA ALA A 123 -42.85 25.84 -35.62
C ALA A 123 -42.43 25.45 -37.03
N THR A 124 -41.17 25.73 -37.37
CA THR A 124 -40.66 25.16 -38.64
C THR A 124 -40.26 23.75 -38.21
N ASN A 125 -39.23 23.63 -37.36
CA ASN A 125 -38.83 22.33 -36.75
C ASN A 125 -37.98 22.56 -35.49
N VAL A 126 -38.03 21.69 -34.48
CA VAL A 126 -37.08 21.96 -33.36
C VAL A 126 -35.73 21.66 -33.97
N VAL A 127 -34.85 22.65 -34.05
CA VAL A 127 -33.62 22.35 -34.79
C VAL A 127 -32.39 22.98 -34.15
N ILE A 128 -31.34 22.18 -33.96
CA ILE A 128 -30.07 22.79 -33.51
C ILE A 128 -29.11 22.65 -34.67
N LYS A 129 -28.73 23.78 -35.27
CA LYS A 129 -27.78 23.73 -36.42
C LYS A 129 -26.44 24.28 -35.94
N VAL A 130 -25.43 23.42 -35.88
CA VAL A 130 -24.07 23.91 -35.51
C VAL A 130 -23.33 24.14 -36.82
N CYS A 131 -24.02 24.77 -37.78
CA CYS A 131 -23.38 25.12 -39.03
C CYS A 131 -22.67 26.45 -38.86
N GLU A 132 -21.75 26.77 -39.77
CA GLU A 132 -21.08 28.06 -39.69
C GLU A 132 -21.98 29.11 -40.34
N PHE A 133 -22.57 29.98 -39.53
CA PHE A 133 -23.49 31.00 -39.98
C PHE A 133 -22.80 32.36 -39.91
N GLN A 134 -23.12 33.26 -40.83
CA GLN A 134 -22.75 34.67 -40.70
C GLN A 134 -23.92 35.44 -40.11
N PHE A 135 -23.86 35.69 -38.81
CA PHE A 135 -25.01 36.30 -38.17
C PHE A 135 -25.02 37.82 -38.22
N CYS A 136 -26.24 38.32 -38.08
CA CYS A 136 -26.64 39.70 -37.94
C CYS A 136 -26.25 40.18 -36.54
N ASN A 137 -26.17 41.49 -36.39
CA ASN A 137 -25.81 42.06 -35.10
C ASN A 137 -27.03 42.18 -34.19
N ASP A 138 -28.22 41.71 -34.65
CA ASP A 138 -29.46 41.56 -33.89
C ASP A 138 -30.41 40.49 -34.46
N PRO A 139 -30.05 39.21 -34.37
CA PRO A 139 -30.85 38.15 -34.98
C PRO A 139 -32.16 37.97 -34.24
N PHE A 140 -33.21 37.59 -34.98
CA PHE A 140 -34.52 37.39 -34.37
C PHE A 140 -35.36 36.60 -35.37
N LEU A 141 -36.54 36.17 -34.91
CA LEU A 141 -37.55 35.63 -35.81
C LEU A 141 -38.72 36.59 -35.78
N GLY A 142 -39.56 36.57 -36.81
CA GLY A 142 -40.69 37.47 -36.86
C GLY A 142 -42.01 36.81 -37.16
N VAL A 143 -43.05 37.53 -36.78
CA VAL A 143 -44.43 37.09 -36.91
C VAL A 143 -45.29 38.26 -37.41
N TRP A 152 -51.77 36.59 -36.58
CA TRP A 152 -50.33 36.73 -36.52
C TRP A 152 -49.72 35.52 -37.24
N MET A 153 -48.93 35.75 -38.29
CA MET A 153 -48.32 34.66 -39.03
C MET A 153 -46.85 34.96 -39.31
N GLU A 154 -46.04 33.90 -39.39
CA GLU A 154 -44.64 34.04 -39.72
C GLU A 154 -44.46 34.34 -41.20
N SER A 155 -43.53 35.23 -41.50
CA SER A 155 -43.18 35.62 -42.87
C SER A 155 -41.67 35.66 -42.94
N GLU A 156 -41.10 36.57 -42.17
CA GLU A 156 -39.67 36.82 -42.17
C GLU A 156 -38.90 35.72 -41.45
N PHE A 157 -37.71 35.44 -41.97
CA PHE A 157 -36.75 34.56 -41.32
C PHE A 157 -35.48 35.38 -41.55
N ARG A 158 -35.07 36.08 -40.48
CA ARG A 158 -33.99 37.06 -40.54
C ARG A 158 -33.04 36.79 -39.38
N VAL A 159 -32.50 35.59 -39.36
CA VAL A 159 -31.62 35.14 -38.29
C VAL A 159 -30.15 35.23 -38.70
N TYR A 160 -29.86 34.83 -39.92
CA TYR A 160 -28.53 34.79 -40.47
C TYR A 160 -28.59 35.02 -41.97
N SER A 161 -27.44 35.36 -42.56
CA SER A 161 -27.37 35.51 -44.01
C SER A 161 -26.62 34.36 -44.66
N SER A 162 -25.30 34.42 -44.65
CA SER A 162 -24.49 33.33 -45.20
C SER A 162 -24.50 32.13 -44.26
N ALA A 163 -24.45 30.93 -44.85
CA ALA A 163 -24.46 29.72 -44.03
C ALA A 163 -23.91 28.54 -44.79
N ASN A 164 -22.69 28.13 -44.45
CA ASN A 164 -22.05 26.99 -45.07
C ASN A 164 -21.16 26.36 -44.00
N ASN A 165 -20.40 25.33 -44.37
CA ASN A 165 -19.55 24.60 -43.39
C ASN A 165 -20.43 23.98 -42.30
N CYS A 166 -21.47 23.23 -42.69
CA CYS A 166 -22.30 22.57 -41.69
C CYS A 166 -21.59 21.33 -41.16
N THR A 167 -21.49 21.23 -39.84
CA THR A 167 -20.80 20.12 -39.19
C THR A 167 -21.73 19.21 -38.40
N PHE A 168 -22.82 19.75 -37.88
CA PHE A 168 -23.77 18.96 -37.09
C PHE A 168 -25.17 19.48 -37.32
N GLU A 169 -26.12 18.56 -37.39
CA GLU A 169 -27.51 18.95 -37.44
C GLU A 169 -28.32 17.87 -36.73
N TYR A 170 -29.38 18.31 -36.07
CA TYR A 170 -30.36 17.45 -35.42
C TYR A 170 -31.69 18.14 -35.59
N VAL A 171 -32.72 17.40 -35.98
CA VAL A 171 -34.05 18.00 -36.07
C VAL A 171 -35.05 17.15 -35.31
N SER A 172 -35.68 17.76 -34.31
CA SER A 172 -36.74 17.13 -33.53
C SER A 172 -37.99 17.00 -34.38
N GLN A 173 -38.79 15.96 -34.09
CA GLN A 173 -40.08 15.73 -34.71
C GLN A 173 -40.89 17.03 -34.76
N PRO A 174 -41.42 17.42 -35.93
CA PRO A 174 -42.15 18.69 -36.07
C PRO A 174 -43.28 18.91 -35.06
N PHE A 175 -43.38 20.15 -34.61
CA PHE A 175 -44.35 20.66 -33.64
C PHE A 175 -44.64 22.10 -34.05
N LEU A 176 -45.00 22.97 -33.09
CA LEU A 176 -45.27 24.38 -33.40
C LEU A 176 -45.28 25.27 -32.16
N MET A 177 -44.45 26.32 -32.21
CA MET A 177 -44.35 27.34 -31.16
C MET A 177 -45.23 28.53 -31.51
N ASP A 178 -46.35 28.63 -30.77
CA ASP A 178 -47.35 29.68 -30.87
C ASP A 178 -46.67 31.03 -31.02
N LEU A 179 -46.96 31.72 -32.11
CA LEU A 179 -46.31 33.00 -32.38
C LEU A 179 -47.15 34.19 -31.92
N GLU A 180 -48.23 33.93 -31.20
CA GLU A 180 -49.10 34.97 -30.68
C GLU A 180 -49.87 34.47 -29.46
N ASN A 185 -51.58 37.48 -12.55
CA ASN A 185 -50.75 36.28 -12.45
C ASN A 185 -50.65 35.51 -13.78
N PHE A 186 -49.55 34.79 -13.91
CA PHE A 186 -49.25 33.93 -15.06
C PHE A 186 -49.75 32.52 -14.80
N LYS A 187 -49.79 31.71 -15.88
CA LYS A 187 -50.20 30.32 -15.79
C LYS A 187 -49.14 29.32 -16.25
N ASN A 188 -48.28 29.66 -17.21
CA ASN A 188 -47.33 28.72 -17.78
C ASN A 188 -45.91 29.20 -17.47
N LEU A 189 -45.14 28.34 -16.80
CA LEU A 189 -43.72 28.58 -16.50
C LEU A 189 -42.81 27.64 -17.27
N ARG A 190 -41.83 28.20 -17.97
CA ARG A 190 -40.83 27.45 -18.73
C ARG A 190 -39.45 27.77 -18.17
N GLU A 191 -38.69 26.71 -17.85
CA GLU A 191 -37.35 26.80 -17.28
C GLU A 191 -36.34 26.13 -18.18
N PHE A 192 -35.18 26.75 -18.38
CA PHE A 192 -34.11 26.16 -19.18
C PHE A 192 -32.74 26.30 -18.51
N VAL A 193 -31.89 25.28 -18.66
CA VAL A 193 -30.48 25.35 -18.29
C VAL A 193 -29.62 25.00 -19.51
N PHE A 194 -28.65 25.84 -19.84
CA PHE A 194 -27.78 25.63 -21.00
C PHE A 194 -26.33 25.46 -20.55
N LYS A 195 -25.79 24.26 -20.74
CA LYS A 195 -24.41 23.94 -20.39
C LYS A 195 -23.62 23.50 -21.61
N ASN A 196 -22.32 23.77 -21.58
CA ASN A 196 -21.40 23.38 -22.65
C ASN A 196 -20.20 22.68 -21.99
N ILE A 197 -20.32 21.39 -21.71
CA ILE A 197 -19.32 20.68 -20.91
C ILE A 197 -18.83 19.41 -21.64
N ASP A 198 -17.51 19.28 -21.77
CA ASP A 198 -16.75 18.10 -22.25
C ASP A 198 -17.28 17.53 -23.57
N GLY A 199 -17.61 18.41 -24.50
CA GLY A 199 -18.07 17.96 -25.80
C GLY A 199 -19.57 17.87 -25.93
N TYR A 200 -20.31 18.02 -24.85
CA TYR A 200 -21.76 18.01 -24.87
C TYR A 200 -22.31 19.38 -24.60
N PHE A 201 -23.29 19.79 -25.40
CA PHE A 201 -24.06 20.98 -25.11
C PHE A 201 -25.34 20.44 -24.48
N LYS A 202 -25.48 20.61 -23.18
CA LYS A 202 -26.58 19.98 -22.45
C LYS A 202 -27.69 20.98 -22.19
N ILE A 203 -28.90 20.64 -22.63
CA ILE A 203 -30.08 21.48 -22.43
C ILE A 203 -31.01 20.73 -21.48
N TYR A 204 -31.39 21.39 -20.40
CA TYR A 204 -32.35 20.89 -19.43
C TYR A 204 -33.58 21.78 -19.46
N SER A 205 -34.74 21.20 -19.17
CA SER A 205 -35.95 22.01 -19.19
C SER A 205 -36.98 21.42 -18.24
N LYS A 206 -37.89 22.30 -17.81
CA LYS A 206 -39.00 21.96 -16.93
C LYS A 206 -40.25 22.74 -17.33
N HIS A 207 -41.40 22.08 -17.27
CA HIS A 207 -42.69 22.71 -17.57
C HIS A 207 -43.51 22.59 -16.29
N THR A 208 -43.99 23.71 -15.78
CA THR A 208 -44.78 23.76 -14.55
C THR A 208 -45.88 24.81 -14.62
N PRO A 209 -46.89 24.68 -13.75
CA PRO A 209 -47.80 25.81 -13.48
C PRO A 209 -47.07 26.87 -12.69
N ILE A 210 -47.50 28.12 -12.85
CA ILE A 210 -46.97 29.25 -12.09
C ILE A 210 -48.11 30.14 -11.63
N ASN A 211 -47.86 30.93 -10.57
CA ASN A 211 -48.87 31.84 -10.07
C ASN A 211 -48.38 33.23 -9.64
N LEU A 212 -47.14 33.64 -9.92
CA LEU A 212 -46.75 35.01 -9.55
C LEU A 212 -47.07 36.00 -10.66
N VAL A 213 -47.30 37.25 -10.28
CA VAL A 213 -47.41 38.35 -11.26
C VAL A 213 -46.05 38.88 -11.70
N ARG A 214 -45.16 39.10 -10.73
CA ARG A 214 -43.92 39.87 -10.92
C ARG A 214 -42.68 39.14 -10.39
N ASP A 215 -42.67 37.83 -10.23
CA ASP A 215 -41.48 37.23 -9.66
C ASP A 215 -41.37 35.76 -10.03
N LEU A 216 -40.31 35.15 -9.54
CA LEU A 216 -40.04 33.73 -9.66
C LEU A 216 -40.67 33.07 -8.44
N PRO A 217 -41.41 31.99 -8.61
CA PRO A 217 -42.14 31.43 -7.47
C PRO A 217 -41.22 30.83 -6.44
N GLN A 218 -41.73 30.75 -5.22
CA GLN A 218 -41.07 29.99 -4.19
C GLN A 218 -41.76 28.64 -4.20
N GLY A 219 -40.98 27.60 -4.01
CA GLY A 219 -41.50 26.26 -4.08
C GLY A 219 -40.43 25.53 -4.84
N PHE A 220 -40.58 24.25 -5.12
CA PHE A 220 -39.44 23.55 -5.70
C PHE A 220 -39.89 22.74 -6.92
N SER A 221 -39.04 22.74 -7.94
CA SER A 221 -39.15 21.82 -9.07
C SER A 221 -37.76 21.61 -9.62
N ALA A 222 -37.54 20.44 -10.22
CA ALA A 222 -36.26 20.12 -10.84
C ALA A 222 -36.42 19.98 -12.34
N LEU A 223 -35.41 20.43 -13.08
CA LEU A 223 -35.45 20.43 -14.53
C LEU A 223 -34.92 19.11 -15.07
N GLU A 224 -35.74 18.39 -15.83
CA GLU A 224 -35.23 17.14 -16.34
C GLU A 224 -34.41 17.42 -17.60
N PRO A 225 -33.42 16.59 -17.93
CA PRO A 225 -32.74 16.75 -19.22
C PRO A 225 -33.71 16.52 -20.37
N LEU A 226 -33.58 17.35 -21.40
CA LEU A 226 -34.43 17.26 -22.58
C LEU A 226 -33.74 16.57 -23.74
N VAL A 227 -32.53 17.00 -24.06
CA VAL A 227 -31.74 16.43 -25.15
C VAL A 227 -30.26 16.70 -24.85
N ASP A 228 -29.42 15.73 -25.21
CA ASP A 228 -27.96 15.81 -25.10
C ASP A 228 -27.31 16.01 -26.47
N LEU A 229 -26.80 17.22 -26.71
CA LEU A 229 -26.25 17.58 -28.00
C LEU A 229 -24.76 17.31 -28.04
N PRO A 230 -24.28 16.45 -28.94
CA PRO A 230 -22.86 16.03 -29.04
C PRO A 230 -21.95 17.02 -29.77
N ILE A 231 -21.83 18.24 -29.25
CA ILE A 231 -21.05 19.28 -29.93
C ILE A 231 -19.92 19.82 -29.05
N GLY A 232 -18.67 19.60 -29.47
CA GLY A 232 -17.49 20.03 -28.72
C GLY A 232 -17.17 21.48 -29.06
N ILE A 233 -18.06 22.39 -28.68
CA ILE A 233 -17.87 23.81 -29.11
C ILE A 233 -17.38 24.65 -27.94
N ASN A 234 -16.80 25.83 -28.22
CA ASN A 234 -16.33 26.77 -27.17
C ASN A 234 -17.38 27.88 -27.08
N ILE A 235 -18.22 27.88 -26.03
CA ILE A 235 -19.31 28.89 -25.95
C ILE A 235 -18.96 29.89 -24.86
N THR A 236 -18.82 31.17 -25.22
CA THR A 236 -18.54 32.22 -24.26
C THR A 236 -19.53 33.39 -24.29
N ARG A 237 -20.37 33.49 -25.31
CA ARG A 237 -21.28 34.62 -25.45
C ARG A 237 -22.62 34.11 -25.96
N PHE A 238 -23.72 34.78 -25.60
CA PHE A 238 -24.97 34.33 -26.18
C PHE A 238 -25.96 35.47 -26.33
N GLN A 239 -26.97 35.25 -27.18
CA GLN A 239 -28.02 36.20 -27.45
C GLN A 239 -29.36 35.47 -27.53
N THR A 240 -30.43 36.14 -27.09
CA THR A 240 -31.78 35.58 -27.05
C THR A 240 -32.57 36.00 -28.29
N LEU A 241 -33.27 35.02 -28.89
CA LEU A 241 -34.11 35.24 -30.06
C LEU A 241 -35.57 35.47 -29.63
N LEU A 242 -36.15 36.57 -30.09
CA LEU A 242 -37.55 36.91 -29.80
C LEU A 242 -38.36 37.10 -31.08
N ALA A 243 -39.66 36.86 -30.97
CA ALA A 243 -40.61 37.19 -32.05
C ALA A 243 -41.60 38.23 -31.54
N TRP A 258 -42.88 47.13 -35.24
CA TRP A 258 -42.94 45.87 -34.50
C TRP A 258 -43.63 46.12 -33.17
N THR A 259 -44.18 45.07 -32.56
CA THR A 259 -44.89 45.23 -31.29
C THR A 259 -44.39 44.18 -30.32
N ALA A 260 -44.74 44.38 -29.05
CA ALA A 260 -44.36 43.44 -28.00
C ALA A 260 -45.50 42.53 -27.57
N GLY A 261 -45.10 41.32 -27.17
CA GLY A 261 -46.01 40.35 -26.61
C GLY A 261 -45.89 40.41 -25.09
N ALA A 262 -46.61 39.53 -24.42
CA ALA A 262 -46.55 39.48 -22.96
C ALA A 262 -45.52 38.41 -22.61
N ALA A 263 -44.34 38.86 -22.18
CA ALA A 263 -43.24 37.96 -21.84
C ALA A 263 -42.18 38.73 -21.08
N ALA A 264 -41.36 37.98 -20.38
CA ALA A 264 -40.14 38.44 -19.73
C ALA A 264 -39.20 37.26 -19.65
N TYR A 265 -37.89 37.53 -19.54
CA TYR A 265 -36.98 36.42 -19.34
C TYR A 265 -35.90 36.80 -18.35
N TYR A 266 -35.32 35.76 -17.74
CA TYR A 266 -34.36 35.87 -16.65
C TYR A 266 -33.11 35.10 -17.01
N VAL A 267 -31.96 35.67 -16.67
CA VAL A 267 -30.67 35.04 -16.90
C VAL A 267 -29.88 35.02 -15.60
N GLY A 268 -29.46 33.83 -15.19
CA GLY A 268 -28.62 33.67 -14.02
C GLY A 268 -27.34 32.99 -14.48
N TYR A 269 -26.39 32.86 -13.55
CA TYR A 269 -25.13 32.25 -13.91
C TYR A 269 -24.81 31.10 -12.97
N LEU A 270 -24.24 30.03 -13.52
CA LEU A 270 -23.88 28.85 -12.75
C LEU A 270 -22.45 28.93 -12.20
N GLN A 271 -22.25 28.34 -11.03
CA GLN A 271 -20.96 28.21 -10.38
C GLN A 271 -20.81 26.80 -9.84
N PRO A 272 -19.56 26.31 -9.68
CA PRO A 272 -19.34 25.04 -8.98
C PRO A 272 -19.79 25.08 -7.52
N ARG A 273 -20.83 24.34 -7.16
CA ARG A 273 -21.34 24.31 -5.80
C ARG A 273 -21.71 22.88 -5.43
N THR A 274 -21.73 22.59 -4.13
CA THR A 274 -22.20 21.30 -3.64
C THR A 274 -23.61 21.44 -3.12
N PHE A 275 -24.52 20.63 -3.67
CA PHE A 275 -25.93 20.58 -3.29
C PHE A 275 -26.29 19.20 -2.75
N LEU A 276 -27.12 19.17 -1.70
CA LEU A 276 -27.70 17.93 -1.19
C LEU A 276 -29.14 17.84 -1.71
N LEU A 277 -29.41 16.85 -2.57
CA LEU A 277 -30.70 16.72 -3.22
C LEU A 277 -31.56 15.62 -2.59
N LYS A 278 -32.82 15.95 -2.32
CA LYS A 278 -33.79 15.03 -1.70
C LYS A 278 -34.69 14.38 -2.76
N TYR A 279 -34.59 13.06 -2.89
CA TYR A 279 -35.38 12.29 -3.82
C TYR A 279 -36.55 11.64 -3.08
N ASN A 280 -37.76 11.79 -3.64
CA ASN A 280 -38.95 11.23 -3.01
C ASN A 280 -39.19 9.78 -3.45
N GLU A 281 -40.33 9.21 -3.07
CA GLU A 281 -40.68 7.83 -3.38
C GLU A 281 -40.77 7.54 -4.87
N ASN A 282 -41.13 8.54 -5.66
CA ASN A 282 -41.27 8.34 -7.13
C ASN A 282 -39.97 8.75 -7.83
N GLY A 283 -38.93 9.08 -7.06
CA GLY A 283 -37.65 9.46 -7.62
C GLY A 283 -37.63 10.89 -8.12
N THR A 284 -38.56 11.71 -7.66
CA THR A 284 -38.63 13.11 -8.02
C THR A 284 -37.85 13.90 -6.98
N ILE A 285 -37.08 14.88 -7.43
CA ILE A 285 -36.33 15.74 -6.52
C ILE A 285 -37.34 16.70 -5.93
N THR A 286 -37.47 16.70 -4.59
CA THR A 286 -38.48 17.52 -3.94
C THR A 286 -37.90 18.67 -3.13
N ASP A 287 -36.63 18.61 -2.74
CA ASP A 287 -36.03 19.72 -2.02
C ASP A 287 -34.53 19.73 -2.31
N ALA A 288 -33.85 20.77 -1.81
CA ALA A 288 -32.39 20.90 -1.94
C ALA A 288 -31.90 21.98 -0.99
N VAL A 289 -30.66 21.83 -0.54
CA VAL A 289 -29.94 22.83 0.24
C VAL A 289 -28.64 23.18 -0.46
N ASP A 290 -28.40 24.47 -0.71
CA ASP A 290 -27.11 24.92 -1.22
C ASP A 290 -26.24 25.14 0.02
N CYS A 291 -25.36 24.18 0.29
CA CYS A 291 -24.61 24.18 1.54
C CYS A 291 -23.61 25.32 1.68
N ALA A 292 -23.33 26.10 0.65
CA ALA A 292 -22.36 27.17 0.81
C ALA A 292 -23.05 28.53 0.90
N LEU A 293 -24.38 28.53 0.95
CA LEU A 293 -25.14 29.78 1.04
C LEU A 293 -24.95 30.42 2.40
N ASP A 294 -25.13 29.64 3.46
CA ASP A 294 -25.01 30.14 4.82
C ASP A 294 -24.66 28.97 5.75
N PRO A 295 -24.29 29.26 7.02
CA PRO A 295 -23.93 28.16 7.94
C PRO A 295 -25.02 27.17 8.27
N LEU A 296 -26.31 27.49 8.11
CA LEU A 296 -27.30 26.47 8.45
C LEU A 296 -27.39 25.46 7.31
N SER A 297 -27.30 25.94 6.08
CA SER A 297 -27.28 25.04 4.94
C SER A 297 -26.00 24.22 4.97
N GLU A 298 -24.90 24.84 5.42
CA GLU A 298 -23.64 24.11 5.56
C GLU A 298 -23.76 22.98 6.57
N THR A 299 -24.42 23.25 7.71
CA THR A 299 -24.65 22.20 8.70
C THR A 299 -25.51 21.09 8.12
N LYS A 300 -26.57 21.47 7.40
CA LYS A 300 -27.45 20.49 6.75
C LYS A 300 -26.67 19.60 5.77
N CYS A 301 -25.76 20.19 5.00
CA CYS A 301 -24.95 19.42 4.05
C CYS A 301 -24.00 18.47 4.77
N THR A 302 -23.37 18.94 5.85
CA THR A 302 -22.46 18.11 6.64
C THR A 302 -23.17 16.92 7.28
N LEU A 303 -24.37 17.13 7.83
CA LEU A 303 -25.09 16.07 8.54
C LEU A 303 -25.92 15.19 7.62
N LYS A 304 -25.92 15.48 6.32
CA LYS A 304 -26.71 14.77 5.32
C LYS A 304 -28.18 14.66 5.70
N SER A 305 -28.75 15.78 6.15
CA SER A 305 -30.15 15.79 6.54
C SER A 305 -30.67 17.21 6.40
N PHE A 306 -31.99 17.33 6.18
CA PHE A 306 -32.63 18.63 6.09
C PHE A 306 -33.21 19.08 7.43
N THR A 307 -33.08 18.26 8.45
CA THR A 307 -33.52 18.57 9.79
C THR A 307 -32.28 18.47 10.67
N VAL A 308 -32.06 19.49 11.48
CA VAL A 308 -30.91 19.54 12.37
C VAL A 308 -31.40 19.63 13.79
N GLU A 309 -30.87 18.77 14.66
CA GLU A 309 -31.26 18.80 16.05
C GLU A 309 -30.50 19.90 16.77
N LYS A 310 -31.02 20.29 17.94
CA LYS A 310 -30.35 21.25 18.80
C LYS A 310 -28.99 20.65 19.16
N GLY A 311 -27.92 21.43 19.05
CA GLY A 311 -26.62 20.88 19.35
C GLY A 311 -25.50 21.70 18.73
N ILE A 312 -24.30 21.10 18.77
CA ILE A 312 -23.07 21.72 18.25
C ILE A 312 -22.56 20.85 17.12
N TYR A 313 -22.29 21.46 15.97
CA TYR A 313 -21.82 20.68 14.84
C TYR A 313 -20.54 21.30 14.30
N GLN A 314 -19.56 20.45 14.03
CA GLN A 314 -18.31 20.87 13.40
C GLN A 314 -18.49 20.68 11.91
N THR A 315 -18.56 21.76 11.14
CA THR A 315 -18.96 21.58 9.76
C THR A 315 -17.88 21.90 8.72
N SER A 316 -16.92 22.74 9.03
CA SER A 316 -15.91 23.11 8.05
C SER A 316 -14.68 23.62 8.79
N ASN A 317 -13.76 24.22 8.04
CA ASN A 317 -12.55 24.81 8.60
C ASN A 317 -12.32 26.14 7.90
N PHE A 318 -12.11 27.18 8.70
CA PHE A 318 -11.85 28.51 8.18
C PHE A 318 -10.36 28.65 7.93
N ARG A 319 -10.01 29.35 6.86
CA ARG A 319 -8.61 29.58 6.53
C ARG A 319 -8.42 30.93 5.88
N VAL A 320 -7.42 31.67 6.36
CA VAL A 320 -7.06 32.93 5.75
C VAL A 320 -6.31 32.64 4.45
N GLN A 321 -6.72 33.25 3.42
CA GLN A 321 -6.04 32.96 2.17
C GLN A 321 -4.89 33.93 1.93
N PRO A 322 -3.81 33.45 1.31
CA PRO A 322 -2.70 34.34 0.96
C PRO A 322 -3.10 35.32 -0.13
N THR A 323 -2.58 36.54 -0.03
CA THR A 323 -2.87 37.59 -1.00
C THR A 323 -1.70 37.97 -1.89
N GLU A 324 -0.47 37.60 -1.52
CA GLU A 324 0.70 37.95 -2.31
C GLU A 324 1.60 36.73 -2.45
N SER A 325 2.40 36.72 -3.51
CA SER A 325 3.39 35.69 -3.75
C SER A 325 4.79 36.30 -3.59
N ILE A 326 5.51 35.86 -2.57
CA ILE A 326 6.81 36.41 -2.23
C ILE A 326 7.90 35.44 -2.64
N VAL A 327 8.71 35.86 -3.59
CA VAL A 327 9.76 35.04 -4.17
C VAL A 327 11.11 35.70 -3.90
N ARG A 328 12.01 35.00 -3.22
CA ARG A 328 13.32 35.55 -2.87
C ARG A 328 14.40 34.54 -3.19
N PHE A 329 15.35 34.94 -4.03
CA PHE A 329 16.50 34.12 -4.38
C PHE A 329 17.77 34.94 -4.28
N PRO A 330 18.99 34.34 -4.12
CA PRO A 330 20.22 35.14 -3.92
C PRO A 330 20.49 36.10 -5.09
N ASN A 331 21.17 37.21 -4.81
CA ASN A 331 21.45 38.23 -5.86
C ASN A 331 22.69 37.84 -6.66
N ILE A 332 22.60 36.78 -7.47
CA ILE A 332 23.76 36.34 -8.32
C ILE A 332 23.37 36.53 -9.80
N THR A 333 24.31 36.96 -10.63
CA THR A 333 24.02 37.18 -12.04
C THR A 333 24.83 36.31 -13.01
N ASN A 334 25.93 35.69 -12.57
CA ASN A 334 26.75 34.90 -13.47
C ASN A 334 26.01 33.65 -13.92
N LEU A 335 26.15 33.33 -15.22
CA LEU A 335 25.47 32.15 -15.76
C LEU A 335 26.30 30.90 -15.52
N CYS A 336 25.59 29.78 -15.35
CA CYS A 336 26.24 28.50 -15.13
C CYS A 336 27.02 28.02 -16.35
N PRO A 337 28.22 27.48 -16.15
CA PRO A 337 29.06 27.01 -17.27
C PRO A 337 28.61 25.67 -17.83
N PHE A 338 27.36 25.62 -18.29
CA PHE A 338 26.85 24.45 -18.99
C PHE A 338 27.36 24.42 -20.42
N GLY A 339 27.45 25.59 -21.05
CA GLY A 339 27.89 25.64 -22.43
C GLY A 339 29.27 25.04 -22.64
N GLU A 340 30.15 25.08 -21.62
CA GLU A 340 31.45 24.49 -21.87
C GLU A 340 31.43 22.96 -21.89
N VAL A 341 30.30 22.31 -21.60
CA VAL A 341 30.26 20.86 -21.53
C VAL A 341 29.39 20.31 -22.65
N PHE A 342 28.32 21.04 -23.00
CA PHE A 342 27.38 20.57 -24.05
C PHE A 342 27.98 20.88 -25.42
N ASN A 343 28.30 22.16 -25.67
CA ASN A 343 28.94 22.57 -26.94
C ASN A 343 30.45 22.38 -26.82
N ALA A 344 30.90 21.13 -26.67
CA ALA A 344 32.35 20.85 -26.48
C ALA A 344 32.85 20.03 -27.67
N THR A 345 34.14 19.67 -27.69
CA THR A 345 34.69 18.95 -28.81
C THR A 345 35.53 17.74 -28.39
N ARG A 346 35.66 17.47 -27.10
CA ARG A 346 36.55 16.43 -26.60
C ARG A 346 35.89 15.66 -25.46
N PHE A 347 34.64 15.23 -25.66
CA PHE A 347 33.96 14.33 -24.72
C PHE A 347 34.85 13.17 -24.27
N ALA A 348 34.68 12.74 -23.02
CA ALA A 348 35.42 11.64 -22.45
C ALA A 348 34.88 10.28 -22.89
N SER A 349 35.74 9.26 -22.79
CA SER A 349 35.30 7.88 -22.90
C SER A 349 34.45 7.49 -21.68
N VAL A 350 33.51 6.57 -21.90
CA VAL A 350 32.62 6.15 -20.81
C VAL A 350 33.37 5.41 -19.70
N TYR A 351 34.46 4.69 -20.01
CA TYR A 351 35.18 4.02 -18.93
C TYR A 351 35.92 5.03 -18.06
N ALA A 352 36.19 6.22 -18.61
CA ALA A 352 36.97 7.26 -17.96
C ALA A 352 36.23 8.59 -18.18
N TRP A 353 34.98 8.62 -17.76
CA TRP A 353 34.10 9.76 -18.05
C TRP A 353 34.56 11.00 -17.30
N ASN A 354 34.28 12.16 -17.90
CA ASN A 354 34.63 13.45 -17.33
C ASN A 354 33.52 13.93 -16.43
N ARG A 355 33.93 14.72 -15.44
CA ARG A 355 33.00 15.40 -14.54
C ARG A 355 33.41 16.85 -14.39
N LYS A 356 32.48 17.76 -14.70
CA LYS A 356 32.69 19.18 -14.47
C LYS A 356 31.72 19.58 -13.38
N ARG A 357 32.21 20.25 -12.35
CA ARG A 357 31.35 20.73 -11.28
C ARG A 357 30.94 22.17 -11.54
N ILE A 358 29.64 22.43 -11.48
CA ILE A 358 29.07 23.76 -11.74
C ILE A 358 28.51 24.33 -10.44
N SER A 359 28.96 25.54 -10.08
CA SER A 359 28.55 26.18 -8.83
C SER A 359 28.65 27.69 -8.95
N ASN A 360 28.01 28.37 -7.99
CA ASN A 360 28.01 29.82 -7.79
C ASN A 360 27.60 30.58 -9.05
N CYS A 361 26.42 30.24 -9.55
CA CYS A 361 25.94 30.80 -10.81
C CYS A 361 24.43 30.69 -10.90
N VAL A 362 23.87 31.37 -11.90
CA VAL A 362 22.45 31.31 -12.20
C VAL A 362 22.26 30.32 -13.34
N ALA A 363 21.40 29.33 -13.12
CA ALA A 363 21.20 28.23 -14.07
C ALA A 363 19.88 28.48 -14.77
N ASP A 364 19.96 28.91 -16.01
CA ASP A 364 18.79 29.16 -16.82
C ASP A 364 18.53 27.90 -17.61
N TYR A 365 17.51 27.15 -17.21
CA TYR A 365 17.25 25.87 -17.82
C TYR A 365 16.24 25.96 -18.94
N SER A 366 15.70 27.16 -19.22
CA SER A 366 14.75 27.23 -20.31
C SER A 366 15.48 27.18 -21.65
N VAL A 367 16.73 27.63 -21.68
CA VAL A 367 17.54 27.54 -22.89
C VAL A 367 17.91 26.09 -23.18
N LEU A 368 18.32 25.35 -22.14
CA LEU A 368 18.70 23.95 -22.31
C LEU A 368 17.47 23.08 -22.55
N TYR A 369 16.38 23.33 -21.84
CA TYR A 369 15.18 22.52 -21.97
C TYR A 369 14.43 22.83 -23.25
N ASN A 370 14.39 24.10 -23.64
CA ASN A 370 13.65 24.53 -24.81
C ASN A 370 14.50 24.39 -26.05
N SER A 371 15.72 23.87 -25.91
CA SER A 371 16.51 23.61 -27.10
C SER A 371 15.87 22.45 -27.83
N ALA A 372 15.90 22.52 -29.15
CA ALA A 372 15.41 21.46 -30.02
C ALA A 372 16.49 20.46 -30.38
N SER A 373 17.70 20.65 -29.89
CA SER A 373 18.85 19.88 -30.35
C SER A 373 19.07 18.58 -29.61
N PHE A 374 18.33 18.29 -28.55
CA PHE A 374 18.55 17.08 -27.77
C PHE A 374 17.43 16.10 -28.09
N SER A 375 17.80 14.81 -28.19
CA SER A 375 16.82 13.78 -28.49
C SER A 375 16.24 13.11 -27.26
N THR A 376 16.96 13.12 -26.14
CA THR A 376 16.50 12.56 -24.89
C THR A 376 16.64 13.61 -23.81
N PHE A 377 15.60 13.76 -23.00
CA PHE A 377 15.66 14.62 -21.83
C PHE A 377 14.71 13.93 -20.84
N LYS A 378 15.25 12.97 -20.11
CA LYS A 378 14.45 12.17 -19.18
C LYS A 378 14.94 12.56 -17.79
N CYS A 379 14.04 13.02 -16.95
CA CYS A 379 14.35 13.44 -15.58
C CYS A 379 13.81 12.50 -14.51
N TYR A 380 14.61 12.27 -13.47
CA TYR A 380 14.26 11.38 -12.37
C TYR A 380 14.37 12.19 -11.08
N GLY A 381 13.30 12.26 -10.31
CA GLY A 381 13.34 12.98 -9.06
C GLY A 381 12.83 14.40 -9.16
N VAL A 382 12.96 15.00 -10.35
CA VAL A 382 12.46 16.32 -10.67
C VAL A 382 11.72 16.15 -12.00
N SER A 383 10.80 17.09 -12.28
CA SER A 383 10.18 17.15 -13.60
C SER A 383 10.97 18.07 -14.51
N PRO A 384 11.08 17.76 -15.81
CA PRO A 384 11.87 18.62 -16.71
C PRO A 384 11.28 20.00 -16.95
N THR A 385 9.98 20.21 -16.75
CA THR A 385 9.39 21.51 -17.05
C THR A 385 9.25 22.42 -15.84
N LYS A 386 9.62 21.95 -14.65
CA LYS A 386 9.58 22.76 -13.45
C LYS A 386 10.99 23.05 -12.93
N LEU A 387 12.00 22.61 -13.68
CA LEU A 387 13.40 22.70 -13.29
C LEU A 387 13.86 24.13 -13.05
N ASN A 388 13.33 25.09 -13.82
CA ASN A 388 13.75 26.48 -13.70
C ASN A 388 13.26 27.17 -12.43
N ASP A 389 12.36 26.55 -11.65
CA ASP A 389 11.88 27.15 -10.41
C ASP A 389 12.61 26.65 -9.16
N LEU A 390 13.56 25.74 -9.31
CA LEU A 390 14.25 25.10 -8.20
C LEU A 390 15.66 25.65 -7.96
N CYS A 391 16.13 25.44 -6.74
CA CYS A 391 17.52 25.71 -6.38
C CYS A 391 18.19 24.48 -5.81
N PHE A 392 19.42 24.28 -6.23
CA PHE A 392 20.27 23.19 -5.82
C PHE A 392 21.54 23.81 -5.25
N THR A 393 22.21 23.10 -4.36
CA THR A 393 23.46 23.67 -3.87
C THR A 393 24.59 23.54 -4.87
N ASN A 394 24.65 22.43 -5.61
CA ASN A 394 25.71 22.16 -6.57
C ASN A 394 25.16 21.14 -7.57
N VAL A 395 25.55 21.32 -8.84
CA VAL A 395 25.22 20.38 -9.90
C VAL A 395 26.48 19.85 -10.58
N TYR A 396 26.52 18.52 -10.75
CA TYR A 396 27.59 17.84 -11.46
C TYR A 396 27.09 17.47 -12.86
N ALA A 397 27.94 17.73 -13.85
CA ALA A 397 27.65 17.39 -15.25
C ALA A 397 28.66 16.36 -15.71
N ASP A 398 28.19 15.11 -15.80
CA ASP A 398 29.02 13.99 -16.20
C ASP A 398 28.79 13.78 -17.69
N SER A 399 29.86 13.51 -18.44
CA SER A 399 29.70 13.38 -19.89
C SER A 399 30.54 12.24 -20.43
N PHE A 400 29.99 11.57 -21.45
CA PHE A 400 30.61 10.42 -22.10
C PHE A 400 29.86 10.13 -23.40
N VAL A 401 30.48 9.31 -24.24
CA VAL A 401 29.86 8.79 -25.46
C VAL A 401 29.58 7.30 -25.30
N ILE A 402 28.35 6.89 -25.63
CA ILE A 402 27.94 5.49 -25.60
C ILE A 402 27.24 5.11 -26.90
N ARG A 403 26.98 3.81 -27.03
CA ARG A 403 26.30 3.21 -28.17
C ARG A 403 24.80 3.48 -28.11
N GLY A 404 24.20 3.68 -29.30
CA GLY A 404 22.78 3.98 -29.39
C GLY A 404 21.85 3.06 -28.61
N ASP A 405 22.06 1.74 -28.73
CA ASP A 405 21.22 0.80 -27.98
C ASP A 405 21.45 0.90 -26.48
N GLU A 406 22.56 1.48 -26.07
CA GLU A 406 22.98 1.59 -24.68
C GLU A 406 22.52 2.87 -24.00
N VAL A 407 21.80 3.75 -24.70
CA VAL A 407 21.31 4.98 -24.10
C VAL A 407 20.30 4.65 -23.01
N ARG A 408 19.54 3.57 -23.21
CA ARG A 408 18.51 3.13 -22.27
C ARG A 408 19.09 2.66 -20.94
N GLN A 409 20.37 2.26 -20.91
CA GLN A 409 20.99 1.78 -19.69
C GLN A 409 21.41 2.90 -18.74
N ILE A 410 21.47 4.14 -19.21
CA ILE A 410 21.90 5.27 -18.37
C ILE A 410 20.64 5.75 -17.65
N ALA A 411 20.25 5.01 -16.62
CA ALA A 411 19.04 5.25 -15.86
C ALA A 411 19.16 4.49 -14.55
N PRO A 412 18.42 4.91 -13.52
CA PRO A 412 18.37 4.09 -12.29
C PRO A 412 17.78 2.72 -12.56
N GLY A 413 18.33 1.72 -11.87
CA GLY A 413 17.79 0.37 -11.92
C GLY A 413 18.07 -0.39 -13.19
N GLN A 414 19.10 -0.04 -13.93
CA GLN A 414 19.40 -0.71 -15.19
C GLN A 414 20.57 -1.68 -15.02
N THR A 415 20.62 -2.66 -15.91
CA THR A 415 21.72 -3.62 -15.97
C THR A 415 22.27 -3.66 -17.38
N GLY A 416 23.50 -4.14 -17.49
CA GLY A 416 24.17 -4.24 -18.76
C GLY A 416 25.64 -3.91 -18.60
N LYS A 417 26.41 -4.03 -19.69
CA LYS A 417 27.86 -3.86 -19.60
C LYS A 417 28.23 -2.45 -19.19
N ILE A 418 27.45 -1.45 -19.59
CA ILE A 418 27.81 -0.08 -19.27
C ILE A 418 27.34 0.27 -17.87
N ALA A 419 26.08 -0.05 -17.57
CA ALA A 419 25.50 0.22 -16.26
C ALA A 419 26.25 -0.48 -15.15
N ASP A 420 26.81 -1.66 -15.43
CA ASP A 420 27.49 -2.44 -14.41
C ASP A 420 28.98 -2.20 -14.34
N TYR A 421 29.68 -1.93 -15.45
CA TYR A 421 31.13 -1.82 -15.38
C TYR A 421 31.70 -0.45 -15.72
N ASN A 422 30.90 0.50 -16.20
CA ASN A 422 31.46 1.78 -16.64
C ASN A 422 30.90 2.97 -15.87
N TYR A 423 29.59 3.12 -15.84
CA TYR A 423 28.95 4.27 -15.24
C TYR A 423 27.67 3.79 -14.57
N LYS A 424 27.67 3.75 -13.25
CA LYS A 424 26.54 3.24 -12.48
C LYS A 424 25.80 4.45 -11.96
N LEU A 425 24.51 4.50 -12.21
CA LEU A 425 23.79 5.61 -11.61
C LEU A 425 23.03 5.10 -10.39
N PRO A 426 22.96 5.85 -9.29
CA PRO A 426 22.21 5.38 -8.12
C PRO A 426 20.71 5.35 -8.35
N ASP A 427 20.04 4.52 -7.54
CA ASP A 427 18.60 4.33 -7.66
C ASP A 427 17.81 5.50 -7.10
N ASP A 428 18.41 6.30 -6.21
CA ASP A 428 17.79 7.50 -5.67
C ASP A 428 18.31 8.75 -6.37
N PHE A 429 18.79 8.59 -7.61
CA PHE A 429 19.31 9.68 -8.41
C PHE A 429 18.29 10.80 -8.60
N THR A 430 18.74 12.02 -8.39
CA THR A 430 17.94 13.20 -8.67
C THR A 430 18.69 13.96 -9.77
N GLY A 431 18.04 14.15 -10.90
CA GLY A 431 18.72 14.73 -12.04
C GLY A 431 18.03 14.39 -13.34
N CYS A 432 18.68 14.80 -14.42
CA CYS A 432 18.19 14.59 -15.77
C CYS A 432 19.31 13.98 -16.62
N VAL A 433 18.94 12.99 -17.42
CA VAL A 433 19.85 12.31 -18.34
C VAL A 433 19.58 12.81 -19.75
N ILE A 434 20.60 13.42 -20.35
CA ILE A 434 20.48 14.08 -21.64
C ILE A 434 21.34 13.36 -22.67
N ALA A 435 20.75 13.00 -23.80
CA ALA A 435 21.49 12.34 -24.86
C ALA A 435 21.02 12.85 -26.21
N TRP A 436 21.93 12.86 -27.17
CA TRP A 436 21.59 13.25 -28.54
C TRP A 436 22.46 12.46 -29.50
N ASN A 437 21.95 12.27 -30.71
CA ASN A 437 22.71 11.59 -31.75
C ASN A 437 23.85 12.50 -32.21
N SER A 438 25.07 11.96 -32.18
CA SER A 438 26.26 12.73 -32.55
C SER A 438 27.06 12.01 -33.63
N ASN A 439 26.36 11.30 -34.53
CA ASN A 439 27.02 10.56 -35.60
C ASN A 439 27.87 11.46 -36.48
N ASN A 440 27.42 12.69 -36.71
CA ASN A 440 28.10 13.63 -37.60
C ASN A 440 29.35 14.26 -36.99
N LEU A 441 29.58 14.08 -35.69
CA LEU A 441 30.74 14.60 -35.00
C LEU A 441 31.69 13.51 -34.57
N ASP A 442 31.14 12.41 -34.08
CA ASP A 442 31.93 11.35 -33.48
C ASP A 442 32.20 10.19 -34.42
N SER A 443 31.46 10.10 -35.53
CA SER A 443 31.68 9.00 -36.45
C SER A 443 32.71 9.39 -37.51
N LYS A 444 33.51 8.40 -37.91
CA LYS A 444 34.47 8.54 -38.98
C LYS A 444 34.20 7.44 -39.98
N VAL A 445 34.59 7.67 -41.23
CA VAL A 445 34.29 6.71 -42.30
C VAL A 445 34.98 5.37 -42.04
N GLY A 446 36.25 5.39 -41.64
CA GLY A 446 36.86 4.11 -41.33
C GLY A 446 36.54 3.58 -39.96
N GLY A 447 35.92 4.41 -39.12
CA GLY A 447 35.56 4.12 -37.75
C GLY A 447 36.40 4.87 -36.73
N ASN A 448 35.72 5.50 -35.76
CA ASN A 448 36.36 6.21 -34.66
C ASN A 448 36.53 5.31 -33.44
N TYR A 449 37.77 4.98 -33.12
CA TYR A 449 38.14 4.05 -32.05
C TYR A 449 38.70 4.74 -30.81
N ASN A 450 38.45 6.02 -30.64
CA ASN A 450 38.95 6.76 -29.49
C ASN A 450 37.98 6.74 -28.32
N TYR A 451 36.84 6.06 -28.46
CA TYR A 451 35.84 5.95 -27.41
C TYR A 451 35.87 4.51 -26.91
N LEU A 452 36.25 4.33 -25.65
CA LEU A 452 36.47 3.02 -25.04
C LEU A 452 35.48 2.71 -23.95
N TYR A 453 35.23 1.41 -23.72
CA TYR A 453 34.36 1.00 -22.63
C TYR A 453 34.99 -0.20 -21.94
N ARG A 454 34.70 -0.38 -20.66
CA ARG A 454 35.18 -1.55 -19.94
C ARG A 454 34.21 -2.69 -20.18
N LEU A 455 34.72 -3.84 -20.60
CA LEU A 455 33.84 -4.97 -20.94
C LEU A 455 33.75 -6.02 -19.85
N PHE A 456 34.83 -6.26 -19.12
CA PHE A 456 34.88 -7.26 -18.05
C PHE A 456 35.39 -6.60 -16.78
N ARG A 457 34.80 -6.97 -15.66
CA ARG A 457 35.24 -6.50 -14.36
C ARG A 457 34.87 -7.54 -13.32
N LYS A 458 35.73 -7.66 -12.30
CA LYS A 458 35.54 -8.63 -11.22
C LYS A 458 34.23 -8.40 -10.48
N SER A 459 33.80 -7.14 -10.33
CA SER A 459 32.57 -6.86 -9.62
C SER A 459 31.92 -5.60 -10.21
N ASN A 460 30.66 -5.39 -9.84
CA ASN A 460 29.92 -4.22 -10.27
C ASN A 460 30.43 -2.96 -9.55
N LEU A 461 30.29 -1.83 -10.23
CA LEU A 461 30.62 -0.54 -9.67
C LEU A 461 29.56 -0.06 -8.68
N LYS A 462 30.02 0.73 -7.73
CA LYS A 462 29.12 1.46 -6.87
C LYS A 462 28.69 2.74 -7.60
N PRO A 463 27.57 3.37 -7.21
CA PRO A 463 27.17 4.64 -7.84
C PRO A 463 28.27 5.69 -7.85
N PHE A 464 28.50 6.27 -9.04
CA PHE A 464 29.49 7.32 -9.29
C PHE A 464 30.93 6.87 -8.99
N GLU A 465 31.20 5.56 -8.98
CA GLU A 465 32.57 5.10 -8.84
C GLU A 465 33.23 5.05 -10.22
N ARG A 466 34.52 5.36 -10.25
CA ARG A 466 35.34 5.25 -11.44
C ARG A 466 36.38 4.16 -11.27
N ASP A 467 36.70 3.50 -12.38
CA ASP A 467 37.76 2.51 -12.41
C ASP A 467 38.52 2.73 -13.72
N ILE A 468 39.76 3.21 -13.61
CA ILE A 468 40.56 3.57 -14.77
C ILE A 468 41.81 2.70 -14.88
N SER A 469 41.80 1.54 -14.22
CA SER A 469 42.93 0.62 -14.29
C SER A 469 42.89 -0.17 -15.59
N THR A 470 44.05 -0.73 -15.98
CA THR A 470 44.12 -1.55 -17.18
C THR A 470 44.62 -2.98 -16.90
N GLU A 471 44.49 -3.42 -15.65
CA GLU A 471 44.89 -4.77 -15.26
C GLU A 471 44.09 -5.83 -16.00
N ILE A 472 44.80 -6.87 -16.46
CA ILE A 472 44.21 -7.97 -17.23
C ILE A 472 43.14 -8.67 -16.40
N TYR A 473 41.99 -8.92 -17.01
CA TYR A 473 40.85 -9.52 -16.33
C TYR A 473 41.03 -11.02 -16.24
N GLN A 474 40.82 -11.55 -15.04
CA GLN A 474 40.99 -12.97 -14.77
C GLN A 474 39.65 -13.67 -14.99
N ALA A 475 39.55 -14.44 -16.09
CA ALA A 475 38.30 -15.13 -16.36
C ALA A 475 38.27 -16.53 -15.77
N GLY A 476 39.43 -17.18 -15.66
CA GLY A 476 39.54 -18.52 -15.15
C GLY A 476 40.21 -18.61 -13.80
N SER A 477 40.76 -19.80 -13.53
CA SER A 477 41.47 -20.12 -12.30
C SER A 477 43.00 -20.06 -12.44
N THR A 478 43.51 -19.98 -13.67
CA THR A 478 44.96 -20.01 -13.90
C THR A 478 45.49 -18.59 -13.95
N PRO A 479 46.51 -18.25 -13.13
CA PRO A 479 47.09 -16.90 -13.17
C PRO A 479 47.58 -16.51 -14.56
N CYS A 480 47.34 -15.25 -14.91
CA CYS A 480 47.71 -14.75 -16.23
C CYS A 480 49.13 -14.22 -16.29
N ASN A 481 49.65 -13.69 -15.17
CA ASN A 481 50.99 -13.09 -15.09
C ASN A 481 51.16 -11.98 -16.13
N GLY A 482 50.09 -11.22 -16.33
CA GLY A 482 50.10 -10.09 -17.24
C GLY A 482 49.91 -10.39 -18.70
N VAL A 483 49.62 -11.63 -19.09
CA VAL A 483 49.49 -11.99 -20.49
C VAL A 483 48.04 -12.34 -20.78
N GLU A 484 47.46 -11.72 -21.82
CA GLU A 484 46.10 -12.05 -22.23
C GLU A 484 46.14 -13.40 -22.96
N GLY A 485 45.02 -14.09 -22.99
CA GLY A 485 45.01 -15.39 -23.63
C GLY A 485 43.68 -16.00 -23.27
N PHE A 486 43.57 -17.31 -23.46
CA PHE A 486 42.29 -17.92 -23.11
C PHE A 486 42.16 -17.81 -21.61
N ASN A 487 41.00 -17.37 -21.14
CA ASN A 487 40.72 -17.03 -19.74
C ASN A 487 41.54 -15.83 -19.21
N CYS A 488 42.19 -15.08 -20.10
CA CYS A 488 42.97 -13.91 -19.70
C CYS A 488 42.61 -12.78 -20.65
N TYR A 489 41.81 -11.82 -20.18
CA TYR A 489 41.23 -10.85 -21.10
C TYR A 489 41.66 -9.42 -20.81
N PHE A 490 41.78 -8.62 -21.87
CA PHE A 490 41.95 -7.17 -21.75
C PHE A 490 40.62 -6.50 -21.42
N PRO A 491 40.50 -5.76 -20.31
CA PRO A 491 39.17 -5.27 -19.88
C PRO A 491 38.51 -4.22 -20.78
N LEU A 492 39.25 -3.48 -21.62
CA LEU A 492 38.61 -2.42 -22.40
C LEU A 492 38.42 -2.83 -23.84
N GLN A 493 37.44 -2.19 -24.49
CA GLN A 493 37.12 -2.32 -25.91
C GLN A 493 36.59 -1.02 -26.48
N SER A 494 36.78 -0.82 -27.77
CA SER A 494 36.31 0.39 -28.45
C SER A 494 35.02 0.14 -29.24
N TYR A 495 34.24 1.21 -29.42
CA TYR A 495 33.09 1.24 -30.32
C TYR A 495 33.48 1.66 -31.73
N GLY A 496 33.25 0.77 -32.70
CA GLY A 496 33.56 1.06 -34.09
C GLY A 496 32.53 1.93 -34.77
N PHE A 497 32.59 3.24 -34.55
CA PHE A 497 31.54 4.12 -35.06
C PHE A 497 31.75 4.43 -36.54
N GLN A 498 30.82 4.01 -37.38
CA GLN A 498 30.90 4.22 -38.81
C GLN A 498 29.62 4.87 -39.29
N PRO A 499 29.67 5.70 -40.35
CA PRO A 499 28.45 6.38 -40.82
C PRO A 499 27.41 5.42 -41.39
N THR A 500 27.75 4.16 -41.66
CA THR A 500 26.83 3.22 -42.25
C THR A 500 26.20 2.31 -41.21
N ASN A 501 26.50 2.51 -39.94
CA ASN A 501 25.90 1.71 -38.88
C ASN A 501 24.44 2.08 -38.69
N GLY A 502 23.67 1.13 -38.20
CA GLY A 502 22.29 1.38 -37.87
C GLY A 502 22.19 2.28 -36.66
N VAL A 503 20.98 2.78 -36.42
CA VAL A 503 20.74 3.79 -35.38
C VAL A 503 21.21 3.31 -34.02
N GLY A 504 20.97 2.03 -33.71
CA GLY A 504 21.40 1.46 -32.45
C GLY A 504 22.90 1.35 -32.30
N TYR A 505 23.65 1.43 -33.40
CA TYR A 505 25.11 1.36 -33.39
C TYR A 505 25.78 2.69 -33.69
N GLN A 506 25.01 3.78 -33.76
CA GLN A 506 25.56 5.11 -33.98
C GLN A 506 26.01 5.73 -32.65
N PRO A 507 26.99 6.64 -32.69
CA PRO A 507 27.41 7.31 -31.45
C PRO A 507 26.36 8.27 -30.93
N TYR A 508 26.20 8.27 -29.60
CA TYR A 508 25.39 9.25 -28.90
C TYR A 508 26.24 9.89 -27.83
N ARG A 509 26.14 11.21 -27.71
CA ARG A 509 26.80 11.94 -26.64
C ARG A 509 25.81 12.08 -25.50
N VAL A 510 26.24 11.73 -24.30
CA VAL A 510 25.36 11.74 -23.13
C VAL A 510 25.96 12.68 -22.09
N VAL A 511 25.12 13.57 -21.58
CA VAL A 511 25.46 14.44 -20.46
C VAL A 511 24.47 14.16 -19.36
N VAL A 512 24.97 13.82 -18.17
CA VAL A 512 24.12 13.55 -17.01
C VAL A 512 24.32 14.66 -16.00
N LEU A 513 23.23 15.37 -15.69
CA LEU A 513 23.25 16.45 -14.71
C LEU A 513 22.71 15.91 -13.39
N SER A 514 23.58 15.79 -12.39
CA SER A 514 23.19 15.26 -11.09
C SER A 514 22.86 16.43 -10.15
N PHE A 515 21.66 16.42 -9.59
CA PHE A 515 21.20 17.53 -8.75
C PHE A 515 21.25 17.11 -7.29
N GLU A 516 22.16 17.69 -6.53
CA GLU A 516 22.34 17.37 -5.11
C GLU A 516 21.51 18.28 -4.23
N LEU A 517 20.80 17.68 -3.28
CA LEU A 517 19.98 18.42 -2.33
C LEU A 517 20.45 18.03 -0.94
N LEU A 518 21.37 18.83 -0.38
CA LEU A 518 21.83 18.69 0.99
C LEU A 518 21.72 20.05 1.69
N HIS A 519 21.74 20.02 3.02
CA HIS A 519 21.56 21.22 3.85
C HIS A 519 22.83 22.06 3.83
N ALA A 520 22.95 22.87 2.78
CA ALA A 520 24.13 23.70 2.56
C ALA A 520 23.68 24.92 1.77
N PRO A 521 24.51 25.98 1.70
CA PRO A 521 24.13 27.15 0.90
C PRO A 521 23.87 26.77 -0.56
N ALA A 522 22.78 27.28 -1.12
CA ALA A 522 22.54 27.00 -2.52
C ALA A 522 23.32 27.97 -3.38
N THR A 523 23.89 27.44 -4.44
CA THR A 523 24.72 28.20 -5.38
C THR A 523 24.19 28.15 -6.80
N VAL A 524 23.32 27.20 -7.13
CA VAL A 524 22.73 27.07 -8.46
C VAL A 524 21.22 27.21 -8.36
N CYS A 525 20.69 28.29 -8.97
CA CYS A 525 19.28 28.63 -8.95
C CYS A 525 18.78 28.94 -10.35
N GLY A 526 17.49 28.67 -10.57
CA GLY A 526 16.88 28.97 -11.85
C GLY A 526 16.73 30.45 -12.11
N PRO A 527 16.33 30.81 -13.35
CA PRO A 527 16.24 32.22 -13.74
C PRO A 527 14.96 32.90 -13.23
N LYS A 528 14.77 32.89 -11.92
CA LYS A 528 13.61 33.51 -11.32
C LYS A 528 13.93 34.96 -10.94
N LYS A 529 12.94 35.84 -11.09
CA LYS A 529 13.05 37.21 -10.63
C LYS A 529 12.54 37.29 -9.20
N SER A 530 13.18 38.14 -8.39
CA SER A 530 12.76 38.36 -7.01
C SER A 530 11.79 39.53 -6.90
N THR A 531 10.96 39.48 -5.88
CA THR A 531 9.99 40.52 -5.54
C THR A 531 10.36 41.16 -4.21
N ASN A 532 9.62 42.20 -3.84
CA ASN A 532 9.85 42.85 -2.55
C ASN A 532 9.39 41.95 -1.42
N LEU A 533 10.11 42.01 -0.30
CA LEU A 533 9.78 41.25 0.89
C LEU A 533 8.61 41.90 1.63
N VAL A 534 7.62 41.09 1.98
CA VAL A 534 6.40 41.51 2.69
C VAL A 534 6.35 40.83 4.06
N LYS A 535 6.20 41.64 5.10
CA LYS A 535 6.13 41.15 6.48
C LYS A 535 4.74 41.40 7.06
N ASN A 536 4.40 40.61 8.09
CA ASN A 536 3.15 40.71 8.83
C ASN A 536 1.90 40.53 7.96
N LYS A 537 1.98 39.69 6.94
CA LYS A 537 0.84 39.45 6.08
C LYS A 537 0.84 37.98 5.67
N CYS A 538 -0.34 37.44 5.39
CA CYS A 538 -0.44 36.08 4.90
C CYS A 538 0.07 36.00 3.47
N VAL A 539 1.17 35.27 3.26
CA VAL A 539 1.78 35.15 1.93
C VAL A 539 2.20 33.72 1.62
N ASN A 540 2.37 33.47 0.32
CA ASN A 540 3.02 32.28 -0.23
C ASN A 540 4.49 32.58 -0.46
N PHE A 541 5.38 31.85 0.23
CA PHE A 541 6.79 32.19 0.12
C PHE A 541 7.60 31.10 -0.57
N ASN A 542 8.71 31.54 -1.15
CA ASN A 542 9.72 30.66 -1.73
C ASN A 542 11.04 31.31 -1.34
N PHE A 543 11.69 30.76 -0.31
CA PHE A 543 12.96 31.27 0.19
C PHE A 543 14.05 30.28 -0.22
N ASN A 544 14.73 30.58 -1.32
CA ASN A 544 15.83 29.77 -1.85
C ASN A 544 15.44 28.30 -1.98
N GLY A 545 14.21 28.06 -2.44
CA GLY A 545 13.68 26.73 -2.63
C GLY A 545 12.76 26.25 -1.53
N LEU A 546 12.75 26.92 -0.37
CA LEU A 546 11.86 26.56 0.72
C LEU A 546 10.50 27.19 0.47
N THR A 547 9.46 26.38 0.34
CA THR A 547 8.14 26.88 -0.02
C THR A 547 7.10 26.53 1.03
N GLY A 548 6.10 27.39 1.13
CA GLY A 548 5.01 27.20 2.06
C GLY A 548 4.13 28.43 2.07
N THR A 549 3.12 28.39 2.95
CA THR A 549 2.18 29.49 3.10
C THR A 549 2.24 29.98 4.54
N GLY A 550 2.31 31.30 4.73
CA GLY A 550 2.36 31.79 6.09
C GLY A 550 2.58 33.29 6.19
N VAL A 551 2.78 33.72 7.43
CA VAL A 551 2.99 35.11 7.82
C VAL A 551 4.43 35.28 8.31
N LEU A 552 5.14 36.24 7.73
CA LEU A 552 6.55 36.49 8.03
C LEU A 552 6.67 37.60 9.07
N THR A 553 7.37 37.30 10.17
CA THR A 553 7.60 38.23 11.26
C THR A 553 9.09 38.27 11.60
N GLU A 554 9.47 39.31 12.35
CA GLU A 554 10.85 39.46 12.81
C GLU A 554 11.17 38.43 13.88
N SER A 555 12.32 37.77 13.74
CA SER A 555 12.69 36.73 14.68
C SER A 555 13.63 37.28 15.74
N ASN A 556 13.59 36.64 16.93
CA ASN A 556 14.52 36.93 18.02
C ASN A 556 15.47 35.76 18.25
N LYS A 557 15.56 34.84 17.29
CA LYS A 557 16.45 33.70 17.43
C LYS A 557 17.88 34.10 17.12
N LYS A 558 18.82 33.58 17.90
CA LYS A 558 20.23 33.88 17.72
C LYS A 558 20.85 32.83 16.80
N PHE A 559 20.67 33.00 15.50
CA PHE A 559 21.26 32.07 14.55
C PHE A 559 22.78 32.25 14.50
N LEU A 560 23.48 31.14 14.40
CA LEU A 560 24.92 31.20 14.18
C LEU A 560 25.19 31.57 12.73
N PRO A 561 26.39 32.15 12.42
CA PRO A 561 26.68 32.61 11.05
C PRO A 561 26.48 31.61 9.91
N PHE A 562 26.51 30.30 10.21
CA PHE A 562 26.39 29.29 9.17
C PHE A 562 24.98 28.73 9.02
N GLN A 563 24.06 29.03 9.94
CA GLN A 563 22.74 28.43 9.88
C GLN A 563 21.83 29.23 8.96
N GLN A 564 21.15 28.52 8.06
CA GLN A 564 20.34 29.14 7.02
C GLN A 564 18.86 29.08 7.32
N PHE A 565 18.43 28.10 8.09
CA PHE A 565 17.02 27.95 8.41
C PHE A 565 16.94 27.15 9.69
N GLY A 566 15.75 27.11 10.29
CA GLY A 566 15.53 26.35 11.49
C GLY A 566 14.37 25.39 11.34
N ARG A 567 14.30 24.47 12.30
CA ARG A 567 13.21 23.52 12.36
C ARG A 567 12.67 23.44 13.77
N ASP A 568 11.39 23.08 13.86
CA ASP A 568 10.72 22.95 15.14
C ASP A 568 11.00 21.55 15.69
N ILE A 569 10.41 21.26 16.87
CA ILE A 569 10.56 19.92 17.44
C ILE A 569 10.03 18.87 16.47
N ALA A 570 9.01 19.21 15.68
CA ALA A 570 8.39 18.37 14.67
C ALA A 570 9.27 18.13 13.44
N ASP A 571 10.43 18.79 13.36
CA ASP A 571 11.37 18.71 12.24
C ASP A 571 10.76 19.21 10.93
N THR A 572 9.99 20.29 11.03
CA THR A 572 9.44 21.01 9.91
C THR A 572 10.04 22.41 9.97
N THR A 573 10.14 23.08 8.83
CA THR A 573 10.77 24.40 8.77
C THR A 573 9.94 25.40 9.57
N ASP A 574 10.61 26.20 10.42
CA ASP A 574 9.90 27.22 11.18
C ASP A 574 10.72 28.52 11.28
N ALA A 575 11.81 28.64 10.54
CA ALA A 575 12.65 29.83 10.56
C ALA A 575 13.51 29.80 9.31
N VAL A 576 13.78 30.97 8.74
CA VAL A 576 14.62 31.05 7.56
C VAL A 576 15.49 32.32 7.61
N ARG A 577 16.71 32.19 7.12
CA ARG A 577 17.61 33.31 6.88
C ARG A 577 17.37 33.77 5.45
N ASP A 578 17.04 35.05 5.27
CA ASP A 578 16.77 35.57 3.93
C ASP A 578 18.01 35.49 3.04
N PRO A 579 17.89 35.00 1.80
CA PRO A 579 19.05 34.83 0.92
C PRO A 579 19.69 36.12 0.39
N GLN A 580 19.04 37.27 0.48
CA GLN A 580 19.62 38.51 -0.05
C GLN A 580 20.15 39.44 1.02
N THR A 581 19.42 39.61 2.11
CA THR A 581 19.86 40.38 3.28
C THR A 581 19.93 39.38 4.41
N LEU A 582 21.03 39.39 5.18
CA LEU A 582 21.24 38.30 6.14
C LEU A 582 20.45 38.57 7.42
N GLU A 583 19.14 38.71 7.23
CA GLU A 583 18.13 38.93 8.25
C GLU A 583 17.49 37.62 8.64
N ILE A 584 17.21 37.43 9.93
CA ILE A 584 16.53 36.22 10.39
C ILE A 584 15.03 36.48 10.57
N LEU A 585 14.22 35.67 9.88
CA LEU A 585 12.77 35.73 9.92
C LEU A 585 12.22 34.48 10.57
N ASP A 586 11.13 34.63 11.33
CA ASP A 586 10.37 33.50 11.84
C ASP A 586 9.20 33.28 10.88
N ILE A 587 8.87 32.02 10.59
CA ILE A 587 7.77 31.73 9.69
C ILE A 587 6.66 30.99 10.42
N THR A 588 5.47 31.58 10.47
CA THR A 588 4.34 30.81 10.97
C THR A 588 3.27 30.82 9.89
N PRO A 589 2.43 29.78 9.82
CA PRO A 589 1.25 29.81 8.94
C PRO A 589 0.22 30.86 9.33
N CYS A 590 -0.62 31.18 8.35
CA CYS A 590 -1.71 32.13 8.50
C CYS A 590 -2.81 31.61 9.42
N SER A 591 -3.44 32.54 10.14
CA SER A 591 -4.41 32.20 11.17
C SER A 591 -5.53 31.33 10.61
N PHE A 592 -5.85 30.25 11.32
CA PHE A 592 -6.91 29.35 10.94
C PHE A 592 -7.58 28.69 12.14
N GLY A 593 -8.72 28.08 11.88
CA GLY A 593 -9.43 27.35 12.92
C GLY A 593 -10.75 26.82 12.44
N GLY A 594 -11.31 25.93 13.27
CA GLY A 594 -12.56 25.30 12.93
C GLY A 594 -13.74 26.24 13.03
N VAL A 595 -14.80 25.90 12.31
CA VAL A 595 -16.03 26.66 12.35
C VAL A 595 -17.13 25.75 12.87
N SER A 596 -17.72 26.16 13.98
CA SER A 596 -18.80 25.44 14.60
C SER A 596 -20.03 26.31 14.48
N VAL A 597 -21.17 25.71 14.19
CA VAL A 597 -22.41 26.44 14.03
C VAL A 597 -23.23 26.18 15.28
N ILE A 598 -23.60 27.24 15.97
CA ILE A 598 -24.39 27.12 17.19
C ILE A 598 -25.82 27.35 16.76
N THR A 599 -26.68 26.37 17.00
CA THR A 599 -28.03 26.54 16.52
C THR A 599 -29.11 25.83 17.32
N PRO A 600 -30.28 26.45 17.46
CA PRO A 600 -31.46 25.68 17.85
C PRO A 600 -31.88 24.86 16.65
N GLY A 601 -32.68 23.83 16.90
CA GLY A 601 -33.10 22.98 15.81
C GLY A 601 -33.99 23.69 14.80
N THR A 602 -34.05 23.12 13.60
CA THR A 602 -34.88 23.67 12.53
C THR A 602 -36.37 23.52 12.82
N ASN A 603 -36.72 22.77 13.86
CA ASN A 603 -38.11 22.71 14.32
C ASN A 603 -38.56 24.03 14.91
N THR A 604 -37.61 24.84 15.40
CA THR A 604 -37.90 26.09 16.08
C THR A 604 -37.48 27.34 15.31
N SER A 605 -36.26 27.38 14.78
CA SER A 605 -35.79 28.59 14.11
C SER A 605 -34.63 28.25 13.17
N ASN A 606 -34.50 29.05 12.12
CA ASN A 606 -33.40 28.95 11.18
C ASN A 606 -32.28 29.95 11.45
N GLN A 607 -32.33 30.64 12.59
CA GLN A 607 -31.28 31.57 12.96
C GLN A 607 -30.12 30.80 13.57
N VAL A 608 -28.90 31.13 13.17
CA VAL A 608 -27.71 30.44 13.67
C VAL A 608 -26.66 31.45 14.13
N ALA A 609 -25.71 30.93 14.92
CA ALA A 609 -24.51 31.62 15.34
C ALA A 609 -23.31 30.77 14.94
N VAL A 610 -22.18 31.41 14.66
CA VAL A 610 -20.99 30.72 14.19
C VAL A 610 -19.84 30.99 15.14
N LEU A 611 -19.17 29.91 15.56
CA LEU A 611 -18.00 29.97 16.41
C LEU A 611 -16.76 29.66 15.60
N TYR A 612 -15.81 30.60 15.58
CA TYR A 612 -14.52 30.38 14.95
C TYR A 612 -13.57 29.99 16.08
N GLN A 613 -13.23 28.72 16.17
CA GLN A 613 -12.56 28.23 17.38
C GLN A 613 -11.08 28.61 17.41
N ASP A 614 -10.71 29.27 18.51
CA ASP A 614 -9.36 29.76 18.80
C ASP A 614 -8.79 30.64 17.68
N VAL A 615 -9.62 31.63 17.26
CA VAL A 615 -9.21 32.66 16.26
C VAL A 615 -9.63 34.01 16.87
N ASN A 616 -8.93 35.12 16.58
CA ASN A 616 -9.22 36.44 17.23
C ASN A 616 -10.41 37.20 16.63
N CYS A 617 -11.01 38.14 17.39
CA CYS A 617 -12.19 38.95 16.93
C CYS A 617 -11.75 40.01 15.92
N THR A 618 -10.61 39.81 15.26
CA THR A 618 -10.06 40.77 14.28
C THR A 618 -9.75 40.05 12.95
N GLU A 619 -9.23 38.83 12.98
CA GLU A 619 -8.81 38.15 11.73
C GLU A 619 -10.00 37.45 11.08
N VAL A 620 -11.18 37.50 11.70
CA VAL A 620 -12.33 36.74 11.14
C VAL A 620 -12.78 37.17 9.74
N PRO A 621 -12.96 38.47 9.39
CA PRO A 621 -13.48 38.83 8.06
C PRO A 621 -12.60 38.62 6.83
N ASN A 641 -22.98 41.88 16.80
CA ASN A 641 -23.01 40.82 17.80
C ASN A 641 -21.74 39.98 17.73
N VAL A 642 -20.61 40.63 18.05
CA VAL A 642 -19.31 39.91 18.12
C VAL A 642 -19.00 39.75 19.61
N PHE A 643 -18.84 38.52 20.08
CA PHE A 643 -18.53 38.23 21.48
C PHE A 643 -17.22 37.48 21.72
N GLN A 644 -16.30 38.15 22.42
CA GLN A 644 -15.03 37.46 22.77
C GLN A 644 -14.99 36.51 23.96
N THR A 645 -14.67 35.25 23.73
CA THR A 645 -14.56 34.21 24.76
C THR A 645 -13.34 33.31 24.63
N ARG A 646 -13.13 32.47 25.64
CA ARG A 646 -11.99 31.56 25.67
C ARG A 646 -11.92 30.65 24.44
N ALA A 647 -13.06 30.13 23.96
CA ALA A 647 -12.99 29.29 22.77
C ALA A 647 -12.66 30.02 21.48
N GLY A 648 -12.84 31.34 21.48
CA GLY A 648 -12.68 32.28 20.39
C GLY A 648 -13.76 33.32 20.46
N CYS A 649 -13.85 34.07 19.35
CA CYS A 649 -14.87 35.14 19.20
C CYS A 649 -16.10 34.56 18.54
N LEU A 650 -17.25 34.58 19.22
CA LEU A 650 -18.52 34.03 18.77
C LEU A 650 -19.41 35.16 18.27
N ILE A 651 -19.80 35.06 17.00
CA ILE A 651 -20.54 36.07 16.27
C ILE A 651 -21.93 35.54 15.91
N GLY A 652 -22.93 36.34 16.23
CA GLY A 652 -24.35 36.08 16.00
C GLY A 652 -25.10 35.79 17.27
N ALA A 653 -24.42 35.58 18.38
CA ALA A 653 -25.07 35.34 19.67
C ALA A 653 -24.92 36.62 20.50
N GLU A 654 -26.00 37.06 21.13
CA GLU A 654 -25.98 38.24 21.99
C GLU A 654 -25.54 37.86 23.39
N HIS A 655 -24.47 38.49 23.88
CA HIS A 655 -23.98 38.20 25.21
C HIS A 655 -24.84 38.90 26.26
N VAL A 656 -25.32 38.12 27.23
CA VAL A 656 -26.13 38.69 28.35
C VAL A 656 -25.52 38.18 29.66
N ASN A 657 -25.45 39.04 30.68
CA ASN A 657 -24.86 38.65 32.00
C ASN A 657 -25.70 37.54 32.64
N ASN A 658 -27.02 37.62 32.53
CA ASN A 658 -27.93 36.62 33.16
C ASN A 658 -27.46 35.19 32.88
N SER A 659 -27.29 34.38 33.93
CA SER A 659 -26.90 32.99 33.76
C SER A 659 -28.11 32.07 33.66
N TYR A 660 -27.95 30.96 32.94
CA TYR A 660 -29.01 29.97 32.78
C TYR A 660 -28.40 28.58 32.73
N GLU A 661 -29.25 27.57 32.61
CA GLU A 661 -28.77 26.21 32.43
C GLU A 661 -28.12 26.08 31.06
N CYS A 662 -27.06 25.28 30.98
CA CYS A 662 -26.43 25.06 29.67
C CYS A 662 -27.38 24.37 28.70
N ASP A 663 -27.51 24.95 27.53
CA ASP A 663 -28.33 24.35 26.48
C ASP A 663 -27.34 23.94 25.40
N ILE A 664 -26.79 24.91 24.67
CA ILE A 664 -25.73 24.63 23.71
C ILE A 664 -24.40 25.06 24.34
N PRO A 665 -23.51 24.13 24.65
CA PRO A 665 -22.23 24.50 25.27
C PRO A 665 -21.31 25.19 24.27
N ILE A 666 -20.60 26.21 24.73
CA ILE A 666 -19.60 26.88 23.91
C ILE A 666 -18.21 26.43 24.32
N GLY A 667 -17.94 26.43 25.61
CA GLY A 667 -16.67 26.01 26.16
C GLY A 667 -16.21 27.05 27.14
N ALA A 668 -15.36 26.66 28.09
CA ALA A 668 -14.78 27.56 29.08
C ALA A 668 -15.87 28.32 29.85
N GLY A 669 -16.95 27.63 30.20
CA GLY A 669 -17.99 28.24 31.00
C GLY A 669 -19.08 28.94 30.23
N ILE A 670 -18.97 29.05 28.92
CA ILE A 670 -19.98 29.76 28.13
C ILE A 670 -20.90 28.72 27.52
N CYS A 671 -22.21 28.97 27.64
CA CYS A 671 -23.23 28.15 27.01
C CYS A 671 -24.14 29.07 26.22
N ALA A 672 -24.87 28.50 25.26
CA ALA A 672 -25.80 29.28 24.45
C ALA A 672 -27.18 28.66 24.44
N SER A 673 -28.19 29.50 24.23
CA SER A 673 -29.57 29.04 24.17
C SER A 673 -30.40 29.99 23.31
N TYR A 674 -31.57 29.52 22.91
CA TYR A 674 -32.52 30.30 22.13
C TYR A 674 -33.64 30.78 23.05
N GLN A 675 -33.74 32.09 23.25
CA GLN A 675 -34.74 32.64 24.16
C GLN A 675 -35.35 33.91 23.60
N GLN A 687 -38.03 35.91 19.91
CA GLN A 687 -37.02 35.10 20.60
C GLN A 687 -35.71 35.20 19.81
N SER A 688 -34.58 34.97 20.46
CA SER A 688 -33.30 35.05 19.76
C SER A 688 -32.27 34.15 20.45
N ILE A 689 -31.11 34.02 19.80
CA ILE A 689 -29.99 33.25 20.35
C ILE A 689 -29.17 34.15 21.26
N ILE A 690 -28.88 33.67 22.48
CA ILE A 690 -28.10 34.42 23.45
C ILE A 690 -26.90 33.57 23.86
N ALA A 691 -25.87 34.26 24.36
CA ALA A 691 -24.68 33.63 24.91
C ALA A 691 -24.52 34.11 26.35
N TYR A 692 -24.08 33.21 27.24
CA TYR A 692 -23.96 33.62 28.63
C TYR A 692 -22.97 32.72 29.37
N THR A 693 -22.55 33.22 30.53
CA THR A 693 -21.79 32.44 31.51
C THR A 693 -22.78 31.54 32.24
N MET A 694 -22.48 30.25 32.31
CA MET A 694 -23.44 29.31 32.86
C MET A 694 -23.65 29.44 34.35
N SER A 695 -24.88 29.17 34.77
CA SER A 695 -25.21 29.09 36.18
C SER A 695 -24.87 27.69 36.66
N LEU A 696 -24.41 27.59 37.90
CA LEU A 696 -24.10 26.28 38.44
C LEU A 696 -25.24 25.72 39.27
N GLY A 697 -26.34 26.45 39.35
CA GLY A 697 -27.49 26.10 40.16
C GLY A 697 -27.86 27.24 41.08
N ALA A 698 -29.04 27.10 41.68
CA ALA A 698 -29.47 28.13 42.62
C ALA A 698 -28.58 28.07 43.86
N GLU A 699 -28.36 29.23 44.47
CA GLU A 699 -27.57 29.21 45.70
C GLU A 699 -28.48 28.87 46.88
N ASN A 700 -27.92 28.21 47.88
CA ASN A 700 -28.67 27.85 49.08
C ASN A 700 -27.71 27.93 50.27
N SER A 701 -27.80 29.00 51.05
CA SER A 701 -26.99 29.09 52.26
C SER A 701 -27.66 28.26 53.34
N VAL A 702 -26.93 27.30 53.90
CA VAL A 702 -27.51 26.41 54.91
C VAL A 702 -27.43 27.10 56.27
N ALA A 703 -28.53 27.08 57.02
CA ALA A 703 -28.63 27.73 58.32
C ALA A 703 -27.91 26.92 59.40
N TYR A 704 -26.59 26.81 59.24
CA TYR A 704 -25.80 26.00 60.14
C TYR A 704 -25.53 26.71 61.45
N SER A 705 -25.67 25.94 62.53
CA SER A 705 -25.31 26.36 63.87
C SER A 705 -24.95 25.08 64.62
N ASN A 706 -24.36 25.23 65.80
CA ASN A 706 -23.90 24.08 66.55
C ASN A 706 -25.04 23.31 67.22
N ASN A 707 -26.26 23.87 67.22
CA ASN A 707 -27.38 23.25 67.91
C ASN A 707 -28.69 23.26 67.10
N SER A 708 -28.67 23.18 65.78
CA SER A 708 -29.91 23.20 64.99
C SER A 708 -30.10 22.06 64.00
N ILE A 709 -31.21 21.33 64.11
CA ILE A 709 -31.56 20.22 63.21
C ILE A 709 -32.90 20.40 62.50
N ALA A 710 -32.92 20.11 61.19
CA ALA A 710 -34.12 20.11 60.36
C ALA A 710 -34.62 18.68 60.21
N ILE A 711 -35.94 18.48 60.28
CA ILE A 711 -36.52 17.13 60.13
C ILE A 711 -37.81 17.17 59.28
N PRO A 712 -37.89 16.32 58.25
CA PRO A 712 -39.06 16.29 57.34
C PRO A 712 -40.40 16.03 58.00
N THR A 713 -41.44 16.72 57.54
CA THR A 713 -42.76 16.48 58.14
C THR A 713 -43.68 15.50 57.40
N ASN A 714 -44.09 15.94 56.20
CA ASN A 714 -44.94 15.13 55.28
C ASN A 714 -44.02 14.79 54.11
N PHE A 715 -43.47 13.59 54.08
CA PHE A 715 -42.46 13.14 53.12
C PHE A 715 -43.16 12.86 51.79
N THR A 716 -42.34 12.66 50.74
CA THR A 716 -42.82 12.26 49.43
C THR A 716 -42.09 11.02 48.94
N ILE A 717 -42.74 10.26 48.05
CA ILE A 717 -42.13 9.14 47.34
C ILE A 717 -41.97 9.50 45.88
N SER A 718 -40.74 9.38 45.38
CA SER A 718 -40.37 9.73 44.01
C SER A 718 -39.96 8.47 43.25
N VAL A 719 -40.32 8.42 41.97
CA VAL A 719 -39.92 7.35 41.06
C VAL A 719 -39.07 7.94 39.94
N THR A 720 -37.82 7.47 39.84
CA THR A 720 -36.86 7.92 38.84
C THR A 720 -36.67 6.84 37.79
N THR A 721 -36.64 7.24 36.53
CA THR A 721 -36.44 6.33 35.41
C THR A 721 -34.98 6.33 34.97
N GLU A 722 -34.34 5.17 34.99
CA GLU A 722 -32.96 4.99 34.56
C GLU A 722 -32.93 4.07 33.35
N ILE A 723 -32.33 4.53 32.25
CA ILE A 723 -32.31 3.83 30.98
C ILE A 723 -30.87 3.42 30.68
N LEU A 724 -30.64 2.12 30.45
CA LEU A 724 -29.28 1.67 30.13
C LEU A 724 -29.28 0.83 28.86
N PRO A 725 -28.35 1.09 27.94
CA PRO A 725 -28.09 0.15 26.84
C PRO A 725 -27.62 -1.20 27.34
N VAL A 726 -28.10 -2.27 26.70
CA VAL A 726 -27.65 -3.62 27.01
C VAL A 726 -27.00 -4.30 25.81
N SER A 727 -27.58 -4.15 24.62
CA SER A 727 -27.05 -4.87 23.47
C SER A 727 -26.94 -4.07 22.17
N MET A 728 -26.16 -4.64 21.25
CA MET A 728 -25.93 -4.19 19.89
C MET A 728 -26.49 -5.10 18.82
N THR A 729 -26.93 -4.55 17.69
CA THR A 729 -27.45 -5.38 16.60
C THR A 729 -26.24 -6.23 16.21
N LYS A 730 -26.46 -7.54 16.13
CA LYS A 730 -25.41 -8.53 15.89
C LYS A 730 -25.10 -8.71 14.40
N THR A 731 -24.26 -7.82 13.87
CA THR A 731 -23.92 -7.91 12.46
C THR A 731 -22.87 -9.00 12.22
N SER A 732 -22.80 -9.46 10.97
CA SER A 732 -21.84 -10.50 10.56
C SER A 732 -21.35 -10.17 9.16
N VAL A 733 -20.09 -9.81 9.03
CA VAL A 733 -19.60 -9.37 7.69
C VAL A 733 -18.73 -10.47 7.12
N ASP A 734 -19.24 -11.26 6.18
CA ASP A 734 -18.36 -12.25 5.50
C ASP A 734 -17.40 -11.43 4.65
N CYS A 735 -16.12 -11.37 5.03
CA CYS A 735 -15.21 -10.47 4.29
C CYS A 735 -15.09 -10.93 2.83
N THR A 736 -15.02 -12.23 2.58
CA THR A 736 -14.79 -12.66 1.18
C THR A 736 -15.85 -12.07 0.26
N MET A 737 -17.06 -11.80 0.77
CA MET A 737 -18.10 -11.16 -0.07
C MET A 737 -17.92 -9.64 -0.07
N TYR A 738 -17.58 -9.05 1.09
CA TYR A 738 -17.41 -7.58 1.17
C TYR A 738 -16.24 -7.14 0.28
N ILE A 739 -15.17 -7.92 0.21
CA ILE A 739 -13.97 -7.46 -0.54
C ILE A 739 -13.97 -7.99 -1.98
N CYS A 740 -14.30 -9.26 -2.21
CA CYS A 740 -14.29 -9.80 -3.56
C CYS A 740 -15.64 -10.37 -3.98
N GLY A 741 -16.73 -9.62 -3.78
CA GLY A 741 -18.06 -10.12 -4.04
C GLY A 741 -18.31 -10.71 -5.42
N ASP A 742 -18.75 -11.98 -5.39
CA ASP A 742 -19.09 -12.78 -6.56
C ASP A 742 -17.95 -12.87 -7.58
N SER A 743 -16.71 -12.92 -7.10
CA SER A 743 -15.56 -13.00 -7.99
C SER A 743 -14.57 -14.05 -7.51
N THR A 744 -14.43 -15.12 -8.30
CA THR A 744 -13.50 -16.19 -7.95
C THR A 744 -12.06 -15.72 -8.07
N GLU A 745 -11.76 -14.95 -9.13
CA GLU A 745 -10.41 -14.45 -9.37
C GLU A 745 -9.98 -13.50 -8.26
N CYS A 746 -10.91 -12.65 -7.81
CA CYS A 746 -10.58 -11.73 -6.72
C CYS A 746 -10.38 -12.53 -5.43
N SER A 747 -11.25 -13.53 -5.18
CA SER A 747 -11.11 -14.34 -3.98
C SER A 747 -9.76 -15.04 -3.95
N ASN A 748 -9.30 -15.52 -5.12
CA ASN A 748 -8.00 -16.17 -5.19
C ASN A 748 -6.89 -15.17 -4.90
N LEU A 749 -7.02 -13.93 -5.41
CA LEU A 749 -6.03 -12.92 -5.06
C LEU A 749 -6.08 -12.60 -3.56
N LEU A 750 -7.26 -12.60 -2.96
CA LEU A 750 -7.34 -12.24 -1.52
C LEU A 750 -6.65 -13.35 -0.72
N LEU A 751 -6.69 -14.59 -1.21
CA LEU A 751 -6.12 -15.67 -0.42
C LEU A 751 -4.63 -15.49 -0.18
N GLN A 752 -3.99 -14.57 -0.90
CA GLN A 752 -2.57 -14.30 -0.79
C GLN A 752 -2.26 -13.49 0.47
N TYR A 753 -3.28 -12.99 1.17
CA TYR A 753 -3.17 -12.23 2.40
C TYR A 753 -3.50 -13.07 3.63
N GLY A 754 -3.59 -14.38 3.47
CA GLY A 754 -3.77 -15.31 4.57
C GLY A 754 -5.06 -15.21 5.37
N SER A 755 -4.92 -15.09 6.70
CA SER A 755 -6.04 -15.11 7.64
C SER A 755 -6.59 -13.76 8.11
N PHE A 756 -6.20 -12.63 7.50
CA PHE A 756 -6.67 -11.32 8.01
C PHE A 756 -8.20 -11.39 7.89
N CYS A 757 -8.65 -11.99 6.79
CA CYS A 757 -10.09 -12.24 6.62
C CYS A 757 -10.85 -13.22 7.66
N THR A 758 -10.03 -14.20 8.06
CA THR A 758 -10.46 -15.06 9.20
C THR A 758 -10.38 -14.64 10.67
N GLN A 759 -9.53 -13.67 11.00
CA GLN A 759 -9.49 -13.19 12.37
C GLN A 759 -10.48 -12.04 12.55
N LEU A 760 -10.82 -11.32 11.47
CA LEU A 760 -11.84 -10.29 11.58
C LEU A 760 -13.23 -10.90 11.77
N ASN A 761 -13.51 -11.97 11.01
CA ASN A 761 -14.81 -12.66 11.13
C ASN A 761 -14.89 -13.36 12.49
N ARG A 762 -13.77 -13.86 12.99
CA ARG A 762 -13.75 -14.49 14.31
C ARG A 762 -14.06 -13.46 15.37
N ALA A 763 -13.48 -12.25 15.24
CA ALA A 763 -13.75 -11.19 16.18
C ALA A 763 -15.23 -10.79 16.16
N LEU A 764 -15.82 -10.72 14.96
CA LEU A 764 -17.24 -10.34 14.90
C LEU A 764 -18.16 -11.46 15.40
N THR A 765 -17.79 -12.73 15.20
CA THR A 765 -18.57 -13.83 15.76
C THR A 765 -18.51 -13.75 17.27
N GLY A 766 -17.32 -13.46 17.80
CA GLY A 766 -17.14 -13.28 19.22
C GLY A 766 -18.00 -12.15 19.75
N ILE A 767 -18.14 -11.08 18.96
CA ILE A 767 -19.01 -9.97 19.35
C ILE A 767 -20.45 -10.42 19.47
N ALA A 768 -20.95 -11.15 18.47
CA ALA A 768 -22.34 -11.64 18.52
C ALA A 768 -22.58 -12.53 19.75
N VAL A 769 -21.62 -13.40 20.04
CA VAL A 769 -21.71 -14.29 21.20
C VAL A 769 -21.68 -13.46 22.48
N GLU A 770 -20.80 -12.44 22.51
CA GLU A 770 -20.69 -11.53 23.63
C GLU A 770 -22.02 -10.81 23.89
N GLN A 771 -22.73 -10.44 22.83
CA GLN A 771 -23.99 -9.73 23.00
C GLN A 771 -25.07 -10.65 23.56
N ASP A 772 -25.03 -11.92 23.18
CA ASP A 772 -26.00 -12.85 23.75
C ASP A 772 -25.66 -13.12 25.21
N LYS A 773 -24.37 -13.18 25.53
CA LYS A 773 -23.96 -13.35 26.92
C LYS A 773 -24.39 -12.16 27.77
N ASN A 774 -24.25 -10.94 27.23
CA ASN A 774 -24.67 -9.75 27.96
C ASN A 774 -26.16 -9.81 28.27
N THR A 775 -26.95 -10.23 27.28
CA THR A 775 -28.39 -10.36 27.48
C THR A 775 -28.87 -11.27 28.60
N GLN A 776 -28.28 -12.48 28.68
CA GLN A 776 -28.64 -13.43 29.74
C GLN A 776 -28.09 -13.14 31.16
N GLU A 777 -27.00 -12.39 31.17
CA GLU A 777 -26.41 -11.91 32.41
C GLU A 777 -27.36 -10.82 32.90
N VAL A 778 -27.94 -10.03 32.00
CA VAL A 778 -28.84 -8.98 32.47
C VAL A 778 -30.20 -9.55 32.84
N PHE A 779 -30.79 -10.38 31.98
CA PHE A 779 -32.16 -10.83 32.23
C PHE A 779 -32.31 -12.21 32.84
N ALA A 780 -31.44 -13.18 32.56
CA ALA A 780 -31.65 -14.54 33.07
C ALA A 780 -31.06 -14.74 34.47
N GLN A 781 -31.55 -13.95 35.42
CA GLN A 781 -31.07 -14.04 36.79
C GLN A 781 -32.06 -14.74 37.72
N VAL A 782 -33.19 -15.21 37.20
CA VAL A 782 -34.23 -15.87 37.99
C VAL A 782 -34.39 -17.37 37.71
N LYS A 783 -34.40 -18.18 38.76
CA LYS A 783 -34.58 -19.62 38.54
C LYS A 783 -35.86 -19.99 37.76
N GLN A 784 -36.98 -19.49 38.28
CA GLN A 784 -38.30 -19.72 37.71
C GLN A 784 -39.07 -18.51 37.20
N ILE A 785 -40.11 -18.78 36.41
CA ILE A 785 -41.01 -17.73 35.92
C ILE A 785 -42.15 -17.58 36.91
N TYR A 786 -42.12 -16.52 37.71
CA TYR A 786 -43.11 -16.31 38.75
C TYR A 786 -44.34 -15.63 38.17
N LYS A 787 -45.51 -15.97 38.72
CA LYS A 787 -46.74 -15.33 38.28
C LYS A 787 -47.52 -14.75 39.46
N THR A 788 -48.21 -13.66 39.19
CA THR A 788 -49.10 -13.00 40.13
C THR A 788 -50.43 -13.74 40.22
N PRO A 789 -51.19 -13.55 41.30
CA PRO A 789 -52.50 -14.18 41.39
C PRO A 789 -53.49 -13.51 40.45
N PRO A 790 -54.57 -14.22 40.07
CA PRO A 790 -55.67 -13.59 39.32
C PRO A 790 -56.26 -12.35 39.98
N ILE A 791 -56.29 -12.27 41.30
CA ILE A 791 -56.83 -11.11 42.00
C ILE A 791 -55.64 -10.26 42.42
N LYS A 792 -55.47 -9.14 41.72
CA LYS A 792 -54.30 -8.28 41.92
C LYS A 792 -54.57 -7.26 43.03
N ASP A 793 -54.72 -7.80 44.24
CA ASP A 793 -54.91 -6.98 45.43
C ASP A 793 -53.52 -6.86 46.04
N PHE A 794 -52.79 -5.82 45.66
CA PHE A 794 -51.44 -5.61 46.22
C PHE A 794 -51.49 -4.48 47.26
N GLY A 795 -52.42 -4.57 48.21
CA GLY A 795 -52.50 -3.60 49.31
C GLY A 795 -52.69 -2.16 48.87
N GLY A 796 -53.47 -1.93 47.81
CA GLY A 796 -53.79 -0.54 47.40
C GLY A 796 -52.74 0.08 46.51
N PHE A 797 -51.72 -0.69 46.11
CA PHE A 797 -50.66 -0.17 45.21
C PHE A 797 -50.94 -0.66 43.79
N ASN A 798 -51.31 0.25 42.89
CA ASN A 798 -51.60 -0.12 41.47
C ASN A 798 -50.29 -0.51 40.78
N PHE A 799 -50.33 -1.56 39.95
CA PHE A 799 -49.12 -1.97 39.18
C PHE A 799 -49.53 -2.32 37.76
N SER A 800 -50.80 -2.11 37.43
CA SER A 800 -51.30 -2.49 36.07
C SER A 800 -50.45 -1.76 35.05
N GLN A 801 -49.70 -0.75 35.48
CA GLN A 801 -48.80 0.03 34.60
C GLN A 801 -47.48 -0.70 34.31
N ILE A 802 -46.89 -1.42 35.26
CA ILE A 802 -45.54 -2.06 35.04
C ILE A 802 -45.67 -3.56 34.83
N LEU A 803 -46.79 -4.16 35.27
CA LEU A 803 -47.02 -5.62 35.19
C LEU A 803 -47.71 -5.94 33.87
N PRO A 804 -47.52 -7.12 33.26
CA PRO A 804 -48.09 -7.42 31.94
C PRO A 804 -49.61 -7.35 31.83
N ASP A 805 -50.11 -6.81 30.71
CA ASP A 805 -51.58 -6.80 30.49
C ASP A 805 -51.93 -7.94 29.54
N PRO A 806 -52.80 -8.89 29.94
CA PRO A 806 -53.12 -10.06 29.12
C PRO A 806 -53.82 -9.68 27.80
N SER A 807 -54.68 -8.66 27.81
CA SER A 807 -55.48 -8.35 26.60
C SER A 807 -54.73 -8.02 25.31
N LYS A 808 -53.76 -7.10 25.35
CA LYS A 808 -52.94 -6.92 24.11
C LYS A 808 -52.05 -8.16 23.96
N PRO A 809 -51.81 -8.71 22.76
CA PRO A 809 -50.94 -9.89 22.59
C PRO A 809 -49.66 -10.06 23.41
N SER A 810 -48.61 -9.30 23.10
CA SER A 810 -47.36 -9.33 23.84
C SER A 810 -47.65 -8.92 25.27
N LYS A 811 -47.28 -9.79 26.22
CA LYS A 811 -47.63 -9.59 27.63
C LYS A 811 -46.61 -8.65 28.26
N ARG A 812 -46.65 -7.42 27.76
CA ARG A 812 -45.85 -6.29 28.16
C ARG A 812 -46.69 -5.37 29.04
N SER A 813 -46.02 -4.48 29.74
CA SER A 813 -46.81 -3.54 30.52
C SER A 813 -47.22 -2.40 29.60
N PRO A 814 -48.11 -1.54 30.07
CA PRO A 814 -48.53 -0.40 29.26
C PRO A 814 -47.32 0.51 28.98
N ILE A 815 -46.53 0.81 30.02
CA ILE A 815 -45.32 1.60 29.82
C ILE A 815 -44.34 0.87 28.89
N GLU A 816 -44.18 -0.45 29.05
CA GLU A 816 -43.29 -1.19 28.15
C GLU A 816 -43.75 -1.12 26.69
N ASP A 817 -45.07 -1.24 26.46
CA ASP A 817 -45.61 -1.09 25.12
C ASP A 817 -45.34 0.32 24.61
N LEU A 818 -45.40 1.29 25.52
CA LEU A 818 -45.10 2.69 25.18
C LEU A 818 -43.64 2.85 24.77
N LEU A 819 -42.75 2.22 25.51
CA LEU A 819 -41.32 2.31 25.25
C LEU A 819 -40.96 1.66 23.91
N PHE A 820 -41.61 0.53 23.61
CA PHE A 820 -41.31 -0.16 22.36
C PHE A 820 -41.88 0.64 21.20
N ASN A 821 -43.05 1.27 21.37
CA ASN A 821 -43.61 2.05 20.29
C ASN A 821 -42.77 3.30 20.04
N LYS A 822 -42.20 3.88 21.10
CA LYS A 822 -41.34 5.06 20.91
C LYS A 822 -40.03 4.66 20.24
N VAL A 823 -39.43 3.54 20.65
CA VAL A 823 -38.19 3.07 20.05
C VAL A 823 -38.36 1.67 19.48
N LEU A 846 -31.73 -1.31 2.42
CA LEU A 846 -30.33 -1.41 2.82
C LEU A 846 -29.91 -2.80 3.27
N ILE A 847 -30.74 -3.49 4.07
CA ILE A 847 -30.36 -4.81 4.57
C ILE A 847 -30.18 -5.75 3.40
N CYS A 848 -30.94 -5.54 2.33
CA CYS A 848 -30.70 -6.31 1.11
C CYS A 848 -29.40 -5.85 0.48
N ALA A 849 -29.23 -4.52 0.36
CA ALA A 849 -28.03 -3.92 -0.22
C ALA A 849 -26.78 -4.31 0.57
N GLN A 850 -26.92 -4.40 1.89
CA GLN A 850 -25.80 -4.80 2.74
C GLN A 850 -25.53 -6.28 2.56
N LYS A 851 -26.59 -7.09 2.66
CA LYS A 851 -26.49 -8.54 2.56
C LYS A 851 -25.79 -8.91 1.27
N PHE A 852 -26.09 -8.18 0.19
CA PHE A 852 -25.56 -8.45 -1.15
C PHE A 852 -24.04 -8.34 -1.18
N ASN A 853 -23.43 -7.72 -0.17
CA ASN A 853 -21.99 -7.70 -0.07
C ASN A 853 -21.52 -8.58 1.08
N GLY A 854 -22.40 -9.42 1.60
CA GLY A 854 -22.05 -10.35 2.65
C GLY A 854 -22.02 -9.82 4.07
N LEU A 855 -22.74 -8.74 4.36
CA LEU A 855 -22.68 -8.21 5.73
C LEU A 855 -24.12 -8.37 6.22
N THR A 856 -24.39 -9.52 6.81
CA THR A 856 -25.72 -9.91 7.26
C THR A 856 -25.87 -9.62 8.76
N VAL A 857 -27.13 -9.66 9.19
CA VAL A 857 -27.50 -9.47 10.59
C VAL A 857 -28.24 -10.69 11.08
N LEU A 858 -27.78 -11.24 12.20
CA LEU A 858 -28.22 -12.42 12.94
C LEU A 858 -29.29 -12.02 13.93
N PRO A 859 -30.33 -12.84 14.10
CA PRO A 859 -31.37 -12.54 15.07
C PRO A 859 -30.86 -12.73 16.49
N PRO A 860 -31.34 -11.93 17.45
CA PRO A 860 -31.04 -12.21 18.85
C PRO A 860 -31.57 -13.57 19.26
N LEU A 861 -30.87 -14.21 20.19
CA LEU A 861 -31.35 -15.48 20.71
C LEU A 861 -32.65 -15.33 21.48
N LEU A 862 -32.78 -14.28 22.27
CA LEU A 862 -33.98 -14.03 23.06
C LEU A 862 -34.87 -12.98 22.42
N THR A 863 -36.08 -13.38 22.04
CA THR A 863 -37.06 -12.53 21.41
C THR A 863 -37.69 -11.63 22.47
N ASP A 864 -38.41 -10.61 21.98
CA ASP A 864 -39.09 -9.68 22.85
C ASP A 864 -40.10 -10.37 23.77
N GLU A 865 -40.76 -11.45 23.31
CA GLU A 865 -41.67 -12.15 24.19
C GLU A 865 -40.97 -12.85 25.35
N MET A 866 -39.75 -13.36 25.16
CA MET A 866 -39.07 -13.99 26.30
C MET A 866 -38.45 -12.94 27.19
N ILE A 867 -38.07 -11.80 26.62
CA ILE A 867 -37.57 -10.72 27.45
C ILE A 867 -38.70 -10.20 28.32
N ALA A 868 -39.90 -10.09 27.73
CA ALA A 868 -41.09 -9.70 28.48
C ALA A 868 -41.39 -10.73 29.57
N GLN A 869 -41.22 -12.02 29.28
CA GLN A 869 -41.43 -13.04 30.31
C GLN A 869 -40.41 -12.94 31.44
N TYR A 870 -39.14 -12.64 31.12
CA TYR A 870 -38.16 -12.44 32.18
C TYR A 870 -38.48 -11.21 33.03
N THR A 871 -38.86 -10.11 32.39
CA THR A 871 -39.17 -8.91 33.18
C THR A 871 -40.45 -9.09 33.98
N SER A 872 -41.41 -9.85 33.42
CA SER A 872 -42.63 -10.18 34.14
C SER A 872 -42.35 -11.05 35.34
N ALA A 873 -41.48 -12.06 35.17
CA ALA A 873 -41.11 -12.93 36.28
C ALA A 873 -40.37 -12.17 37.37
N LEU A 874 -39.43 -11.30 36.97
CA LEU A 874 -38.67 -10.54 37.97
C LEU A 874 -39.56 -9.56 38.71
N LEU A 875 -40.46 -8.87 38.01
CA LEU A 875 -41.34 -7.92 38.66
C LEU A 875 -42.37 -8.62 39.54
N ALA A 876 -42.95 -9.72 39.04
CA ALA A 876 -43.90 -10.48 39.83
C ALA A 876 -43.23 -11.03 41.08
N GLY A 877 -41.97 -11.46 40.94
CA GLY A 877 -41.22 -11.92 42.10
C GLY A 877 -41.00 -10.82 43.11
N THR A 878 -40.55 -9.66 42.65
CA THR A 878 -40.34 -8.53 43.56
C THR A 878 -41.62 -8.16 44.30
N ILE A 879 -42.75 -8.13 43.58
CA ILE A 879 -44.01 -7.69 44.18
C ILE A 879 -44.53 -8.72 45.18
N THR A 880 -44.43 -10.01 44.86
CA THR A 880 -45.02 -11.00 45.74
C THR A 880 -44.04 -11.56 46.77
N SER A 881 -42.73 -11.37 46.60
CA SER A 881 -41.75 -11.96 47.50
C SER A 881 -40.67 -11.04 48.05
N GLY A 882 -40.69 -9.73 47.76
CA GLY A 882 -39.59 -8.87 48.19
C GLY A 882 -38.28 -9.34 47.58
N TRP A 883 -37.27 -9.50 48.42
CA TRP A 883 -35.96 -9.94 47.96
C TRP A 883 -35.72 -11.43 48.16
N THR A 884 -36.70 -12.15 48.73
CA THR A 884 -36.47 -13.55 49.08
C THR A 884 -36.37 -14.46 47.86
N PHE A 885 -36.97 -14.09 46.74
CA PHE A 885 -36.90 -14.94 45.56
C PHE A 885 -35.50 -14.93 44.94
N GLY A 886 -34.68 -13.94 45.28
CA GLY A 886 -33.35 -13.78 44.75
C GLY A 886 -32.25 -14.45 45.55
N ALA A 887 -32.58 -15.05 46.69
CA ALA A 887 -31.59 -15.69 47.55
C ALA A 887 -31.97 -17.11 47.93
N GLY A 888 -32.84 -17.75 47.17
CA GLY A 888 -33.33 -19.08 47.50
C GLY A 888 -34.79 -19.23 47.12
N PRO A 889 -35.55 -20.07 47.83
CA PRO A 889 -36.96 -20.21 47.51
C PRO A 889 -37.69 -18.91 47.81
N ALA A 890 -38.68 -18.59 46.98
CA ALA A 890 -39.46 -17.39 47.22
C ALA A 890 -40.43 -17.56 48.38
N LEU A 891 -40.33 -16.69 49.36
CA LEU A 891 -41.34 -16.61 50.40
C LEU A 891 -42.45 -15.70 49.91
N GLN A 892 -43.68 -15.98 50.29
CA GLN A 892 -44.71 -14.98 50.07
C GLN A 892 -44.70 -14.00 51.24
N ILE A 893 -45.02 -12.74 50.95
CA ILE A 893 -45.19 -11.68 51.96
C ILE A 893 -46.19 -10.67 51.41
N PRO A 894 -47.10 -10.17 52.23
CA PRO A 894 -47.97 -9.05 51.81
C PRO A 894 -47.15 -7.84 51.40
N PHE A 895 -47.63 -7.14 50.35
CA PHE A 895 -46.88 -6.01 49.81
C PHE A 895 -46.70 -4.91 50.84
N PRO A 896 -47.71 -4.66 51.68
CA PRO A 896 -47.57 -3.63 52.71
C PRO A 896 -46.48 -4.01 53.70
N MET A 897 -46.35 -5.30 54.02
CA MET A 897 -45.30 -5.72 54.94
C MET A 897 -43.94 -5.62 54.27
N GLN A 898 -43.89 -5.91 52.97
CA GLN A 898 -42.67 -5.72 52.19
C GLN A 898 -42.24 -4.26 52.25
N MET A 899 -43.23 -3.37 52.13
CA MET A 899 -42.97 -1.94 52.22
C MET A 899 -42.43 -1.61 53.60
N ALA A 900 -42.93 -2.30 54.62
CA ALA A 900 -42.46 -2.10 55.99
C ALA A 900 -41.00 -2.51 56.12
N TYR A 901 -40.60 -3.58 55.43
CA TYR A 901 -39.20 -4.00 55.50
C TYR A 901 -38.32 -2.97 54.83
N ARG A 902 -38.79 -2.44 53.69
CA ARG A 902 -38.01 -1.46 52.96
C ARG A 902 -37.89 -0.13 53.71
N PHE A 903 -38.95 0.26 54.44
CA PHE A 903 -38.88 1.43 55.29
C PHE A 903 -37.92 1.22 56.45
N ASN A 904 -37.94 0.02 57.06
CA ASN A 904 -36.97 -0.26 58.11
C ASN A 904 -35.56 -0.18 57.54
N GLY A 905 -35.38 -0.69 56.31
CA GLY A 905 -34.09 -0.66 55.67
C GLY A 905 -33.56 0.75 55.47
N ILE A 906 -34.44 1.71 55.19
CA ILE A 906 -33.98 3.07 54.97
C ILE A 906 -33.96 3.87 56.27
N GLY A 907 -34.16 3.22 57.41
CA GLY A 907 -34.08 3.92 58.67
C GLY A 907 -35.35 4.63 59.09
N VAL A 908 -36.50 4.18 58.60
CA VAL A 908 -37.78 4.77 58.95
C VAL A 908 -38.61 3.68 59.61
N THR A 909 -39.23 4.02 60.73
CA THR A 909 -39.92 3.00 61.50
C THR A 909 -41.17 2.54 60.73
N GLN A 910 -41.66 1.34 61.07
CA GLN A 910 -42.79 0.73 60.36
C GLN A 910 -44.06 1.54 60.52
N ASN A 911 -44.20 2.23 61.65
CA ASN A 911 -45.42 2.98 61.94
C ASN A 911 -45.64 4.16 61.01
N VAL A 912 -44.59 4.69 60.38
CA VAL A 912 -44.79 5.81 59.47
C VAL A 912 -45.57 5.30 58.27
N LEU A 913 -45.16 4.12 57.79
CA LEU A 913 -45.83 3.42 56.71
C LEU A 913 -47.26 3.06 57.07
N TYR A 914 -47.46 2.42 58.23
CA TYR A 914 -48.82 1.94 58.44
C TYR A 914 -49.77 3.10 58.70
N GLU A 915 -49.34 4.11 59.45
CA GLU A 915 -50.20 5.27 59.69
C GLU A 915 -50.47 6.06 58.41
N ASN A 916 -49.51 6.10 57.47
CA ASN A 916 -49.70 6.84 56.22
C ASN A 916 -49.85 5.95 54.97
N GLN A 917 -50.29 4.69 55.13
CA GLN A 917 -50.37 3.73 54.01
C GLN A 917 -51.19 4.25 52.84
N LYS A 918 -52.27 4.98 53.12
CA LYS A 918 -53.11 5.48 52.03
C LYS A 918 -52.43 6.58 51.24
N LEU A 919 -51.79 7.51 51.95
CA LEU A 919 -51.04 8.59 51.30
C LEU A 919 -49.88 8.02 50.48
N ILE A 920 -49.19 7.02 51.03
CA ILE A 920 -48.05 6.42 50.35
C ILE A 920 -48.53 5.74 49.08
N ALA A 921 -49.64 5.00 49.15
CA ALA A 921 -50.19 4.36 47.96
C ALA A 921 -50.63 5.39 46.92
N ASN A 922 -51.25 6.49 47.36
CA ASN A 922 -51.68 7.51 46.41
C ASN A 922 -50.49 8.23 45.78
N GLN A 923 -49.46 8.53 46.57
CA GLN A 923 -48.27 9.21 46.05
C GLN A 923 -47.55 8.30 45.07
N PHE A 924 -47.52 7.01 45.37
CA PHE A 924 -46.90 6.02 44.48
C PHE A 924 -47.66 6.00 43.16
N ASN A 925 -49.00 6.00 43.23
CA ASN A 925 -49.81 5.97 42.02
C ASN A 925 -49.60 7.17 41.13
N SER A 926 -49.45 8.35 41.75
CA SER A 926 -49.20 9.57 40.99
C SER A 926 -47.81 9.56 40.35
N ALA A 927 -46.82 9.05 41.10
CA ALA A 927 -45.45 8.95 40.58
C ALA A 927 -45.44 8.02 39.37
N ILE A 928 -46.19 6.91 39.43
CA ILE A 928 -46.26 6.00 38.28
C ILE A 928 -46.91 6.70 37.09
N GLY A 929 -48.02 7.42 37.34
CA GLY A 929 -48.64 8.18 36.27
C GLY A 929 -47.71 9.24 35.69
N LYS A 930 -46.89 9.85 36.55
CA LYS A 930 -45.93 10.84 36.10
C LYS A 930 -44.87 10.21 35.21
N ILE A 931 -44.46 8.97 35.53
CA ILE A 931 -43.48 8.29 34.68
C ILE A 931 -44.08 8.00 33.31
N GLN A 932 -45.32 7.50 33.29
CA GLN A 932 -46.00 7.23 32.02
C GLN A 932 -46.10 8.48 31.17
N ASP A 933 -46.48 9.61 31.80
CA ASP A 933 -46.63 10.85 31.05
C ASP A 933 -45.29 11.41 30.59
N SER A 934 -44.26 11.32 31.45
CA SER A 934 -42.94 11.83 31.07
C SER A 934 -42.38 11.05 29.90
N LEU A 935 -42.50 9.72 29.91
CA LEU A 935 -41.99 8.92 28.80
C LEU A 935 -42.81 9.15 27.54
N SER A 936 -44.14 9.28 27.68
CA SER A 936 -44.99 9.53 26.51
C SER A 936 -44.71 10.89 25.90
N SER A 937 -44.40 11.89 26.72
CA SER A 937 -44.19 13.26 26.25
C SER A 937 -42.80 13.50 25.69
N THR A 938 -41.75 13.15 26.44
CA THR A 938 -40.40 13.57 26.09
C THR A 938 -39.74 12.52 25.19
N PRO A 939 -39.56 12.87 23.91
CA PRO A 939 -38.98 11.97 22.93
C PRO A 939 -37.53 11.64 23.24
N SER A 940 -36.79 12.59 23.83
CA SER A 940 -35.37 12.43 24.08
C SER A 940 -35.07 11.56 25.30
N ALA A 941 -36.10 11.11 26.02
CA ALA A 941 -35.91 10.35 27.25
C ALA A 941 -35.11 9.07 27.02
N LEU A 942 -35.24 8.46 25.85
CA LEU A 942 -34.56 7.21 25.53
C LEU A 942 -33.34 7.43 24.65
N GLY A 943 -32.77 8.64 24.75
CA GLY A 943 -31.57 8.99 23.99
C GLY A 943 -30.42 8.02 24.18
N LYS A 944 -30.31 7.43 25.38
CA LYS A 944 -29.24 6.47 25.65
C LYS A 944 -29.34 5.23 24.77
N LEU A 945 -30.55 4.81 24.40
CA LEU A 945 -30.66 3.67 23.50
C LEU A 945 -30.64 4.10 22.05
N GLN A 946 -31.23 5.28 21.78
CA GLN A 946 -31.30 5.77 20.41
C GLN A 946 -29.92 6.12 19.88
N ASP A 947 -29.02 6.65 20.73
CA ASP A 947 -27.68 6.96 20.26
C ASP A 947 -26.91 5.70 19.89
N VAL A 948 -27.14 4.60 20.60
CA VAL A 948 -26.48 3.34 20.27
C VAL A 948 -27.00 2.81 18.94
N VAL A 949 -28.32 2.87 18.74
CA VAL A 949 -28.90 2.44 17.47
C VAL A 949 -28.37 3.29 16.33
N ASN A 950 -28.26 4.60 16.56
CA ASN A 950 -27.76 5.52 15.53
C ASN A 950 -26.28 5.27 15.25
N GLN A 951 -25.49 4.99 16.28
CA GLN A 951 -24.06 4.73 16.06
C GLN A 951 -23.87 3.46 15.25
N ASN A 952 -24.69 2.44 15.48
CA ASN A 952 -24.53 1.22 14.69
C ASN A 952 -25.03 1.43 13.26
N ALA A 953 -26.10 2.22 13.10
CA ALA A 953 -26.59 2.54 11.76
C ALA A 953 -25.56 3.34 10.98
N GLN A 954 -24.91 4.30 11.65
CA GLN A 954 -23.88 5.09 11.00
C GLN A 954 -22.65 4.25 10.67
N ALA A 955 -22.26 3.34 11.58
CA ALA A 955 -21.10 2.49 11.34
C ALA A 955 -21.32 1.61 10.11
N LEU A 956 -22.54 1.06 9.99
CA LEU A 956 -22.85 0.19 8.85
C LEU A 956 -23.02 1.02 7.58
N ASN A 957 -23.63 2.20 7.68
CA ASN A 957 -23.81 3.02 6.49
C ASN A 957 -22.46 3.53 5.98
N THR A 958 -21.55 3.86 6.89
CA THR A 958 -20.22 4.31 6.49
C THR A 958 -19.44 3.16 5.86
N LEU A 959 -19.48 1.97 6.48
CA LEU A 959 -18.76 0.82 5.94
C LEU A 959 -19.25 0.47 4.55
N VAL A 960 -20.57 0.47 4.37
CA VAL A 960 -21.17 0.16 3.08
C VAL A 960 -20.84 1.25 2.05
N LYS A 961 -20.92 2.53 2.46
CA LYS A 961 -20.58 3.63 1.57
C LYS A 961 -19.11 3.60 1.14
N GLN A 962 -18.23 3.00 1.94
CA GLN A 962 -16.83 2.87 1.55
C GLN A 962 -16.64 2.00 0.32
N LEU A 963 -17.64 1.19 -0.03
CA LEU A 963 -17.58 0.36 -1.22
C LEU A 963 -17.73 1.18 -2.49
N SER A 964 -18.18 2.42 -2.39
CA SER A 964 -18.31 3.32 -3.53
C SER A 964 -17.05 4.14 -3.75
N SER A 965 -16.05 3.95 -2.90
CA SER A 965 -14.78 4.65 -2.97
C SER A 965 -13.88 3.93 -3.97
N ASN A 966 -13.06 4.69 -4.67
CA ASN A 966 -12.18 4.11 -5.68
C ASN A 966 -10.92 3.52 -5.05
N PHE A 967 -10.43 4.12 -3.97
CA PHE A 967 -9.20 3.73 -3.27
C PHE A 967 -7.98 3.73 -4.18
N GLY A 968 -8.04 4.53 -5.24
CA GLY A 968 -6.96 4.65 -6.19
C GLY A 968 -7.17 3.87 -7.47
N ALA A 969 -8.17 3.00 -7.52
CA ALA A 969 -8.48 2.22 -8.71
C ALA A 969 -9.17 3.11 -9.74
N ILE A 970 -9.13 2.67 -11.00
CA ILE A 970 -9.84 3.38 -12.05
C ILE A 970 -11.36 3.32 -11.88
N SER A 971 -11.87 2.36 -11.11
CA SER A 971 -13.31 2.25 -10.89
C SER A 971 -13.56 1.47 -9.60
N SER A 972 -14.61 1.87 -8.88
CA SER A 972 -15.09 1.23 -7.67
C SER A 972 -15.84 -0.08 -7.91
N VAL A 973 -16.25 -0.40 -9.13
CA VAL A 973 -17.06 -1.57 -9.40
C VAL A 973 -16.16 -2.74 -9.81
N LEU A 974 -16.21 -3.81 -9.01
CA LEU A 974 -15.37 -4.97 -9.23
C LEU A 974 -15.72 -5.66 -10.55
N ASN A 975 -17.00 -5.68 -10.89
CA ASN A 975 -17.43 -6.28 -12.14
C ASN A 975 -16.94 -5.45 -13.32
N ASP A 976 -16.84 -4.14 -13.15
CA ASP A 976 -16.38 -3.29 -14.24
C ASP A 976 -14.87 -3.43 -14.42
N ILE A 977 -14.14 -3.58 -13.31
CA ILE A 977 -12.69 -3.77 -13.42
C ILE A 977 -12.40 -5.08 -14.14
N LEU A 978 -13.11 -6.15 -13.75
CA LEU A 978 -12.87 -7.45 -14.38
C LEU A 978 -13.38 -7.48 -15.81
N SER A 979 -14.35 -6.64 -16.14
CA SER A 979 -14.93 -6.69 -17.50
C SER A 979 -14.07 -5.88 -18.47
N ARG A 980 -13.22 -4.98 -17.97
CA ARG A 980 -12.46 -4.10 -18.89
C ARG A 980 -10.98 -4.44 -18.91
N LEU A 981 -10.44 -5.05 -17.85
CA LEU A 981 -8.96 -5.25 -17.82
C LEU A 981 -8.63 -6.74 -17.82
N ASP A 982 -7.61 -7.15 -18.57
CA ASP A 982 -7.18 -8.58 -18.62
C ASP A 982 -6.43 -8.87 -17.33
N PRO A 983 -6.25 -10.14 -16.92
CA PRO A 983 -5.62 -10.45 -15.64
C PRO A 983 -4.25 -9.87 -15.26
N PRO A 984 -3.24 -9.69 -16.14
CA PRO A 984 -1.97 -9.11 -15.71
C PRO A 984 -2.07 -7.71 -15.09
N GLU A 985 -2.88 -6.81 -15.65
CA GLU A 985 -3.08 -5.45 -15.06
C GLU A 985 -4.18 -5.52 -14.00
N ALA A 986 -5.32 -6.12 -14.31
CA ALA A 986 -6.40 -6.34 -13.37
C ALA A 986 -5.82 -6.69 -12.00
N GLU A 987 -4.70 -7.41 -11.95
CA GLU A 987 -4.15 -7.79 -10.66
C GLU A 987 -3.69 -6.57 -9.86
N VAL A 988 -3.12 -5.57 -10.51
CA VAL A 988 -2.69 -4.36 -9.80
C VAL A 988 -3.91 -3.55 -9.37
N GLN A 989 -4.90 -3.37 -10.26
CA GLN A 989 -6.07 -2.56 -9.87
C GLN A 989 -6.89 -3.25 -8.79
N ILE A 990 -6.99 -4.58 -8.85
CA ILE A 990 -7.73 -5.29 -7.83
C ILE A 990 -6.98 -5.25 -6.51
N ASP A 991 -5.64 -5.42 -6.54
CA ASP A 991 -4.83 -5.31 -5.32
C ASP A 991 -5.03 -3.96 -4.65
N ARG A 992 -5.18 -2.90 -5.45
CA ARG A 992 -5.41 -1.56 -4.91
C ARG A 992 -6.78 -1.52 -4.21
N LEU A 993 -7.77 -2.16 -4.84
CA LEU A 993 -9.11 -2.22 -4.26
C LEU A 993 -9.12 -3.08 -3.00
N ILE A 994 -8.33 -4.15 -3.00
CA ILE A 994 -8.25 -5.05 -1.85
C ILE A 994 -7.68 -4.29 -0.66
N THR A 995 -6.61 -3.52 -0.90
CA THR A 995 -5.99 -2.76 0.18
C THR A 995 -6.98 -1.78 0.79
N GLY A 996 -7.70 -1.04 -0.06
CA GLY A 996 -8.65 -0.06 0.48
C GLY A 996 -9.83 -0.68 1.21
N ARG A 997 -10.40 -1.76 0.64
CA ARG A 997 -11.56 -2.39 1.26
C ARG A 997 -11.19 -3.14 2.53
N LEU A 998 -10.02 -3.78 2.54
CA LEU A 998 -9.56 -4.48 3.73
C LEU A 998 -9.25 -3.51 4.86
N GLN A 999 -8.63 -2.37 4.53
CA GLN A 999 -8.38 -1.38 5.58
C GLN A 999 -9.68 -0.83 6.14
N SER A 1000 -10.68 -0.62 5.28
CA SER A 1000 -11.96 -0.12 5.76
C SER A 1000 -12.67 -1.16 6.64
N LEU A 1001 -12.57 -2.44 6.28
CA LEU A 1001 -13.20 -3.48 7.09
C LEU A 1001 -12.50 -3.63 8.43
N GLN A 1002 -11.17 -3.54 8.44
CA GLN A 1002 -10.43 -3.60 9.70
C GLN A 1002 -10.80 -2.44 10.61
N THR A 1003 -10.98 -1.25 10.02
CA THR A 1003 -11.40 -0.09 10.81
C THR A 1003 -12.78 -0.31 11.42
N TYR A 1004 -13.70 -0.85 10.61
CA TYR A 1004 -15.05 -1.16 11.09
C TYR A 1004 -15.00 -2.13 12.26
N VAL A 1005 -14.25 -3.23 12.12
CA VAL A 1005 -14.23 -4.23 13.18
C VAL A 1005 -13.62 -3.66 14.45
N THR A 1006 -12.54 -2.87 14.31
CA THR A 1006 -11.94 -2.22 15.47
C THR A 1006 -12.93 -1.29 16.19
N GLN A 1007 -13.73 -0.54 15.40
CA GLN A 1007 -14.75 0.32 15.96
C GLN A 1007 -15.83 -0.49 16.67
N GLN A 1008 -16.16 -1.66 16.14
CA GLN A 1008 -17.16 -2.50 16.78
C GLN A 1008 -16.64 -3.14 18.05
N LEU A 1009 -15.34 -3.45 18.08
CA LEU A 1009 -14.76 -4.03 19.29
C LEU A 1009 -14.70 -3.01 20.42
N ILE A 1010 -14.36 -1.76 20.10
CA ILE A 1010 -14.32 -0.74 21.15
C ILE A 1010 -15.73 -0.38 21.61
N ARG A 1011 -16.67 -0.21 20.67
CA ARG A 1011 -18.04 0.08 21.05
C ARG A 1011 -18.64 -1.06 21.85
N ALA A 1012 -18.33 -2.30 21.47
CA ALA A 1012 -18.79 -3.47 22.20
C ALA A 1012 -18.21 -3.50 23.60
N ALA A 1013 -16.96 -3.07 23.76
CA ALA A 1013 -16.35 -3.05 25.09
C ALA A 1013 -17.09 -2.05 25.99
N GLU A 1014 -17.46 -0.89 25.43
CA GLU A 1014 -18.24 0.05 26.22
C GLU A 1014 -19.62 -0.51 26.54
N ILE A 1015 -20.24 -1.20 25.56
CA ILE A 1015 -21.53 -1.85 25.79
C ILE A 1015 -21.41 -2.93 26.87
N ARG A 1016 -20.29 -3.66 26.87
CA ARG A 1016 -20.01 -4.67 27.88
C ARG A 1016 -19.95 -4.03 29.27
N ALA A 1017 -19.30 -2.88 29.38
CA ALA A 1017 -19.23 -2.17 30.67
C ALA A 1017 -20.63 -1.74 31.09
N SER A 1018 -21.43 -1.27 30.12
CA SER A 1018 -22.81 -0.88 30.42
C SER A 1018 -23.64 -2.08 30.85
N ALA A 1019 -23.44 -3.22 30.20
CA ALA A 1019 -24.14 -4.45 30.56
C ALA A 1019 -23.77 -4.89 31.97
N ASN A 1020 -22.51 -4.71 32.36
CA ASN A 1020 -22.13 -5.06 33.72
C ASN A 1020 -22.78 -4.13 34.72
N LEU A 1021 -22.92 -2.86 34.35
CA LEU A 1021 -23.61 -1.93 35.23
C LEU A 1021 -25.09 -2.26 35.32
N ALA A 1022 -25.71 -2.59 34.18
CA ALA A 1022 -27.12 -2.96 34.17
C ALA A 1022 -27.40 -4.25 34.95
N ALA A 1023 -26.51 -5.24 34.82
CA ALA A 1023 -26.68 -6.49 35.56
C ALA A 1023 -26.47 -6.27 37.05
N THR A 1024 -25.51 -5.43 37.42
CA THR A 1024 -25.28 -5.12 38.82
C THR A 1024 -26.48 -4.39 39.40
N LYS A 1025 -27.03 -3.42 38.64
CA LYS A 1025 -28.22 -2.74 39.08
C LYS A 1025 -29.41 -3.67 39.16
N MET A 1026 -29.54 -4.61 38.22
CA MET A 1026 -30.64 -5.58 38.27
C MET A 1026 -30.58 -6.38 39.57
N SER A 1027 -29.39 -6.92 39.88
CA SER A 1027 -29.24 -7.75 41.07
C SER A 1027 -29.39 -6.95 42.35
N GLU A 1028 -28.78 -5.77 42.43
CA GLU A 1028 -28.73 -4.99 43.66
C GLU A 1028 -29.92 -4.06 43.86
N CYS A 1029 -30.61 -3.68 42.80
CA CYS A 1029 -31.71 -2.74 42.85
C CYS A 1029 -33.05 -3.43 42.74
N VAL A 1030 -33.10 -4.57 42.05
CA VAL A 1030 -34.33 -5.29 41.78
C VAL A 1030 -34.45 -6.54 42.64
N LEU A 1031 -33.37 -7.30 42.78
CA LEU A 1031 -33.37 -8.53 43.54
C LEU A 1031 -32.96 -8.33 44.98
N GLY A 1032 -33.05 -7.09 45.47
CA GLY A 1032 -32.68 -6.78 46.84
C GLY A 1032 -33.00 -5.33 47.12
N GLN A 1033 -32.45 -4.83 48.23
CA GLN A 1033 -32.60 -3.43 48.59
C GLN A 1033 -31.22 -2.88 48.91
N SER A 1034 -30.82 -1.84 48.18
CA SER A 1034 -29.48 -1.28 48.27
C SER A 1034 -29.43 -0.13 49.24
N LYS A 1035 -28.31 -0.01 49.95
CA LYS A 1035 -28.04 1.14 50.80
C LYS A 1035 -26.99 2.03 50.16
N ARG A 1036 -26.66 1.80 48.89
CA ARG A 1036 -25.67 2.59 48.20
C ARG A 1036 -26.35 3.84 47.63
N VAL A 1037 -25.91 5.00 48.10
CA VAL A 1037 -26.49 6.28 47.72
C VAL A 1037 -26.22 6.61 46.26
N ASP A 1038 -27.28 7.01 45.54
CA ASP A 1038 -27.30 7.40 44.14
C ASP A 1038 -26.88 6.31 43.17
N PHE A 1039 -26.80 5.05 43.62
CA PHE A 1039 -26.52 3.96 42.69
C PHE A 1039 -27.77 3.57 41.92
N CYS A 1040 -28.90 3.50 42.61
CA CYS A 1040 -30.17 3.05 42.07
C CYS A 1040 -31.18 4.18 42.09
N GLY A 1041 -30.82 5.34 41.55
CA GLY A 1041 -31.71 6.47 41.55
C GLY A 1041 -31.36 7.46 42.65
N LYS A 1042 -31.96 8.63 42.54
CA LYS A 1042 -31.67 9.75 43.43
C LYS A 1042 -32.63 9.71 44.62
N GLY A 1043 -32.09 9.39 45.82
CA GLY A 1043 -32.87 9.25 47.03
C GLY A 1043 -32.49 7.99 47.80
N TYR A 1044 -33.34 7.66 48.77
CA TYR A 1044 -33.20 6.47 49.60
C TYR A 1044 -33.92 5.32 48.92
N HIS A 1045 -33.20 4.26 48.61
CA HIS A 1045 -33.76 3.15 47.83
C HIS A 1045 -34.81 2.38 48.62
N LEU A 1046 -35.98 2.21 48.00
CA LEU A 1046 -37.02 1.32 48.50
C LEU A 1046 -37.07 0.04 47.67
N MET A 1047 -37.23 0.18 46.36
CA MET A 1047 -37.35 -0.95 45.44
C MET A 1047 -37.14 -0.44 44.03
N SER A 1048 -36.93 -1.37 43.10
CA SER A 1048 -36.82 -1.01 41.70
C SER A 1048 -37.60 -2.04 40.89
N PHE A 1049 -37.99 -1.64 39.68
CA PHE A 1049 -38.75 -2.46 38.75
C PHE A 1049 -38.07 -2.50 37.39
N PRO A 1050 -37.77 -3.68 36.85
CA PRO A 1050 -37.21 -3.76 35.50
C PRO A 1050 -38.30 -3.57 34.47
N GLN A 1051 -37.93 -2.99 33.33
CA GLN A 1051 -38.84 -2.94 32.20
C GLN A 1051 -38.08 -3.28 30.93
N SER A 1052 -38.72 -4.05 30.05
CA SER A 1052 -38.10 -4.38 28.78
C SER A 1052 -38.06 -3.16 27.86
N ALA A 1053 -36.98 -3.03 27.10
CA ALA A 1053 -36.85 -1.99 26.10
C ALA A 1053 -36.09 -2.55 24.92
N PRO A 1054 -36.24 -1.93 23.72
CA PRO A 1054 -35.43 -2.36 22.56
C PRO A 1054 -33.93 -2.34 22.83
N HIS A 1055 -33.29 -3.51 22.72
CA HIS A 1055 -31.85 -3.68 22.93
C HIS A 1055 -31.35 -3.09 24.26
N GLY A 1056 -32.18 -3.14 25.29
CA GLY A 1056 -31.77 -2.53 26.55
C GLY A 1056 -32.78 -2.79 27.65
N VAL A 1057 -32.51 -2.18 28.80
CA VAL A 1057 -33.35 -2.32 29.98
C VAL A 1057 -33.64 -0.94 30.56
N VAL A 1058 -34.86 -0.76 31.07
CA VAL A 1058 -35.28 0.45 31.75
C VAL A 1058 -35.64 0.10 33.19
N PHE A 1059 -35.07 0.82 34.14
CA PHE A 1059 -35.33 0.62 35.55
C PHE A 1059 -36.20 1.74 36.10
N LEU A 1060 -37.25 1.38 36.82
CA LEU A 1060 -38.07 2.34 37.55
C LEU A 1060 -37.68 2.24 39.01
N HIS A 1061 -36.95 3.23 39.51
CA HIS A 1061 -36.42 3.23 40.86
C HIS A 1061 -37.36 4.00 41.77
N VAL A 1062 -37.80 3.37 42.86
CA VAL A 1062 -38.71 4.00 43.81
C VAL A 1062 -37.86 4.48 44.97
N THR A 1063 -37.83 5.80 45.20
CA THR A 1063 -36.99 6.39 46.21
C THR A 1063 -37.80 7.24 47.18
N TYR A 1064 -37.29 7.34 48.41
CA TYR A 1064 -37.85 8.18 49.46
C TYR A 1064 -37.10 9.49 49.47
N VAL A 1065 -37.82 10.61 49.35
CA VAL A 1065 -37.22 11.93 49.34
C VAL A 1065 -37.87 12.87 50.35
N PRO A 1066 -37.11 13.38 51.31
CA PRO A 1066 -37.62 14.40 52.25
C PRO A 1066 -38.19 15.63 51.57
N ALA A 1067 -39.31 16.17 52.08
CA ALA A 1067 -39.92 17.32 51.43
C ALA A 1067 -39.87 18.50 52.39
N GLN A 1068 -40.95 18.78 53.14
CA GLN A 1068 -41.04 20.01 53.92
C GLN A 1068 -39.98 20.11 55.02
N GLU A 1069 -39.58 21.34 55.26
CA GLU A 1069 -38.53 21.73 56.19
C GLU A 1069 -39.15 22.27 57.48
N LYS A 1070 -38.54 21.92 58.62
CA LYS A 1070 -38.91 22.57 59.86
C LYS A 1070 -37.68 22.54 60.74
N ASN A 1071 -37.42 23.69 61.38
CA ASN A 1071 -36.30 23.87 62.29
C ASN A 1071 -36.53 23.46 63.74
N PHE A 1072 -35.50 22.87 64.34
CA PHE A 1072 -35.50 22.48 65.74
C PHE A 1072 -34.11 22.77 66.30
N THR A 1073 -34.03 23.01 67.61
CA THR A 1073 -32.77 23.14 68.33
C THR A 1073 -32.43 21.74 68.87
N THR A 1074 -31.15 21.41 68.93
CA THR A 1074 -30.71 20.08 69.36
C THR A 1074 -29.69 20.20 70.49
N ALA A 1075 -29.30 19.04 71.02
CA ALA A 1075 -28.33 18.97 72.10
C ALA A 1075 -27.71 17.58 72.08
N PRO A 1076 -26.42 17.46 72.40
CA PRO A 1076 -25.76 16.14 72.38
C PRO A 1076 -26.13 15.15 73.47
N ALA A 1077 -26.63 15.58 74.63
CA ALA A 1077 -26.88 14.64 75.72
C ALA A 1077 -27.84 15.27 76.72
N ILE A 1078 -28.43 14.43 77.56
CA ILE A 1078 -29.26 14.92 78.66
C ILE A 1078 -28.65 14.53 80.00
N CYS A 1079 -28.54 15.51 80.91
CA CYS A 1079 -28.02 15.29 82.27
C CYS A 1079 -29.22 15.11 83.20
N HIS A 1080 -29.44 13.90 83.70
CA HIS A 1080 -30.62 13.71 84.55
C HIS A 1080 -30.27 13.72 86.03
N ASP A 1081 -29.62 12.67 86.52
CA ASP A 1081 -29.18 12.57 87.92
C ASP A 1081 -27.70 12.83 88.04
N GLY A 1082 -27.12 13.49 87.04
CA GLY A 1082 -25.70 13.72 86.94
C GLY A 1082 -25.05 12.82 85.92
N LYS A 1083 -25.79 11.83 85.43
CA LYS A 1083 -25.37 10.89 84.40
C LYS A 1083 -25.75 11.43 83.03
N ALA A 1084 -24.96 11.07 82.02
CA ALA A 1084 -25.22 11.49 80.66
C ALA A 1084 -26.05 10.42 79.93
N HIS A 1085 -27.23 10.80 79.47
CA HIS A 1085 -28.14 9.92 78.75
C HIS A 1085 -28.02 10.15 77.25
N PHE A 1086 -27.79 9.08 76.49
CA PHE A 1086 -27.70 9.27 75.05
C PHE A 1086 -28.80 8.48 74.37
N PRO A 1087 -29.33 8.97 73.24
CA PRO A 1087 -30.36 8.21 72.52
C PRO A 1087 -29.80 7.01 71.79
N ARG A 1088 -30.59 5.93 71.72
CA ARG A 1088 -30.12 4.77 70.97
C ARG A 1088 -30.37 4.96 69.48
N GLU A 1089 -31.50 5.56 69.11
CA GLU A 1089 -31.87 5.68 67.71
C GLU A 1089 -32.02 7.10 67.18
N GLY A 1090 -32.49 8.08 67.97
CA GLY A 1090 -32.72 9.35 67.30
C GLY A 1090 -31.97 10.62 67.65
N VAL A 1091 -32.66 11.75 67.47
CA VAL A 1091 -32.17 13.10 67.72
C VAL A 1091 -33.20 13.85 68.55
N PHE A 1092 -32.72 14.68 69.50
CA PHE A 1092 -33.65 15.39 70.36
C PHE A 1092 -34.24 16.64 69.70
N VAL A 1093 -35.55 16.83 69.89
CA VAL A 1093 -36.33 17.94 69.32
C VAL A 1093 -36.57 19.01 70.39
N SER A 1094 -36.45 20.28 69.99
CA SER A 1094 -36.85 21.38 70.92
C SER A 1094 -38.26 21.87 70.57
N ASN A 1095 -39.26 21.27 71.21
CA ASN A 1095 -40.55 21.93 71.45
C ASN A 1095 -40.21 23.35 71.92
N GLY A 1096 -39.52 23.41 73.05
CA GLY A 1096 -39.28 24.60 73.90
C GLY A 1096 -39.35 24.24 75.37
N THR A 1097 -40.27 23.32 75.68
CA THR A 1097 -40.69 22.97 77.05
C THR A 1097 -40.56 21.46 77.15
N HIS A 1098 -40.16 20.84 76.04
CA HIS A 1098 -40.48 19.41 75.81
C HIS A 1098 -39.44 18.79 74.88
N TRP A 1099 -38.26 18.48 75.41
CA TRP A 1099 -37.28 17.68 74.62
C TRP A 1099 -37.90 16.30 74.32
N PHE A 1100 -37.98 15.91 73.04
CA PHE A 1100 -38.43 14.56 72.70
C PHE A 1100 -37.41 13.92 71.77
N VAL A 1101 -37.48 12.60 71.61
CA VAL A 1101 -36.67 11.84 70.64
C VAL A 1101 -37.55 11.31 69.52
N THR A 1102 -37.03 11.43 68.29
CA THR A 1102 -37.72 11.07 67.06
C THR A 1102 -36.75 10.35 66.14
N GLN A 1103 -37.29 9.47 65.29
CA GLN A 1103 -36.46 8.80 64.30
C GLN A 1103 -35.88 9.85 63.35
N ARG A 1104 -34.65 9.56 62.91
CA ARG A 1104 -33.78 10.51 62.23
C ARG A 1104 -34.40 11.07 60.96
N ASN A 1105 -35.09 10.24 60.18
CA ASN A 1105 -35.57 10.67 58.87
C ASN A 1105 -37.05 11.01 58.84
N PHE A 1106 -37.74 11.09 59.98
CA PHE A 1106 -39.17 11.37 59.99
C PHE A 1106 -39.59 11.85 61.37
N TYR A 1107 -40.15 13.05 61.44
CA TYR A 1107 -40.50 13.64 62.73
C TYR A 1107 -41.63 12.87 63.40
N GLU A 1108 -41.33 12.28 64.55
CA GLU A 1108 -42.30 11.49 65.31
C GLU A 1108 -41.88 11.57 66.78
N PRO A 1109 -42.20 12.67 67.46
CA PRO A 1109 -41.69 12.88 68.82
C PRO A 1109 -42.29 11.90 69.82
N GLN A 1110 -41.43 11.38 70.69
CA GLN A 1110 -41.84 10.49 71.76
C GLN A 1110 -41.30 11.00 73.08
N ILE A 1111 -42.01 10.65 74.16
CA ILE A 1111 -41.60 11.02 75.51
C ILE A 1111 -40.26 10.38 75.87
N ILE A 1112 -39.41 11.16 76.54
CA ILE A 1112 -38.07 10.69 76.87
C ILE A 1112 -38.18 9.77 78.06
N THR A 1113 -37.78 8.52 77.87
CA THR A 1113 -37.85 7.49 78.89
C THR A 1113 -36.54 6.71 78.92
N THR A 1114 -36.41 5.86 79.93
CA THR A 1114 -35.25 4.99 80.02
C THR A 1114 -35.32 3.85 79.00
N ASP A 1115 -36.44 3.74 78.27
CA ASP A 1115 -36.63 2.71 77.27
C ASP A 1115 -36.20 3.15 75.88
N ASN A 1116 -35.86 4.42 75.68
CA ASN A 1116 -35.42 4.89 74.37
C ASN A 1116 -34.11 5.65 74.46
N THR A 1117 -33.44 5.61 75.61
CA THR A 1117 -32.13 6.19 75.85
C THR A 1117 -31.26 5.17 76.55
N PHE A 1118 -29.96 5.45 76.61
CA PHE A 1118 -29.04 4.65 77.39
C PHE A 1118 -28.09 5.57 78.13
N VAL A 1119 -27.48 5.05 79.19
CA VAL A 1119 -26.64 5.83 80.08
C VAL A 1119 -25.19 5.36 79.97
N SER A 1120 -24.27 6.30 79.79
CA SER A 1120 -22.85 5.98 79.76
C SER A 1120 -22.06 7.20 80.18
N GLY A 1121 -21.36 7.11 81.31
CA GLY A 1121 -20.57 8.22 81.79
C GLY A 1121 -21.47 9.27 82.41
N ASN A 1122 -20.88 10.42 82.72
CA ASN A 1122 -21.64 11.48 83.35
C ASN A 1122 -21.65 12.74 82.48
N CYS A 1123 -22.39 13.74 82.94
CA CYS A 1123 -22.63 14.98 82.20
C CYS A 1123 -21.43 15.93 82.28
N ASP A 1124 -20.37 15.60 83.01
CA ASP A 1124 -19.24 16.52 83.14
C ASP A 1124 -18.19 16.65 82.03
N VAL A 1125 -18.21 15.78 81.03
CA VAL A 1125 -17.27 15.83 79.93
C VAL A 1125 -17.81 16.07 78.49
N VAL A 1126 -19.11 15.82 78.31
CA VAL A 1126 -19.78 15.89 77.02
C VAL A 1126 -20.05 17.38 76.76
N ILE A 1127 -19.71 17.85 75.56
CA ILE A 1127 -19.92 19.30 75.24
C ILE A 1127 -21.34 19.58 74.78
N GLY A 1128 -22.13 20.34 75.55
CA GLY A 1128 -23.48 20.74 75.11
C GLY A 1128 -24.70 20.09 75.77
N ILE A 1129 -24.51 19.29 76.82
CA ILE A 1129 -25.67 18.57 77.45
C ILE A 1129 -26.67 19.63 77.96
N VAL A 1130 -27.98 19.41 77.81
CA VAL A 1130 -28.95 20.49 78.16
C VAL A 1130 -29.66 20.32 79.51
N ASN A 1131 -29.33 19.32 80.31
CA ASN A 1131 -29.93 19.21 81.67
C ASN A 1131 -31.44 19.14 81.62
N ASN A 1132 -32.03 18.44 80.65
CA ASN A 1132 -33.50 18.24 80.63
C ASN A 1132 -33.81 17.08 81.57
N THR A 1133 -35.09 16.86 81.89
CA THR A 1133 -35.45 15.79 82.86
C THR A 1133 -35.82 14.52 82.11
N VAL A 1134 -35.55 13.35 82.71
CA VAL A 1134 -35.88 12.06 82.12
C VAL A 1134 -36.91 11.36 83.01
N TYR A 1135 -37.69 10.45 82.41
CA TYR A 1135 -38.74 9.68 83.08
C TYR A 1135 -38.44 8.19 83.18
N ASP A 1136 -38.87 7.60 84.29
CA ASP A 1136 -38.68 6.17 84.56
C ASP A 1136 -39.93 5.22 84.66
N PRO A 1137 -40.65 5.13 83.52
CA PRO A 1137 -41.94 4.44 83.36
C PRO A 1137 -41.98 3.09 84.07
N CYS B 15 63.25 21.38 2.38
CA CYS B 15 62.60 20.50 3.32
C CYS B 15 63.63 20.02 4.34
N VAL B 16 63.16 19.82 5.58
CA VAL B 16 63.98 19.29 6.66
C VAL B 16 63.28 18.14 7.36
N ASN B 17 64.02 17.06 7.54
CA ASN B 17 63.60 15.82 8.17
C ASN B 17 64.00 15.99 9.62
N LEU B 18 63.03 16.09 10.52
CA LEU B 18 63.40 16.24 11.92
C LEU B 18 63.51 14.84 12.49
N THR B 19 64.72 14.55 12.98
CA THR B 19 65.17 13.30 13.56
C THR B 19 65.48 13.39 15.04
N THR B 20 65.64 14.60 15.57
CA THR B 20 65.97 14.79 16.99
C THR B 20 64.67 14.63 17.76
N ARG B 21 64.21 13.38 17.78
CA ARG B 21 62.94 12.96 18.33
C ARG B 21 63.22 11.70 19.14
N THR B 22 62.72 11.65 20.37
CA THR B 22 62.86 10.43 21.14
C THR B 22 61.88 9.43 20.55
N GLN B 23 62.29 8.18 20.39
CA GLN B 23 61.39 7.21 19.76
C GLN B 23 60.81 6.40 20.90
N LEU B 24 59.60 6.79 21.29
CA LEU B 24 58.76 6.21 22.31
C LEU B 24 57.45 5.77 21.68
N PRO B 25 56.74 4.83 22.30
CA PRO B 25 55.42 4.47 21.78
C PRO B 25 54.48 5.63 21.98
N PRO B 26 53.36 5.68 21.24
CA PRO B 26 52.39 6.76 21.45
C PRO B 26 51.89 6.81 22.88
N ALA B 27 51.63 8.02 23.35
CA ALA B 27 51.07 8.24 24.68
C ALA B 27 49.57 8.33 24.52
N TYR B 28 48.86 8.14 25.61
CA TYR B 28 47.41 8.20 25.53
C TYR B 28 46.84 9.03 26.65
N THR B 29 45.71 9.67 26.36
CA THR B 29 45.00 10.49 27.32
C THR B 29 43.50 10.21 27.18
N ASN B 30 42.70 10.93 27.95
CA ASN B 30 41.26 10.72 27.99
C ASN B 30 40.57 11.82 27.21
N SER B 31 39.74 11.42 26.23
CA SER B 31 39.04 12.41 25.43
C SER B 31 37.94 13.11 26.23
N PHE B 32 37.53 12.54 27.37
CA PHE B 32 36.43 13.09 28.16
C PHE B 32 35.17 13.31 27.34
N THR B 33 34.79 14.58 27.20
CA THR B 33 33.57 14.95 26.51
C THR B 33 33.86 15.79 25.27
N ARG B 34 35.07 15.68 24.74
CA ARG B 34 35.49 16.40 23.55
C ARG B 34 35.05 15.70 22.26
N GLY B 35 35.06 16.48 21.18
CA GLY B 35 34.81 16.01 19.84
C GLY B 35 33.40 16.19 19.30
N VAL B 36 32.55 16.93 19.99
CA VAL B 36 31.20 17.20 19.50
C VAL B 36 31.22 18.46 18.65
N TYR B 37 30.60 18.40 17.48
CA TYR B 37 30.50 19.48 16.52
C TYR B 37 29.05 19.59 16.08
N TYR B 38 28.69 20.72 15.49
CA TYR B 38 27.33 20.87 14.99
C TYR B 38 27.14 19.96 13.78
N PRO B 39 26.29 18.93 13.87
CA PRO B 39 26.20 17.93 12.79
C PRO B 39 25.51 18.45 11.54
N ASP B 40 24.81 19.57 11.62
CA ASP B 40 24.01 20.06 10.51
C ASP B 40 23.97 21.58 10.54
N LYS B 41 23.21 22.16 9.62
CA LYS B 41 23.12 23.60 9.43
C LYS B 41 21.75 24.15 9.79
N VAL B 42 21.02 23.48 10.66
CA VAL B 42 19.66 23.88 11.02
C VAL B 42 19.63 24.30 12.49
N PHE B 43 18.98 25.43 12.74
CA PHE B 43 18.83 25.96 14.09
C PHE B 43 17.70 25.25 14.82
N ARG B 44 18.00 24.79 16.02
CA ARG B 44 17.01 24.21 16.93
C ARG B 44 17.37 24.64 18.34
N SER B 45 16.34 24.70 19.20
CA SER B 45 16.56 25.15 20.56
C SER B 45 15.59 24.44 21.48
N SER B 46 16.01 24.28 22.74
CA SER B 46 15.24 23.59 23.78
C SER B 46 14.76 22.22 23.31
N VAL B 47 15.62 21.51 22.58
CA VAL B 47 15.29 20.16 22.09
C VAL B 47 16.47 19.24 22.30
N LEU B 48 16.18 17.94 22.28
CA LEU B 48 17.19 16.90 22.22
C LEU B 48 17.07 16.23 20.87
N HIS B 49 18.13 16.29 20.06
CA HIS B 49 18.08 15.75 18.71
C HIS B 49 19.06 14.60 18.61
N SER B 50 18.59 13.46 18.13
CA SER B 50 19.41 12.26 17.96
C SER B 50 19.93 12.18 16.53
N THR B 51 21.25 12.14 16.37
CA THR B 51 21.82 12.11 15.03
C THR B 51 22.85 10.99 14.95
N GLN B 52 22.84 10.27 13.83
CA GLN B 52 23.83 9.25 13.53
C GLN B 52 24.78 9.80 12.48
N ASP B 53 26.03 10.02 12.87
CA ASP B 53 27.10 10.63 12.08
C ASP B 53 28.44 10.18 12.64
N LEU B 54 29.50 10.69 12.04
CA LEU B 54 30.86 10.39 12.46
C LEU B 54 31.21 11.37 13.56
N PHE B 55 31.35 10.87 14.77
CA PHE B 55 31.64 11.66 15.96
C PHE B 55 32.82 11.05 16.69
N LEU B 56 33.54 11.89 17.43
CA LEU B 56 34.58 11.37 18.31
C LEU B 56 33.93 10.75 19.55
N PRO B 57 34.13 9.47 19.83
CA PRO B 57 33.51 8.84 21.01
C PRO B 57 33.93 9.50 22.31
N PHE B 58 33.01 9.52 23.28
CA PHE B 58 33.35 10.03 24.60
C PHE B 58 34.32 9.06 25.28
N PHE B 59 35.29 9.62 26.01
CA PHE B 59 36.32 8.85 26.74
C PHE B 59 37.08 7.93 25.79
N SER B 60 37.34 8.42 24.57
CA SER B 60 38.03 7.61 23.58
C SER B 60 39.54 7.60 23.81
N ASN B 61 40.18 6.61 23.19
CA ASN B 61 41.66 6.46 23.31
C ASN B 61 42.30 7.42 22.32
N VAL B 62 42.90 8.49 22.82
CA VAL B 62 43.51 9.55 22.00
C VAL B 62 45.04 9.50 22.08
N THR B 63 45.68 9.47 20.91
CA THR B 63 47.15 9.47 20.78
C THR B 63 47.69 10.90 20.94
N TRP B 64 48.77 11.07 21.71
CA TRP B 64 49.22 12.39 22.11
C TRP B 64 50.65 12.65 21.60
N PHE B 65 50.82 13.72 20.82
CA PHE B 65 52.09 14.09 20.19
C PHE B 65 52.54 15.47 20.69
N HIS B 66 53.86 15.66 20.70
CA HIS B 66 54.49 16.93 21.09
C HIS B 66 55.19 17.54 19.89
N ARG B 78 59.49 18.45 22.34
CA ARG B 78 60.22 17.57 21.44
C ARG B 78 60.02 18.20 20.06
N PHE B 79 59.71 17.40 19.04
CA PHE B 79 59.29 17.69 17.67
C PHE B 79 58.55 16.47 17.17
N ASP B 80 57.34 16.22 17.65
CA ASP B 80 56.66 14.96 17.39
C ASP B 80 55.62 15.13 16.29
N ASN B 81 55.81 14.41 15.16
CA ASN B 81 54.96 14.51 13.97
C ASN B 81 55.29 13.49 12.88
N PRO B 82 54.99 12.21 13.11
CA PRO B 82 55.15 11.20 12.05
C PRO B 82 53.94 11.28 11.14
N VAL B 83 53.94 10.45 10.11
CA VAL B 83 52.76 10.32 9.26
C VAL B 83 51.71 9.46 9.97
N LEU B 84 50.46 9.92 9.95
CA LEU B 84 49.42 9.17 10.64
C LEU B 84 48.37 8.62 9.69
N PRO B 85 47.71 7.52 10.05
CA PRO B 85 46.57 7.06 9.26
C PRO B 85 45.40 8.04 9.34
N PHE B 86 44.62 8.09 8.27
CA PHE B 86 43.36 8.82 8.24
C PHE B 86 42.30 7.82 7.82
N ASN B 87 41.31 7.56 8.68
CA ASN B 87 40.41 6.44 8.40
C ASN B 87 39.06 6.99 7.96
N ASP B 88 38.10 7.17 8.85
CA ASP B 88 36.83 7.78 8.48
C ASP B 88 36.92 9.29 8.54
N GLY B 89 37.78 9.78 9.41
CA GLY B 89 38.04 11.19 9.64
C GLY B 89 38.82 11.30 10.92
N VAL B 90 39.33 12.50 11.18
CA VAL B 90 40.09 12.69 12.41
C VAL B 90 39.64 13.93 13.17
N TYR B 91 39.94 13.88 14.46
CA TYR B 91 39.77 14.99 15.39
C TYR B 91 41.15 15.50 15.72
N PHE B 92 41.33 16.80 15.60
CA PHE B 92 42.62 17.40 15.86
C PHE B 92 42.39 18.51 16.86
N ALA B 93 43.22 18.56 17.89
CA ALA B 93 43.15 19.62 18.86
C ALA B 93 44.58 19.94 19.25
N SER B 94 44.84 21.20 19.53
CA SER B 94 46.16 21.59 19.95
C SER B 94 46.08 22.45 21.19
N THR B 95 47.03 22.28 22.08
CA THR B 95 47.18 23.15 23.23
C THR B 95 48.54 23.77 22.99
N GLU B 96 48.56 25.09 22.88
CA GLU B 96 49.75 25.79 22.47
C GLU B 96 49.85 27.12 23.21
N LYS B 97 51.08 27.62 23.32
CA LYS B 97 51.30 28.98 23.78
C LYS B 97 51.96 29.87 22.74
N SER B 98 52.50 29.33 21.66
CA SER B 98 53.19 30.20 20.71
C SER B 98 52.86 29.83 19.27
N ASN B 99 51.66 29.29 19.03
CA ASN B 99 51.09 29.01 17.71
C ASN B 99 52.08 28.29 16.80
N ILE B 100 52.34 27.05 17.15
CA ILE B 100 53.28 26.22 16.42
C ILE B 100 52.61 25.48 15.27
N ILE B 101 51.33 25.11 15.40
CA ILE B 101 50.66 24.39 14.33
C ILE B 101 50.53 25.33 13.13
N ARG B 102 50.81 24.78 11.95
CA ARG B 102 50.77 25.48 10.68
C ARG B 102 49.69 25.00 9.74
N GLY B 103 49.35 23.72 9.80
CA GLY B 103 48.41 23.18 8.86
C GLY B 103 48.53 21.67 8.84
N TRP B 104 47.97 21.10 7.79
CA TRP B 104 47.84 19.65 7.66
C TRP B 104 48.10 19.32 6.20
N ILE B 105 48.57 18.11 5.97
CA ILE B 105 48.76 17.59 4.62
C ILE B 105 47.77 16.46 4.41
N PHE B 106 46.98 16.51 3.35
CA PHE B 106 46.06 15.41 3.09
C PHE B 106 46.34 14.83 1.72
N GLY B 107 46.20 13.52 1.61
CA GLY B 107 46.36 12.86 0.33
C GLY B 107 46.29 11.35 0.50
N THR B 108 46.72 10.66 -0.56
CA THR B 108 46.75 9.21 -0.60
C THR B 108 48.16 8.67 -0.51
N THR B 109 49.09 9.31 -1.23
CA THR B 109 50.50 8.94 -1.23
C THR B 109 51.31 10.17 -0.87
N LEU B 110 50.77 11.34 -1.22
CA LEU B 110 51.34 12.67 -0.92
C LEU B 110 52.67 12.90 -1.63
N ASP B 111 52.86 12.26 -2.79
CA ASP B 111 54.09 12.35 -3.58
C ASP B 111 53.77 12.56 -5.06
N SER B 112 52.82 13.45 -5.36
CA SER B 112 52.39 13.80 -6.72
C SER B 112 51.81 12.66 -7.54
N LYS B 113 51.69 11.47 -6.95
CA LYS B 113 51.08 10.37 -7.68
C LYS B 113 49.56 10.50 -7.63
N THR B 114 49.05 11.16 -6.59
CA THR B 114 47.64 11.40 -6.41
C THR B 114 47.43 12.87 -6.10
N GLN B 115 46.17 13.30 -6.15
CA GLN B 115 45.78 14.65 -5.80
C GLN B 115 45.93 14.85 -4.28
N SER B 116 46.46 16.01 -3.88
CA SER B 116 46.65 16.31 -2.46
C SER B 116 46.19 17.71 -2.08
N LEU B 117 45.84 17.87 -0.80
CA LEU B 117 45.37 19.12 -0.21
C LEU B 117 46.39 19.73 0.75
N LEU B 118 46.69 21.01 0.52
CA LEU B 118 47.63 21.78 1.33
C LEU B 118 46.95 22.99 1.95
N ILE B 119 47.00 23.10 3.28
CA ILE B 119 46.45 24.25 3.98
C ILE B 119 47.59 24.97 4.68
N VAL B 120 47.90 26.18 4.20
CA VAL B 120 48.98 27.02 4.73
C VAL B 120 48.39 27.94 5.80
N ASN B 121 49.24 28.53 6.66
CA ASN B 121 48.78 29.42 7.71
C ASN B 121 48.25 30.71 7.08
N ASN B 122 47.36 31.43 7.78
CA ASN B 122 46.85 32.68 7.21
C ASN B 122 47.89 33.81 7.18
N ALA B 123 49.09 33.57 7.74
CA ALA B 123 50.19 34.53 7.73
C ALA B 123 50.55 34.99 6.32
N THR B 124 50.64 34.03 5.40
CA THR B 124 50.75 34.45 3.99
C THR B 124 49.29 34.78 3.67
N ASN B 125 48.41 33.78 3.74
CA ASN B 125 46.94 33.97 3.61
C ASN B 125 46.32 32.62 3.99
N VAL B 126 45.08 32.56 4.49
CA VAL B 126 44.57 31.18 4.75
C VAL B 126 44.56 30.52 3.38
N VAL B 127 45.27 29.42 3.22
CA VAL B 127 45.37 28.89 1.83
C VAL B 127 44.95 27.43 1.80
N ILE B 128 44.01 27.09 0.93
CA ILE B 128 43.71 25.66 0.74
C ILE B 128 43.96 25.38 -0.74
N LYS B 129 44.99 24.60 -1.04
CA LYS B 129 45.34 24.35 -2.47
C LYS B 129 45.21 22.86 -2.74
N VAL B 130 44.31 22.49 -3.65
CA VAL B 130 44.19 21.06 -4.04
C VAL B 130 44.90 20.92 -5.37
N CYS B 131 46.08 21.54 -5.48
CA CYS B 131 46.88 21.40 -6.68
C CYS B 131 47.70 20.12 -6.54
N GLU B 132 48.23 19.63 -7.66
CA GLU B 132 49.08 18.44 -7.60
C GLU B 132 50.48 18.87 -7.21
N PHE B 133 50.88 18.56 -5.98
CA PHE B 133 52.18 18.94 -5.43
C PHE B 133 53.06 17.70 -5.37
N GLN B 134 54.37 17.89 -5.56
CA GLN B 134 55.35 16.85 -5.24
C GLN B 134 55.92 17.12 -3.86
N PHE B 135 55.40 16.42 -2.85
CA PHE B 135 55.83 16.73 -1.51
C PHE B 135 57.09 16.00 -1.05
N CYS B 136 57.70 16.63 -0.06
CA CYS B 136 58.83 16.19 0.72
C CYS B 136 58.38 15.09 1.67
N ASN B 137 59.32 14.30 2.14
CA ASN B 137 59.01 13.23 3.06
C ASN B 137 58.89 13.73 4.50
N ASP B 138 59.05 15.06 4.72
CA ASP B 138 58.82 15.77 5.98
C ASP B 138 58.48 17.26 5.79
N PRO B 139 57.31 17.58 5.22
CA PRO B 139 56.97 18.98 4.92
C PRO B 139 56.73 19.77 6.20
N PHE B 140 57.06 21.07 6.17
CA PHE B 140 56.88 21.92 7.34
C PHE B 140 56.99 23.36 6.86
N LEU B 141 56.67 24.29 7.75
CA LEU B 141 56.96 25.69 7.52
C LEU B 141 57.99 26.10 8.56
N GLY B 142 58.74 27.17 8.29
CA GLY B 142 59.75 27.61 9.22
C GLY B 142 59.69 29.07 9.59
N VAL B 143 60.32 29.36 10.72
CA VAL B 143 60.36 30.68 11.31
C VAL B 143 61.77 30.96 11.82
N TRP B 152 61.50 36.41 15.79
CA TRP B 152 61.24 35.21 15.02
C TRP B 152 60.52 35.65 13.74
N MET B 153 61.08 35.35 12.57
CA MET B 153 60.45 35.73 11.31
C MET B 153 60.50 34.57 10.32
N GLU B 154 59.50 34.52 9.44
CA GLU B 154 59.46 33.50 8.40
C GLU B 154 60.45 33.84 7.30
N SER B 155 61.13 32.81 6.80
CA SER B 155 62.10 32.90 5.72
C SER B 155 61.81 31.76 4.76
N GLU B 156 62.00 30.55 5.28
CA GLU B 156 61.86 29.33 4.50
C GLU B 156 60.40 28.99 4.23
N PHE B 157 60.18 28.44 3.04
CA PHE B 157 58.90 27.86 2.65
C PHE B 157 59.37 26.58 2.00
N ARG B 158 59.27 25.49 2.75
CA ARG B 158 59.83 24.20 2.37
C ARG B 158 58.77 23.13 2.58
N VAL B 159 57.66 23.29 1.87
CA VAL B 159 56.51 22.42 1.99
C VAL B 159 56.47 21.41 0.86
N TYR B 160 56.73 21.90 -0.36
CA TYR B 160 56.69 21.11 -1.57
C TYR B 160 57.71 21.66 -2.56
N SER B 161 58.01 20.85 -3.57
CA SER B 161 58.91 21.32 -4.63
C SER B 161 58.15 21.59 -5.92
N SER B 162 57.88 20.54 -6.70
CA SER B 162 57.11 20.68 -7.93
C SER B 162 55.64 20.90 -7.61
N ALA B 163 54.98 21.71 -8.45
CA ALA B 163 53.56 21.98 -8.22
C ALA B 163 52.88 22.45 -9.50
N ASN B 164 52.09 21.58 -10.12
CA ASN B 164 51.34 21.92 -11.31
C ASN B 164 50.05 21.11 -11.25
N ASN B 165 49.24 21.19 -12.32
CA ASN B 165 47.92 20.50 -12.33
C ASN B 165 47.05 21.04 -11.19
N CYS B 166 46.89 22.37 -11.10
CA CYS B 166 46.01 22.92 -10.09
C CYS B 166 44.55 22.78 -10.51
N THR B 167 43.73 22.21 -9.62
CA THR B 167 42.33 21.97 -9.93
C THR B 167 41.38 22.81 -9.08
N PHE B 168 41.79 23.17 -7.86
CA PHE B 168 40.96 23.94 -6.96
C PHE B 168 41.83 24.86 -6.13
N GLU B 169 41.34 26.08 -5.90
CA GLU B 169 42.01 26.97 -4.98
C GLU B 169 40.95 27.83 -4.32
N TYR B 170 41.20 28.16 -3.05
CA TYR B 170 40.38 29.06 -2.26
C TYR B 170 41.35 29.81 -1.37
N VAL B 171 41.20 31.13 -1.28
CA VAL B 171 42.05 31.88 -0.36
C VAL B 171 41.18 32.77 0.53
N SER B 172 41.28 32.54 1.84
CA SER B 172 40.59 33.34 2.84
C SER B 172 41.26 34.71 2.93
N GLN B 173 40.44 35.72 3.28
CA GLN B 173 40.90 37.08 3.54
C GLN B 173 42.16 37.07 4.40
N PRO B 174 43.23 37.76 3.98
CA PRO B 174 44.51 37.74 4.71
C PRO B 174 44.40 38.08 6.20
N PHE B 175 45.18 37.35 6.99
CA PHE B 175 45.30 37.45 8.44
C PHE B 175 46.76 37.13 8.77
N LEU B 176 47.02 36.57 9.96
CA LEU B 176 48.38 36.20 10.35
C LEU B 176 48.45 35.26 11.55
N MET B 177 49.12 34.13 11.35
CA MET B 177 49.35 33.11 12.38
C MET B 177 50.70 33.34 13.03
N ASP B 178 50.65 33.84 14.28
CA ASP B 178 51.78 34.13 15.15
C ASP B 178 52.80 32.99 15.05
N LEU B 179 54.02 33.32 14.64
CA LEU B 179 55.04 32.31 14.46
C LEU B 179 55.95 32.17 15.68
N GLU B 180 55.60 32.82 16.78
CA GLU B 180 56.37 32.77 18.02
C GLU B 180 55.49 33.11 19.21
N ASN B 185 49.17 26.00 33.62
CA ASN B 185 47.96 25.92 32.82
C ASN B 185 48.02 26.76 31.53
N PHE B 186 47.26 26.34 30.54
CA PHE B 186 47.12 27.01 29.25
C PHE B 186 45.94 27.99 29.28
N LYS B 187 45.89 28.85 28.27
CA LYS B 187 44.82 29.83 28.13
C LYS B 187 44.01 29.69 26.84
N ASN B 188 44.60 29.26 25.73
CA ASN B 188 43.92 29.24 24.44
C ASN B 188 43.81 27.80 23.98
N LEU B 189 42.57 27.34 23.72
CA LEU B 189 42.28 26.03 23.18
C LEU B 189 41.73 26.11 21.76
N ARG B 190 42.33 25.35 20.84
CA ARG B 190 41.88 25.28 19.45
C ARG B 190 41.52 23.83 19.12
N GLU B 191 40.31 23.66 18.58
CA GLU B 191 39.77 22.35 18.23
C GLU B 191 39.47 22.28 16.73
N PHE B 192 39.80 21.15 16.10
CA PHE B 192 39.51 20.96 14.68
C PHE B 192 38.94 19.58 14.39
N VAL B 193 38.00 19.49 13.44
CA VAL B 193 37.52 18.22 12.89
C VAL B 193 37.69 18.25 11.38
N PHE B 194 38.32 17.21 10.82
CA PHE B 194 38.58 17.12 9.38
C PHE B 194 37.87 15.92 8.79
N LYS B 195 36.86 16.18 7.95
CA LYS B 195 36.09 15.14 7.27
C LYS B 195 36.21 15.25 5.77
N ASN B 196 36.10 14.10 5.09
CA ASN B 196 36.15 14.04 3.63
C ASN B 196 34.95 13.19 3.18
N ILE B 197 33.78 13.82 3.04
CA ILE B 197 32.54 13.08 2.79
C ILE B 197 31.80 13.64 1.58
N ASP B 198 31.45 12.73 0.65
CA ASP B 198 30.58 12.94 -0.54
C ASP B 198 30.96 14.17 -1.37
N GLY B 199 32.25 14.36 -1.58
CA GLY B 199 32.70 15.47 -2.41
C GLY B 199 33.05 16.72 -1.64
N TYR B 200 32.75 16.77 -0.34
CA TYR B 200 33.10 17.89 0.50
C TYR B 200 34.20 17.51 1.47
N PHE B 201 35.18 18.39 1.60
CA PHE B 201 36.17 18.27 2.65
C PHE B 201 35.70 19.26 3.71
N LYS B 202 35.15 18.76 4.81
CA LYS B 202 34.52 19.61 5.80
C LYS B 202 35.45 19.86 6.97
N ILE B 203 35.70 21.13 7.27
CA ILE B 203 36.54 21.53 8.39
C ILE B 203 35.64 22.23 9.40
N TYR B 204 35.68 21.75 10.64
CA TYR B 204 34.98 22.33 11.76
C TYR B 204 36.00 22.85 12.76
N SER B 205 35.65 23.91 13.49
CA SER B 205 36.59 24.43 14.46
C SER B 205 35.85 25.12 15.58
N LYS B 206 36.54 25.22 16.72
CA LYS B 206 36.06 25.87 17.93
C LYS B 206 37.19 26.60 18.64
N HIS B 207 36.90 27.79 19.16
CA HIS B 207 37.86 28.58 19.91
C HIS B 207 37.27 28.76 21.31
N THR B 208 38.02 28.35 22.33
CA THR B 208 37.58 28.43 23.71
C THR B 208 38.71 28.78 24.66
N PRO B 209 38.38 29.26 25.86
CA PRO B 209 39.35 29.28 26.96
C PRO B 209 39.61 27.87 27.45
N ILE B 210 40.81 27.65 27.97
CA ILE B 210 41.19 26.37 28.57
C ILE B 210 41.93 26.61 29.87
N ASN B 211 41.93 25.59 30.75
CA ASN B 211 42.65 25.70 32.02
C ASN B 211 43.41 24.47 32.49
N LEU B 212 43.60 23.43 31.67
CA LEU B 212 44.42 22.30 32.13
C LEU B 212 45.90 22.51 31.82
N VAL B 213 46.76 21.91 32.65
CA VAL B 213 48.19 21.84 32.35
C VAL B 213 48.54 20.71 31.38
N ARG B 214 47.99 19.52 31.62
CA ARG B 214 48.41 18.28 30.98
C ARG B 214 47.25 17.47 30.40
N ASP B 215 46.10 18.06 30.09
CA ASP B 215 45.03 17.20 29.61
C ASP B 215 44.02 18.00 28.81
N LEU B 216 43.01 17.29 28.33
CA LEU B 216 41.86 17.84 27.63
C LEU B 216 40.82 18.16 28.70
N PRO B 217 40.21 19.33 28.66
CA PRO B 217 39.32 19.70 29.77
C PRO B 217 38.06 18.87 29.78
N GLN B 218 37.45 18.80 30.96
CA GLN B 218 36.13 18.25 31.08
C GLN B 218 35.20 19.45 31.06
N GLY B 219 34.07 19.29 30.40
CA GLY B 219 33.15 20.39 30.23
C GLY B 219 32.73 20.25 28.79
N PHE B 220 31.88 21.11 28.27
CA PHE B 220 31.37 20.83 26.95
C PHE B 220 31.47 22.06 26.07
N SER B 221 31.83 21.84 24.81
CA SER B 221 31.73 22.84 23.76
C SER B 221 31.52 22.11 22.45
N ALA B 222 30.85 22.76 21.50
CA ALA B 222 30.62 22.20 20.18
C ALA B 222 31.35 23.00 19.12
N LEU B 223 31.89 22.30 18.12
CA LEU B 223 32.68 22.93 17.07
C LEU B 223 31.78 23.40 15.94
N GLU B 224 31.80 24.70 15.65
CA GLU B 224 30.95 25.14 14.57
C GLU B 224 31.68 24.89 13.24
N PRO B 225 30.94 24.68 12.14
CA PRO B 225 31.61 24.60 10.84
C PRO B 225 32.28 25.93 10.50
N LEU B 226 33.47 25.84 9.93
CA LEU B 226 34.24 27.02 9.55
C LEU B 226 34.14 27.32 8.06
N VAL B 227 34.37 26.31 7.23
CA VAL B 227 34.33 26.43 5.78
C VAL B 227 34.02 25.05 5.20
N ASP B 228 33.24 25.02 4.12
CA ASP B 228 32.90 23.83 3.35
C ASP B 228 33.66 23.79 2.03
N LEU B 229 34.65 22.90 1.93
CA LEU B 229 35.51 22.83 0.75
C LEU B 229 34.96 21.83 -0.25
N PRO B 230 34.64 22.26 -1.47
CA PRO B 230 34.02 21.42 -2.52
C PRO B 230 34.99 20.53 -3.29
N ILE B 231 35.67 19.62 -2.59
CA ILE B 231 36.69 18.78 -3.23
C ILE B 231 36.40 17.29 -3.09
N GLY B 232 36.14 16.61 -4.21
CA GLY B 232 35.81 15.20 -4.24
C GLY B 232 37.09 14.37 -4.22
N ILE B 233 37.82 14.43 -3.11
CA ILE B 233 39.16 13.75 -3.09
C ILE B 233 39.05 12.48 -2.24
N ASN B 234 40.04 11.59 -2.37
CA ASN B 234 40.11 10.34 -1.59
C ASN B 234 41.20 10.52 -0.53
N ILE B 235 40.84 10.77 0.72
CA ILE B 235 41.89 11.06 1.73
C ILE B 235 42.04 9.85 2.64
N THR B 236 43.22 9.25 2.66
CA THR B 236 43.49 8.12 3.54
C THR B 236 44.68 8.31 4.48
N ARG B 237 45.51 9.31 4.28
CA ARG B 237 46.72 9.51 5.07
C ARG B 237 46.89 11.00 5.33
N PHE B 238 47.50 11.35 6.47
CA PHE B 238 47.74 12.78 6.66
C PHE B 238 48.98 13.02 7.51
N GLN B 239 49.49 14.25 7.42
CA GLN B 239 50.66 14.71 8.15
C GLN B 239 50.44 16.13 8.65
N THR B 240 50.99 16.43 9.83
CA THR B 240 50.83 17.71 10.50
C THR B 240 52.02 18.62 10.19
N LEU B 241 51.72 19.88 9.85
CA LEU B 241 52.73 20.90 9.57
C LEU B 241 53.02 21.73 10.83
N LEU B 242 54.30 21.82 11.20
CA LEU B 242 54.76 22.59 12.35
C LEU B 242 55.78 23.65 11.96
N ALA B 243 55.83 24.72 12.74
CA ALA B 243 56.89 25.72 12.63
C ALA B 243 57.70 25.77 13.92
N TRP B 258 67.19 23.82 14.80
CA TRP B 258 65.79 24.20 14.98
C TRP B 258 65.44 24.06 16.46
N THR B 259 64.38 24.74 16.90
CA THR B 259 64.00 24.70 18.29
C THR B 259 62.50 24.43 18.39
N ALA B 260 62.05 24.08 19.59
CA ALA B 260 60.65 23.82 19.83
C ALA B 260 59.94 24.98 20.54
N GLY B 261 58.65 25.11 20.22
CA GLY B 261 57.79 26.06 20.86
C GLY B 261 56.98 25.31 21.92
N ALA B 262 56.08 26.03 22.57
CA ALA B 262 55.23 25.41 23.58
C ALA B 262 53.94 25.01 22.89
N ALA B 263 53.79 23.71 22.64
CA ALA B 263 52.63 23.18 21.95
C ALA B 263 52.59 21.67 22.11
N ALA B 264 51.40 21.12 21.89
CA ALA B 264 51.14 19.70 21.80
C ALA B 264 49.92 19.52 20.91
N TYR B 265 49.78 18.35 20.29
CA TYR B 265 48.55 18.13 19.54
C TYR B 265 48.07 16.70 19.74
N TYR B 266 46.77 16.53 19.51
CA TYR B 266 46.04 15.30 19.78
C TYR B 266 45.32 14.87 18.51
N VAL B 267 45.32 13.57 18.26
CA VAL B 267 44.64 12.98 17.11
C VAL B 267 43.73 11.86 17.59
N GLY B 268 42.45 11.95 17.26
CA GLY B 268 41.49 10.92 17.57
C GLY B 268 40.89 10.46 16.25
N TYR B 269 40.06 9.42 16.32
CA TYR B 269 39.46 8.91 15.10
C TYR B 269 37.96 8.85 15.25
N LEU B 270 37.25 9.17 14.16
CA LEU B 270 35.79 9.17 14.13
C LEU B 270 35.23 7.81 13.70
N GLN B 271 34.07 7.47 14.25
CA GLN B 271 33.31 6.28 13.91
C GLN B 271 31.84 6.65 13.77
N PRO B 272 31.07 5.87 12.99
CA PRO B 272 29.61 6.04 12.97
C PRO B 272 28.95 5.77 14.32
N ARG B 273 28.41 6.80 14.96
CA ARG B 273 27.77 6.64 16.27
C ARG B 273 26.51 7.49 16.30
N THR B 274 25.58 7.11 17.18
CA THR B 274 24.37 7.90 17.42
C THR B 274 24.55 8.71 18.69
N PHE B 275 24.39 10.02 18.58
CA PHE B 275 24.48 10.97 19.68
C PHE B 275 23.17 11.71 19.86
N LEU B 276 22.77 11.93 21.11
CA LEU B 276 21.62 12.78 21.45
C LEU B 276 22.17 14.14 21.89
N LEU B 277 21.90 15.20 21.11
CA LEU B 277 22.45 16.52 21.37
C LEU B 277 21.43 17.46 21.98
N LYS B 278 21.84 18.16 23.05
CA LYS B 278 21.00 19.09 23.80
C LYS B 278 21.25 20.53 23.36
N TYR B 279 20.23 21.17 22.78
CA TYR B 279 20.30 22.55 22.32
C TYR B 279 19.66 23.46 23.35
N ASN B 280 20.35 24.53 23.72
CA ASN B 280 19.84 25.47 24.71
C ASN B 280 18.96 26.56 24.07
N GLU B 281 18.50 27.51 24.88
CA GLU B 281 17.57 28.56 24.36
C GLU B 281 18.25 29.33 23.22
N ASN B 282 19.55 29.60 23.35
CA ASN B 282 20.24 30.42 22.32
C ASN B 282 20.45 29.61 21.04
N GLY B 283 20.50 28.27 21.15
CA GLY B 283 20.69 27.43 19.95
C GLY B 283 22.07 26.82 20.03
N THR B 284 22.66 26.84 21.22
CA THR B 284 24.00 26.34 21.44
C THR B 284 23.89 24.93 21.99
N ILE B 285 24.74 24.04 21.50
CA ILE B 285 24.77 22.67 22.01
C ILE B 285 25.46 22.71 23.35
N THR B 286 24.77 22.27 24.40
CA THR B 286 25.33 22.37 25.75
C THR B 286 25.67 21.02 26.37
N ASP B 287 25.12 19.92 25.87
CA ASP B 287 25.47 18.61 26.40
C ASP B 287 25.29 17.58 25.29
N ALA B 288 25.70 16.33 25.57
CA ALA B 288 25.54 15.21 24.65
C ALA B 288 25.77 13.90 25.39
N VAL B 289 25.12 12.84 24.92
CA VAL B 289 25.33 11.48 25.39
C VAL B 289 25.69 10.59 24.21
N ASP B 290 26.81 9.88 24.30
CA ASP B 290 27.14 8.87 23.29
C ASP B 290 26.46 7.60 23.75
N CYS B 291 25.33 7.28 23.11
CA CYS B 291 24.46 6.20 23.58
C CYS B 291 25.07 4.80 23.45
N ALA B 292 26.20 4.63 22.77
CA ALA B 292 26.75 3.29 22.66
C ALA B 292 27.96 3.11 23.55
N LEU B 293 28.25 4.10 24.39
CA LEU B 293 29.39 4.02 25.30
C LEU B 293 29.12 3.00 26.41
N ASP B 294 27.95 3.10 27.04
CA ASP B 294 27.60 2.19 28.13
C ASP B 294 26.08 2.13 28.22
N PRO B 295 25.53 1.19 29.03
CA PRO B 295 24.06 1.09 29.14
C PRO B 295 23.33 2.28 29.73
N LEU B 296 23.98 3.17 30.48
CA LEU B 296 23.22 4.29 30.99
C LEU B 296 23.03 5.33 29.89
N SER B 297 24.06 5.52 29.09
CA SER B 297 23.95 6.42 27.96
C SER B 297 22.96 5.84 26.94
N GLU B 298 22.96 4.51 26.82
CA GLU B 298 22.00 3.85 25.93
C GLU B 298 20.57 4.08 26.39
N THR B 299 20.33 3.99 27.71
CA THR B 299 19.01 4.28 28.24
C THR B 299 18.62 5.73 27.97
N LYS B 300 19.55 6.65 28.20
CA LYS B 300 19.33 8.07 27.93
C LYS B 300 18.97 8.33 26.47
N CYS B 301 19.64 7.65 25.55
CA CYS B 301 19.35 7.79 24.12
C CYS B 301 17.97 7.24 23.78
N THR B 302 17.61 6.09 24.34
CA THR B 302 16.30 5.50 24.11
C THR B 302 15.15 6.35 24.63
N LEU B 303 15.31 6.95 25.82
CA LEU B 303 14.25 7.73 26.44
C LEU B 303 14.23 9.18 25.98
N LYS B 304 15.16 9.58 25.12
CA LYS B 304 15.31 10.95 24.62
C LYS B 304 15.37 11.97 25.76
N SER B 305 16.16 11.66 26.78
CA SER B 305 16.30 12.56 27.92
C SER B 305 17.65 12.32 28.57
N PHE B 306 18.17 13.35 29.23
CA PHE B 306 19.42 13.24 29.98
C PHE B 306 19.19 12.90 31.43
N THR B 307 17.93 12.79 31.85
CA THR B 307 17.57 12.43 33.20
C THR B 307 16.73 11.17 33.07
N VAL B 308 17.06 10.16 33.87
CA VAL B 308 16.34 8.90 33.83
C VAL B 308 15.75 8.66 35.21
N GLU B 309 14.48 8.31 35.25
CA GLU B 309 13.84 8.02 36.52
C GLU B 309 14.17 6.59 36.95
N LYS B 310 13.96 6.33 38.23
CA LYS B 310 14.11 4.99 38.77
C LYS B 310 13.12 4.10 38.04
N GLY B 311 13.55 2.94 37.56
CA GLY B 311 12.64 2.09 36.82
C GLY B 311 13.36 1.07 35.96
N ILE B 312 12.59 0.44 35.07
CA ILE B 312 13.08 -0.59 34.16
C ILE B 312 12.87 -0.09 32.74
N TYR B 313 13.92 -0.13 31.93
CA TYR B 313 13.79 0.37 30.58
C TYR B 313 14.28 -0.70 29.61
N GLN B 314 13.51 -0.93 28.55
CA GLN B 314 13.90 -1.84 27.48
C GLN B 314 14.58 -0.98 26.42
N THR B 315 15.90 -1.15 26.24
CA THR B 315 16.60 -0.19 25.41
C THR B 315 17.16 -0.75 24.10
N SER B 316 17.44 -2.04 24.02
CA SER B 316 18.04 -2.59 22.81
C SER B 316 17.76 -4.09 22.78
N ASN B 317 18.43 -4.78 21.87
CA ASN B 317 18.32 -6.22 21.74
C ASN B 317 19.72 -6.79 21.51
N PHE B 318 20.08 -7.78 22.31
CA PHE B 318 21.37 -8.44 22.20
C PHE B 318 21.26 -9.54 21.15
N ARG B 319 22.32 -9.72 20.38
CA ARG B 319 22.35 -10.77 19.38
C ARG B 319 23.76 -11.32 19.21
N VAL B 320 23.86 -12.65 19.21
CA VAL B 320 25.13 -13.31 18.94
C VAL B 320 25.42 -13.21 17.44
N GLN B 321 26.57 -12.76 17.12
CA GLN B 321 26.85 -12.63 15.70
C GLN B 321 27.49 -13.89 15.14
N PRO B 322 27.18 -14.23 13.89
CA PRO B 322 27.83 -15.38 13.26
C PRO B 322 29.31 -15.11 13.00
N THR B 323 30.12 -16.16 13.15
CA THR B 323 31.55 -16.05 12.94
C THR B 323 32.07 -16.78 11.71
N GLU B 324 31.29 -17.69 11.13
CA GLU B 324 31.71 -18.44 9.96
C GLU B 324 30.59 -18.46 8.93
N SER B 325 30.98 -18.63 7.67
CA SER B 325 30.04 -18.78 6.57
C SER B 325 30.11 -20.21 6.05
N ILE B 326 29.04 -20.96 6.22
CA ILE B 326 28.99 -22.38 5.88
C ILE B 326 28.17 -22.57 4.60
N VAL B 327 28.84 -23.01 3.55
CA VAL B 327 28.24 -23.17 2.24
C VAL B 327 28.32 -24.63 1.84
N ARG B 328 27.17 -25.26 1.59
CA ARG B 328 27.12 -26.67 1.23
C ARG B 328 26.22 -26.87 0.01
N PHE B 329 26.77 -27.44 -1.04
CA PHE B 329 26.02 -27.77 -2.25
C PHE B 329 26.34 -29.20 -2.68
N PRO B 330 25.44 -29.85 -3.43
CA PRO B 330 25.72 -31.20 -3.94
C PRO B 330 27.02 -31.31 -4.72
N ASN B 331 27.74 -32.42 -4.43
CA ASN B 331 29.09 -32.67 -5.02
C ASN B 331 28.97 -33.27 -6.43
N ILE B 332 28.45 -32.50 -7.37
CA ILE B 332 28.32 -32.89 -8.77
C ILE B 332 29.28 -32.03 -9.57
N THR B 333 29.86 -32.61 -10.62
CA THR B 333 30.88 -31.91 -11.41
C THR B 333 30.51 -31.71 -12.88
N ASN B 334 29.50 -32.42 -13.41
CA ASN B 334 29.16 -32.29 -14.83
C ASN B 334 28.58 -30.92 -15.11
N LEU B 335 28.98 -30.32 -16.24
CA LEU B 335 28.48 -29.01 -16.60
C LEU B 335 27.15 -29.11 -17.33
N CYS B 336 26.32 -28.09 -17.13
CA CYS B 336 25.00 -28.04 -17.76
C CYS B 336 25.11 -27.89 -19.27
N PRO B 337 24.29 -28.63 -20.03
CA PRO B 337 24.31 -28.59 -21.51
C PRO B 337 23.64 -27.34 -22.07
N PHE B 338 24.14 -26.17 -21.68
CA PHE B 338 23.69 -24.90 -22.25
C PHE B 338 24.32 -24.70 -23.62
N GLY B 339 25.59 -25.10 -23.77
CA GLY B 339 26.27 -24.90 -25.03
C GLY B 339 25.57 -25.56 -26.21
N GLU B 340 24.85 -26.68 -25.96
CA GLU B 340 24.20 -27.28 -27.12
C GLU B 340 22.98 -26.49 -27.60
N VAL B 341 22.56 -25.43 -26.92
CA VAL B 341 21.36 -24.70 -27.31
C VAL B 341 21.74 -23.30 -27.78
N PHE B 342 22.77 -22.70 -27.20
CA PHE B 342 23.13 -21.29 -27.53
C PHE B 342 23.95 -21.23 -28.82
N ASN B 343 24.79 -22.25 -29.03
CA ASN B 343 25.66 -22.30 -30.23
C ASN B 343 25.01 -23.20 -31.27
N ALA B 344 23.70 -23.45 -31.14
CA ALA B 344 22.97 -24.31 -32.10
C ALA B 344 22.90 -23.71 -33.50
N THR B 345 22.83 -24.56 -34.53
CA THR B 345 22.72 -24.17 -35.92
C THR B 345 21.32 -24.38 -36.50
N ARG B 346 20.37 -24.88 -35.71
CA ARG B 346 19.05 -25.24 -36.21
C ARG B 346 17.97 -24.81 -35.22
N PHE B 347 18.03 -23.55 -34.75
CA PHE B 347 16.95 -22.98 -33.94
C PHE B 347 15.55 -23.27 -34.52
N ALA B 348 14.58 -23.43 -33.63
CA ALA B 348 13.20 -23.68 -34.01
C ALA B 348 12.47 -22.41 -34.44
N SER B 349 11.39 -22.61 -35.19
CA SER B 349 10.43 -21.54 -35.45
C SER B 349 9.67 -21.20 -34.18
N VAL B 350 9.27 -19.94 -34.07
CA VAL B 350 8.54 -19.49 -32.87
C VAL B 350 7.17 -20.14 -32.73
N TYR B 351 6.49 -20.50 -33.84
CA TYR B 351 5.20 -21.16 -33.69
C TYR B 351 5.37 -22.58 -33.19
N ALA B 352 6.56 -23.16 -33.36
CA ALA B 352 6.88 -24.53 -33.02
C ALA B 352 8.24 -24.54 -32.32
N TRP B 353 8.34 -23.76 -31.25
CA TRP B 353 9.61 -23.55 -30.58
C TRP B 353 10.11 -24.83 -29.91
N ASN B 354 11.43 -24.94 -29.81
CA ASN B 354 12.08 -26.07 -29.19
C ASN B 354 12.25 -25.84 -27.70
N ARG B 355 12.25 -26.95 -26.98
CA ARG B 355 12.52 -26.94 -25.56
C ARG B 355 13.52 -28.03 -25.22
N LYS B 356 14.65 -27.66 -24.60
CA LYS B 356 15.61 -28.62 -24.11
C LYS B 356 15.58 -28.51 -22.60
N ARG B 357 15.44 -29.65 -21.92
CA ARG B 357 15.46 -29.66 -20.48
C ARG B 357 16.86 -29.97 -19.95
N ILE B 358 17.35 -29.12 -19.05
CA ILE B 358 18.68 -29.24 -18.48
C ILE B 358 18.58 -29.63 -17.01
N SER B 359 19.25 -30.72 -16.62
CA SER B 359 19.19 -31.24 -15.26
C SER B 359 20.46 -32.01 -14.92
N ASN B 360 20.63 -32.25 -13.62
CA ASN B 360 21.69 -33.06 -13.02
C ASN B 360 23.09 -32.61 -13.44
N CYS B 361 23.36 -31.32 -13.21
CA CYS B 361 24.60 -30.73 -13.68
C CYS B 361 24.93 -29.47 -12.88
N VAL B 362 26.14 -28.97 -13.06
CA VAL B 362 26.60 -27.74 -12.45
C VAL B 362 26.47 -26.63 -13.49
N ALA B 363 25.74 -25.58 -13.13
CA ALA B 363 25.42 -24.49 -14.05
C ALA B 363 26.29 -23.31 -13.69
N ASP B 364 27.30 -23.08 -14.52
CA ASP B 364 28.22 -21.98 -14.34
C ASP B 364 27.68 -20.83 -15.17
N TYR B 365 27.10 -19.84 -14.50
CA TYR B 365 26.46 -18.75 -15.19
C TYR B 365 27.38 -17.56 -15.37
N SER B 366 28.63 -17.63 -14.89
CA SER B 366 29.49 -16.49 -15.10
C SER B 366 30.01 -16.48 -16.53
N VAL B 367 30.09 -17.65 -17.16
CA VAL B 367 30.49 -17.73 -18.56
C VAL B 367 29.38 -17.17 -19.45
N LEU B 368 28.13 -17.54 -19.17
CA LEU B 368 27.00 -17.06 -19.96
C LEU B 368 26.71 -15.59 -19.69
N TYR B 369 26.79 -15.18 -18.43
CA TYR B 369 26.48 -13.80 -18.06
C TYR B 369 27.61 -12.86 -18.46
N ASN B 370 28.85 -13.30 -18.31
CA ASN B 370 30.01 -12.48 -18.59
C ASN B 370 30.37 -12.55 -20.06
N SER B 371 29.58 -13.27 -20.86
CA SER B 371 29.83 -13.27 -22.28
C SER B 371 29.44 -11.90 -22.81
N ALA B 372 30.20 -11.42 -23.77
CA ALA B 372 29.94 -10.17 -24.45
C ALA B 372 29.06 -10.34 -25.68
N SER B 373 28.67 -11.56 -25.99
CA SER B 373 28.02 -11.87 -27.26
C SER B 373 26.52 -11.69 -27.27
N PHE B 374 25.89 -11.41 -26.13
CA PHE B 374 24.45 -11.31 -26.07
C PHE B 374 24.08 -9.83 -25.95
N SER B 375 23.02 -9.43 -26.65
CA SER B 375 22.57 -8.04 -26.61
C SER B 375 21.50 -7.77 -25.57
N THR B 376 20.74 -8.79 -25.18
CA THR B 376 19.70 -8.68 -24.17
C THR B 376 19.95 -9.75 -23.12
N PHE B 377 19.88 -9.35 -21.85
CA PHE B 377 19.93 -10.30 -20.75
C PHE B 377 19.11 -9.61 -19.66
N LYS B 378 17.80 -9.79 -19.71
CA LYS B 378 16.90 -9.15 -18.77
C LYS B 378 16.30 -10.30 -17.97
N CYS B 379 16.40 -10.24 -16.65
CA CYS B 379 15.90 -11.27 -15.76
C CYS B 379 14.68 -10.82 -14.96
N TYR B 380 13.74 -11.76 -14.73
CA TYR B 380 12.52 -11.50 -14.00
C TYR B 380 12.45 -12.51 -12.86
N GLY B 381 12.34 -12.03 -11.62
CA GLY B 381 12.23 -12.93 -10.51
C GLY B 381 13.55 -13.21 -9.82
N VAL B 382 14.64 -13.12 -10.58
CA VAL B 382 16.00 -13.26 -10.10
C VAL B 382 16.77 -12.07 -10.69
N SER B 383 17.89 -11.71 -10.05
CA SER B 383 18.79 -10.73 -10.62
C SER B 383 19.85 -11.43 -11.48
N PRO B 384 20.27 -10.82 -12.60
CA PRO B 384 21.27 -11.48 -13.46
C PRO B 384 22.65 -11.63 -12.85
N THR B 385 23.02 -10.82 -11.85
CA THR B 385 24.38 -10.89 -11.30
C THR B 385 24.49 -11.72 -10.03
N LYS B 386 23.38 -12.26 -9.53
CA LYS B 386 23.39 -13.13 -8.36
C LYS B 386 23.01 -14.55 -8.75
N LEU B 387 22.82 -14.80 -10.04
CA LEU B 387 22.36 -16.09 -10.57
C LEU B 387 23.28 -17.25 -10.21
N ASN B 388 24.58 -17.00 -10.14
CA ASN B 388 25.55 -18.06 -9.87
C ASN B 388 25.53 -18.55 -8.43
N ASP B 389 24.82 -17.88 -7.52
CA ASP B 389 24.75 -18.31 -6.13
C ASP B 389 23.50 -19.13 -5.80
N LEU B 390 22.62 -19.35 -6.77
CA LEU B 390 21.34 -20.01 -6.57
C LEU B 390 21.33 -21.46 -7.07
N CYS B 391 20.38 -22.21 -6.53
CA CYS B 391 20.08 -23.56 -6.99
C CYS B 391 18.61 -23.69 -7.37
N PHE B 392 18.40 -24.37 -8.48
CA PHE B 392 17.09 -24.65 -9.04
C PHE B 392 16.73 -26.11 -9.15
N THR B 393 15.44 -26.43 -9.05
CA THR B 393 15.07 -27.81 -9.36
C THR B 393 15.50 -28.40 -10.76
N ASN B 394 15.04 -27.70 -11.78
CA ASN B 394 15.38 -27.98 -13.18
C ASN B 394 15.24 -26.65 -13.91
N VAL B 395 15.98 -26.52 -15.01
CA VAL B 395 15.88 -25.36 -15.89
C VAL B 395 15.51 -25.78 -17.31
N TYR B 396 14.51 -25.10 -17.88
CA TYR B 396 14.10 -25.28 -19.27
C TYR B 396 14.68 -24.14 -20.11
N ALA B 397 15.23 -24.50 -21.27
CA ALA B 397 15.78 -23.55 -22.22
C ALA B 397 14.95 -23.62 -23.50
N ASP B 398 14.11 -22.60 -23.69
CA ASP B 398 13.22 -22.52 -24.83
C ASP B 398 13.92 -21.63 -25.86
N SER B 399 13.85 -22.00 -27.14
CA SER B 399 14.56 -21.23 -28.14
C SER B 399 13.75 -21.08 -29.41
N PHE B 400 13.88 -19.90 -30.03
CA PHE B 400 13.16 -19.54 -31.25
C PHE B 400 13.80 -18.30 -31.84
N VAL B 401 13.45 -18.02 -33.11
CA VAL B 401 13.84 -16.79 -33.80
C VAL B 401 12.62 -15.90 -33.97
N ILE B 402 12.75 -14.62 -33.61
CA ILE B 402 11.70 -13.62 -33.79
C ILE B 402 12.27 -12.37 -34.45
N ARG B 403 11.34 -11.47 -34.79
CA ARG B 403 11.64 -10.19 -35.42
C ARG B 403 12.17 -9.19 -34.40
N GLY B 404 13.12 -8.35 -34.83
CA GLY B 404 13.75 -7.37 -33.95
C GLY B 404 12.80 -6.53 -33.13
N ASP B 405 11.75 -5.98 -33.75
CA ASP B 405 10.78 -5.18 -33.01
C ASP B 405 10.00 -6.01 -32.00
N GLU B 406 9.98 -7.32 -32.18
CA GLU B 406 9.21 -8.26 -31.38
C GLU B 406 10.00 -8.83 -30.20
N VAL B 407 11.26 -8.43 -30.01
CA VAL B 407 12.04 -8.91 -28.87
C VAL B 407 11.42 -8.41 -27.57
N ARG B 408 10.83 -7.21 -27.60
CA ARG B 408 10.21 -6.60 -26.44
C ARG B 408 8.98 -7.35 -25.96
N GLN B 409 8.34 -8.15 -26.84
CA GLN B 409 7.14 -8.88 -26.46
C GLN B 409 7.43 -10.14 -25.66
N ILE B 410 8.67 -10.62 -25.65
CA ILE B 410 9.03 -11.85 -24.92
C ILE B 410 9.33 -11.42 -23.50
N ALA B 411 8.26 -11.17 -22.75
CA ALA B 411 8.33 -10.67 -21.38
C ALA B 411 6.98 -10.93 -20.72
N PRO B 412 6.93 -10.99 -19.39
CA PRO B 412 5.63 -11.04 -18.72
C PRO B 412 4.80 -9.80 -19.00
N GLY B 413 3.49 -10.01 -19.14
CA GLY B 413 2.55 -8.91 -19.28
C GLY B 413 2.55 -8.22 -20.62
N GLN B 414 3.00 -8.88 -21.68
CA GLN B 414 3.07 -8.26 -23.00
C GLN B 414 1.92 -8.75 -23.88
N THR B 415 1.59 -7.93 -24.88
CA THR B 415 0.60 -8.28 -25.87
C THR B 415 1.20 -8.09 -27.26
N GLY B 416 0.59 -8.75 -28.22
CA GLY B 416 1.04 -8.70 -29.60
C GLY B 416 0.86 -10.05 -30.26
N LYS B 417 1.17 -10.14 -31.55
CA LYS B 417 0.93 -11.35 -32.30
C LYS B 417 1.75 -12.52 -31.78
N ILE B 418 2.96 -12.25 -31.29
CA ILE B 418 3.81 -13.34 -30.83
C ILE B 418 3.44 -13.73 -29.41
N ALA B 419 3.32 -12.73 -28.54
CA ALA B 419 2.97 -12.95 -27.14
C ALA B 419 1.62 -13.64 -27.00
N ASP B 420 0.69 -13.36 -27.91
CA ASP B 420 -0.65 -13.91 -27.82
C ASP B 420 -0.85 -15.21 -28.58
N TYR B 421 -0.19 -15.42 -29.74
CA TYR B 421 -0.49 -16.60 -30.52
C TYR B 421 0.67 -17.58 -30.67
N ASN B 422 1.89 -17.26 -30.24
CA ASN B 422 3.03 -18.14 -30.49
C ASN B 422 3.71 -18.62 -29.22
N TYR B 423 4.13 -17.70 -28.37
CA TYR B 423 4.87 -18.03 -27.16
C TYR B 423 4.43 -17.08 -26.07
N LYS B 424 3.68 -17.60 -25.11
CA LYS B 424 3.12 -16.80 -24.04
C LYS B 424 3.98 -17.05 -22.81
N LEU B 425 4.46 -15.98 -22.21
CA LEU B 425 5.20 -16.22 -20.99
C LEU B 425 4.30 -15.89 -19.80
N PRO B 426 4.34 -16.66 -18.71
CA PRO B 426 3.51 -16.33 -17.55
C PRO B 426 3.96 -15.08 -16.82
N ASP B 427 3.00 -14.49 -16.10
CA ASP B 427 3.25 -13.24 -15.37
C ASP B 427 4.08 -13.44 -14.13
N ASP B 428 4.10 -14.66 -13.58
CA ASP B 428 4.93 -15.00 -12.43
C ASP B 428 6.19 -15.73 -12.86
N PHE B 429 6.62 -15.52 -14.10
CA PHE B 429 7.81 -16.14 -14.66
C PHE B 429 9.06 -15.83 -13.83
N THR B 430 9.83 -16.86 -13.56
CA THR B 430 11.12 -16.73 -12.91
C THR B 430 12.15 -17.22 -13.91
N GLY B 431 13.07 -16.36 -14.30
CA GLY B 431 13.99 -16.70 -15.36
C GLY B 431 14.58 -15.48 -16.01
N CYS B 432 15.35 -15.73 -17.06
CA CYS B 432 16.02 -14.71 -17.84
C CYS B 432 15.73 -14.91 -19.31
N VAL B 433 15.45 -13.81 -20.00
CA VAL B 433 15.18 -13.79 -21.43
C VAL B 433 16.42 -13.26 -22.16
N ILE B 434 16.99 -14.09 -23.01
CA ILE B 434 18.25 -13.80 -23.68
C ILE B 434 18.02 -13.68 -25.18
N ALA B 435 18.48 -12.58 -25.78
CA ALA B 435 18.34 -12.39 -27.20
C ALA B 435 19.60 -11.74 -27.75
N TRP B 436 19.91 -12.05 -29.01
CA TRP B 436 21.04 -11.42 -29.67
C TRP B 436 20.73 -11.29 -31.16
N ASN B 437 21.35 -10.31 -31.81
CA ASN B 437 21.19 -10.13 -33.24
C ASN B 437 21.89 -11.27 -33.96
N SER B 438 21.17 -11.95 -34.85
CA SER B 438 21.70 -13.09 -35.59
C SER B 438 21.51 -12.90 -37.09
N ASN B 439 21.59 -11.65 -37.55
CA ASN B 439 21.42 -11.33 -38.98
C ASN B 439 22.42 -12.09 -39.85
N ASN B 440 23.65 -12.25 -39.36
CA ASN B 440 24.72 -12.88 -40.12
C ASN B 440 24.61 -14.40 -40.21
N LEU B 441 23.70 -15.01 -39.46
CA LEU B 441 23.49 -16.45 -39.48
C LEU B 441 22.15 -16.80 -40.08
N ASP B 442 21.11 -16.04 -39.75
CA ASP B 442 19.76 -16.37 -40.11
C ASP B 442 19.27 -15.60 -41.33
N SER B 443 19.97 -14.55 -41.73
CA SER B 443 19.52 -13.80 -42.89
C SER B 443 20.16 -14.34 -44.16
N LYS B 444 19.41 -14.29 -45.24
CA LYS B 444 19.87 -14.66 -46.57
C LYS B 444 19.58 -13.49 -47.48
N VAL B 445 20.35 -13.39 -48.57
CA VAL B 445 20.22 -12.25 -49.47
C VAL B 445 18.84 -12.22 -50.12
N GLY B 446 18.34 -13.37 -50.58
CA GLY B 446 17.00 -13.32 -51.14
C GLY B 446 15.90 -13.38 -50.09
N GLY B 447 16.27 -13.66 -48.85
CA GLY B 447 15.37 -13.80 -47.72
C GLY B 447 15.23 -15.23 -47.23
N ASN B 448 15.37 -15.42 -45.91
CA ASN B 448 15.21 -16.72 -45.26
C ASN B 448 13.78 -16.89 -44.75
N TYR B 449 13.04 -17.82 -45.37
CA TYR B 449 11.63 -18.08 -45.10
C TYR B 449 11.38 -19.35 -44.31
N ASN B 450 12.38 -19.86 -43.62
CA ASN B 450 12.24 -21.08 -42.83
C ASN B 450 11.81 -20.80 -41.40
N TYR B 451 11.61 -19.54 -41.04
CA TYR B 451 11.19 -19.15 -39.70
C TYR B 451 9.74 -18.66 -39.82
N LEU B 452 8.83 -19.38 -39.18
CA LEU B 452 7.40 -19.15 -39.28
C LEU B 452 6.78 -18.68 -37.97
N TYR B 453 5.68 -17.94 -38.07
CA TYR B 453 4.96 -17.53 -36.88
C TYR B 453 3.47 -17.69 -37.14
N ARG B 454 2.69 -17.90 -36.08
CA ARG B 454 1.25 -17.98 -36.20
C ARG B 454 0.69 -16.56 -36.16
N LEU B 455 -0.13 -16.21 -37.14
CA LEU B 455 -0.65 -14.84 -37.22
C LEU B 455 -2.07 -14.70 -36.70
N PHE B 456 -2.91 -15.70 -36.89
CA PHE B 456 -4.31 -15.68 -36.45
C PHE B 456 -4.58 -16.92 -35.62
N ARG B 457 -5.35 -16.74 -34.55
CA ARG B 457 -5.78 -17.85 -33.71
C ARG B 457 -7.10 -17.47 -33.07
N LYS B 458 -7.94 -18.49 -32.87
CA LYS B 458 -9.27 -18.30 -32.27
C LYS B 458 -9.17 -17.72 -30.86
N SER B 459 -8.15 -18.09 -30.10
CA SER B 459 -8.00 -17.56 -28.74
C SER B 459 -6.52 -17.46 -28.39
N ASN B 460 -6.26 -16.74 -27.31
CA ASN B 460 -4.90 -16.59 -26.80
C ASN B 460 -4.40 -17.89 -26.19
N LEU B 461 -3.08 -18.06 -26.23
CA LEU B 461 -2.42 -19.20 -25.60
C LEU B 461 -2.32 -19.02 -24.09
N LYS B 462 -2.30 -20.16 -23.42
CA LYS B 462 -1.96 -20.18 -22.00
C LYS B 462 -0.43 -20.20 -21.89
N PRO B 463 0.12 -19.81 -20.73
CA PRO B 463 1.58 -19.88 -20.55
C PRO B 463 2.19 -21.24 -20.89
N PHE B 464 3.25 -21.21 -21.71
CA PHE B 464 3.99 -22.39 -22.16
C PHE B 464 3.12 -23.39 -22.94
N GLU B 465 2.00 -22.95 -23.50
CA GLU B 465 1.23 -23.82 -24.38
C GLU B 465 1.78 -23.74 -25.79
N ARG B 466 1.73 -24.87 -26.50
CA ARG B 466 2.11 -24.97 -27.90
C ARG B 466 0.89 -25.28 -28.74
N ASP B 467 0.88 -24.74 -29.96
CA ASP B 467 -0.16 -25.05 -30.94
C ASP B 467 0.56 -25.21 -32.27
N ILE B 468 0.59 -26.44 -32.79
CA ILE B 468 1.33 -26.75 -34.00
C ILE B 468 0.39 -27.24 -35.12
N SER B 469 -0.90 -26.92 -35.00
CA SER B 469 -1.88 -27.29 -36.01
C SER B 469 -1.80 -26.34 -37.20
N THR B 470 -2.31 -26.79 -38.35
CA THR B 470 -2.36 -25.94 -39.54
C THR B 470 -3.79 -25.70 -39.99
N GLU B 471 -4.74 -25.78 -39.06
CA GLU B 471 -6.15 -25.51 -39.36
C GLU B 471 -6.43 -24.12 -39.89
N ILE B 472 -7.19 -24.06 -40.98
CA ILE B 472 -7.52 -22.81 -41.66
C ILE B 472 -8.29 -21.99 -40.63
N TYR B 473 -7.89 -20.73 -40.48
CA TYR B 473 -8.46 -19.82 -39.49
C TYR B 473 -9.77 -19.26 -40.01
N GLN B 474 -10.81 -19.33 -39.17
CA GLN B 474 -12.13 -18.85 -39.51
C GLN B 474 -12.27 -17.40 -39.11
N ALA B 475 -12.27 -16.50 -40.09
CA ALA B 475 -12.38 -15.08 -39.76
C ALA B 475 -13.83 -14.60 -39.75
N GLY B 476 -14.69 -15.22 -40.58
CA GLY B 476 -16.07 -14.84 -40.69
C GLY B 476 -17.04 -15.87 -40.13
N SER B 477 -18.26 -15.81 -40.64
CA SER B 477 -19.36 -16.70 -40.27
C SER B 477 -19.59 -17.83 -41.26
N THR B 478 -18.98 -17.76 -42.44
CA THR B 478 -19.21 -18.75 -43.50
C THR B 478 -18.18 -19.86 -43.40
N PRO B 479 -18.58 -21.13 -43.30
CA PRO B 479 -17.61 -22.23 -43.26
C PRO B 479 -16.66 -22.23 -44.44
N CYS B 480 -15.39 -22.53 -44.16
CA CYS B 480 -14.36 -22.53 -45.18
C CYS B 480 -14.24 -23.85 -45.91
N ASN B 481 -14.53 -24.97 -45.23
CA ASN B 481 -14.42 -26.32 -45.79
C ASN B 481 -13.00 -26.58 -46.30
N GLY B 482 -12.01 -26.06 -45.57
CA GLY B 482 -10.62 -26.26 -45.87
C GLY B 482 -10.02 -25.36 -46.93
N VAL B 483 -10.75 -24.37 -47.44
CA VAL B 483 -10.25 -23.52 -48.51
C VAL B 483 -9.88 -22.10 -48.09
N GLU B 484 -8.68 -21.64 -48.47
CA GLU B 484 -8.33 -20.23 -48.23
C GLU B 484 -9.17 -19.24 -49.03
N GLY B 485 -9.17 -17.97 -48.60
CA GLY B 485 -9.92 -16.92 -49.30
C GLY B 485 -10.13 -15.75 -48.36
N PHE B 486 -11.05 -14.83 -48.67
CA PHE B 486 -11.32 -13.77 -47.67
C PHE B 486 -12.02 -14.38 -46.46
N ASN B 487 -11.71 -13.91 -45.25
CA ASN B 487 -12.29 -14.48 -43.99
C ASN B 487 -11.97 -15.99 -43.86
N CYS B 488 -11.12 -16.51 -44.75
CA CYS B 488 -10.69 -17.90 -44.62
C CYS B 488 -9.18 -17.79 -44.75
N TYR B 489 -8.48 -17.84 -43.62
CA TYR B 489 -7.06 -17.51 -43.63
C TYR B 489 -6.16 -18.67 -43.23
N PHE B 490 -4.96 -18.72 -43.84
CA PHE B 490 -3.90 -19.62 -43.38
C PHE B 490 -3.22 -19.07 -42.13
N PRO B 491 -3.19 -19.81 -41.01
CA PRO B 491 -2.72 -19.21 -39.75
C PRO B 491 -1.23 -18.86 -39.67
N LEU B 492 -0.36 -19.44 -40.50
CA LEU B 492 1.06 -19.17 -40.34
C LEU B 492 1.57 -18.23 -41.43
N GLN B 493 2.66 -17.53 -41.10
CA GLN B 493 3.40 -16.65 -42.00
C GLN B 493 4.89 -16.65 -41.69
N SER B 494 5.70 -16.36 -42.69
CA SER B 494 7.15 -16.33 -42.52
C SER B 494 7.68 -14.89 -42.41
N TYR B 495 8.82 -14.75 -41.74
CA TYR B 495 9.61 -13.52 -41.69
C TYR B 495 10.62 -13.44 -42.83
N GLY B 496 10.48 -12.43 -43.69
CA GLY B 496 11.39 -12.25 -44.81
C GLY B 496 12.71 -11.61 -44.41
N PHE B 497 13.63 -12.40 -43.86
CA PHE B 497 14.87 -11.83 -43.33
C PHE B 497 15.86 -11.54 -44.45
N GLN B 498 16.21 -10.27 -44.64
CA GLN B 498 17.12 -9.85 -45.68
C GLN B 498 18.21 -8.99 -45.06
N PRO B 499 19.44 -9.02 -45.59
CA PRO B 499 20.53 -8.22 -44.99
C PRO B 499 20.31 -6.72 -45.10
N THR B 500 19.36 -6.25 -45.90
CA THR B 500 19.13 -4.83 -46.08
C THR B 500 17.98 -4.31 -45.23
N ASN B 501 17.39 -5.17 -44.41
CA ASN B 501 16.31 -4.75 -43.52
C ASN B 501 16.85 -3.89 -42.40
N GLY B 502 15.99 -3.03 -41.87
CA GLY B 502 16.35 -2.23 -40.73
C GLY B 502 16.45 -3.11 -39.49
N VAL B 503 17.00 -2.53 -38.42
CA VAL B 503 17.32 -3.27 -37.20
C VAL B 503 16.08 -3.94 -36.64
N GLY B 504 14.93 -3.24 -36.68
CA GLY B 504 13.69 -3.80 -36.19
C GLY B 504 13.17 -4.97 -37.01
N TYR B 505 13.65 -5.13 -38.24
CA TYR B 505 13.24 -6.22 -39.13
C TYR B 505 14.32 -7.27 -39.32
N GLN B 506 15.42 -7.19 -38.57
CA GLN B 506 16.48 -8.18 -38.64
C GLN B 506 16.17 -9.38 -37.74
N PRO B 507 16.69 -10.57 -38.06
CA PRO B 507 16.45 -11.72 -37.19
C PRO B 507 17.19 -11.61 -35.87
N TYR B 508 16.51 -12.03 -34.81
CA TYR B 508 17.12 -12.18 -33.50
C TYR B 508 16.86 -13.60 -33.01
N ARG B 509 17.89 -14.23 -32.44
CA ARG B 509 17.73 -15.53 -31.82
C ARG B 509 17.47 -15.31 -30.35
N VAL B 510 16.43 -15.95 -29.83
CA VAL B 510 16.01 -15.76 -28.45
C VAL B 510 16.07 -17.11 -27.74
N VAL B 511 16.72 -17.12 -26.58
CA VAL B 511 16.74 -18.28 -25.68
C VAL B 511 16.14 -17.83 -24.37
N VAL B 512 15.11 -18.53 -23.90
CA VAL B 512 14.46 -18.22 -22.63
C VAL B 512 14.77 -19.34 -21.66
N LEU B 513 15.42 -18.99 -20.55
CA LEU B 513 15.76 -19.93 -19.50
C LEU B 513 14.74 -19.79 -18.38
N SER B 514 13.90 -20.81 -18.20
CA SER B 514 12.86 -20.77 -17.17
C SER B 514 13.37 -21.48 -15.92
N PHE B 515 13.34 -20.79 -14.78
CA PHE B 515 13.90 -21.34 -13.54
C PHE B 515 12.75 -21.76 -12.64
N GLU B 516 12.60 -23.07 -12.43
CA GLU B 516 11.52 -23.62 -11.61
C GLU B 516 11.97 -23.80 -10.17
N LEU B 517 11.14 -23.35 -9.24
CA LEU B 517 11.43 -23.48 -7.81
C LEU B 517 10.25 -24.22 -7.19
N LEU B 518 10.38 -25.54 -7.08
CA LEU B 518 9.41 -26.39 -6.39
C LEU B 518 10.15 -27.26 -5.38
N HIS B 519 9.40 -27.81 -4.43
CA HIS B 519 9.96 -28.60 -3.33
C HIS B 519 10.37 -29.98 -3.84
N ALA B 520 11.56 -30.05 -4.41
CA ALA B 520 12.07 -31.27 -5.03
C ALA B 520 13.58 -31.22 -4.96
N PRO B 521 14.28 -32.35 -5.17
CA PRO B 521 15.75 -32.30 -5.15
C PRO B 521 16.29 -31.33 -6.19
N ALA B 522 17.27 -30.52 -5.78
CA ALA B 522 17.86 -29.63 -6.76
C ALA B 522 18.92 -30.35 -7.55
N THR B 523 18.93 -30.09 -8.85
CA THR B 523 19.85 -30.71 -9.79
C THR B 523 20.71 -29.71 -10.54
N VAL B 524 20.33 -28.43 -10.56
CA VAL B 524 21.08 -27.37 -11.22
C VAL B 524 21.50 -26.33 -10.19
N CYS B 525 22.81 -26.21 -9.98
CA CYS B 525 23.41 -25.31 -9.01
C CYS B 525 24.54 -24.51 -9.64
N GLY B 526 24.74 -23.29 -9.13
CA GLY B 526 25.82 -22.46 -9.59
C GLY B 526 27.20 -22.96 -9.23
N PRO B 527 28.25 -22.33 -9.79
CA PRO B 527 29.62 -22.81 -9.57
C PRO B 527 30.19 -22.37 -8.22
N LYS B 528 29.52 -22.76 -7.15
CA LYS B 528 29.97 -22.43 -5.81
C LYS B 528 30.86 -23.54 -5.25
N LYS B 529 31.88 -23.16 -4.49
CA LYS B 529 32.72 -24.13 -3.79
C LYS B 529 32.13 -24.35 -2.40
N SER B 530 32.23 -25.59 -1.93
CA SER B 530 31.76 -25.93 -0.59
C SER B 530 32.87 -25.83 0.44
N THR B 531 32.47 -25.59 1.69
CA THR B 531 33.35 -25.50 2.84
C THR B 531 33.07 -26.64 3.80
N ASN B 532 33.88 -26.76 4.84
CA ASN B 532 33.66 -27.77 5.86
C ASN B 532 32.42 -27.44 6.68
N LEU B 533 31.69 -28.48 7.09
CA LEU B 533 30.51 -28.34 7.91
C LEU B 533 30.91 -28.07 9.37
N VAL B 534 30.30 -27.05 9.97
CA VAL B 534 30.54 -26.62 11.35
C VAL B 534 29.27 -26.79 12.17
N LYS B 535 29.38 -27.51 13.29
CA LYS B 535 28.27 -27.77 14.18
C LYS B 535 28.48 -27.08 15.52
N ASN B 536 27.36 -26.84 16.22
CA ASN B 536 27.34 -26.24 17.56
C ASN B 536 27.96 -24.84 17.60
N LYS B 537 27.82 -24.07 16.53
CA LYS B 537 28.35 -22.72 16.52
C LYS B 537 27.39 -21.83 15.75
N CYS B 538 27.39 -20.54 16.08
CA CYS B 538 26.57 -19.59 15.35
C CYS B 538 27.16 -19.35 13.97
N VAL B 539 26.43 -19.74 12.92
CA VAL B 539 26.91 -19.61 11.54
C VAL B 539 25.82 -19.08 10.61
N ASN B 540 26.29 -18.55 9.46
CA ASN B 540 25.47 -18.24 8.29
C ASN B 540 25.48 -19.42 7.34
N PHE B 541 24.33 -20.03 7.09
CA PHE B 541 24.32 -21.23 6.27
C PHE B 541 23.62 -21.03 4.93
N ASN B 542 24.03 -21.86 3.97
CA ASN B 542 23.40 -21.96 2.66
C ASN B 542 23.39 -23.45 2.37
N PHE B 543 22.25 -24.09 2.56
CA PHE B 543 22.09 -25.52 2.33
C PHE B 543 21.26 -25.71 1.07
N ASN B 544 21.93 -25.92 -0.06
CA ASN B 544 21.30 -26.14 -1.36
C ASN B 544 20.28 -25.05 -1.70
N GLY B 545 20.62 -23.80 -1.37
CA GLY B 545 19.77 -22.67 -1.62
C GLY B 545 19.02 -22.16 -0.40
N LEU B 546 18.92 -22.96 0.66
CA LEU B 546 18.26 -22.55 1.89
C LEU B 546 19.22 -21.73 2.72
N THR B 547 18.88 -20.47 2.98
CA THR B 547 19.79 -19.56 3.66
C THR B 547 19.18 -19.03 4.95
N GLY B 548 20.06 -18.73 5.90
CA GLY B 548 19.67 -18.17 7.17
C GLY B 548 20.86 -18.12 8.10
N THR B 549 20.59 -17.70 9.33
CA THR B 549 21.61 -17.58 10.36
C THR B 549 21.21 -18.46 11.54
N GLY B 550 22.16 -19.25 12.06
CA GLY B 550 21.81 -20.08 13.18
C GLY B 550 22.92 -21.03 13.60
N VAL B 551 22.54 -21.91 14.53
CA VAL B 551 23.40 -22.92 15.13
C VAL B 551 22.94 -24.31 14.68
N LEU B 552 23.86 -25.10 14.14
CA LEU B 552 23.58 -26.41 13.59
C LEU B 552 23.87 -27.49 14.63
N THR B 553 22.87 -28.32 14.92
CA THR B 553 22.97 -29.42 15.89
C THR B 553 22.48 -30.71 15.26
N GLU B 554 22.83 -31.83 15.91
CA GLU B 554 22.37 -33.14 15.47
C GLU B 554 20.88 -33.31 15.73
N SER B 555 20.16 -33.81 14.74
CA SER B 555 18.71 -33.96 14.87
C SER B 555 18.36 -35.39 15.26
N ASN B 556 17.23 -35.53 15.95
CA ASN B 556 16.65 -36.83 16.29
C ASN B 556 15.34 -37.06 15.52
N LYS B 557 15.11 -36.29 14.47
CA LYS B 557 13.90 -36.46 13.68
C LYS B 557 14.06 -37.62 12.71
N LYS B 558 12.99 -38.40 12.57
CA LYS B 558 12.99 -39.55 11.68
C LYS B 558 12.49 -39.13 10.31
N PHE B 559 13.39 -38.55 9.51
CA PHE B 559 13.01 -38.16 8.16
C PHE B 559 12.83 -39.38 7.28
N LEU B 560 11.82 -39.33 6.42
CA LEU B 560 11.64 -40.36 5.42
C LEU B 560 12.67 -40.15 4.31
N PRO B 561 13.03 -41.23 3.56
CA PRO B 561 14.07 -41.13 2.52
C PRO B 561 13.91 -40.02 1.49
N PHE B 562 12.71 -39.52 1.27
CA PHE B 562 12.47 -38.49 0.25
C PHE B 562 12.43 -37.07 0.81
N GLN B 563 12.39 -36.90 2.13
CA GLN B 563 12.25 -35.56 2.68
C GLN B 563 13.61 -34.88 2.81
N GLN B 564 13.68 -33.64 2.32
CA GLN B 564 14.94 -32.91 2.25
C GLN B 564 15.08 -31.87 3.34
N PHE B 565 13.97 -31.36 3.85
CA PHE B 565 14.00 -30.34 4.88
C PHE B 565 12.68 -30.41 5.61
N GLY B 566 12.61 -29.72 6.75
CA GLY B 566 11.40 -29.67 7.53
C GLY B 566 10.97 -28.23 7.81
N ARG B 567 9.73 -28.11 8.27
CA ARG B 567 9.19 -26.83 8.66
C ARG B 567 8.49 -26.96 9.99
N ASP B 568 8.45 -25.85 10.72
CA ASP B 568 7.81 -25.79 12.01
C ASP B 568 6.31 -25.54 11.82
N ILE B 569 5.58 -25.42 12.92
CA ILE B 569 4.14 -25.10 12.84
C ILE B 569 3.95 -23.78 12.10
N ALA B 570 4.91 -22.84 12.26
CA ALA B 570 4.90 -21.53 11.61
C ALA B 570 5.17 -21.58 10.11
N ASP B 571 5.48 -22.77 9.56
CA ASP B 571 5.80 -22.99 8.14
C ASP B 571 7.06 -22.24 7.71
N THR B 572 8.05 -22.23 8.58
CA THR B 572 9.38 -21.70 8.32
C THR B 572 10.33 -22.88 8.46
N THR B 573 11.46 -22.82 7.76
CA THR B 573 12.41 -23.94 7.77
C THR B 573 12.98 -24.14 9.17
N ASP B 574 13.00 -25.40 9.63
CA ASP B 574 13.56 -25.69 10.95
C ASP B 574 14.37 -26.99 10.95
N ALA B 575 14.61 -27.58 9.78
CA ALA B 575 15.38 -28.80 9.68
C ALA B 575 15.83 -28.94 8.24
N VAL B 576 17.03 -29.49 8.03
CA VAL B 576 17.54 -29.70 6.68
C VAL B 576 18.32 -31.01 6.60
N ARG B 577 18.20 -31.69 5.46
CA ARG B 577 19.02 -32.83 5.11
C ARG B 577 20.22 -32.29 4.35
N ASP B 578 21.44 -32.60 4.82
CA ASP B 578 22.64 -32.11 4.16
C ASP B 578 22.77 -32.65 2.74
N PRO B 579 23.07 -31.80 1.75
CA PRO B 579 23.14 -32.26 0.35
C PRO B 579 24.31 -33.16 -0.01
N GLN B 580 25.35 -33.28 0.81
CA GLN B 580 26.49 -34.11 0.46
C GLN B 580 26.55 -35.43 1.23
N THR B 581 26.26 -35.40 2.52
CA THR B 581 26.15 -36.59 3.36
C THR B 581 24.71 -36.62 3.82
N LEU B 582 24.05 -37.77 3.74
CA LEU B 582 22.60 -37.78 3.97
C LEU B 582 22.31 -37.85 5.47
N GLU B 583 22.82 -36.83 6.15
CA GLU B 583 22.70 -36.59 7.58
C GLU B 583 21.57 -35.60 7.84
N ILE B 584 20.80 -35.82 8.90
CA ILE B 584 19.73 -34.89 9.26
C ILE B 584 20.19 -33.94 10.37
N LEU B 585 20.11 -32.64 10.09
CA LEU B 585 20.47 -31.58 11.01
C LEU B 585 19.24 -30.79 11.43
N ASP B 586 19.20 -30.35 12.68
CA ASP B 586 18.19 -29.41 13.15
C ASP B 586 18.81 -28.01 13.07
N ILE B 587 18.03 -27.02 12.66
CA ILE B 587 18.54 -25.65 12.56
C ILE B 587 17.80 -24.75 13.53
N THR B 588 18.53 -24.15 14.48
CA THR B 588 17.91 -23.11 15.28
C THR B 588 18.76 -21.84 15.12
N PRO B 589 18.15 -20.66 15.24
CA PRO B 589 18.93 -19.42 15.32
C PRO B 589 19.81 -19.31 16.55
N CYS B 590 20.80 -18.42 16.43
CA CYS B 590 21.74 -18.13 17.49
C CYS B 590 21.08 -17.40 18.66
N SER B 591 21.58 -17.67 19.87
CA SER B 591 20.98 -17.18 21.10
C SER B 591 20.84 -15.66 21.08
N PHE B 592 19.65 -15.18 21.43
CA PHE B 592 19.37 -13.77 21.52
C PHE B 592 18.36 -13.42 22.59
N GLY B 593 18.27 -12.13 22.90
CA GLY B 593 17.30 -11.66 23.85
C GLY B 593 17.45 -10.18 24.13
N GLY B 594 16.42 -9.64 24.79
CA GLY B 594 16.38 -8.23 25.08
C GLY B 594 17.36 -7.84 26.17
N VAL B 595 17.73 -6.57 26.15
CA VAL B 595 18.61 -6.03 27.17
C VAL B 595 17.84 -4.94 27.92
N SER B 596 17.71 -5.14 29.22
CA SER B 596 17.05 -4.21 30.10
C SER B 596 18.11 -3.66 31.03
N VAL B 597 18.04 -2.37 31.31
CA VAL B 597 19.02 -1.72 32.17
C VAL B 597 18.33 -1.46 33.49
N ILE B 598 18.90 -2.01 34.56
CA ILE B 598 18.32 -1.84 35.89
C ILE B 598 19.08 -0.68 36.49
N THR B 599 18.36 0.37 36.87
CA THR B 599 19.07 1.51 37.40
C THR B 599 18.33 2.37 38.40
N PRO B 600 19.02 2.90 39.41
CA PRO B 600 18.47 4.02 40.15
C PRO B 600 18.55 5.24 39.26
N GLY B 601 17.78 6.27 39.59
CA GLY B 601 17.78 7.46 38.77
C GLY B 601 19.10 8.19 38.80
N THR B 602 19.30 9.02 37.75
CA THR B 602 20.52 9.82 37.65
C THR B 602 20.60 10.91 38.70
N ASN B 603 19.52 11.13 39.46
CA ASN B 603 19.53 12.03 40.60
C ASN B 603 20.39 11.48 41.72
N THR B 604 20.57 10.15 41.77
CA THR B 604 21.27 9.47 42.84
C THR B 604 22.60 8.85 42.41
N SER B 605 22.63 8.11 41.30
CA SER B 605 23.85 7.43 40.92
C SER B 605 23.81 7.09 39.43
N ASN B 606 25.00 7.02 38.84
CA ASN B 606 25.17 6.61 37.44
C ASN B 606 25.56 5.15 37.30
N GLN B 607 25.52 4.38 38.38
CA GLN B 607 25.83 2.96 38.33
C GLN B 607 24.60 2.21 37.82
N VAL B 608 24.79 1.27 36.90
CA VAL B 608 23.69 0.50 36.34
C VAL B 608 23.99 -0.99 36.37
N ALA B 609 22.93 -1.77 36.21
CA ALA B 609 22.98 -3.23 36.02
C ALA B 609 22.22 -3.55 34.74
N VAL B 610 22.65 -4.62 34.07
CA VAL B 610 22.05 -5.00 32.79
C VAL B 610 21.47 -6.40 32.88
N LEU B 611 20.22 -6.54 32.45
CA LEU B 611 19.53 -7.81 32.40
C LEU B 611 19.44 -8.29 30.95
N TYR B 612 19.99 -9.47 30.66
CA TYR B 612 19.84 -10.09 29.36
C TYR B 612 18.70 -11.09 29.49
N GLN B 613 17.53 -10.75 28.95
CA GLN B 613 16.34 -11.51 29.28
C GLN B 613 16.28 -12.85 28.55
N ASP B 614 16.12 -13.91 29.34
CA ASP B 614 16.05 -15.31 28.90
C ASP B 614 17.24 -15.72 28.02
N VAL B 615 18.44 -15.33 28.46
CA VAL B 615 19.70 -15.74 27.77
C VAL B 615 20.62 -16.29 28.88
N ASN B 616 21.24 -17.45 28.68
CA ASN B 616 22.04 -18.09 29.76
C ASN B 616 23.33 -17.29 30.03
N CYS B 617 23.79 -17.27 31.29
CA CYS B 617 25.01 -16.50 31.69
C CYS B 617 26.19 -16.77 30.76
N THR B 618 26.39 -18.02 30.38
CA THR B 618 27.53 -18.41 29.52
C THR B 618 27.61 -17.72 28.16
N GLU B 619 26.48 -17.51 27.49
CA GLU B 619 26.50 -16.93 26.11
C GLU B 619 26.47 -15.41 26.20
N VAL B 620 26.40 -14.84 27.40
CA VAL B 620 26.26 -13.36 27.51
C VAL B 620 27.45 -12.63 26.87
N PRO B 621 28.74 -12.93 27.18
CA PRO B 621 29.86 -12.19 26.59
C PRO B 621 30.08 -12.34 25.08
N ASN B 641 30.12 -10.09 39.44
CA ASN B 641 28.73 -9.95 39.86
C ASN B 641 27.80 -10.46 38.77
N VAL B 642 27.87 -11.79 38.56
CA VAL B 642 26.94 -12.45 37.59
C VAL B 642 25.94 -13.23 38.44
N PHE B 643 24.66 -12.93 38.31
CA PHE B 643 23.59 -13.60 39.06
C PHE B 643 22.54 -14.24 38.15
N GLN B 644 22.47 -15.57 38.24
CA GLN B 644 21.44 -16.27 37.43
C GLN B 644 20.07 -16.32 38.09
N THR B 645 19.04 -15.91 37.38
CA THR B 645 17.64 -15.97 37.81
C THR B 645 16.68 -16.41 36.70
N ARG B 646 15.41 -16.55 37.07
CA ARG B 646 14.38 -16.97 36.12
C ARG B 646 14.30 -16.09 34.87
N ALA B 647 14.40 -14.77 35.04
CA ALA B 647 14.37 -13.92 33.84
C ALA B 647 15.58 -14.00 32.93
N GLY B 648 16.70 -14.52 33.46
CA GLY B 648 18.00 -14.66 32.85
C GLY B 648 19.19 -14.34 33.73
N CYS B 649 20.27 -14.05 33.01
CA CYS B 649 21.51 -13.61 33.71
C CYS B 649 21.68 -12.14 34.00
N LEU B 650 21.66 -11.80 35.27
CA LEU B 650 21.67 -10.40 35.72
C LEU B 650 23.06 -10.08 36.25
N ILE B 651 23.75 -9.21 35.52
CA ILE B 651 25.15 -8.85 35.74
C ILE B 651 25.23 -7.38 36.14
N GLY B 652 25.96 -7.14 37.24
CA GLY B 652 26.18 -5.83 37.82
C GLY B 652 25.45 -5.62 39.12
N ALA B 653 24.51 -6.50 39.47
CA ALA B 653 23.78 -6.42 40.72
C ALA B 653 24.33 -7.51 41.65
N GLU B 654 24.59 -7.14 42.91
CA GLU B 654 25.08 -8.10 43.89
C GLU B 654 23.91 -8.83 44.54
N HIS B 655 23.91 -10.16 44.46
CA HIS B 655 22.83 -10.93 45.06
C HIS B 655 23.03 -11.05 46.56
N VAL B 656 21.99 -10.69 47.31
CA VAL B 656 22.03 -10.82 48.80
C VAL B 656 20.78 -11.57 49.23
N ASN B 657 20.91 -12.47 50.22
CA ASN B 657 19.75 -13.27 50.70
C ASN B 657 18.69 -12.34 51.33
N ASN B 658 19.13 -11.31 52.06
CA ASN B 658 18.18 -10.38 52.76
C ASN B 658 17.08 -9.92 51.82
N SER B 659 15.81 -10.07 52.23
CA SER B 659 14.68 -9.62 51.43
C SER B 659 14.28 -8.18 51.79
N TYR B 660 13.74 -7.47 50.81
CA TYR B 660 13.28 -6.09 51.01
C TYR B 660 12.04 -5.85 50.16
N GLU B 661 11.48 -4.64 50.28
CA GLU B 661 10.37 -4.27 49.42
C GLU B 661 10.86 -4.14 47.98
N CYS B 662 10.01 -4.51 47.03
CA CYS B 662 10.38 -4.36 45.63
C CYS B 662 10.58 -2.90 45.25
N ASP B 663 11.71 -2.59 44.65
CA ASP B 663 11.98 -1.25 44.19
C ASP B 663 12.00 -1.36 42.67
N ILE B 664 13.05 -1.95 42.12
CA ILE B 664 13.09 -2.24 40.69
C ILE B 664 12.80 -3.72 40.49
N PRO B 665 11.67 -4.08 39.90
CA PRO B 665 11.33 -5.49 39.69
C PRO B 665 12.21 -6.12 38.63
N ILE B 666 12.62 -7.36 38.86
CA ILE B 666 13.37 -8.13 37.88
C ILE B 666 12.46 -9.14 37.19
N GLY B 667 11.70 -9.88 37.98
CA GLY B 667 10.75 -10.85 37.50
C GLY B 667 10.96 -12.13 38.28
N ALA B 668 9.92 -12.97 38.33
CA ALA B 668 9.99 -14.27 39.01
C ALA B 668 10.44 -14.14 40.46
N GLY B 669 9.95 -13.10 41.14
CA GLY B 669 10.25 -12.93 42.54
C GLY B 669 11.49 -12.14 42.86
N ILE B 670 12.27 -11.74 41.87
CA ILE B 670 13.50 -11.00 42.11
C ILE B 670 13.21 -9.52 41.90
N CYS B 671 13.65 -8.70 42.84
CA CYS B 671 13.56 -7.25 42.73
C CYS B 671 14.95 -6.68 43.00
N ALA B 672 15.19 -5.46 42.54
CA ALA B 672 16.48 -4.80 42.75
C ALA B 672 16.30 -3.43 43.37
N SER B 673 17.33 -2.99 44.09
CA SER B 673 17.32 -1.68 44.72
C SER B 673 18.74 -1.17 44.90
N TYR B 674 18.86 0.13 45.15
CA TYR B 674 20.14 0.78 45.40
C TYR B 674 20.28 1.03 46.90
N GLN B 675 21.25 0.38 47.52
CA GLN B 675 21.44 0.49 48.96
C GLN B 675 22.92 0.55 49.32
N GLN B 687 27.15 3.12 48.85
CA GLN B 687 25.90 2.47 48.50
C GLN B 687 26.10 1.75 47.16
N SER B 688 25.30 0.73 46.88
CA SER B 688 25.42 -0.01 45.63
C SER B 688 24.09 -0.63 45.23
N ILE B 689 24.06 -1.19 44.03
CA ILE B 689 22.88 -1.89 43.51
C ILE B 689 22.92 -3.34 43.97
N ILE B 690 21.81 -3.81 44.54
CA ILE B 690 21.70 -5.18 45.03
C ILE B 690 20.52 -5.85 44.34
N ALA B 691 20.55 -7.18 44.32
CA ALA B 691 19.46 -8.01 43.81
C ALA B 691 19.04 -8.96 44.91
N TYR B 692 17.74 -9.21 45.02
CA TYR B 692 17.27 -10.08 46.09
C TYR B 692 15.93 -10.69 45.77
N THR B 693 15.60 -11.73 46.53
CA THR B 693 14.27 -12.32 46.53
C THR B 693 13.38 -11.42 47.38
N MET B 694 12.23 -11.04 46.85
CA MET B 694 11.39 -10.05 47.52
C MET B 694 10.73 -10.58 48.79
N SER B 695 10.58 -9.67 49.75
CA SER B 695 9.83 -9.96 50.96
C SER B 695 8.36 -9.72 50.66
N LEU B 696 7.50 -10.53 51.26
CA LEU B 696 6.07 -10.34 51.05
C LEU B 696 5.45 -9.53 52.18
N GLY B 697 6.26 -9.08 53.13
CA GLY B 697 5.80 -8.35 54.29
C GLY B 697 6.31 -9.01 55.56
N ALA B 698 6.16 -8.28 56.66
CA ALA B 698 6.58 -8.84 57.94
C ALA B 698 5.65 -10.00 58.30
N GLU B 699 6.19 -11.01 58.97
CA GLU B 699 5.34 -12.10 59.41
C GLU B 699 4.64 -11.72 60.71
N ASN B 700 3.42 -12.23 60.89
CA ASN B 700 2.67 -11.97 62.12
C ASN B 700 1.87 -13.23 62.43
N SER B 701 2.32 -14.01 63.41
CA SER B 701 1.55 -15.17 63.83
C SER B 701 0.45 -14.69 64.78
N VAL B 702 -0.80 -15.00 64.44
CA VAL B 702 -1.92 -14.53 65.25
C VAL B 702 -2.12 -15.50 66.42
N ALA B 703 -2.29 -14.94 67.61
CA ALA B 703 -2.43 -15.72 68.84
C ALA B 703 -3.85 -16.31 68.94
N TYR B 704 -4.15 -17.20 68.00
CA TYR B 704 -5.48 -17.78 67.93
C TYR B 704 -5.69 -18.87 68.97
N SER B 705 -6.85 -18.82 69.60
CA SER B 705 -7.34 -19.85 70.49
C SER B 705 -8.85 -19.80 70.41
N ASN B 706 -9.50 -20.81 70.98
CA ASN B 706 -10.95 -20.90 70.89
C ASN B 706 -11.66 -19.91 71.83
N ASN B 707 -10.93 -19.26 72.72
CA ASN B 707 -11.54 -18.37 73.71
C ASN B 707 -10.79 -17.05 73.92
N SER B 708 -10.14 -16.48 72.89
CA SER B 708 -9.40 -15.22 73.07
C SER B 708 -9.75 -14.10 72.09
N ILE B 709 -10.14 -12.93 72.62
CA ILE B 709 -10.46 -11.74 71.83
C ILE B 709 -9.62 -10.52 72.16
N ALA B 710 -9.14 -9.82 71.11
CA ALA B 710 -8.40 -8.57 71.21
C ALA B 710 -9.37 -7.42 70.95
N ILE B 711 -9.25 -6.33 71.72
CA ILE B 711 -10.12 -5.15 71.53
C ILE B 711 -9.33 -3.85 71.69
N PRO B 712 -9.44 -2.93 70.71
CA PRO B 712 -8.69 -1.66 70.73
C PRO B 712 -8.95 -0.77 71.94
N THR B 713 -7.88 -0.20 72.51
CA THR B 713 -8.06 0.74 73.64
C THR B 713 -8.13 2.14 73.04
N ASN B 714 -7.03 2.89 73.10
CA ASN B 714 -7.01 4.20 72.41
C ASN B 714 -7.20 3.85 70.94
N PHE B 715 -7.96 4.66 70.23
CA PHE B 715 -8.17 4.41 68.77
C PHE B 715 -7.58 5.57 67.98
N THR B 716 -7.29 5.36 66.70
CA THR B 716 -6.78 6.47 65.89
C THR B 716 -7.70 6.72 64.70
N ILE B 717 -7.67 7.96 64.20
CA ILE B 717 -8.34 8.34 62.96
C ILE B 717 -7.29 8.64 61.89
N SER B 718 -7.40 7.96 60.76
CA SER B 718 -6.48 8.07 59.64
C SER B 718 -7.17 8.69 58.43
N VAL B 719 -6.44 9.52 57.70
CA VAL B 719 -6.91 10.11 56.45
C VAL B 719 -6.03 9.62 55.30
N THR B 720 -6.64 8.95 54.33
CA THR B 720 -5.96 8.39 53.17
C THR B 720 -6.31 9.21 51.94
N THR B 721 -5.31 9.52 51.12
CA THR B 721 -5.49 10.27 49.89
C THR B 721 -5.60 9.32 48.69
N GLU B 722 -6.70 9.41 47.95
CA GLU B 722 -6.92 8.62 46.75
C GLU B 722 -7.03 9.55 45.55
N ILE B 723 -6.19 9.31 44.54
CA ILE B 723 -6.09 10.16 43.36
C ILE B 723 -6.59 9.38 42.15
N LEU B 724 -7.57 9.95 41.42
CA LEU B 724 -8.07 9.26 40.24
C LEU B 724 -8.07 10.20 39.03
N PRO B 725 -7.59 9.73 37.88
CA PRO B 725 -7.79 10.45 36.62
C PRO B 725 -9.27 10.57 36.27
N VAL B 726 -9.68 11.73 35.76
CA VAL B 726 -11.05 11.92 35.29
C VAL B 726 -11.10 12.26 33.80
N SER B 727 -10.19 13.11 33.32
CA SER B 727 -10.27 13.53 31.93
C SER B 727 -8.86 13.63 31.37
N MET B 728 -8.80 13.82 30.05
CA MET B 728 -7.59 13.95 29.26
C MET B 728 -7.82 15.13 28.33
N THR B 729 -6.74 15.78 27.89
CA THR B 729 -6.88 16.89 26.95
C THR B 729 -7.64 16.56 25.68
N LYS B 730 -8.61 17.41 25.33
CA LYS B 730 -9.52 17.20 24.21
C LYS B 730 -8.93 17.66 22.88
N THR B 731 -8.13 16.79 22.27
CA THR B 731 -7.51 17.16 21.00
C THR B 731 -8.51 16.99 19.85
N SER B 732 -8.23 17.68 18.74
CA SER B 732 -9.07 17.63 17.53
C SER B 732 -8.16 17.67 16.31
N VAL B 733 -8.11 16.57 15.56
CA VAL B 733 -7.14 16.53 14.43
C VAL B 733 -7.92 16.66 13.13
N ASP B 734 -7.89 17.82 12.49
CA ASP B 734 -8.52 17.92 11.15
C ASP B 734 -7.61 17.14 10.22
N CYS B 735 -8.05 15.99 9.72
CA CYS B 735 -7.12 15.17 8.91
C CYS B 735 -6.76 15.89 7.61
N THR B 736 -7.71 16.58 6.99
CA THR B 736 -7.39 17.18 5.67
C THR B 736 -6.17 18.10 5.83
N MET B 737 -5.92 18.62 7.02
CA MET B 737 -4.71 19.44 7.23
C MET B 737 -3.52 18.57 7.63
N TYR B 738 -3.74 17.54 8.46
CA TYR B 738 -2.64 16.64 8.87
C TYR B 738 -2.09 15.88 7.66
N ILE B 739 -2.94 15.46 6.72
CA ILE B 739 -2.45 14.60 5.60
C ILE B 739 -2.12 15.46 4.36
N CYS B 740 -2.93 16.47 4.03
CA CYS B 740 -2.64 17.28 2.86
C CYS B 740 -2.55 18.76 3.17
N GLY B 741 -1.80 19.14 4.20
CA GLY B 741 -1.75 20.52 4.66
C GLY B 741 -1.43 21.56 3.60
N ASP B 742 -2.36 22.52 3.49
CA ASP B 742 -2.29 23.66 2.57
C ASP B 742 -2.07 23.25 1.11
N SER B 743 -2.67 22.12 0.71
CA SER B 743 -2.53 21.65 -0.66
C SER B 743 -3.87 21.22 -1.23
N THR B 744 -4.34 21.97 -2.24
CA THR B 744 -5.61 21.65 -2.88
C THR B 744 -5.50 20.36 -3.68
N GLU B 745 -4.38 20.18 -4.39
CA GLU B 745 -4.16 19.00 -5.22
C GLU B 745 -4.10 17.74 -4.35
N CYS B 746 -3.44 17.84 -3.20
CA CYS B 746 -3.37 16.70 -2.31
C CYS B 746 -4.75 16.42 -1.74
N SER B 747 -5.49 17.47 -1.35
CA SER B 747 -6.83 17.28 -0.81
C SER B 747 -7.72 16.57 -1.82
N ASN B 748 -7.59 16.94 -3.10
CA ASN B 748 -8.38 16.29 -4.14
C ASN B 748 -7.98 14.83 -4.28
N LEU B 749 -6.69 14.52 -4.17
CA LEU B 749 -6.29 13.11 -4.18
C LEU B 749 -6.83 12.39 -2.96
N LEU B 750 -6.88 13.03 -1.80
CA LEU B 750 -7.35 12.30 -0.60
C LEU B 750 -8.85 12.02 -0.78
N LEU B 751 -9.56 12.88 -1.50
CA LEU B 751 -11.00 12.66 -1.60
C LEU B 751 -11.34 11.33 -2.27
N GLN B 752 -10.35 10.69 -2.88
CA GLN B 752 -10.53 9.42 -3.56
C GLN B 752 -10.63 8.25 -2.58
N TYR B 753 -10.37 8.50 -1.29
CA TYR B 753 -10.45 7.54 -0.19
C TYR B 753 -11.71 7.71 0.63
N GLY B 754 -12.66 8.49 0.15
CA GLY B 754 -13.97 8.64 0.78
C GLY B 754 -14.01 9.25 2.17
N SER B 755 -14.66 8.54 3.10
CA SER B 755 -14.93 9.01 4.45
C SER B 755 -13.96 8.58 5.55
N PHE B 756 -12.81 7.97 5.23
CA PHE B 756 -11.91 7.48 6.30
C PHE B 756 -11.55 8.70 7.14
N CYS B 757 -11.30 9.79 6.43
CA CYS B 757 -11.05 11.09 7.13
C CYS B 757 -12.24 11.75 7.99
N THR B 758 -13.43 11.43 7.48
CA THR B 758 -14.64 11.75 8.27
C THR B 758 -15.10 10.89 9.45
N GLN B 759 -14.77 9.60 9.47
CA GLN B 759 -15.13 8.77 10.61
C GLN B 759 -14.06 8.88 11.70
N LEU B 760 -12.82 9.23 11.32
CA LEU B 760 -11.80 9.45 12.36
C LEU B 760 -12.07 10.74 13.12
N ASN B 761 -12.45 11.80 12.40
CA ASN B 761 -12.77 13.09 13.05
C ASN B 761 -14.05 12.94 13.87
N ARG B 762 -15.00 12.12 13.41
CA ARG B 762 -16.22 11.89 14.17
C ARG B 762 -15.88 11.17 15.47
N ALA B 763 -14.98 10.19 15.39
CA ALA B 763 -14.57 9.47 16.60
C ALA B 763 -13.89 10.41 17.58
N LEU B 764 -13.04 11.33 17.09
CA LEU B 764 -12.36 12.26 18.01
C LEU B 764 -13.33 13.30 18.57
N THR B 765 -14.32 13.73 17.80
CA THR B 765 -15.34 14.65 18.33
C THR B 765 -16.11 13.94 19.44
N GLY B 766 -16.44 12.68 19.20
CA GLY B 766 -17.11 11.86 20.19
C GLY B 766 -16.27 11.75 21.46
N ILE B 767 -14.95 11.65 21.30
CA ILE B 767 -14.06 11.58 22.46
C ILE B 767 -14.14 12.88 23.27
N ALA B 768 -14.09 14.04 22.59
CA ALA B 768 -14.17 15.32 23.31
C ALA B 768 -15.50 15.44 24.08
N VAL B 769 -16.60 15.02 23.43
CA VAL B 769 -17.91 15.05 24.07
C VAL B 769 -17.94 14.09 25.25
N GLU B 770 -17.35 12.91 25.07
CA GLU B 770 -17.23 11.90 26.12
C GLU B 770 -16.49 12.45 27.33
N GLN B 771 -15.45 13.26 27.09
CA GLN B 771 -14.66 13.80 28.20
C GLN B 771 -15.46 14.84 28.97
N ASP B 772 -16.29 15.61 28.25
CA ASP B 772 -17.12 16.58 28.96
C ASP B 772 -18.21 15.86 29.74
N LYS B 773 -18.72 14.76 29.19
CA LYS B 773 -19.72 13.97 29.92
C LYS B 773 -19.12 13.37 31.18
N ASN B 774 -17.87 12.86 31.08
CA ASN B 774 -17.21 12.29 32.25
C ASN B 774 -17.07 13.33 33.34
N THR B 775 -16.70 14.56 32.96
CA THR B 775 -16.57 15.64 33.93
C THR B 775 -17.80 16.01 34.76
N GLN B 776 -18.95 16.12 34.08
CA GLN B 776 -20.21 16.43 34.76
C GLN B 776 -20.88 15.30 35.58
N GLU B 777 -20.53 14.08 35.16
CA GLU B 777 -20.95 12.88 35.88
C GLU B 777 -20.11 12.86 37.15
N VAL B 778 -18.85 13.29 37.08
CA VAL B 778 -18.05 13.26 38.30
C VAL B 778 -18.38 14.44 39.21
N PHE B 779 -18.45 15.65 38.67
CA PHE B 779 -18.62 16.82 39.53
C PHE B 779 -20.04 17.37 39.64
N ALA B 780 -20.88 17.30 38.60
CA ALA B 780 -22.20 17.93 38.67
C ALA B 780 -23.26 17.00 39.27
N GLN B 781 -23.02 16.58 40.51
CA GLN B 781 -23.95 15.72 41.21
C GLN B 781 -24.78 16.44 42.26
N VAL B 782 -24.62 17.75 42.40
CA VAL B 782 -25.33 18.55 43.39
C VAL B 782 -26.19 19.59 42.68
N LYS B 783 -27.46 19.69 43.07
CA LYS B 783 -28.34 20.63 42.37
C LYS B 783 -27.97 22.08 42.69
N GLN B 784 -27.59 22.35 43.94
CA GLN B 784 -27.33 23.69 44.42
C GLN B 784 -25.89 23.89 44.89
N ILE B 785 -25.44 25.15 44.85
CA ILE B 785 -24.12 25.51 45.35
C ILE B 785 -24.27 25.91 46.81
N TYR B 786 -23.84 25.02 47.72
CA TYR B 786 -24.02 25.26 49.14
C TYR B 786 -22.86 26.10 49.66
N LYS B 787 -23.14 26.94 50.66
CA LYS B 787 -22.11 27.74 51.29
C LYS B 787 -22.10 27.56 52.80
N THR B 788 -20.90 27.67 53.37
CA THR B 788 -20.66 27.62 54.80
C THR B 788 -21.00 28.97 55.43
N PRO B 789 -21.26 29.02 56.73
CA PRO B 789 -21.51 30.30 57.39
C PRO B 789 -20.23 31.11 57.50
N PRO B 790 -20.35 32.45 57.64
CA PRO B 790 -19.17 33.27 57.96
C PRO B 790 -18.38 32.84 59.18
N ILE B 791 -19.02 32.28 60.20
CA ILE B 791 -18.35 31.84 61.41
C ILE B 791 -18.16 30.34 61.27
N LYS B 792 -16.92 29.93 61.01
CA LYS B 792 -16.60 28.53 60.73
C LYS B 792 -16.33 27.78 62.03
N ASP B 793 -17.38 27.66 62.84
CA ASP B 793 -17.31 26.91 64.09
C ASP B 793 -17.88 25.55 63.74
N PHE B 794 -17.00 24.63 63.35
CA PHE B 794 -17.39 23.30 62.93
C PHE B 794 -16.70 22.25 63.79
N GLY B 795 -16.91 22.37 65.11
CA GLY B 795 -16.48 21.31 66.06
C GLY B 795 -15.06 21.40 66.56
N GLY B 796 -14.32 22.43 66.19
CA GLY B 796 -12.90 22.44 66.56
C GLY B 796 -12.16 21.63 65.52
N PHE B 797 -12.90 21.06 64.56
CA PHE B 797 -12.28 20.25 63.48
C PHE B 797 -11.85 21.21 62.37
N ASN B 798 -10.55 21.42 62.19
CA ASN B 798 -10.07 22.42 61.20
C ASN B 798 -10.34 21.92 59.78
N PHE B 799 -10.97 22.74 58.94
CA PHE B 799 -11.29 22.36 57.54
C PHE B 799 -10.75 23.46 56.62
N SER B 800 -10.20 24.50 57.24
CA SER B 800 -9.69 25.64 56.43
C SER B 800 -8.79 25.04 55.35
N GLN B 801 -8.14 23.92 55.65
CA GLN B 801 -7.21 23.30 54.69
C GLN B 801 -7.93 22.75 53.45
N ILE B 802 -9.17 22.24 53.54
CA ILE B 802 -9.85 21.62 52.37
C ILE B 802 -10.96 22.52 51.82
N LEU B 803 -11.40 23.50 52.61
CA LEU B 803 -12.50 24.43 52.24
C LEU B 803 -11.87 25.65 51.57
N PRO B 804 -12.55 26.34 50.63
CA PRO B 804 -11.94 27.45 49.91
C PRO B 804 -11.45 28.63 50.75
N ASP B 805 -10.30 29.20 50.41
CA ASP B 805 -9.81 30.41 51.13
C ASP B 805 -10.14 31.64 50.28
N PRO B 806 -10.94 32.59 50.78
CA PRO B 806 -11.36 33.75 50.00
C PRO B 806 -10.20 34.65 49.57
N SER B 807 -9.19 34.82 50.42
CA SER B 807 -8.09 35.78 50.12
C SER B 807 -7.34 35.49 48.81
N LYS B 808 -6.93 34.25 48.58
CA LYS B 808 -6.32 33.94 47.26
C LYS B 808 -7.43 34.02 46.22
N PRO B 809 -7.21 34.62 45.02
CA PRO B 809 -8.24 34.68 43.98
C PRO B 809 -9.13 33.44 43.77
N SER B 810 -8.59 32.38 43.16
CA SER B 810 -9.29 31.14 42.95
C SER B 810 -9.68 30.57 44.30
N LYS B 811 -10.98 30.34 44.51
CA LYS B 811 -11.50 29.93 45.81
C LYS B 811 -11.33 28.42 45.96
N ARG B 812 -10.05 28.04 46.01
CA ARG B 812 -9.55 26.70 46.19
C ARG B 812 -9.08 26.53 47.62
N SER B 813 -8.90 25.29 48.04
CA SER B 813 -8.37 25.11 49.37
C SER B 813 -6.85 25.23 49.30
N PRO B 814 -6.20 25.29 50.46
CA PRO B 814 -4.75 25.38 50.47
C PRO B 814 -4.15 24.12 49.83
N ILE B 815 -4.65 22.94 50.22
CA ILE B 815 -4.19 21.69 49.59
C ILE B 815 -4.51 21.69 48.10
N GLU B 816 -5.71 22.16 47.70
CA GLU B 816 -6.02 22.21 46.27
C GLU B 816 -5.06 23.13 45.50
N ASP B 817 -4.73 24.29 46.08
CA ASP B 817 -3.75 25.20 45.46
C ASP B 817 -2.41 24.49 45.36
N LEU B 818 -2.07 23.68 46.37
CA LEU B 818 -0.83 22.90 46.37
C LEU B 818 -0.84 21.87 45.25
N LEU B 819 -1.96 21.19 45.07
CA LEU B 819 -2.09 20.16 44.06
C LEU B 819 -1.98 20.75 42.67
N PHE B 820 -2.56 21.94 42.47
CA PHE B 820 -2.53 22.56 41.16
C PHE B 820 -1.11 23.07 40.89
N ASN B 821 -0.43 23.58 41.92
CA ASN B 821 0.93 24.07 41.72
C ASN B 821 1.87 22.90 41.43
N LYS B 822 1.63 21.74 42.04
CA LYS B 822 2.48 20.58 41.76
C LYS B 822 2.22 20.05 40.36
N VAL B 823 0.95 19.98 39.95
CA VAL B 823 0.60 19.50 38.61
C VAL B 823 -0.18 20.56 37.85
N LEU B 846 5.08 23.95 20.40
CA LEU B 846 4.46 22.76 19.83
C LEU B 846 2.99 22.97 19.45
N ILE B 847 2.20 23.60 20.33
CA ILE B 847 0.77 23.77 20.05
C ILE B 847 0.60 24.58 18.77
N CYS B 848 1.53 25.49 18.51
CA CYS B 848 1.51 26.19 17.23
C CYS B 848 1.92 25.23 16.13
N ALA B 849 3.01 24.49 16.36
CA ALA B 849 3.54 23.51 15.40
C ALA B 849 2.50 22.41 15.12
N GLN B 850 1.75 22.03 16.14
CA GLN B 850 0.70 21.03 15.96
C GLN B 850 -0.46 21.63 15.20
N LYS B 851 -0.92 22.80 15.65
CA LYS B 851 -2.06 23.48 15.06
C LYS B 851 -1.83 23.66 13.57
N PHE B 852 -0.58 23.97 13.19
CA PHE B 852 -0.20 24.24 11.80
C PHE B 852 -0.45 23.04 10.90
N ASN B 853 -0.64 21.85 11.48
CA ASN B 853 -1.02 20.70 10.70
C ASN B 853 -2.47 20.31 10.98
N GLY B 854 -3.22 21.19 11.63
CA GLY B 854 -4.62 20.94 11.89
C GLY B 854 -4.96 20.09 13.08
N LEU B 855 -4.08 19.98 14.08
CA LEU B 855 -4.41 19.11 15.21
C LEU B 855 -4.47 20.08 16.38
N THR B 856 -5.66 20.63 16.61
CA THR B 856 -5.90 21.64 17.62
C THR B 856 -6.43 21.01 18.89
N VAL B 857 -6.40 21.81 19.96
CA VAL B 857 -6.91 21.43 21.26
C VAL B 857 -8.00 22.41 21.69
N LEU B 858 -9.15 21.87 22.06
CA LEU B 858 -10.40 22.48 22.49
C LEU B 858 -10.37 22.71 23.99
N PRO B 859 -10.87 23.84 24.47
CA PRO B 859 -10.92 24.08 25.90
C PRO B 859 -11.95 23.21 26.58
N PRO B 860 -11.72 22.79 27.82
CA PRO B 860 -12.77 22.12 28.60
C PRO B 860 -13.96 23.04 28.78
N LEU B 861 -15.15 22.44 28.84
CA LEU B 861 -16.35 23.23 29.10
C LEU B 861 -16.33 23.84 30.50
N LEU B 862 -15.89 23.08 31.49
CA LEU B 862 -15.82 23.55 32.88
C LEU B 862 -14.41 23.97 33.26
N THR B 863 -14.26 25.25 33.58
CA THR B 863 -12.99 25.84 33.98
C THR B 863 -12.69 25.44 35.41
N ASP B 864 -11.44 25.68 35.81
CA ASP B 864 -10.99 25.39 37.16
C ASP B 864 -11.82 26.13 38.22
N GLU B 865 -12.29 27.35 37.93
CA GLU B 865 -13.12 28.06 38.90
C GLU B 865 -14.47 27.37 39.11
N MET B 866 -15.07 26.78 38.08
CA MET B 866 -16.35 26.11 38.31
C MET B 866 -16.13 24.74 38.93
N ILE B 867 -14.99 24.12 38.64
CA ILE B 867 -14.69 22.86 39.29
C ILE B 867 -14.47 23.12 40.78
N ALA B 868 -13.77 24.22 41.09
CA ALA B 868 -13.60 24.62 42.48
C ALA B 868 -14.93 24.92 43.14
N GLN B 869 -15.87 25.56 42.41
CA GLN B 869 -17.19 25.80 42.97
C GLN B 869 -17.96 24.51 43.22
N TYR B 870 -17.85 23.52 42.33
CA TYR B 870 -18.50 22.23 42.59
C TYR B 870 -17.89 21.52 43.78
N THR B 871 -16.56 21.52 43.90
CA THR B 871 -15.95 20.85 45.04
C THR B 871 -16.23 21.59 46.34
N SER B 872 -16.31 22.92 46.26
CA SER B 872 -16.67 23.73 47.42
C SER B 872 -18.10 23.46 47.85
N ALA B 873 -19.02 23.36 46.89
CA ALA B 873 -20.41 23.06 47.21
C ALA B 873 -20.56 21.67 47.80
N LEU B 874 -19.87 20.68 47.23
CA LEU B 874 -19.97 19.32 47.73
C LEU B 874 -19.37 19.19 49.13
N LEU B 875 -18.22 19.84 49.37
CA LEU B 875 -17.60 19.76 50.69
C LEU B 875 -18.40 20.55 51.72
N ALA B 876 -18.88 21.73 51.36
CA ALA B 876 -19.70 22.52 52.27
C ALA B 876 -20.98 21.77 52.60
N GLY B 877 -21.54 21.07 51.61
CA GLY B 877 -22.72 20.27 51.86
C GLY B 877 -22.43 19.14 52.83
N THR B 878 -21.34 18.40 52.59
CA THR B 878 -20.98 17.30 53.50
C THR B 878 -20.78 17.79 54.92
N ILE B 879 -20.10 18.93 55.08
CA ILE B 879 -19.77 19.45 56.40
C ILE B 879 -21.02 19.94 57.12
N THR B 880 -21.91 20.62 56.43
CA THR B 880 -23.05 21.21 57.11
C THR B 880 -24.29 20.32 57.10
N SER B 881 -24.36 19.30 56.25
CA SER B 881 -25.55 18.47 56.15
C SER B 881 -25.35 16.96 56.19
N GLY B 882 -24.13 16.45 56.40
CA GLY B 882 -23.93 15.01 56.33
C GLY B 882 -24.29 14.49 54.96
N TRP B 883 -25.12 13.44 54.91
CA TRP B 883 -25.53 12.85 53.64
C TRP B 883 -26.89 13.33 53.18
N THR B 884 -27.56 14.20 53.95
CA THR B 884 -28.93 14.58 53.63
C THR B 884 -29.03 15.44 52.38
N PHE B 885 -27.98 16.19 52.04
CA PHE B 885 -28.05 17.03 50.85
C PHE B 885 -28.03 16.21 49.57
N GLY B 886 -27.61 14.97 49.64
CA GLY B 886 -27.51 14.07 48.50
C GLY B 886 -28.74 13.23 48.22
N ALA B 887 -29.77 13.32 49.07
CA ALA B 887 -30.97 12.52 48.91
C ALA B 887 -32.24 13.37 48.96
N GLY B 888 -32.14 14.67 48.72
CA GLY B 888 -33.27 15.57 48.83
C GLY B 888 -32.84 16.92 49.38
N PRO B 889 -33.73 17.62 50.08
CA PRO B 889 -33.35 18.90 50.66
C PRO B 889 -32.28 18.69 51.72
N ALA B 890 -31.34 19.63 51.81
CA ALA B 890 -30.32 19.53 52.83
C ALA B 890 -30.85 19.89 54.21
N LEU B 891 -30.70 18.97 55.15
CA LEU B 891 -30.97 19.29 56.55
C LEU B 891 -29.71 19.88 57.14
N GLN B 892 -29.85 20.80 58.07
CA GLN B 892 -28.68 21.18 58.84
C GLN B 892 -28.52 20.22 60.01
N ILE B 893 -27.27 19.95 60.39
CA ILE B 893 -26.92 19.14 61.56
C ILE B 893 -25.58 19.64 62.07
N PRO B 894 -25.40 19.75 63.39
CA PRO B 894 -24.07 20.02 63.96
C PRO B 894 -23.06 18.96 63.55
N PHE B 895 -21.82 19.40 63.28
CA PHE B 895 -20.78 18.50 62.80
C PHE B 895 -20.49 17.39 63.80
N PRO B 896 -20.50 17.70 65.11
CA PRO B 896 -20.27 16.66 66.10
C PRO B 896 -21.37 15.60 66.06
N MET B 897 -22.62 16.02 65.80
CA MET B 897 -23.70 15.04 65.72
C MET B 897 -23.57 14.22 64.45
N GLN B 898 -23.12 14.87 63.36
CA GLN B 898 -22.84 14.16 62.12
C GLN B 898 -21.79 13.08 62.37
N MET B 899 -20.77 13.43 63.16
CA MET B 899 -19.73 12.50 63.52
C MET B 899 -20.32 11.35 64.31
N ALA B 900 -21.32 11.66 65.15
CA ALA B 900 -22.02 10.64 65.94
C ALA B 900 -22.76 9.67 65.03
N TYR B 901 -23.35 10.18 63.94
CA TYR B 901 -24.05 9.29 63.03
C TYR B 901 -23.06 8.38 62.33
N ARG B 902 -21.91 8.94 61.94
CA ARG B 902 -20.90 8.15 61.24
C ARG B 902 -20.27 7.10 62.15
N PHE B 903 -20.09 7.42 63.43
CA PHE B 903 -19.63 6.45 64.41
C PHE B 903 -20.64 5.33 64.61
N ASN B 904 -21.93 5.68 64.68
CA ASN B 904 -22.96 4.66 64.80
C ASN B 904 -22.92 3.77 63.55
N GLY B 905 -22.72 4.39 62.39
CA GLY B 905 -22.65 3.65 61.14
C GLY B 905 -21.52 2.62 61.12
N ILE B 906 -20.39 2.95 61.75
CA ILE B 906 -19.27 2.00 61.75
C ILE B 906 -19.33 1.06 62.95
N GLY B 907 -20.44 1.07 63.68
CA GLY B 907 -20.57 0.14 64.79
C GLY B 907 -19.93 0.59 66.08
N VAL B 908 -19.75 1.89 66.28
CA VAL B 908 -19.17 2.44 67.49
C VAL B 908 -20.20 3.34 68.13
N THR B 909 -20.40 3.19 69.43
CA THR B 909 -21.48 3.91 70.08
C THR B 909 -21.13 5.41 70.12
N GLN B 910 -22.17 6.24 70.29
CA GLN B 910 -22.02 7.70 70.24
C GLN B 910 -21.14 8.20 71.39
N ASN B 911 -21.17 7.51 72.51
CA ASN B 911 -20.44 7.95 73.69
C ASN B 911 -18.93 7.91 73.52
N VAL B 912 -18.40 7.10 72.60
CA VAL B 912 -16.96 7.07 72.40
C VAL B 912 -16.55 8.41 71.82
N LEU B 913 -17.33 8.87 70.85
CA LEU B 913 -17.15 10.18 70.25
C LEU B 913 -17.31 11.30 71.25
N TYR B 914 -18.40 11.31 72.01
CA TYR B 914 -18.58 12.50 72.84
C TYR B 914 -17.55 12.55 73.97
N GLU B 915 -17.25 11.41 74.58
CA GLU B 915 -16.24 11.38 75.63
C GLU B 915 -14.86 11.73 75.09
N ASN B 916 -14.53 11.35 73.85
CA ASN B 916 -13.21 11.64 73.28
C ASN B 916 -13.22 12.71 72.17
N GLN B 917 -14.22 13.62 72.16
CA GLN B 917 -14.37 14.60 71.08
C GLN B 917 -13.12 15.46 70.87
N LYS B 918 -12.42 15.80 71.95
CA LYS B 918 -11.25 16.65 71.81
C LYS B 918 -10.08 15.91 71.17
N LEU B 919 -9.85 14.67 71.59
CA LEU B 919 -8.80 13.85 71.00
C LEU B 919 -9.09 13.55 69.53
N ILE B 920 -10.36 13.31 69.22
CA ILE B 920 -10.77 12.99 67.85
C ILE B 920 -10.52 14.22 66.98
N ALA B 921 -10.89 15.40 67.47
CA ALA B 921 -10.64 16.63 66.73
C ALA B 921 -9.14 16.89 66.55
N ASN B 922 -8.34 16.62 67.59
CA ASN B 922 -6.90 16.84 67.48
C ASN B 922 -6.25 15.83 66.53
N GLN B 923 -6.68 14.57 66.59
CA GLN B 923 -6.15 13.54 65.71
C GLN B 923 -6.50 13.83 64.27
N PHE B 924 -7.72 14.34 64.05
CA PHE B 924 -8.18 14.71 62.72
C PHE B 924 -7.31 15.85 62.20
N ASN B 925 -7.04 16.85 63.05
CA ASN B 925 -6.21 17.98 62.65
C ASN B 925 -4.80 17.61 62.21
N SER B 926 -4.19 16.66 62.94
CA SER B 926 -2.87 16.19 62.59
C SER B 926 -2.85 15.35 61.31
N ALA B 927 -3.92 14.55 61.13
CA ALA B 927 -4.05 13.75 59.92
C ALA B 927 -4.16 14.69 58.73
N ILE B 928 -4.90 15.80 58.87
CA ILE B 928 -4.99 16.76 57.78
C ILE B 928 -3.64 17.41 57.52
N GLY B 929 -2.93 17.80 58.59
CA GLY B 929 -1.59 18.33 58.41
C GLY B 929 -0.64 17.33 57.77
N LYS B 930 -0.80 16.05 58.11
CA LYS B 930 0.02 15.00 57.51
C LYS B 930 -0.27 14.87 56.02
N ILE B 931 -1.53 15.04 55.62
CA ILE B 931 -1.86 14.97 54.19
C ILE B 931 -1.21 16.14 53.45
N GLN B 932 -1.32 17.35 54.03
CA GLN B 932 -0.68 18.52 53.42
C GLN B 932 0.82 18.32 53.24
N ASP B 933 1.47 17.80 54.29
CA ASP B 933 2.91 17.60 54.23
C ASP B 933 3.30 16.49 53.26
N SER B 934 2.53 15.39 53.25
CA SER B 934 2.83 14.29 52.34
C SER B 934 2.70 14.71 50.89
N LEU B 935 1.64 15.47 50.55
CA LEU B 935 1.48 15.92 49.18
C LEU B 935 2.55 16.97 48.81
N SER B 936 2.89 17.86 49.75
CA SER B 936 3.91 18.86 49.49
C SER B 936 5.29 18.22 49.30
N SER B 937 5.57 17.14 50.04
CA SER B 937 6.89 16.50 50.01
C SER B 937 7.05 15.55 48.83
N THR B 938 6.12 14.61 48.65
CA THR B 938 6.34 13.52 47.71
C THR B 938 5.81 13.90 46.32
N PRO B 939 6.74 14.10 45.39
CA PRO B 939 6.41 14.51 44.03
C PRO B 939 5.64 13.43 43.28
N SER B 940 5.90 12.16 43.58
CA SER B 940 5.31 11.05 42.85
C SER B 940 3.88 10.75 43.29
N ALA B 941 3.37 11.47 44.30
CA ALA B 941 2.05 11.20 44.85
C ALA B 941 0.96 11.32 43.80
N LEU B 942 1.13 12.20 42.82
CA LEU B 942 0.12 12.43 41.79
C LEU B 942 0.49 11.74 40.47
N GLY B 943 1.27 10.67 40.58
CA GLY B 943 1.69 9.89 39.43
C GLY B 943 0.54 9.42 38.57
N LYS B 944 -0.62 9.13 39.19
CA LYS B 944 -1.79 8.68 38.44
C LYS B 944 -2.28 9.73 37.46
N LEU B 945 -2.14 11.02 37.78
CA LEU B 945 -2.56 12.03 36.82
C LEU B 945 -1.42 12.40 35.89
N GLN B 946 -0.19 12.39 36.42
CA GLN B 946 0.96 12.75 35.60
C GLN B 946 1.22 11.73 34.50
N ASP B 947 0.97 10.43 34.76
CA ASP B 947 1.15 9.44 33.71
C ASP B 947 0.16 9.64 32.56
N VAL B 948 -1.06 10.06 32.88
CA VAL B 948 -2.06 10.32 31.84
C VAL B 948 -1.64 11.52 31.00
N VAL B 949 -1.18 12.59 31.67
CA VAL B 949 -0.70 13.77 30.95
C VAL B 949 0.48 13.40 30.07
N ASN B 950 1.40 12.58 30.58
CA ASN B 950 2.57 12.16 29.83
C ASN B 950 2.18 11.27 28.65
N GLN B 951 1.21 10.37 28.84
CA GLN B 951 0.77 9.51 27.74
C GLN B 951 0.14 10.32 26.63
N ASN B 952 -0.61 11.37 26.96
CA ASN B 952 -1.20 12.17 25.90
C ASN B 952 -0.14 13.02 25.21
N ALA B 953 0.84 13.53 25.99
CA ALA B 953 1.93 14.29 25.40
C ALA B 953 2.75 13.42 24.47
N GLN B 954 3.02 12.17 24.87
CA GLN B 954 3.77 11.25 24.03
C GLN B 954 2.97 10.87 22.79
N ALA B 955 1.66 10.65 22.94
CA ALA B 955 0.83 10.29 21.78
C ALA B 955 0.83 11.40 20.74
N LEU B 956 0.73 12.65 21.20
CA LEU B 956 0.73 13.77 20.28
C LEU B 956 2.12 14.02 19.70
N ASN B 957 3.16 13.86 20.52
CA ASN B 957 4.51 14.08 20.01
C ASN B 957 4.88 13.00 19.00
N THR B 958 4.44 11.77 19.23
CA THR B 958 4.70 10.69 18.26
C THR B 958 3.95 10.91 16.98
N LEU B 959 2.66 11.29 17.08
CA LEU B 959 1.85 11.53 15.89
C LEU B 959 2.44 12.65 15.05
N VAL B 960 2.84 13.74 15.71
CA VAL B 960 3.43 14.88 15.02
C VAL B 960 4.79 14.50 14.42
N LYS B 961 5.61 13.76 15.17
CA LYS B 961 6.91 13.32 14.66
C LYS B 961 6.77 12.39 13.45
N GLN B 962 5.64 11.69 13.32
CA GLN B 962 5.42 10.83 12.16
C GLN B 962 5.34 11.62 10.87
N LEU B 963 5.11 12.93 10.95
CA LEU B 963 5.08 13.79 9.78
C LEU B 963 6.46 14.02 9.17
N SER B 964 7.51 13.70 9.93
CA SER B 964 8.89 13.82 9.45
C SER B 964 9.36 12.53 8.80
N SER B 965 8.51 11.52 8.77
CA SER B 965 8.82 10.23 8.17
C SER B 965 8.57 10.31 6.67
N ASN B 966 9.38 9.58 5.90
CA ASN B 966 9.24 9.62 4.45
C ASN B 966 8.13 8.69 3.97
N PHE B 967 7.91 7.56 4.66
CA PHE B 967 6.92 6.55 4.32
C PHE B 967 7.14 5.98 2.92
N GLY B 968 8.37 6.05 2.43
CA GLY B 968 8.73 5.56 1.12
C GLY B 968 8.84 6.64 0.05
N ALA B 969 8.40 7.85 0.35
CA ALA B 969 8.49 8.96 -0.59
C ALA B 969 9.92 9.48 -0.66
N ILE B 970 10.24 10.18 -1.74
CA ILE B 970 11.56 10.80 -1.86
C ILE B 970 11.76 11.92 -0.85
N SER B 971 10.69 12.48 -0.29
CA SER B 971 10.82 13.54 0.70
C SER B 971 9.55 13.59 1.55
N SER B 972 9.75 13.89 2.84
CA SER B 972 8.68 14.09 3.82
C SER B 972 7.92 15.41 3.68
N VAL B 973 8.44 16.38 2.92
CA VAL B 973 7.82 17.69 2.84
C VAL B 973 6.89 17.76 1.63
N LEU B 974 5.60 18.01 1.90
CA LEU B 974 4.58 18.02 0.87
C LEU B 974 4.83 19.16 -0.11
N ASN B 975 5.29 20.31 0.41
CA ASN B 975 5.58 21.44 -0.46
C ASN B 975 6.77 21.14 -1.36
N ASP B 976 7.73 20.34 -0.87
CA ASP B 976 8.89 20.00 -1.68
C ASP B 976 8.52 19.00 -2.75
N ILE B 977 7.63 18.06 -2.43
CA ILE B 977 7.18 17.09 -3.44
C ILE B 977 6.45 17.82 -4.56
N LEU B 978 5.54 18.73 -4.18
CA LEU B 978 4.78 19.45 -5.20
C LEU B 978 5.64 20.44 -5.96
N SER B 979 6.76 20.86 -5.36
CA SER B 979 7.61 21.87 -6.04
C SER B 979 8.61 21.20 -6.98
N ARG B 980 8.85 19.90 -6.85
CA ARG B 980 9.90 19.26 -7.69
C ARG B 980 9.31 18.29 -8.72
N LEU B 981 8.10 17.78 -8.50
CA LEU B 981 7.59 16.73 -9.42
C LEU B 981 6.31 17.18 -10.13
N ASP B 982 6.16 16.85 -11.41
CA ASP B 982 4.95 17.22 -12.20
C ASP B 982 3.79 16.35 -11.73
N PRO B 983 2.52 16.71 -11.99
CA PRO B 983 1.38 15.94 -11.46
C PRO B 983 1.31 14.44 -11.81
N PRO B 984 1.70 13.93 -13.00
CA PRO B 984 1.60 12.48 -13.24
C PRO B 984 2.41 11.61 -12.27
N GLU B 985 3.64 12.01 -11.91
CA GLU B 985 4.46 11.24 -10.93
C GLU B 985 4.09 11.68 -9.52
N ALA B 986 4.04 12.99 -9.26
CA ALA B 986 3.60 13.53 -7.98
C ALA B 986 2.44 12.71 -7.44
N GLU B 987 1.57 12.18 -8.31
CA GLU B 987 0.43 11.42 -7.80
C GLU B 987 0.88 10.14 -7.09
N VAL B 988 1.92 9.48 -7.61
CA VAL B 988 2.41 8.26 -6.95
C VAL B 988 3.12 8.60 -5.64
N GLN B 989 3.97 9.64 -5.65
CA GLN B 989 4.69 9.96 -4.41
C GLN B 989 3.74 10.49 -3.34
N ILE B 990 2.72 11.26 -3.75
CA ILE B 990 1.76 11.77 -2.78
C ILE B 990 0.91 10.63 -2.26
N ASP B 991 0.48 9.70 -3.13
CA ASP B 991 -0.29 8.53 -2.69
C ASP B 991 0.50 7.73 -1.64
N ARG B 992 1.82 7.64 -1.81
CA ARG B 992 2.65 6.94 -0.84
C ARG B 992 2.64 7.68 0.50
N LEU B 993 2.69 9.02 0.44
CA LEU B 993 2.65 9.83 1.65
C LEU B 993 1.28 9.75 2.30
N ILE B 994 0.21 9.69 1.49
CA ILE B 994 -1.14 9.60 2.00
C ILE B 994 -1.32 8.30 2.77
N THR B 995 -0.82 7.19 2.20
CA THR B 995 -0.93 5.90 2.86
C THR B 995 -0.23 5.91 4.21
N GLY B 996 1.00 6.45 4.26
CA GLY B 996 1.71 6.46 5.52
C GLY B 996 1.10 7.38 6.57
N ARG B 997 0.67 8.58 6.16
CA ARG B 997 0.10 9.53 7.12
C ARG B 997 -1.29 9.11 7.59
N LEU B 998 -2.08 8.52 6.69
CA LEU B 998 -3.40 8.03 7.06
C LEU B 998 -3.30 6.85 8.02
N GLN B 999 -2.35 5.94 7.77
CA GLN B 999 -2.18 4.83 8.70
C GLN B 999 -1.73 5.32 10.07
N SER B 1000 -0.86 6.34 10.10
CA SER B 1000 -0.42 6.88 11.39
C SER B 1000 -1.56 7.57 12.12
N LEU B 1001 -2.43 8.27 11.39
CA LEU B 1001 -3.54 8.94 12.04
C LEU B 1001 -4.56 7.94 12.55
N GLN B 1002 -4.80 6.86 11.79
CA GLN B 1002 -5.72 5.82 12.25
C GLN B 1002 -5.18 5.15 13.51
N THR B 1003 -3.86 4.94 13.58
CA THR B 1003 -3.25 4.35 14.76
C THR B 1003 -3.44 5.28 15.97
N TYR B 1004 -3.21 6.58 15.75
CA TYR B 1004 -3.41 7.57 16.81
C TYR B 1004 -4.84 7.54 17.34
N VAL B 1005 -5.83 7.56 16.43
CA VAL B 1005 -7.22 7.62 16.88
C VAL B 1005 -7.58 6.34 17.63
N THR B 1006 -7.12 5.18 17.14
CA THR B 1006 -7.37 3.92 17.84
C THR B 1006 -6.77 3.93 19.25
N GLN B 1007 -5.56 4.48 19.39
CA GLN B 1007 -4.92 4.62 20.70
C GLN B 1007 -5.70 5.55 21.61
N GLN B 1008 -6.28 6.61 21.04
CA GLN B 1008 -7.07 7.53 21.84
C GLN B 1008 -8.39 6.91 22.24
N LEU B 1009 -8.97 6.07 21.41
CA LEU B 1009 -10.23 5.42 21.75
C LEU B 1009 -10.03 4.40 22.87
N ILE B 1010 -8.94 3.65 22.83
CA ILE B 1010 -8.69 2.68 23.91
C ILE B 1010 -8.31 3.39 25.21
N ARG B 1011 -7.45 4.41 25.13
CA ARG B 1011 -7.08 5.18 26.32
C ARG B 1011 -8.30 5.86 26.91
N ALA B 1012 -9.17 6.40 26.04
CA ALA B 1012 -10.41 7.03 26.49
C ALA B 1012 -11.33 6.04 27.16
N ALA B 1013 -11.35 4.80 26.66
CA ALA B 1013 -12.20 3.78 27.28
C ALA B 1013 -11.71 3.48 28.70
N GLU B 1014 -10.39 3.42 28.88
CA GLU B 1014 -9.87 3.22 30.24
C GLU B 1014 -10.17 4.43 31.11
N ILE B 1015 -10.06 5.63 30.55
CA ILE B 1015 -10.39 6.86 31.29
C ILE B 1015 -11.88 6.86 31.65
N ARG B 1016 -12.73 6.36 30.76
CA ARG B 1016 -14.16 6.23 31.01
C ARG B 1016 -14.41 5.32 32.20
N ALA B 1017 -13.69 4.18 32.25
CA ALA B 1017 -13.83 3.27 33.39
C ALA B 1017 -13.39 3.95 34.67
N SER B 1018 -12.30 4.73 34.60
CA SER B 1018 -11.82 5.47 35.75
C SER B 1018 -12.82 6.52 36.20
N ALA B 1019 -13.44 7.20 35.23
CA ALA B 1019 -14.46 8.19 35.52
C ALA B 1019 -15.67 7.56 36.20
N ASN B 1020 -16.03 6.34 35.79
CA ASN B 1020 -17.15 5.67 36.45
C ASN B 1020 -16.78 5.30 37.88
N LEU B 1021 -15.52 4.92 38.09
CA LEU B 1021 -15.07 4.63 39.44
C LEU B 1021 -15.05 5.88 40.29
N ALA B 1022 -14.55 6.98 39.72
CA ALA B 1022 -14.51 8.26 40.44
C ALA B 1022 -15.91 8.79 40.76
N ALA B 1023 -16.85 8.66 39.82
CA ALA B 1023 -18.21 9.11 40.08
C ALA B 1023 -18.90 8.23 41.12
N THR B 1024 -18.64 6.92 41.08
CA THR B 1024 -19.20 6.02 42.07
C THR B 1024 -18.64 6.34 43.44
N LYS B 1025 -17.32 6.59 43.51
CA LYS B 1025 -16.73 6.98 44.78
C LYS B 1025 -17.24 8.33 45.25
N MET B 1026 -17.46 9.28 44.34
CA MET B 1026 -18.02 10.57 44.73
C MET B 1026 -19.38 10.39 45.38
N SER B 1027 -20.26 9.63 44.74
CA SER B 1027 -21.62 9.44 45.24
C SER B 1027 -21.62 8.62 46.55
N GLU B 1028 -20.85 7.54 46.61
CA GLU B 1028 -20.91 6.61 47.73
C GLU B 1028 -19.99 6.97 48.88
N CYS B 1029 -18.94 7.76 48.64
CA CYS B 1029 -17.95 8.11 49.63
C CYS B 1029 -18.14 9.52 50.14
N VAL B 1030 -18.67 10.42 49.30
CA VAL B 1030 -18.81 11.82 49.61
C VAL B 1030 -20.26 12.19 49.91
N LEU B 1031 -21.20 11.67 49.13
CA LEU B 1031 -22.61 11.97 49.29
C LEU B 1031 -23.32 10.96 50.18
N GLY B 1032 -22.57 10.23 50.98
CA GLY B 1032 -23.14 9.23 51.86
C GLY B 1032 -22.05 8.63 52.73
N GLN B 1033 -22.38 7.51 53.37
CA GLN B 1033 -21.40 6.78 54.17
C GLN B 1033 -21.46 5.33 53.74
N SER B 1034 -20.32 4.80 53.30
CA SER B 1034 -20.23 3.47 52.75
C SER B 1034 -19.82 2.45 53.80
N LYS B 1035 -20.38 1.25 53.69
CA LYS B 1035 -19.98 0.12 54.51
C LYS B 1035 -19.16 -0.87 53.69
N ARG B 1036 -18.74 -0.48 52.49
CA ARG B 1036 -17.95 -1.35 51.64
C ARG B 1036 -16.49 -1.21 52.03
N VAL B 1037 -15.90 -2.33 52.48
CA VAL B 1037 -14.52 -2.36 52.96
C VAL B 1037 -13.53 -2.13 51.82
N ASP B 1038 -12.58 -1.23 52.05
CA ASP B 1038 -11.49 -0.83 51.16
C ASP B 1038 -11.95 -0.21 49.85
N PHE B 1039 -13.22 0.18 49.74
CA PHE B 1039 -13.67 0.88 48.54
C PHE B 1039 -13.28 2.34 48.58
N CYS B 1040 -13.44 2.96 49.76
CA CYS B 1040 -13.21 4.37 49.98
C CYS B 1040 -12.07 4.58 50.97
N GLY B 1041 -10.94 3.94 50.72
CA GLY B 1041 -9.81 4.06 51.61
C GLY B 1041 -9.69 2.86 52.52
N LYS B 1042 -8.53 2.78 53.18
CA LYS B 1042 -8.19 1.64 54.02
C LYS B 1042 -8.64 1.90 55.45
N GLY B 1043 -9.66 1.16 55.90
CA GLY B 1043 -10.26 1.33 57.21
C GLY B 1043 -11.77 1.35 57.16
N TYR B 1044 -12.37 1.77 58.26
CA TYR B 1044 -13.81 1.90 58.42
C TYR B 1044 -14.21 3.31 57.99
N HIS B 1045 -15.06 3.41 56.98
CA HIS B 1045 -15.40 4.71 56.40
C HIS B 1045 -16.21 5.58 57.36
N LEU B 1046 -15.74 6.81 57.55
CA LEU B 1046 -16.48 7.85 58.26
C LEU B 1046 -17.05 8.86 57.27
N MET B 1047 -16.19 9.45 56.45
CA MET B 1047 -16.59 10.48 55.49
C MET B 1047 -15.45 10.64 54.49
N SER B 1048 -15.75 11.32 53.39
CA SER B 1048 -14.72 11.63 52.41
C SER B 1048 -14.94 13.07 51.95
N PHE B 1049 -13.87 13.67 51.42
CA PHE B 1049 -13.85 15.04 50.93
C PHE B 1049 -13.30 15.09 49.51
N PRO B 1050 -14.03 15.68 48.56
CA PRO B 1050 -13.50 15.82 47.21
C PRO B 1050 -12.53 16.99 47.16
N GLN B 1051 -11.53 16.89 46.29
CA GLN B 1051 -10.67 18.03 46.02
C GLN B 1051 -10.44 18.12 44.52
N SER B 1052 -10.43 19.36 44.01
CA SER B 1052 -10.15 19.57 42.60
C SER B 1052 -8.68 19.30 42.30
N ALA B 1053 -8.42 18.73 41.13
CA ALA B 1053 -7.07 18.52 40.65
C ALA B 1053 -7.06 18.70 39.15
N PRO B 1054 -5.88 18.99 38.55
CA PRO B 1054 -5.79 19.07 37.08
C PRO B 1054 -6.27 17.81 36.37
N HIS B 1055 -7.31 17.93 35.55
CA HIS B 1055 -7.90 16.83 34.78
C HIS B 1055 -8.25 15.62 35.65
N GLY B 1056 -8.66 15.85 36.90
CA GLY B 1056 -8.95 14.72 37.76
C GLY B 1056 -9.51 15.17 39.09
N VAL B 1057 -9.71 14.19 39.98
CA VAL B 1057 -10.27 14.43 41.31
C VAL B 1057 -9.39 13.73 42.34
N VAL B 1058 -9.24 14.36 43.50
CA VAL B 1058 -8.52 13.80 44.64
C VAL B 1058 -9.51 13.66 45.80
N PHE B 1059 -9.57 12.47 46.38
CA PHE B 1059 -10.45 12.20 47.51
C PHE B 1059 -9.63 12.08 48.79
N LEU B 1060 -10.06 12.78 49.84
CA LEU B 1060 -9.49 12.62 51.17
C LEU B 1060 -10.45 11.78 51.98
N HIS B 1061 -10.09 10.52 52.22
CA HIS B 1061 -10.95 9.56 52.90
C HIS B 1061 -10.59 9.52 54.37
N VAL B 1062 -11.59 9.73 55.23
CA VAL B 1062 -11.38 9.72 56.67
C VAL B 1062 -11.82 8.36 57.17
N THR B 1063 -10.88 7.60 57.74
CA THR B 1063 -11.15 6.24 58.17
C THR B 1063 -10.80 6.03 59.64
N TYR B 1064 -11.51 5.10 60.27
CA TYR B 1064 -11.27 4.68 61.64
C TYR B 1064 -10.38 3.44 61.62
N VAL B 1065 -9.24 3.50 62.32
CA VAL B 1065 -8.32 2.38 62.36
C VAL B 1065 -7.95 2.00 63.80
N PRO B 1066 -8.23 0.77 64.22
CA PRO B 1066 -7.80 0.27 65.53
C PRO B 1066 -6.31 0.37 65.76
N ALA B 1067 -5.89 0.74 66.98
CA ALA B 1067 -4.47 0.91 67.24
C ALA B 1067 -4.04 -0.11 68.28
N GLN B 1068 -3.96 0.28 69.57
CA GLN B 1068 -3.38 -0.58 70.59
C GLN B 1068 -4.14 -1.90 70.80
N GLU B 1069 -3.37 -2.92 71.13
CA GLU B 1069 -3.80 -4.29 71.30
C GLU B 1069 -3.92 -4.61 72.79
N LYS B 1070 -4.96 -5.36 73.15
CA LYS B 1070 -5.03 -5.92 74.50
C LYS B 1070 -5.81 -7.21 74.40
N ASN B 1071 -5.29 -8.23 75.06
CA ASN B 1071 -5.91 -9.55 75.13
C ASN B 1071 -6.96 -9.76 76.20
N PHE B 1072 -8.01 -10.50 75.83
CA PHE B 1072 -9.08 -10.89 76.75
C PHE B 1072 -9.47 -12.33 76.41
N THR B 1073 -10.01 -13.04 77.41
CA THR B 1073 -10.59 -14.37 77.22
C THR B 1073 -12.09 -14.15 76.96
N THR B 1074 -12.69 -15.00 76.14
CA THR B 1074 -14.10 -14.85 75.77
C THR B 1074 -14.85 -16.15 76.03
N ALA B 1075 -16.17 -16.09 75.82
CA ALA B 1075 -17.04 -17.24 76.01
C ALA B 1075 -18.29 -17.00 75.18
N PRO B 1076 -18.86 -18.07 74.59
CA PRO B 1076 -20.07 -17.91 73.77
C PRO B 1076 -21.38 -17.59 74.47
N ALA B 1077 -21.55 -17.88 75.76
CA ALA B 1077 -22.83 -17.67 76.42
C ALA B 1077 -22.64 -17.66 77.92
N ILE B 1078 -23.63 -17.14 78.64
CA ILE B 1078 -23.64 -17.19 80.09
C ILE B 1078 -24.82 -18.02 80.59
N CYS B 1079 -24.55 -18.96 81.50
CA CYS B 1079 -25.58 -19.80 82.12
C CYS B 1079 -25.95 -19.18 83.46
N HIS B 1080 -27.15 -18.60 83.58
CA HIS B 1080 -27.48 -17.96 84.85
C HIS B 1080 -28.35 -18.85 85.73
N ASP B 1081 -29.63 -19.02 85.37
CA ASP B 1081 -30.56 -19.87 86.10
C ASP B 1081 -30.76 -21.19 85.38
N GLY B 1082 -29.83 -21.55 84.50
CA GLY B 1082 -29.91 -22.71 83.66
C GLY B 1082 -30.25 -22.34 82.24
N LYS B 1083 -30.61 -21.08 82.01
CA LYS B 1083 -30.91 -20.51 80.70
C LYS B 1083 -29.65 -19.93 80.09
N ALA B 1084 -29.58 -19.95 78.76
CA ALA B 1084 -28.43 -19.39 78.05
C ALA B 1084 -28.71 -17.94 77.68
N HIS B 1085 -27.88 -17.03 78.17
CA HIS B 1085 -27.99 -15.60 77.89
C HIS B 1085 -27.02 -15.19 76.79
N PHE B 1086 -27.52 -14.54 75.76
CA PHE B 1086 -26.62 -14.11 74.71
C PHE B 1086 -26.62 -12.59 74.61
N PRO B 1087 -25.50 -11.97 74.26
CA PRO B 1087 -25.48 -10.51 74.10
C PRO B 1087 -26.19 -10.04 72.84
N ARG B 1088 -26.84 -8.88 72.94
CA ARG B 1088 -27.48 -8.33 71.73
C ARG B 1088 -26.46 -7.63 70.84
N GLU B 1089 -25.51 -6.92 71.44
CA GLU B 1089 -24.56 -6.12 70.67
C GLU B 1089 -23.09 -6.50 70.83
N GLY B 1090 -22.62 -6.94 72.00
CA GLY B 1090 -21.18 -7.13 72.05
C GLY B 1090 -20.51 -8.48 72.26
N VAL B 1091 -19.34 -8.44 72.90
CA VAL B 1091 -18.50 -9.59 73.22
C VAL B 1091 -18.10 -9.52 74.69
N PHE B 1092 -18.06 -10.67 75.36
CA PHE B 1092 -17.73 -10.67 76.78
C PHE B 1092 -16.23 -10.58 77.04
N VAL B 1093 -15.87 -9.74 78.03
CA VAL B 1093 -14.48 -9.47 78.42
C VAL B 1093 -14.14 -10.24 79.70
N SER B 1094 -12.97 -10.89 79.70
CA SER B 1094 -12.45 -11.67 80.82
C SER B 1094 -11.61 -10.90 81.85
N ASN B 1095 -12.23 -9.93 82.53
CA ASN B 1095 -11.51 -9.21 83.61
C ASN B 1095 -10.66 -10.23 84.34
N GLY B 1096 -11.34 -11.23 84.90
CA GLY B 1096 -10.78 -12.24 85.79
C GLY B 1096 -11.73 -12.65 86.89
N THR B 1097 -12.63 -11.71 87.19
CA THR B 1097 -13.50 -11.69 88.37
C THR B 1097 -14.83 -11.09 87.90
N HIS B 1098 -14.84 -10.67 86.65
CA HIS B 1098 -15.79 -9.62 86.21
C HIS B 1098 -16.03 -9.74 84.71
N TRP B 1099 -16.88 -10.68 84.29
CA TRP B 1099 -17.31 -10.72 82.87
C TRP B 1099 -18.12 -9.46 82.55
N PHE B 1100 -17.75 -8.72 81.50
CA PHE B 1100 -18.54 -7.56 81.10
C PHE B 1100 -18.80 -7.64 79.59
N VAL B 1101 -19.76 -6.86 79.10
CA VAL B 1101 -20.04 -6.72 77.66
C VAL B 1101 -19.66 -5.32 77.19
N THR B 1102 -19.03 -5.27 76.02
CA THR B 1102 -18.48 -4.06 75.41
C THR B 1102 -18.79 -4.07 73.93
N GLN B 1103 -18.93 -2.87 73.35
CA GLN B 1103 -19.12 -2.77 71.90
C GLN B 1103 -17.91 -3.34 71.20
N ARG B 1104 -18.18 -3.96 70.06
CA ARG B 1104 -17.25 -4.83 69.34
C ARG B 1104 -15.96 -4.10 68.94
N ASN B 1105 -16.04 -2.84 68.51
CA ASN B 1105 -14.88 -2.16 67.98
C ASN B 1105 -14.23 -1.17 68.95
N PHE B 1106 -14.64 -1.17 70.23
CA PHE B 1106 -14.07 -0.21 71.18
C PHE B 1106 -14.33 -0.68 72.60
N TYR B 1107 -13.27 -0.89 73.37
CA TYR B 1107 -13.41 -1.44 74.72
C TYR B 1107 -14.13 -0.47 75.64
N GLU B 1108 -15.29 -0.87 76.13
CA GLU B 1108 -16.12 -0.06 77.01
C GLU B 1108 -16.95 -1.00 77.86
N PRO B 1109 -16.35 -1.58 78.90
CA PRO B 1109 -17.03 -2.63 79.66
C PRO B 1109 -18.23 -2.11 80.45
N GLN B 1110 -19.32 -2.86 80.40
CA GLN B 1110 -20.53 -2.54 81.16
C GLN B 1110 -20.96 -3.75 81.96
N ILE B 1111 -21.65 -3.48 83.06
CA ILE B 1111 -22.19 -4.51 83.95
C ILE B 1111 -23.20 -5.38 83.19
N ILE B 1112 -23.14 -6.69 83.42
CA ILE B 1112 -24.01 -7.62 82.72
C ILE B 1112 -25.38 -7.56 83.37
N THR B 1113 -26.38 -7.18 82.58
CA THR B 1113 -27.75 -7.03 83.05
C THR B 1113 -28.69 -7.64 82.03
N THR B 1114 -29.96 -7.74 82.42
CA THR B 1114 -30.98 -8.22 81.51
C THR B 1114 -31.33 -7.19 80.45
N ASP B 1115 -30.77 -5.99 80.56
CA ASP B 1115 -31.01 -4.92 79.60
C ASP B 1115 -30.01 -4.90 78.47
N ASN B 1116 -28.95 -5.71 78.52
CA ASN B 1116 -27.96 -5.73 77.44
C ASN B 1116 -27.71 -7.16 76.97
N THR B 1117 -28.52 -8.12 77.40
CA THR B 1117 -28.48 -9.51 76.98
C THR B 1117 -29.90 -9.96 76.64
N PHE B 1118 -30.00 -11.11 76.00
CA PHE B 1118 -31.30 -11.74 75.76
C PHE B 1118 -31.17 -13.23 76.04
N VAL B 1119 -32.31 -13.87 76.27
CA VAL B 1119 -32.37 -15.27 76.68
C VAL B 1119 -33.02 -16.09 75.58
N SER B 1120 -32.38 -17.19 75.19
CA SER B 1120 -32.96 -18.11 74.22
C SER B 1120 -32.38 -19.49 74.44
N GLY B 1121 -33.23 -20.45 74.82
CA GLY B 1121 -32.79 -21.79 75.05
C GLY B 1121 -32.07 -21.89 76.38
N ASN B 1122 -31.43 -23.04 76.62
CA ASN B 1122 -30.74 -23.24 77.88
C ASN B 1122 -29.25 -23.50 77.65
N CYS B 1123 -28.52 -23.62 78.75
CA CYS B 1123 -27.06 -23.75 78.74
C CYS B 1123 -26.62 -25.17 78.38
N ASP B 1124 -27.53 -26.12 78.18
CA ASP B 1124 -27.12 -27.50 77.89
C ASP B 1124 -26.69 -27.86 76.47
N VAL B 1125 -26.89 -26.97 75.49
CA VAL B 1125 -26.54 -27.25 74.12
C VAL B 1125 -25.39 -26.41 73.51
N VAL B 1126 -25.16 -25.22 74.05
CA VAL B 1126 -24.19 -24.26 73.51
C VAL B 1126 -22.79 -24.68 73.94
N ILE B 1127 -21.84 -24.65 73.01
CA ILE B 1127 -20.44 -25.06 73.35
C ILE B 1127 -19.62 -23.93 73.96
N GLY B 1128 -19.27 -24.01 75.25
CA GLY B 1128 -18.40 -22.99 75.88
C GLY B 1128 -19.01 -22.01 76.88
N ILE B 1129 -20.26 -22.18 77.28
CA ILE B 1129 -20.92 -21.20 78.20
C ILE B 1129 -20.12 -21.14 79.50
N VAL B 1130 -19.92 -19.95 80.10
CA VAL B 1130 -19.02 -19.87 81.30
C VAL B 1130 -19.92 -19.76 82.53
N ASN B 1131 -21.24 -19.80 82.45
CA ASN B 1131 -22.03 -19.76 83.71
C ASN B 1131 -21.49 -18.67 84.64
N ASN B 1132 -21.51 -17.40 84.22
CA ASN B 1132 -21.06 -16.31 85.12
C ASN B 1132 -22.40 -15.84 85.69
N THR B 1133 -22.39 -14.89 86.62
CA THR B 1133 -23.66 -14.45 87.25
C THR B 1133 -24.26 -13.27 86.48
N VAL B 1134 -25.58 -13.23 86.36
CA VAL B 1134 -26.25 -12.12 85.70
C VAL B 1134 -27.06 -11.35 86.74
N TYR B 1135 -27.29 -10.06 86.48
CA TYR B 1135 -28.02 -9.15 87.36
C TYR B 1135 -29.35 -8.67 86.76
N ASP B 1136 -30.33 -8.49 87.65
CA ASP B 1136 -31.68 -8.04 87.26
C ASP B 1136 -32.19 -6.67 87.80
N PRO B 1137 -31.49 -5.60 87.37
CA PRO B 1137 -31.66 -4.20 87.81
C PRO B 1137 -33.13 -3.80 87.92
N CYS C 15 0.96 -60.12 -29.19
CA CYS C 15 -0.12 -59.54 -28.39
C CYS C 15 -1.29 -60.52 -28.41
N VAL C 16 -2.01 -60.56 -27.29
CA VAL C 16 -3.21 -61.38 -27.14
C VAL C 16 -4.35 -60.54 -26.57
N ASN C 17 -5.50 -60.64 -27.22
CA ASN C 17 -6.75 -59.97 -26.92
C ASN C 17 -7.49 -60.96 -26.03
N LEU C 18 -7.66 -60.62 -24.75
CA LEU C 18 -8.39 -61.55 -23.90
C LEU C 18 -9.85 -61.17 -23.98
N THR C 19 -10.63 -62.16 -24.43
CA THR C 19 -12.06 -62.11 -24.68
C THR C 19 -12.87 -63.00 -23.75
N THR C 20 -12.22 -63.94 -23.06
CA THR C 20 -12.90 -64.85 -22.15
C THR C 20 -13.14 -64.09 -20.86
N ARG C 21 -14.05 -63.13 -20.97
CA ARG C 21 -14.40 -62.18 -19.95
C ARG C 21 -15.90 -62.10 -19.91
N THR C 22 -16.50 -62.18 -18.72
CA THR C 22 -17.92 -62.01 -18.63
C THR C 22 -18.18 -60.51 -18.79
N GLN C 23 -19.20 -60.14 -19.56
CA GLN C 23 -19.43 -58.72 -19.78
C GLN C 23 -20.57 -58.32 -18.86
N LEU C 24 -20.18 -57.76 -17.73
CA LEU C 24 -21.00 -57.23 -16.66
C LEU C 24 -20.71 -55.76 -16.48
N PRO C 25 -21.63 -54.99 -15.90
CA PRO C 25 -21.34 -53.59 -15.62
C PRO C 25 -20.27 -53.52 -14.53
N PRO C 26 -19.58 -52.40 -14.39
CA PRO C 26 -18.58 -52.28 -13.32
C PRO C 26 -19.20 -52.49 -11.95
N ALA C 27 -18.41 -53.10 -11.06
CA ALA C 27 -18.83 -53.32 -9.69
C ALA C 27 -18.31 -52.14 -8.88
N TYR C 28 -18.89 -51.94 -7.70
CA TYR C 28 -18.46 -50.83 -6.89
C TYR C 28 -18.25 -51.26 -5.46
N THR C 29 -17.31 -50.59 -4.79
CA THR C 29 -16.99 -50.85 -3.40
C THR C 29 -16.80 -49.50 -2.70
N ASN C 30 -16.44 -49.56 -1.42
CA ASN C 30 -16.29 -48.36 -0.60
C ASN C 30 -14.81 -48.05 -0.42
N SER C 31 -14.41 -46.83 -0.78
CA SER C 31 -13.01 -46.46 -0.62
C SER C 31 -12.62 -46.29 0.83
N PHE C 32 -13.60 -46.16 1.75
CA PHE C 32 -13.33 -45.90 3.17
C PHE C 32 -12.41 -44.71 3.38
N THR C 33 -11.22 -44.99 3.91
CA THR C 33 -10.25 -43.96 4.24
C THR C 33 -8.98 -44.10 3.42
N ARG C 34 -9.06 -44.75 2.27
CA ARG C 34 -7.94 -44.95 1.38
C ARG C 34 -7.71 -43.74 0.47
N GLY C 35 -6.50 -43.70 -0.09
CA GLY C 35 -6.10 -42.72 -1.07
C GLY C 35 -5.31 -41.52 -0.58
N VAL C 36 -4.89 -41.50 0.67
CA VAL C 36 -4.09 -40.42 1.20
C VAL C 36 -2.61 -40.71 0.97
N TYR C 37 -1.89 -39.72 0.46
CA TYR C 37 -0.48 -39.80 0.15
C TYR C 37 0.19 -38.56 0.72
N TYR C 38 1.51 -38.60 0.87
CA TYR C 38 2.22 -37.43 1.36
C TYR C 38 2.19 -36.34 0.29
N PRO C 39 1.51 -35.21 0.54
CA PRO C 39 1.31 -34.22 -0.52
C PRO C 39 2.56 -33.43 -0.86
N ASP C 40 3.59 -33.49 -0.04
CA ASP C 40 4.77 -32.66 -0.22
C ASP C 40 6.00 -33.40 0.31
N LYS C 41 7.14 -32.72 0.27
CA LYS C 41 8.43 -33.30 0.64
C LYS C 41 9.01 -32.67 1.90
N VAL C 42 8.16 -32.12 2.77
CA VAL C 42 8.61 -31.43 3.96
C VAL C 42 8.17 -32.22 5.20
N PHE C 43 9.10 -32.37 6.14
CA PHE C 43 8.83 -33.07 7.39
C PHE C 43 8.14 -32.15 8.38
N ARG C 44 7.03 -32.64 8.94
CA ARG C 44 6.32 -31.96 10.00
C ARG C 44 5.81 -33.02 10.98
N SER C 45 5.63 -32.62 12.22
CA SER C 45 5.22 -33.56 13.25
C SER C 45 4.38 -32.83 14.28
N SER C 46 3.46 -33.58 14.90
CA SER C 46 2.53 -33.07 15.92
C SER C 46 1.79 -31.83 15.42
N VAL C 47 1.41 -31.85 14.13
CA VAL C 47 0.67 -30.74 13.54
C VAL C 47 -0.47 -31.26 12.69
N LEU C 48 -1.44 -30.38 12.45
CA LEU C 48 -2.50 -30.62 11.48
C LEU C 48 -2.28 -29.64 10.33
N HIS C 49 -2.04 -30.15 9.13
CA HIS C 49 -1.73 -29.30 7.99
C HIS C 49 -2.84 -29.44 6.96
N SER C 50 -3.39 -28.31 6.52
CA SER C 50 -4.47 -28.29 5.53
C SER C 50 -3.87 -28.07 4.15
N THR C 51 -4.14 -28.99 3.22
CA THR C 51 -3.57 -28.87 1.89
C THR C 51 -4.66 -29.07 0.86
N GLN C 52 -4.64 -28.25 -0.19
CA GLN C 52 -5.55 -28.38 -1.32
C GLN C 52 -4.76 -28.96 -2.50
N ASP C 53 -5.09 -30.19 -2.88
CA ASP C 53 -4.43 -30.99 -3.90
C ASP C 53 -5.41 -32.02 -4.43
N LEU C 54 -4.92 -32.84 -5.35
CA LEU C 54 -5.71 -33.90 -5.96
C LEU C 54 -5.59 -35.10 -5.03
N PHE C 55 -6.69 -35.46 -4.38
CA PHE C 55 -6.75 -36.55 -3.44
C PHE C 55 -7.92 -37.47 -3.79
N LEU C 56 -7.82 -38.74 -3.41
CA LEU C 56 -8.96 -39.62 -3.54
C LEU C 56 -9.97 -39.32 -2.44
N PRO C 57 -11.21 -38.96 -2.76
CA PRO C 57 -12.20 -38.64 -1.72
C PRO C 57 -12.47 -39.83 -0.79
N PHE C 58 -12.77 -39.53 0.47
CA PHE C 58 -13.16 -40.57 1.40
C PHE C 58 -14.53 -41.10 1.01
N PHE C 59 -14.70 -42.43 1.16
CA PHE C 59 -15.95 -43.13 0.83
C PHE C 59 -16.37 -42.87 -0.62
N SER C 60 -15.38 -42.72 -1.51
CA SER C 60 -15.67 -42.45 -2.94
C SER C 60 -16.03 -43.84 -3.46
N ASN C 61 -16.98 -43.93 -4.40
CA ASN C 61 -17.30 -45.26 -5.02
C ASN C 61 -16.13 -45.63 -5.93
N VAL C 62 -15.67 -46.89 -5.89
CA VAL C 62 -14.42 -47.26 -6.63
C VAL C 62 -14.78 -48.42 -7.56
N THR C 63 -14.53 -48.26 -8.85
CA THR C 63 -14.80 -49.33 -9.82
C THR C 63 -13.86 -50.51 -9.57
N TRP C 64 -14.39 -51.74 -9.60
CA TRP C 64 -13.64 -52.91 -9.15
C TRP C 64 -13.50 -53.92 -10.30
N PHE C 65 -12.26 -54.27 -10.63
CA PHE C 65 -11.91 -55.16 -11.74
C PHE C 65 -11.18 -56.40 -11.20
N HIS C 66 -11.34 -57.51 -11.92
CA HIS C 66 -10.68 -58.78 -11.61
C HIS C 66 -9.69 -59.13 -12.71
N ARG C 78 -11.30 -63.88 -13.18
CA ARG C 78 -11.70 -63.64 -14.55
C ARG C 78 -10.40 -63.25 -15.25
N PHE C 79 -10.42 -62.18 -16.07
CA PHE C 79 -9.34 -61.45 -16.74
C PHE C 79 -9.89 -60.07 -17.05
N ASP C 80 -10.06 -59.21 -16.06
CA ASP C 80 -10.79 -57.97 -16.25
C ASP C 80 -9.80 -56.80 -16.38
N ASN C 81 -9.81 -56.14 -17.56
CA ASN C 81 -8.89 -55.06 -17.90
C ASN C 81 -9.21 -54.35 -19.23
N PRO C 82 -10.30 -53.58 -19.28
CA PRO C 82 -10.58 -52.78 -20.48
C PRO C 82 -9.74 -51.51 -20.40
N VAL C 83 -9.84 -50.68 -21.42
CA VAL C 83 -9.21 -49.37 -21.38
C VAL C 83 -10.05 -48.43 -20.51
N LEU C 84 -9.37 -47.69 -19.63
CA LEU C 84 -10.11 -46.81 -18.74
C LEU C 84 -9.78 -45.33 -19.00
N PRO C 85 -10.72 -44.43 -18.68
CA PRO C 85 -10.39 -43.00 -18.73
C PRO C 85 -9.37 -42.62 -17.66
N PHE C 86 -8.56 -41.62 -17.97
CA PHE C 86 -7.66 -41.00 -17.02
C PHE C 86 -7.99 -39.52 -17.01
N ASN C 87 -8.42 -38.98 -15.86
CA ASN C 87 -8.95 -37.62 -15.89
C ASN C 87 -7.95 -36.68 -15.25
N ASP C 88 -8.07 -36.39 -13.95
CA ASP C 88 -7.08 -35.57 -13.27
C ASP C 88 -5.90 -36.42 -12.79
N GLY C 89 -6.20 -37.67 -12.51
CA GLY C 89 -5.23 -38.65 -12.06
C GLY C 89 -6.03 -39.84 -11.54
N VAL C 90 -5.32 -40.93 -11.26
CA VAL C 90 -6.02 -42.12 -10.76
C VAL C 90 -5.32 -42.69 -9.55
N TYR C 91 -6.11 -43.42 -8.77
CA TYR C 91 -5.68 -44.21 -7.65
C TYR C 91 -5.78 -45.67 -8.06
N PHE C 92 -4.71 -46.40 -7.84
CA PHE C 92 -4.67 -47.79 -8.22
C PHE C 92 -4.25 -48.58 -7.00
N ALA C 93 -4.97 -49.64 -6.72
CA ALA C 93 -4.61 -50.52 -5.63
C ALA C 93 -4.92 -51.93 -6.08
N SER C 94 -4.10 -52.87 -5.64
CA SER C 94 -4.33 -54.25 -5.99
C SER C 94 -4.28 -55.12 -4.75
N THR C 95 -5.13 -56.13 -4.72
CA THR C 95 -5.08 -57.13 -3.68
C THR C 95 -4.77 -58.39 -4.47
N GLU C 96 -3.66 -59.01 -4.14
CA GLU C 96 -3.14 -60.12 -4.94
C GLU C 96 -2.50 -61.15 -4.03
N LYS C 97 -2.44 -62.38 -4.52
CA LYS C 97 -1.65 -63.41 -3.88
C LYS C 97 -0.51 -63.94 -4.75
N SER C 98 -0.49 -63.64 -6.05
CA SER C 98 0.55 -64.22 -6.88
C SER C 98 1.12 -63.20 -7.86
N ASN C 99 1.09 -61.92 -7.49
CA ASN C 99 1.71 -60.80 -8.21
C ASN C 99 1.39 -60.83 -9.71
N ILE C 100 0.13 -60.56 -10.00
CA ILE C 100 -0.36 -60.58 -11.37
C ILE C 100 -0.17 -59.22 -12.05
N ILE C 101 -0.26 -58.12 -11.30
CA ILE C 101 -0.09 -56.81 -11.93
C ILE C 101 1.35 -56.68 -12.43
N ARG C 102 1.48 -56.14 -13.64
CA ARG C 102 2.74 -55.95 -14.33
C ARG C 102 3.10 -54.51 -14.54
N GLY C 103 2.12 -53.63 -14.69
CA GLY C 103 2.42 -52.25 -14.99
C GLY C 103 1.18 -51.59 -15.56
N TRP C 104 1.42 -50.43 -16.18
CA TRP C 104 0.35 -49.57 -16.66
C TRP C 104 0.81 -49.02 -18.00
N ILE C 105 -0.16 -48.68 -18.84
CA ILE C 105 0.11 -48.03 -20.10
C ILE C 105 -0.46 -46.62 -20.03
N PHE C 106 0.34 -45.61 -20.32
CA PHE C 106 -0.18 -44.25 -20.31
C PHE C 106 0.03 -43.62 -21.68
N GLY C 107 -0.95 -42.81 -22.10
CA GLY C 107 -0.83 -42.09 -23.35
C GLY C 107 -2.12 -41.37 -23.66
N THR C 108 -2.20 -40.91 -24.91
CA THR C 108 -3.36 -40.19 -25.43
C THR C 108 -4.17 -41.04 -26.37
N THR C 109 -3.50 -41.79 -27.25
CA THR C 109 -4.13 -42.68 -28.21
C THR C 109 -3.52 -44.07 -28.03
N LEU C 110 -2.26 -44.09 -27.59
CA LEU C 110 -1.48 -45.30 -27.30
C LEU C 110 -1.23 -46.15 -28.55
N ASP C 111 -1.16 -45.52 -29.71
CA ASP C 111 -0.95 -46.18 -31.00
C ASP C 111 0.08 -45.44 -31.84
N SER C 112 1.19 -45.02 -31.20
CA SER C 112 2.32 -44.32 -31.84
C SER C 112 1.98 -42.97 -32.45
N LYS C 113 0.73 -42.53 -32.32
CA LYS C 113 0.37 -41.21 -32.85
C LYS C 113 0.80 -40.14 -31.87
N THR C 114 0.91 -40.50 -30.59
CA THR C 114 1.33 -39.60 -29.53
C THR C 114 2.41 -40.30 -28.71
N GLN C 115 3.08 -39.52 -27.87
CA GLN C 115 4.06 -40.05 -26.93
C GLN C 115 3.38 -40.88 -25.86
N SER C 116 3.98 -42.02 -25.49
CA SER C 116 3.40 -42.90 -24.48
C SER C 116 4.44 -43.39 -23.47
N LEU C 117 3.96 -43.72 -22.28
CA LEU C 117 4.75 -44.22 -21.16
C LEU C 117 4.50 -45.69 -20.86
N LEU C 118 5.57 -46.47 -20.81
CA LEU C 118 5.54 -47.89 -20.52
C LEU C 118 6.35 -48.23 -19.27
N ILE C 119 5.70 -48.87 -18.30
CA ILE C 119 6.38 -49.30 -17.08
C ILE C 119 6.32 -50.82 -17.02
N VAL C 120 7.47 -51.46 -17.17
CA VAL C 120 7.61 -52.91 -17.15
C VAL C 120 7.92 -53.36 -15.72
N ASN C 121 7.74 -54.65 -15.41
CA ASN C 121 8.00 -55.17 -14.08
C ASN C 121 9.50 -55.14 -13.81
N ASN C 122 9.91 -55.10 -12.54
CA ASN C 122 11.35 -55.10 -12.26
C ASN C 122 12.03 -56.45 -12.55
N ALA C 123 11.24 -57.48 -12.92
CA ALA C 123 11.77 -58.80 -13.29
C ALA C 123 12.83 -58.72 -14.39
N THR C 124 12.51 -57.97 -15.43
CA THR C 124 13.58 -57.67 -16.42
C THR C 124 14.30 -56.50 -15.73
N ASN C 125 13.64 -55.34 -15.62
CA ASN C 125 14.17 -54.18 -14.86
C ASN C 125 13.04 -53.22 -14.50
N VAL C 126 13.11 -52.48 -13.38
CA VAL C 126 12.00 -51.50 -13.20
C VAL C 126 12.27 -50.47 -14.28
N VAL C 127 11.36 -50.32 -15.23
CA VAL C 127 11.73 -49.42 -16.34
C VAL C 127 10.58 -48.54 -16.78
N ILE C 128 10.82 -47.24 -16.86
CA ILE C 128 9.77 -46.36 -17.45
C ILE C 128 10.35 -45.88 -18.77
N LYS C 129 9.74 -46.30 -19.89
CA LYS C 129 10.24 -45.89 -21.21
C LYS C 129 9.22 -44.93 -21.82
N VAL C 130 9.61 -43.67 -21.99
CA VAL C 130 8.70 -42.70 -22.65
C VAL C 130 9.12 -42.65 -24.12
N CYS C 131 9.38 -43.83 -24.69
CA CYS C 131 9.73 -43.88 -26.10
C CYS C 131 8.43 -43.93 -26.91
N GLU C 132 8.51 -43.63 -28.19
CA GLU C 132 7.32 -43.72 -29.03
C GLU C 132 7.13 -45.18 -29.44
N PHE C 133 6.11 -45.82 -28.87
CA PHE C 133 5.82 -47.23 -29.12
C PHE C 133 4.58 -47.32 -30.00
N GLN C 134 4.52 -48.34 -30.86
CA GLN C 134 3.27 -48.69 -31.54
C GLN C 134 2.62 -49.84 -30.78
N PHE C 135 1.63 -49.50 -29.95
CA PHE C 135 1.05 -50.53 -29.12
C PHE C 135 -0.07 -51.32 -29.76
N CYS C 136 -0.25 -52.50 -29.20
CA CYS C 136 -1.29 -53.47 -29.43
C CYS C 136 -2.59 -52.95 -28.82
N ASN C 137 -3.71 -53.49 -29.28
CA ASN C 137 -4.99 -53.09 -28.76
C ASN C 137 -5.34 -53.83 -27.47
N ASP C 138 -4.43 -54.70 -26.98
CA ASP C 138 -4.47 -55.38 -25.68
C ASP C 138 -3.08 -55.79 -25.15
N PRO C 139 -2.24 -54.82 -24.76
CA PRO C 139 -0.87 -55.13 -24.34
C PRO C 139 -0.87 -55.86 -23.01
N PHE C 140 0.12 -56.75 -22.82
CA PHE C 140 0.22 -57.50 -21.58
C PHE C 140 1.62 -58.11 -21.53
N LEU C 141 1.95 -58.69 -20.39
CA LEU C 141 3.15 -59.51 -20.28
C LEU C 141 2.67 -60.93 -20.00
N GLY C 142 3.51 -61.92 -20.30
CA GLY C 142 3.12 -63.30 -20.08
C GLY C 142 4.11 -64.13 -19.32
N VAL C 143 3.58 -65.21 -18.76
CA VAL C 143 4.33 -66.13 -17.94
C VAL C 143 3.94 -67.56 -18.30
N TRP C 152 6.27 -71.68 -13.49
CA TRP C 152 5.77 -70.56 -14.28
C TRP C 152 6.99 -69.70 -14.65
N MET C 153 7.25 -69.52 -15.95
CA MET C 153 8.38 -68.71 -16.39
C MET C 153 7.98 -67.77 -17.51
N GLU C 154 8.65 -66.62 -17.57
CA GLU C 154 8.39 -65.66 -18.64
C GLU C 154 9.02 -66.15 -19.95
N SER C 155 8.29 -65.95 -21.03
CA SER C 155 8.72 -66.30 -22.38
C SER C 155 8.39 -65.12 -23.28
N GLU C 156 7.09 -64.87 -23.39
CA GLU C 156 6.56 -63.86 -24.27
C GLU C 156 6.78 -62.46 -23.71
N PHE C 157 7.02 -61.53 -24.63
CA PHE C 157 7.07 -60.10 -24.33
C PHE C 157 6.28 -59.56 -25.52
N ARG C 158 5.01 -59.24 -25.24
CA ARG C 158 4.04 -58.88 -26.27
C ARG C 158 3.31 -57.61 -25.82
N VAL C 159 4.10 -56.57 -25.62
CA VAL C 159 3.60 -55.30 -25.13
C VAL C 159 3.41 -54.30 -26.26
N TYR C 160 4.39 -54.25 -27.16
CA TYR C 160 4.42 -53.33 -28.28
C TYR C 160 5.16 -53.98 -29.44
N SER C 161 4.98 -53.41 -30.63
CA SER C 161 5.71 -53.89 -31.79
C SER C 161 6.81 -52.93 -32.21
N SER C 162 6.45 -51.88 -32.94
CA SER C 162 7.41 -50.87 -33.35
C SER C 162 7.77 -49.98 -32.17
N ALA C 163 9.03 -49.52 -32.13
CA ALA C 163 9.46 -48.67 -31.04
C ALA C 163 10.69 -47.86 -31.43
N ASN C 164 10.50 -46.57 -31.68
CA ASN C 164 11.60 -45.68 -32.01
C ASN C 164 11.22 -44.31 -31.46
N ASN C 165 12.05 -43.29 -31.73
CA ASN C 165 11.82 -41.93 -31.18
C ASN C 165 11.85 -41.98 -29.65
N CYS C 166 12.91 -42.57 -29.06
CA CYS C 166 13.01 -42.58 -27.61
C CYS C 166 13.47 -41.22 -27.09
N THR C 167 12.73 -40.67 -26.13
CA THR C 167 13.03 -39.35 -25.59
C THR C 167 13.46 -39.39 -24.14
N PHE C 168 13.00 -40.38 -23.38
CA PHE C 168 13.35 -40.48 -21.96
C PHE C 168 13.43 -41.94 -21.57
N GLU C 169 14.40 -42.27 -20.74
CA GLU C 169 14.48 -43.60 -20.17
C GLU C 169 15.06 -43.48 -18.78
N TYR C 170 14.58 -44.35 -17.89
CA TYR C 170 15.08 -44.49 -16.53
C TYR C 170 14.97 -45.96 -16.21
N VAL C 171 16.02 -46.55 -15.64
CA VAL C 171 15.93 -47.94 -15.22
C VAL C 171 16.37 -48.07 -13.77
N SER C 172 15.46 -48.58 -12.94
CA SER C 172 15.72 -48.85 -11.54
C SER C 172 16.63 -50.08 -11.43
N GLN C 173 17.43 -50.09 -10.36
CA GLN C 173 18.30 -51.22 -10.02
C GLN C 173 17.52 -52.54 -10.15
N PRO C 174 18.05 -53.52 -10.86
CA PRO C 174 17.34 -54.80 -11.09
C PRO C 174 16.84 -55.50 -9.83
N PHE C 175 15.64 -56.05 -9.94
CA PHE C 175 14.89 -56.78 -8.91
C PHE C 175 14.13 -57.88 -9.63
N LEU C 176 12.97 -58.29 -9.09
CA LEU C 176 12.14 -59.30 -9.74
C LEU C 176 10.72 -59.38 -9.19
N MET C 177 9.74 -59.25 -10.10
CA MET C 177 8.31 -59.34 -9.80
C MET C 177 7.83 -60.76 -10.04
N ASP C 178 7.56 -61.46 -8.95
CA ASP C 178 7.07 -62.84 -8.89
C ASP C 178 5.96 -63.01 -9.94
N LEU C 179 6.15 -63.94 -10.85
CA LEU C 179 5.19 -64.15 -11.92
C LEU C 179 4.21 -65.27 -11.61
N GLU C 180 4.22 -65.78 -10.38
CA GLU C 180 3.34 -66.84 -9.94
C GLU C 180 3.17 -66.82 -8.43
N ASN C 185 -8.86 -64.29 3.69
CA ASN C 185 -8.20 -63.00 3.80
C ASN C 185 -6.84 -62.96 3.08
N PHE C 186 -6.47 -61.75 2.67
CA PHE C 186 -5.21 -61.44 2.02
C PHE C 186 -4.15 -61.05 3.05
N LYS C 187 -2.89 -61.03 2.61
CA LYS C 187 -1.77 -60.63 3.46
C LYS C 187 -1.00 -59.42 2.96
N ASN C 188 -0.88 -59.22 1.64
CA ASN C 188 -0.05 -58.15 1.08
C ASN C 188 -0.94 -57.15 0.35
N LEU C 189 -0.86 -55.89 0.76
CA LEU C 189 -1.57 -54.78 0.13
C LEU C 189 -0.61 -53.82 -0.57
N ARG C 190 -0.86 -53.54 -1.84
CA ARG C 190 -0.07 -52.60 -2.63
C ARG C 190 -0.97 -51.46 -3.10
N GLU C 191 -0.53 -50.23 -2.85
CA GLU C 191 -1.27 -49.01 -3.20
C GLU C 191 -0.44 -48.15 -4.14
N PHE C 192 -1.09 -47.58 -5.17
CA PHE C 192 -0.41 -46.69 -6.11
C PHE C 192 -1.25 -45.45 -6.42
N VAL C 193 -0.58 -44.30 -6.58
CA VAL C 193 -1.20 -43.07 -7.11
C VAL C 193 -0.39 -42.61 -8.32
N PHE C 194 -1.08 -42.34 -9.43
CA PHE C 194 -0.43 -41.92 -10.67
C PHE C 194 -0.91 -40.53 -11.07
N LYS C 195 -0.02 -39.55 -11.01
CA LYS C 195 -0.30 -38.17 -11.38
C LYS C 195 0.57 -37.70 -12.53
N ASN C 196 0.03 -36.78 -13.33
CA ASN C 196 0.75 -36.18 -14.45
C ASN C 196 0.61 -34.67 -14.33
N ILE C 197 1.46 -34.02 -13.54
CA ILE C 197 1.29 -32.60 -13.21
C ILE C 197 2.57 -31.82 -13.49
N ASP C 198 2.43 -30.72 -14.26
CA ASP C 198 3.45 -29.67 -14.55
C ASP C 198 4.79 -30.24 -15.00
N GLY C 199 4.76 -31.24 -15.86
CA GLY C 199 6.00 -31.79 -16.38
C GLY C 199 6.50 -33.00 -15.63
N TYR C 200 5.91 -33.32 -14.48
CA TYR C 200 6.29 -34.49 -13.71
C TYR C 200 5.19 -35.54 -13.77
N PHE C 201 5.61 -36.79 -13.98
CA PHE C 201 4.70 -37.91 -13.83
C PHE C 201 5.04 -38.47 -12.45
N LYS C 202 4.17 -38.24 -11.48
CA LYS C 202 4.48 -38.58 -10.10
C LYS C 202 3.81 -39.90 -9.72
N ILE C 203 4.62 -40.84 -9.24
CA ILE C 203 4.15 -42.13 -8.78
C ILE C 203 4.38 -42.21 -7.28
N TYR C 204 3.31 -42.50 -6.55
CA TYR C 204 3.33 -42.70 -5.11
C TYR C 204 2.98 -44.15 -4.82
N SER C 205 3.53 -44.70 -3.74
CA SER C 205 3.20 -46.08 -3.42
C SER C 205 3.33 -46.31 -1.93
N LYS C 206 2.62 -47.36 -1.48
CA LYS C 206 2.62 -47.80 -0.09
C LYS C 206 2.55 -49.32 -0.02
N HIS C 207 3.30 -49.90 0.93
CA HIS C 207 3.31 -51.34 1.16
C HIS C 207 2.83 -51.53 2.59
N THR C 208 1.77 -52.32 2.77
CA THR C 208 1.19 -52.59 4.08
C THR C 208 0.70 -54.02 4.21
N PRO C 209 0.51 -54.49 5.44
CA PRO C 209 -0.29 -55.70 5.69
C PRO C 209 -1.76 -55.38 5.44
N ILE C 210 -2.51 -56.42 5.03
CA ILE C 210 -3.95 -56.31 4.84
C ILE C 210 -4.63 -57.54 5.44
N ASN C 211 -5.93 -57.38 5.76
CA ASN C 211 -6.69 -58.50 6.32
C ASN C 211 -8.13 -58.67 5.81
N LEU C 212 -8.57 -57.97 4.76
CA LEU C 212 -9.92 -58.22 4.26
C LEU C 212 -9.94 -59.33 3.22
N VAL C 213 -11.08 -60.02 3.11
CA VAL C 213 -11.30 -60.97 2.01
C VAL C 213 -11.76 -60.28 0.73
N ARG C 214 -12.74 -59.37 0.87
CA ARG C 214 -13.49 -58.82 -0.26
C ARG C 214 -13.55 -57.29 -0.25
N ASP C 215 -12.64 -56.58 0.40
CA ASP C 215 -12.82 -55.12 0.41
C ASP C 215 -11.51 -54.42 0.67
N LEU C 216 -11.58 -53.10 0.70
CA LEU C 216 -10.49 -52.21 1.04
C LEU C 216 -10.55 -52.00 2.54
N PRO C 217 -9.45 -52.11 3.27
CA PRO C 217 -9.53 -52.05 4.72
C PRO C 217 -9.93 -50.67 5.22
N GLN C 218 -10.47 -50.67 6.43
CA GLN C 218 -10.66 -49.42 7.14
C GLN C 218 -9.47 -49.29 8.06
N GLY C 219 -8.96 -48.09 8.19
CA GLY C 219 -7.77 -47.86 8.97
C GLY C 219 -7.01 -46.87 8.11
N PHE C 220 -5.84 -46.44 8.51
CA PHE C 220 -5.22 -45.37 7.75
C PHE C 220 -3.78 -45.70 7.43
N SER C 221 -3.36 -45.34 6.21
CA SER C 221 -1.96 -45.35 5.82
C SER C 221 -1.80 -44.28 4.75
N ALA C 222 -0.59 -43.71 4.66
CA ALA C 222 -0.28 -42.72 3.64
C ALA C 222 0.76 -43.26 2.68
N LEU C 223 0.61 -42.91 1.40
CA LEU C 223 1.50 -43.41 0.36
C LEU C 223 2.70 -42.48 0.21
N GLU C 224 3.90 -43.03 0.39
CA GLU C 224 5.05 -42.15 0.25
C GLU C 224 5.39 -42.04 -1.24
N PRO C 225 5.99 -40.94 -1.68
CA PRO C 225 6.47 -40.89 -3.06
C PRO C 225 7.56 -41.92 -3.29
N LEU C 226 7.52 -42.55 -4.46
CA LEU C 226 8.50 -43.57 -4.81
C LEU C 226 9.56 -43.03 -5.76
N VAL C 227 9.14 -42.38 -6.83
CA VAL C 227 10.03 -41.81 -7.83
C VAL C 227 9.30 -40.66 -8.52
N ASP C 228 10.05 -39.61 -8.86
CA ASP C 228 9.58 -38.45 -9.60
C ASP C 228 10.09 -38.46 -11.04
N LEU C 229 9.19 -38.74 -11.98
CA LEU C 229 9.56 -38.89 -13.38
C LEU C 229 9.43 -37.57 -14.12
N PRO C 230 10.51 -37.03 -14.68
CA PRO C 230 10.56 -35.72 -15.36
C PRO C 230 10.01 -35.71 -16.79
N ILE C 231 8.74 -36.06 -16.97
CA ILE C 231 8.17 -36.17 -18.31
C ILE C 231 6.95 -35.25 -18.51
N GLY C 232 7.08 -34.27 -19.41
CA GLY C 232 6.03 -33.30 -19.68
C GLY C 232 5.05 -33.88 -20.68
N ILE C 233 4.29 -34.89 -20.24
CA ILE C 233 3.39 -35.68 -21.09
C ILE C 233 1.91 -35.39 -20.87
N ASN C 234 1.18 -35.42 -22.00
CA ASN C 234 -0.29 -35.24 -22.00
C ASN C 234 -0.88 -36.63 -21.84
N ILE C 235 -1.40 -36.93 -20.66
CA ILE C 235 -1.97 -38.25 -20.34
C ILE C 235 -3.47 -38.12 -20.10
N THR C 236 -4.26 -38.84 -20.90
CA THR C 236 -5.71 -38.84 -20.77
C THR C 236 -6.35 -40.23 -20.73
N ARG C 237 -5.62 -41.28 -21.05
CA ARG C 237 -6.18 -42.63 -21.13
C ARG C 237 -5.16 -43.61 -20.56
N PHE C 238 -5.63 -44.71 -19.97
CA PHE C 238 -4.64 -45.68 -19.53
C PHE C 238 -5.19 -47.10 -19.58
N GLN C 239 -4.27 -48.06 -19.55
CA GLN C 239 -4.58 -49.49 -19.56
C GLN C 239 -3.64 -50.22 -18.60
N THR C 240 -4.17 -51.26 -17.97
CA THR C 240 -3.46 -52.06 -16.97
C THR C 240 -2.83 -53.30 -17.62
N LEU C 241 -1.56 -53.56 -17.29
CA LEU C 241 -0.83 -54.73 -17.77
C LEU C 241 -0.91 -55.87 -16.76
N LEU C 242 -1.34 -57.05 -17.22
CA LEU C 242 -1.44 -58.25 -16.39
C LEU C 242 -0.62 -59.39 -16.96
N ALA C 243 -0.19 -60.29 -16.08
CA ALA C 243 0.43 -61.55 -16.48
C ALA C 243 -0.43 -62.72 -16.00
N TRP C 258 -4.71 -69.39 -21.62
CA TRP C 258 -4.18 -68.58 -20.53
C TRP C 258 -5.01 -68.83 -19.28
N THR C 259 -4.44 -68.55 -18.10
CA THR C 259 -5.14 -68.79 -16.86
C THR C 259 -5.04 -67.56 -15.99
N ALA C 260 -5.87 -67.53 -14.95
CA ALA C 260 -5.88 -66.41 -14.01
C ALA C 260 -5.17 -66.74 -12.70
N GLY C 261 -4.58 -65.68 -12.12
CA GLY C 261 -3.96 -65.75 -10.83
C GLY C 261 -4.95 -65.21 -9.81
N ALA C 262 -4.50 -65.12 -8.56
CA ALA C 262 -5.34 -64.58 -7.51
C ALA C 262 -4.99 -63.10 -7.37
N ALA C 263 -5.87 -62.24 -7.89
CA ALA C 263 -5.65 -60.81 -7.87
C ALA C 263 -6.95 -60.10 -8.20
N ALA C 264 -7.00 -58.83 -7.83
CA ALA C 264 -8.02 -57.88 -8.20
C ALA C 264 -7.40 -56.50 -8.18
N TYR C 265 -7.98 -55.55 -8.92
CA TYR C 265 -7.46 -54.19 -8.81
C TYR C 265 -8.61 -53.19 -8.84
N TYR C 266 -8.32 -52.03 -8.28
CA TYR C 266 -9.28 -50.96 -8.04
C TYR C 266 -8.78 -49.68 -8.69
N VAL C 267 -9.69 -48.94 -9.29
CA VAL C 267 -9.38 -47.65 -9.91
C VAL C 267 -10.34 -46.60 -9.37
N GLY C 268 -9.77 -45.52 -8.82
CA GLY C 268 -10.55 -44.40 -8.36
C GLY C 268 -10.07 -43.17 -9.12
N TYR C 269 -10.75 -42.05 -8.91
CA TYR C 269 -10.36 -40.84 -9.61
C TYR C 269 -10.13 -39.71 -8.61
N LEU C 270 -9.12 -38.89 -8.89
CA LEU C 270 -8.76 -37.76 -8.05
C LEU C 270 -9.49 -36.48 -8.46
N GLN C 271 -9.80 -35.65 -7.47
CA GLN C 271 -10.39 -34.34 -7.65
C GLN C 271 -9.67 -33.34 -6.76
N PRO C 272 -9.69 -32.04 -7.12
CA PRO C 272 -9.20 -30.99 -6.21
C PRO C 272 -9.99 -30.91 -4.91
N ARG C 273 -9.39 -31.26 -3.78
CA ARG C 273 -10.07 -31.22 -2.48
C ARG C 273 -9.11 -30.69 -1.44
N THR C 274 -9.66 -30.14 -0.36
CA THR C 274 -8.86 -29.71 0.79
C THR C 274 -8.94 -30.76 1.88
N PHE C 275 -7.77 -31.25 2.30
CA PHE C 275 -7.63 -32.24 3.37
C PHE C 275 -6.82 -31.67 4.51
N LEU C 276 -7.22 -31.98 5.75
CA LEU C 276 -6.45 -31.66 6.94
C LEU C 276 -5.71 -32.94 7.38
N LEU C 277 -4.39 -32.94 7.31
CA LEU C 277 -3.58 -34.12 7.58
C LEU C 277 -2.92 -34.05 8.95
N LYS C 278 -3.02 -35.15 9.71
CA LYS C 278 -2.47 -35.27 11.06
C LYS C 278 -1.13 -36.00 11.04
N TYR C 279 -0.06 -35.29 11.42
CA TYR C 279 1.28 -35.85 11.49
C TYR C 279 1.61 -36.22 12.92
N ASN C 280 2.12 -37.45 13.12
CA ASN C 280 2.46 -37.92 14.46
C ASN C 280 3.89 -37.53 14.84
N GLU C 281 4.35 -38.05 15.99
CA GLU C 281 5.69 -37.73 16.51
C GLU C 281 6.83 -38.13 15.57
N ASN C 282 6.62 -39.18 14.79
CA ASN C 282 7.68 -39.66 13.86
C ASN C 282 7.49 -39.03 12.48
N GLY C 283 6.52 -38.12 12.34
CA GLY C 283 6.26 -37.47 11.08
C GLY C 283 5.46 -38.33 10.13
N THR C 284 4.78 -39.34 10.64
CA THR C 284 3.95 -40.21 9.84
C THR C 284 2.53 -39.65 9.87
N ILE C 285 1.88 -39.66 8.71
CA ILE C 285 0.50 -39.20 8.62
C ILE C 285 -0.36 -40.31 9.22
N THR C 286 -1.13 -39.99 10.27
CA THR C 286 -1.90 -41.01 10.96
C THR C 286 -3.41 -40.86 10.78
N ASP C 287 -3.90 -39.68 10.40
CA ASP C 287 -5.32 -39.52 10.16
C ASP C 287 -5.52 -38.41 9.12
N ALA C 288 -6.77 -38.23 8.69
CA ALA C 288 -7.14 -37.17 7.75
C ALA C 288 -8.66 -37.00 7.73
N VAL C 289 -9.10 -35.78 7.44
CA VAL C 289 -10.51 -35.46 7.23
C VAL C 289 -10.66 -34.81 5.85
N ASP C 290 -11.55 -35.36 5.04
CA ASP C 290 -11.91 -34.70 3.77
C ASP C 290 -13.02 -33.73 4.11
N CYS C 291 -12.67 -32.44 4.22
CA CYS C 291 -13.59 -31.44 4.73
C CYS C 291 -14.79 -31.16 3.83
N ALA C 292 -14.83 -31.66 2.60
CA ALA C 292 -15.97 -31.37 1.76
C ALA C 292 -16.90 -32.57 1.64
N LEU C 293 -16.62 -33.64 2.41
CA LEU C 293 -17.44 -34.84 2.37
C LEU C 293 -18.80 -34.58 3.02
N ASP C 294 -18.78 -33.98 4.20
CA ASP C 294 -20.02 -33.71 4.93
C ASP C 294 -19.76 -32.55 5.90
N PRO C 295 -20.82 -31.99 6.51
CA PRO C 295 -20.62 -30.85 7.43
C PRO C 295 -19.80 -31.12 8.69
N LEU C 296 -19.65 -32.38 9.13
CA LEU C 296 -18.84 -32.55 10.34
C LEU C 296 -17.36 -32.48 9.96
N SER C 297 -17.01 -33.04 8.81
CA SER C 297 -15.65 -32.94 8.32
C SER C 297 -15.34 -31.49 7.99
N GLU C 298 -16.35 -30.77 7.47
CA GLU C 298 -16.17 -29.35 7.17
C GLU C 298 -15.90 -28.55 8.44
N THR C 299 -16.62 -28.86 9.53
CA THR C 299 -16.37 -28.19 10.80
C THR C 299 -14.96 -28.51 11.30
N LYS C 300 -14.56 -29.78 11.20
CA LYS C 300 -13.22 -30.20 11.59
C LYS C 300 -12.13 -29.46 10.82
N CYS C 301 -12.34 -29.26 9.52
CA CYS C 301 -11.38 -28.53 8.69
C CYS C 301 -11.31 -27.06 9.08
N THR C 302 -12.47 -26.44 9.35
CA THR C 302 -12.51 -25.04 9.76
C THR C 302 -11.83 -24.80 11.11
N LEU C 303 -12.03 -25.70 12.07
CA LEU C 303 -11.49 -25.53 13.41
C LEU C 303 -10.06 -26.05 13.55
N LYS C 304 -9.49 -26.61 12.48
CA LYS C 304 -8.15 -27.20 12.47
C LYS C 304 -7.96 -28.22 13.60
N SER C 305 -8.95 -29.08 13.78
CA SER C 305 -8.86 -30.10 14.82
C SER C 305 -9.74 -31.28 14.43
N PHE C 306 -9.38 -32.46 14.93
CA PHE C 306 -10.17 -33.66 14.69
C PHE C 306 -11.17 -33.91 15.80
N THR C 307 -11.18 -33.07 16.82
CA THR C 307 -12.13 -33.16 17.92
C THR C 307 -12.86 -31.84 17.92
N VAL C 308 -14.19 -31.90 17.98
CA VAL C 308 -15.03 -30.72 17.99
C VAL C 308 -15.83 -30.70 19.27
N GLU C 309 -15.82 -29.57 19.96
CA GLU C 309 -16.60 -29.46 21.18
C GLU C 309 -18.05 -29.17 20.85
N LYS C 310 -18.92 -29.40 21.84
CA LYS C 310 -20.32 -29.07 21.71
C LYS C 310 -20.41 -27.57 21.48
N GLY C 311 -21.19 -27.13 20.50
CA GLY C 311 -21.26 -25.71 20.23
C GLY C 311 -21.79 -25.42 18.84
N ILE C 312 -21.64 -24.15 18.44
CA ILE C 312 -22.09 -23.63 17.15
C ILE C 312 -20.88 -23.15 16.40
N TYR C 313 -20.71 -23.61 15.16
CA TYR C 313 -19.55 -23.20 14.40
C TYR C 313 -20.01 -22.65 13.05
N GLN C 314 -19.44 -21.52 12.65
CA GLN C 314 -19.68 -20.93 11.34
C GLN C 314 -18.59 -21.45 10.43
N THR C 315 -18.94 -22.30 9.46
CA THR C 315 -17.87 -22.97 8.73
C THR C 315 -17.75 -22.60 7.27
N SER C 316 -18.82 -22.14 6.62
CA SER C 316 -18.75 -21.83 5.20
C SER C 316 -19.87 -20.86 4.87
N ASN C 317 -20.11 -20.67 3.57
CA ASN C 317 -21.17 -19.81 3.08
C ASN C 317 -21.83 -20.51 1.91
N PHE C 318 -23.15 -20.62 1.96
CA PHE C 318 -23.93 -21.25 0.89
C PHE C 318 -24.23 -20.19 -0.15
N ARG C 319 -24.22 -20.60 -1.42
CA ARG C 319 -24.53 -19.69 -2.51
C ARG C 319 -25.21 -20.43 -3.65
N VAL C 320 -26.31 -19.84 -4.13
CA VAL C 320 -26.99 -20.38 -5.29
C VAL C 320 -26.18 -20.04 -6.54
N GLN C 321 -25.92 -21.02 -7.32
CA GLN C 321 -25.10 -20.73 -8.49
C GLN C 321 -25.97 -20.35 -9.68
N PRO C 322 -25.50 -19.45 -10.53
CA PRO C 322 -26.24 -19.12 -11.76
C PRO C 322 -26.23 -20.28 -12.73
N THR C 323 -27.35 -20.43 -13.45
CA THR C 323 -27.49 -21.51 -14.42
C THR C 323 -27.54 -21.04 -15.86
N GLU C 324 -27.77 -19.75 -16.11
CA GLU C 324 -27.84 -19.24 -17.47
C GLU C 324 -27.04 -17.94 -17.57
N SER C 325 -26.58 -17.65 -18.78
CA SER C 325 -25.90 -16.40 -19.08
C SER C 325 -26.78 -15.54 -19.97
N ILE C 326 -27.23 -14.41 -19.44
CA ILE C 326 -28.18 -13.52 -20.11
C ILE C 326 -27.45 -12.29 -20.61
N VAL C 327 -27.38 -12.16 -21.93
CA VAL C 327 -26.66 -11.08 -22.59
C VAL C 327 -27.66 -10.25 -23.40
N ARG C 328 -27.75 -8.96 -23.10
CA ARG C 328 -28.69 -8.07 -23.79
C ARG C 328 -27.97 -6.80 -24.20
N PHE C 329 -28.00 -6.50 -25.50
CA PHE C 329 -27.44 -5.28 -26.04
C PHE C 329 -28.43 -4.63 -27.01
N PRO C 330 -28.35 -3.30 -27.32
CA PRO C 330 -29.38 -2.64 -28.15
C PRO C 330 -29.52 -3.21 -29.56
N ASN C 331 -30.63 -2.87 -30.23
CA ASN C 331 -30.89 -3.40 -31.59
C ASN C 331 -30.24 -2.50 -32.64
N ILE C 332 -28.91 -2.28 -32.56
CA ILE C 332 -28.20 -1.50 -33.61
C ILE C 332 -27.48 -2.51 -34.50
N THR C 333 -27.42 -2.22 -35.81
CA THR C 333 -26.79 -3.17 -36.76
C THR C 333 -25.84 -2.43 -37.70
N ASN C 334 -25.99 -1.10 -37.82
CA ASN C 334 -25.04 -0.33 -38.62
C ASN C 334 -23.63 -0.44 -38.04
N LEU C 335 -22.65 -0.59 -38.93
CA LEU C 335 -21.27 -0.71 -38.48
C LEU C 335 -20.64 0.66 -38.25
N CYS C 336 -19.74 0.71 -37.29
CA CYS C 336 -19.04 1.95 -36.96
C CYS C 336 -18.12 2.41 -38.08
N PRO C 337 -18.12 3.72 -38.39
CA PRO C 337 -17.29 4.27 -39.46
C PRO C 337 -15.82 4.40 -39.09
N PHE C 338 -15.20 3.27 -38.72
CA PHE C 338 -13.76 3.22 -38.48
C PHE C 338 -13.01 3.19 -39.80
N GLY C 339 -13.55 2.49 -40.79
CA GLY C 339 -12.87 2.37 -42.06
C GLY C 339 -12.61 3.72 -42.72
N GLU C 340 -13.47 4.73 -42.47
CA GLU C 340 -13.18 5.99 -43.12
C GLU C 340 -12.00 6.74 -42.49
N VAL C 341 -11.40 6.24 -41.40
CA VAL C 341 -10.32 6.96 -40.75
C VAL C 341 -9.02 6.18 -40.88
N PHE C 342 -9.09 4.85 -40.86
CA PHE C 342 -7.85 4.02 -40.87
C PHE C 342 -7.29 3.91 -42.27
N ASN C 343 -8.17 3.83 -43.28
CA ASN C 343 -7.72 3.69 -44.69
C ASN C 343 -7.72 5.06 -45.35
N ALA C 344 -7.77 6.12 -44.55
CA ALA C 344 -7.79 7.51 -45.10
C ALA C 344 -6.53 7.84 -45.89
N THR C 345 -6.65 8.71 -46.90
CA THR C 345 -5.56 9.16 -47.73
C THR C 345 -5.09 10.57 -47.40
N ARG C 346 -5.69 11.23 -46.41
CA ARG C 346 -5.40 12.63 -46.11
C ARG C 346 -5.33 12.84 -44.59
N PHE C 347 -4.58 11.98 -43.88
CA PHE C 347 -4.30 12.20 -42.46
C PHE C 347 -3.90 13.64 -42.15
N ALA C 348 -4.28 14.11 -40.96
CA ALA C 348 -3.95 15.45 -40.50
C ALA C 348 -2.52 15.55 -39.96
N SER C 349 -2.02 16.78 -39.95
CA SER C 349 -0.79 17.10 -39.23
C SER C 349 -1.02 16.99 -37.73
N VAL C 350 0.04 16.63 -36.99
CA VAL C 350 -0.07 16.47 -35.55
C VAL C 350 -0.36 17.80 -34.83
N TYR C 351 0.12 18.94 -35.35
CA TYR C 351 -0.19 20.20 -34.69
C TYR C 351 -1.66 20.57 -34.87
N ALA C 352 -2.30 20.01 -35.90
CA ALA C 352 -3.67 20.31 -36.27
C ALA C 352 -4.39 18.99 -36.57
N TRP C 353 -4.36 18.09 -35.59
CA TRP C 353 -4.85 16.74 -35.79
C TRP C 353 -6.35 16.72 -36.00
N ASN C 354 -6.81 15.72 -36.75
CA ASN C 354 -8.22 15.53 -37.04
C ASN C 354 -8.87 14.69 -35.97
N ARG C 355 -10.16 14.94 -35.79
CA ARG C 355 -10.99 14.14 -34.90
C ARG C 355 -12.29 13.78 -35.60
N LYS C 356 -12.58 12.49 -35.69
CA LYS C 356 -13.85 12.02 -36.21
C LYS C 356 -14.58 11.39 -35.05
N ARG C 357 -15.83 11.77 -34.83
CA ARG C 357 -16.62 11.18 -33.77
C ARG C 357 -17.48 10.04 -34.32
N ILE C 358 -17.41 8.88 -33.68
CA ILE C 358 -18.12 7.68 -34.09
C ILE C 358 -19.21 7.36 -33.06
N SER C 359 -20.46 7.23 -33.53
CA SER C 359 -21.59 6.98 -32.65
C SER C 359 -22.69 6.25 -33.41
N ASN C 360 -23.63 5.70 -32.63
CA ASN C 360 -24.87 5.05 -33.08
C ASN C 360 -24.60 3.92 -34.08
N CYS C 361 -23.75 2.99 -33.68
CA CYS C 361 -23.32 1.93 -34.56
C CYS C 361 -22.81 0.74 -33.76
N VAL C 362 -22.60 -0.37 -34.47
CA VAL C 362 -22.03 -1.58 -33.89
C VAL C 362 -20.54 -1.61 -34.22
N ALA C 363 -19.72 -1.72 -33.19
CA ALA C 363 -18.27 -1.64 -33.33
C ALA C 363 -17.71 -3.04 -33.22
N ASP C 364 -17.33 -3.59 -34.35
CA ASP C 364 -16.75 -4.92 -34.42
C ASP C 364 -15.24 -4.74 -34.34
N TYR C 365 -14.67 -5.06 -33.19
CA TYR C 365 -13.26 -4.83 -32.97
C TYR C 365 -12.43 -6.05 -33.28
N SER C 366 -13.05 -7.16 -33.68
CA SER C 366 -12.21 -8.31 -33.99
C SER C 366 -11.55 -8.13 -35.35
N VAL C 367 -12.17 -7.36 -36.24
CA VAL C 367 -11.57 -7.05 -37.52
C VAL C 367 -10.37 -6.12 -37.35
N LEU C 368 -10.53 -5.09 -36.51
CA LEU C 368 -9.45 -4.13 -36.28
C LEU C 368 -8.35 -4.75 -35.43
N TYR C 369 -8.71 -5.54 -34.41
CA TYR C 369 -7.73 -6.13 -33.52
C TYR C 369 -7.02 -7.30 -34.19
N ASN C 370 -7.75 -8.09 -34.97
CA ASN C 370 -7.20 -9.28 -35.59
C ASN C 370 -6.55 -8.92 -36.92
N SER C 371 -6.52 -7.64 -37.26
CA SER C 371 -5.81 -7.25 -38.46
C SER C 371 -4.33 -7.41 -38.18
N ALA C 372 -3.59 -7.85 -39.19
CA ALA C 372 -2.15 -7.99 -39.14
C ALA C 372 -1.42 -6.73 -39.57
N SER C 373 -2.14 -5.69 -39.96
CA SER C 373 -1.56 -4.53 -40.60
C SER C 373 -1.06 -3.46 -39.65
N PHE C 374 -1.30 -3.59 -38.35
CA PHE C 374 -0.90 -2.55 -37.42
C PHE C 374 0.31 -3.05 -36.63
N SER C 375 1.27 -2.15 -36.39
CA SER C 375 2.48 -2.50 -35.66
C SER C 375 2.38 -2.26 -34.16
N THR C 376 1.53 -1.32 -33.75
CA THR C 376 1.31 -1.00 -32.35
C THR C 376 -0.17 -1.07 -32.06
N PHE C 377 -0.52 -1.74 -30.96
CA PHE C 377 -1.89 -1.75 -30.47
C PHE C 377 -1.73 -1.84 -28.96
N LYS C 378 -1.56 -0.68 -28.32
CA LYS C 378 -1.32 -0.64 -26.89
C LYS C 378 -2.57 0.01 -26.29
N CYS C 379 -3.21 -0.69 -25.37
CA CYS C 379 -4.42 -0.21 -24.71
C CYS C 379 -4.21 0.18 -23.25
N TYR C 380 -4.86 1.27 -22.82
CA TYR C 380 -4.76 1.78 -21.47
C TYR C 380 -6.16 1.88 -20.91
N GLY C 381 -6.43 1.22 -19.78
CA GLY C 381 -7.73 1.30 -19.18
C GLY C 381 -8.63 0.15 -19.56
N VAL C 382 -8.42 -0.43 -20.74
CA VAL C 382 -9.11 -1.60 -21.24
C VAL C 382 -8.01 -2.54 -21.75
N SER C 383 -8.34 -3.83 -21.83
CA SER C 383 -7.44 -4.78 -22.48
C SER C 383 -7.79 -4.90 -23.97
N PRO C 384 -6.79 -5.07 -24.84
CA PRO C 384 -7.10 -5.15 -26.28
C PRO C 384 -7.88 -6.39 -26.70
N THR C 385 -7.85 -7.49 -25.93
CA THR C 385 -8.52 -8.71 -26.36
C THR C 385 -9.91 -8.89 -25.76
N LYS C 386 -10.35 -7.98 -24.89
CA LYS C 386 -11.69 -8.03 -24.32
C LYS C 386 -12.54 -6.88 -24.82
N LEU C 387 -12.00 -6.08 -25.75
CA LEU C 387 -12.64 -4.87 -26.26
C LEU C 387 -13.99 -5.15 -26.92
N ASN C 388 -14.13 -6.31 -27.57
CA ASN C 388 -15.37 -6.64 -28.29
C ASN C 388 -16.53 -6.97 -27.37
N ASP C 389 -16.32 -7.12 -26.07
CA ASP C 389 -17.40 -7.42 -25.13
C ASP C 389 -17.94 -6.18 -24.41
N LEU C 390 -17.39 -5.00 -24.67
CA LEU C 390 -17.72 -3.77 -23.97
C LEU C 390 -18.63 -2.85 -24.79
N CYS C 391 -19.30 -1.96 -24.06
CA CYS C 391 -20.07 -0.87 -24.65
C CYS C 391 -19.63 0.46 -24.10
N PHE C 392 -19.52 1.43 -25.00
CA PHE C 392 -19.14 2.79 -24.72
C PHE C 392 -20.18 3.84 -25.05
N THR C 393 -20.19 4.94 -24.31
CA THR C 393 -21.04 6.03 -24.77
C THR C 393 -20.87 6.57 -26.23
N ASN C 394 -19.63 7.00 -26.49
CA ASN C 394 -19.19 7.43 -27.82
C ASN C 394 -17.69 7.19 -27.84
N VAL C 395 -17.15 7.00 -29.05
CA VAL C 395 -15.73 6.86 -29.28
C VAL C 395 -15.21 7.94 -30.24
N TYR C 396 -14.11 8.58 -29.85
CA TYR C 396 -13.41 9.55 -30.68
C TYR C 396 -12.18 8.89 -31.28
N ALA C 397 -11.98 9.12 -32.58
CA ALA C 397 -10.82 8.61 -33.31
C ALA C 397 -9.98 9.79 -33.77
N ASP C 398 -8.87 10.01 -33.09
CA ASP C 398 -7.97 11.12 -33.38
C ASP C 398 -6.87 10.56 -34.26
N SER C 399 -6.46 11.32 -35.28
CA SER C 399 -5.46 10.79 -36.20
C SER C 399 -4.46 11.86 -36.61
N PHE C 400 -3.21 11.43 -36.77
CA PHE C 400 -2.09 12.30 -37.13
C PHE C 400 -0.92 11.43 -37.55
N VAL C 401 0.08 12.07 -38.17
CA VAL C 401 1.35 11.45 -38.53
C VAL C 401 2.46 12.01 -37.65
N ILE C 402 3.26 11.14 -37.05
CA ILE C 402 4.41 11.51 -36.24
C ILE C 402 5.65 10.72 -36.66
N ARG C 403 6.78 11.13 -36.08
CA ARG C 403 8.08 10.52 -36.31
C ARG C 403 8.21 9.20 -35.55
N GLY C 404 8.90 8.23 -36.18
CA GLY C 404 9.07 6.90 -35.60
C GLY C 404 9.53 6.88 -34.14
N ASP C 405 10.55 7.67 -33.80
CA ASP C 405 11.03 7.71 -32.42
C ASP C 405 10.00 8.31 -31.48
N GLU C 406 9.03 9.04 -32.02
CA GLU C 406 8.03 9.77 -31.28
C GLU C 406 6.74 8.99 -31.05
N VAL C 407 6.67 7.74 -31.54
CA VAL C 407 5.48 6.91 -31.31
C VAL C 407 5.33 6.61 -29.83
N ARG C 408 6.45 6.49 -29.13
CA ARG C 408 6.47 6.18 -27.70
C ARG C 408 5.89 7.30 -26.85
N GLN C 409 5.87 8.54 -27.37
CA GLN C 409 5.36 9.68 -26.61
C GLN C 409 3.84 9.75 -26.59
N ILE C 410 3.16 9.03 -27.48
CA ILE C 410 1.68 9.08 -27.54
C ILE C 410 1.20 8.05 -26.54
N ALA C 411 1.24 8.45 -25.27
CA ALA C 411 0.88 7.59 -24.14
C ALA C 411 0.64 8.48 -22.94
N PRO C 412 -0.11 8.01 -21.94
CA PRO C 412 -0.21 8.76 -20.69
C PRO C 412 1.14 8.90 -20.01
N GLY C 413 1.35 10.06 -19.40
CA GLY C 413 2.54 10.29 -18.60
C GLY C 413 3.83 10.49 -19.36
N GLN C 414 3.76 10.91 -20.61
CA GLN C 414 4.95 11.08 -21.42
C GLN C 414 5.31 12.56 -21.55
N THR C 415 6.59 12.81 -21.83
CA THR C 415 7.08 14.15 -22.08
C THR C 415 7.83 14.17 -23.41
N GLY C 416 7.97 15.36 -23.97
CA GLY C 416 8.65 15.55 -25.22
C GLY C 416 7.96 16.61 -26.03
N LYS C 417 8.51 16.94 -27.20
CA LYS C 417 7.98 18.05 -28.00
C LYS C 417 6.56 17.78 -28.47
N ILE C 418 6.23 16.52 -28.74
CA ILE C 418 4.91 16.22 -29.26
C ILE C 418 3.91 16.12 -28.13
N ALA C 419 4.27 15.36 -27.09
CA ALA C 419 3.43 15.17 -25.91
C ALA C 419 3.11 16.49 -25.23
N ASP C 420 4.05 17.43 -25.26
CA ASP C 420 3.88 18.70 -24.56
C ASP C 420 3.28 19.80 -25.42
N TYR C 421 3.58 19.88 -26.73
CA TYR C 421 3.12 21.00 -27.51
C TYR C 421 2.14 20.67 -28.63
N ASN C 422 1.89 19.39 -28.93
CA ASN C 422 1.04 19.06 -30.07
C ASN C 422 -0.19 18.27 -29.69
N TYR C 423 -0.02 17.15 -29.01
CA TYR C 423 -1.11 16.24 -28.69
C TYR C 423 -0.83 15.67 -27.30
N LYS C 424 -1.60 16.12 -26.32
CA LYS C 424 -1.40 15.70 -24.94
C LYS C 424 -2.46 14.67 -24.64
N LEU C 425 -2.04 13.53 -24.14
CA LEU C 425 -3.07 12.59 -23.76
C LEU C 425 -3.23 12.62 -22.24
N PRO C 426 -4.45 12.54 -21.70
CA PRO C 426 -4.62 12.54 -20.25
C PRO C 426 -4.10 11.28 -19.58
N ASP C 427 -3.79 11.42 -18.28
CA ASP C 427 -3.22 10.32 -17.51
C ASP C 427 -4.27 9.26 -17.15
N ASP C 428 -5.55 9.64 -17.15
CA ASP C 428 -6.64 8.71 -16.90
C ASP C 428 -7.30 8.27 -18.20
N PHE C 429 -6.55 8.34 -19.29
CA PHE C 429 -7.03 7.96 -20.62
C PHE C 429 -7.53 6.52 -20.66
N THR C 430 -8.70 6.33 -21.25
CA THR C 430 -9.24 5.00 -21.50
C THR C 430 -9.34 4.88 -23.01
N GLY C 431 -8.66 3.90 -23.57
CA GLY C 431 -8.57 3.80 -25.01
C GLY C 431 -7.37 2.99 -25.45
N CYS C 432 -7.20 2.96 -26.77
CA CYS C 432 -6.10 2.25 -27.40
C CYS C 432 -5.40 3.18 -28.39
N VAL C 433 -4.07 3.12 -28.37
CA VAL C 433 -3.22 3.90 -29.27
C VAL C 433 -2.69 2.99 -30.36
N ILE C 434 -3.04 3.31 -31.60
CA ILE C 434 -2.74 2.46 -32.76
C ILE C 434 -1.78 3.20 -33.69
N ALA C 435 -0.68 2.53 -34.05
CA ALA C 435 0.28 3.13 -34.95
C ALA C 435 0.81 2.06 -35.90
N TRP C 436 1.16 2.48 -37.11
CA TRP C 436 1.76 1.57 -38.08
C TRP C 436 2.73 2.35 -38.95
N ASN C 437 3.74 1.66 -39.48
CA ASN C 437 4.68 2.28 -40.39
C ASN C 437 3.99 2.60 -41.70
N SER C 438 4.10 3.85 -42.13
CA SER C 438 3.45 4.31 -43.36
C SER C 438 4.46 4.97 -44.29
N ASN C 439 5.71 4.47 -44.28
CA ASN C 439 6.76 5.03 -45.13
C ASN C 439 6.40 4.99 -46.61
N ASN C 440 5.70 3.92 -47.03
CA ASN C 440 5.35 3.72 -48.44
C ASN C 440 4.20 4.60 -48.92
N LEU C 441 3.52 5.30 -48.02
CA LEU C 441 2.42 6.19 -48.36
C LEU C 441 2.77 7.63 -48.11
N ASP C 442 3.46 7.91 -47.01
CA ASP C 442 3.71 9.27 -46.57
C ASP C 442 5.10 9.76 -46.94
N SER C 443 6.01 8.86 -47.32
CA SER C 443 7.35 9.30 -47.67
C SER C 443 7.44 9.59 -49.16
N LYS C 444 8.24 10.59 -49.49
CA LYS C 444 8.55 10.96 -50.85
C LYS C 444 10.05 10.97 -50.99
N VAL C 445 10.54 10.77 -52.21
CA VAL C 445 11.97 10.67 -52.44
C VAL C 445 12.67 11.98 -52.09
N GLY C 446 12.12 13.12 -52.49
CA GLY C 446 12.77 14.35 -52.09
C GLY C 446 12.42 14.80 -50.68
N GLY C 447 11.44 14.14 -50.07
CA GLY C 447 10.93 14.44 -48.74
C GLY C 447 9.54 15.07 -48.75
N ASN C 448 8.64 14.51 -47.94
CA ASN C 448 7.28 15.02 -47.77
C ASN C 448 7.20 15.99 -46.60
N TYR C 449 6.96 17.27 -46.90
CA TYR C 449 6.94 18.37 -45.94
C TYR C 449 5.54 18.88 -45.62
N ASN C 450 4.52 18.08 -45.87
CA ASN C 450 3.15 18.48 -45.61
C ASN C 450 2.69 18.09 -44.20
N TYR C 451 3.58 17.46 -43.42
CA TYR C 451 3.27 17.05 -42.06
C TYR C 451 4.07 17.96 -41.13
N LEU C 452 3.35 18.76 -40.34
CA LEU C 452 3.93 19.79 -39.48
C LEU C 452 3.75 19.49 -38.00
N TYR C 453 4.66 20.01 -37.18
CA TYR C 453 4.53 19.87 -35.74
C TYR C 453 4.88 21.20 -35.09
N ARG C 454 4.32 21.47 -33.92
CA ARG C 454 4.67 22.68 -33.18
C ARG C 454 5.92 22.38 -32.35
N LEU C 455 6.93 23.23 -32.47
CA LEU C 455 8.20 22.99 -31.79
C LEU C 455 8.37 23.79 -30.51
N PHE C 456 7.86 25.02 -30.46
CA PHE C 456 7.97 25.89 -29.31
C PHE C 456 6.59 26.38 -28.92
N ARG C 457 6.34 26.44 -27.62
CA ARG C 457 5.10 26.98 -27.10
C ARG C 457 5.36 27.54 -25.72
N LYS C 458 4.62 28.62 -25.39
CA LYS C 458 4.77 29.29 -24.10
C LYS C 458 4.46 28.36 -22.93
N SER C 459 3.50 27.44 -23.10
CA SER C 459 3.16 26.53 -22.03
C SER C 459 2.70 25.20 -22.61
N ASN C 460 2.63 24.20 -21.74
CA ASN C 460 2.17 22.87 -22.13
C ASN C 460 0.67 22.88 -22.38
N LEU C 461 0.23 21.99 -23.27
CA LEU C 461 -1.17 21.78 -23.56
C LEU C 461 -1.87 21.00 -22.45
N LYS C 462 -3.16 21.28 -22.32
CA LYS C 462 -4.02 20.45 -21.49
C LYS C 462 -4.46 19.24 -22.32
N PRO C 463 -4.90 18.16 -21.68
CA PRO C 463 -5.40 16.99 -22.43
C PRO C 463 -6.45 17.34 -23.48
N PHE C 464 -6.24 16.85 -24.71
CA PHE C 464 -7.13 17.05 -25.86
C PHE C 464 -7.31 18.53 -26.23
N GLU C 465 -6.38 19.40 -25.85
CA GLU C 465 -6.43 20.79 -26.30
C GLU C 465 -5.73 20.90 -27.66
N ARG C 466 -6.26 21.77 -28.51
CA ARG C 466 -5.67 22.10 -29.79
C ARG C 466 -5.17 23.54 -29.78
N ASP C 467 -4.08 23.78 -30.51
CA ASP C 467 -3.56 25.12 -30.70
C ASP C 467 -3.13 25.20 -32.15
N ILE C 468 -3.85 25.99 -32.95
CA ILE C 468 -3.62 26.08 -34.39
C ILE C 468 -3.19 27.48 -34.79
N SER C 469 -2.69 28.27 -33.84
CA SER C 469 -2.22 29.61 -34.12
C SER C 469 -0.82 29.56 -34.75
N THR C 470 -0.45 30.65 -35.43
CA THR C 470 0.89 30.75 -36.01
C THR C 470 1.67 31.91 -35.41
N GLU C 471 1.33 32.30 -34.18
CA GLU C 471 2.04 33.36 -33.49
C GLU C 471 3.52 33.11 -33.26
N ILE C 472 4.34 34.11 -33.59
CA ILE C 472 5.79 34.01 -33.50
C ILE C 472 6.08 33.78 -32.02
N TYR C 473 6.92 32.78 -31.74
CA TYR C 473 7.24 32.38 -30.38
C TYR C 473 8.29 33.31 -29.80
N GLN C 474 8.03 33.79 -28.59
CA GLN C 474 8.92 34.72 -27.91
C GLN C 474 9.90 33.93 -27.06
N ALA C 475 11.16 33.88 -27.50
CA ALA C 475 12.15 33.14 -26.73
C ALA C 475 12.88 34.00 -25.72
N GLY C 476 13.03 35.30 -26.01
CA GLY C 476 13.72 36.22 -25.15
C GLY C 476 12.82 37.24 -24.49
N SER C 477 13.43 38.37 -24.10
CA SER C 477 12.77 39.49 -23.46
C SER C 477 12.45 40.63 -24.41
N THR C 478 12.99 40.62 -25.64
CA THR C 478 12.82 41.71 -26.58
C THR C 478 11.63 41.43 -27.48
N PRO C 479 10.65 42.33 -27.57
CA PRO C 479 9.50 42.11 -28.46
C PRO C 479 9.92 41.87 -29.91
N CYS C 480 9.22 40.93 -30.55
CA CYS C 480 9.54 40.55 -31.93
C CYS C 480 8.83 41.41 -32.96
N ASN C 481 7.63 41.92 -32.63
CA ASN C 481 6.82 42.71 -33.55
C ASN C 481 6.54 41.97 -34.85
N GLY C 482 6.34 40.67 -34.72
CA GLY C 482 6.02 39.81 -35.85
C GLY C 482 7.16 39.34 -36.71
N VAL C 483 8.41 39.61 -36.33
CA VAL C 483 9.56 39.24 -37.14
C VAL C 483 10.35 38.15 -36.42
N GLU C 484 10.63 37.05 -37.11
CA GLU C 484 11.46 35.99 -36.54
C GLU C 484 12.92 36.46 -36.55
N GLY C 485 13.73 35.90 -35.69
CA GLY C 485 15.11 36.34 -35.62
C GLY C 485 15.67 35.70 -34.38
N PHE C 486 16.82 36.21 -33.93
CA PHE C 486 17.38 35.59 -32.73
C PHE C 486 16.43 35.91 -31.60
N ASN C 487 16.09 34.90 -30.80
CA ASN C 487 15.06 34.96 -29.77
C ASN C 487 13.64 35.19 -30.31
N CYS C 488 13.42 35.05 -31.62
CA CYS C 488 12.10 35.21 -32.22
C CYS C 488 11.90 34.05 -33.19
N TYR C 489 11.08 33.08 -32.80
CA TYR C 489 11.03 31.83 -33.53
C TYR C 489 9.65 31.55 -34.15
N PHE C 490 9.66 30.90 -35.33
CA PHE C 490 8.43 30.36 -35.91
C PHE C 490 8.04 29.06 -35.21
N PRO C 491 6.84 28.94 -34.64
CA PRO C 491 6.52 27.76 -33.80
C PRO C 491 6.42 26.42 -34.52
N LEU C 492 6.19 26.38 -35.84
CA LEU C 492 5.99 25.09 -36.49
C LEU C 492 7.22 24.67 -37.29
N GLN C 493 7.34 23.36 -37.48
CA GLN C 493 8.37 22.71 -38.29
C GLN C 493 7.84 21.45 -38.95
N SER C 494 8.43 21.08 -40.09
CA SER C 494 8.02 19.89 -40.82
C SER C 494 9.00 18.73 -40.60
N TYR C 495 8.47 17.50 -40.74
CA TYR C 495 9.26 16.28 -40.78
C TYR C 495 9.70 15.93 -42.20
N GLY C 496 11.01 15.87 -42.42
CA GLY C 496 11.54 15.54 -43.73
C GLY C 496 11.53 14.06 -44.03
N PHE C 497 10.38 13.51 -44.43
CA PHE C 497 10.26 12.06 -44.59
C PHE C 497 10.87 11.62 -45.91
N GLN C 498 11.92 10.80 -45.86
CA GLN C 498 12.60 10.30 -47.03
C GLN C 498 12.70 8.80 -46.95
N PRO C 499 12.68 8.09 -48.09
CA PRO C 499 12.74 6.61 -48.05
C PRO C 499 14.06 6.08 -47.50
N THR C 500 15.10 6.90 -47.39
CA THR C 500 16.40 6.44 -46.93
C THR C 500 16.62 6.73 -45.45
N ASN C 501 15.63 7.27 -44.76
CA ASN C 501 15.74 7.53 -43.34
C ASN C 501 15.70 6.22 -42.55
N GLY C 502 16.32 6.25 -41.37
CA GLY C 502 16.26 5.11 -40.49
C GLY C 502 14.86 4.97 -39.92
N VAL C 503 14.63 3.81 -39.28
CA VAL C 503 13.28 3.45 -38.81
C VAL C 503 12.74 4.51 -37.87
N GLY C 504 13.59 5.05 -36.99
CA GLY C 504 13.17 6.09 -36.07
C GLY C 504 12.80 7.40 -36.73
N TYR C 505 13.21 7.61 -37.98
CA TYR C 505 12.92 8.83 -38.73
C TYR C 505 11.91 8.59 -39.85
N GLN C 506 11.31 7.40 -39.93
CA GLN C 506 10.29 7.12 -40.94
C GLN C 506 8.92 7.59 -40.47
N PRO C 507 8.01 7.91 -41.39
CA PRO C 507 6.66 8.30 -40.97
C PRO C 507 5.86 7.14 -40.41
N TYR C 508 5.11 7.44 -39.36
CA TYR C 508 4.14 6.52 -38.80
C TYR C 508 2.79 7.22 -38.73
N ARG C 509 1.74 6.52 -39.14
CA ARG C 509 0.38 7.03 -39.00
C ARG C 509 -0.17 6.52 -37.68
N VAL C 510 -0.72 7.43 -36.88
CA VAL C 510 -1.23 7.09 -35.56
C VAL C 510 -2.71 7.43 -35.49
N VAL C 511 -3.50 6.48 -35.02
CA VAL C 511 -4.91 6.66 -34.75
C VAL C 511 -5.12 6.36 -33.27
N VAL C 512 -5.70 7.32 -32.55
CA VAL C 512 -5.98 7.14 -31.13
C VAL C 512 -7.48 7.06 -30.95
N LEU C 513 -7.96 5.94 -30.41
CA LEU C 513 -9.36 5.72 -30.14
C LEU C 513 -9.61 5.98 -28.66
N SER C 514 -10.34 7.05 -28.35
CA SER C 514 -10.61 7.42 -26.96
C SER C 514 -11.98 6.87 -26.57
N PHE C 515 -12.04 6.09 -25.49
CA PHE C 515 -13.28 5.42 -25.08
C PHE C 515 -13.84 6.14 -23.86
N GLU C 516 -14.97 6.83 -24.05
CA GLU C 516 -15.61 7.59 -22.97
C GLU C 516 -16.63 6.75 -22.23
N LEU C 517 -16.58 6.79 -20.91
CA LEU C 517 -17.52 6.06 -20.08
C LEU C 517 -18.16 7.07 -19.15
N LEU C 518 -19.33 7.59 -19.56
CA LEU C 518 -20.15 8.47 -18.75
C LEU C 518 -21.59 7.92 -18.73
N HIS C 519 -22.36 8.38 -17.74
CA HIS C 519 -23.73 7.90 -17.52
C HIS C 519 -24.67 8.49 -18.58
N ALA C 520 -24.69 7.83 -19.74
CA ALA C 520 -25.47 8.31 -20.89
C ALA C 520 -25.82 7.08 -21.71
N PRO C 521 -26.78 7.19 -22.64
CA PRO C 521 -27.11 6.04 -23.50
C PRO C 521 -25.89 5.56 -24.27
N ALA C 522 -25.68 4.25 -24.29
CA ALA C 522 -24.57 3.75 -25.08
C ALA C 522 -24.98 3.60 -26.54
N THR C 523 -24.06 4.00 -27.41
CA THR C 523 -24.28 3.98 -28.85
C THR C 523 -23.27 3.14 -29.60
N VAL C 524 -22.14 2.80 -28.98
CA VAL C 524 -21.10 1.97 -29.58
C VAL C 524 -20.91 0.71 -28.74
N CYS C 525 -21.24 -0.44 -29.33
CA CYS C 525 -21.18 -1.74 -28.68
C CYS C 525 -20.47 -2.76 -29.56
N GLY C 526 -19.81 -3.72 -28.92
CA GLY C 526 -19.12 -4.77 -29.64
C GLY C 526 -20.06 -5.72 -30.36
N PRO C 527 -19.50 -6.62 -31.19
CA PRO C 527 -20.33 -7.53 -32.01
C PRO C 527 -20.84 -8.72 -31.21
N LYS C 528 -21.57 -8.45 -30.13
CA LYS C 528 -22.14 -9.52 -29.32
C LYS C 528 -23.55 -9.86 -29.80
N LYS C 529 -23.89 -11.14 -29.72
CA LYS C 529 -25.24 -11.59 -30.01
C LYS C 529 -26.04 -11.59 -28.72
N SER C 530 -27.32 -11.24 -28.81
CA SER C 530 -28.21 -11.25 -27.66
C SER C 530 -28.95 -12.58 -27.53
N THR C 531 -29.33 -12.90 -26.30
CA THR C 531 -30.08 -14.09 -25.95
C THR C 531 -31.46 -13.69 -25.43
N ASN C 532 -32.31 -14.69 -25.19
CA ASN C 532 -33.62 -14.43 -24.63
C ASN C 532 -33.51 -13.97 -23.17
N LEU C 533 -34.40 -13.06 -22.78
CA LEU C 533 -34.45 -12.58 -21.41
C LEU C 533 -35.11 -13.60 -20.49
N VAL C 534 -34.47 -13.88 -19.36
CA VAL C 534 -34.93 -14.84 -18.36
C VAL C 534 -35.20 -14.11 -17.05
N LYS C 535 -36.42 -14.30 -16.52
CA LYS C 535 -36.86 -13.67 -15.27
C LYS C 535 -37.05 -14.73 -14.19
N ASN C 536 -36.98 -14.27 -12.94
CA ASN C 536 -37.22 -15.10 -11.74
C ASN C 536 -36.26 -16.28 -11.64
N LYS C 537 -35.03 -16.13 -12.09
CA LYS C 537 -34.05 -17.20 -12.00
C LYS C 537 -32.68 -16.59 -11.71
N CYS C 538 -31.82 -17.36 -11.05
CA CYS C 538 -30.47 -16.91 -10.80
C CYS C 538 -29.66 -16.92 -12.09
N VAL C 539 -29.24 -15.74 -12.56
CA VAL C 539 -28.51 -15.60 -13.81
C VAL C 539 -27.32 -14.66 -13.69
N ASN C 540 -26.39 -14.81 -14.64
CA ASN C 540 -25.31 -13.87 -14.91
C ASN C 540 -25.75 -12.90 -16.00
N PHE C 541 -25.83 -11.60 -15.69
CA PHE C 541 -26.35 -10.67 -16.67
C PHE C 541 -25.30 -9.70 -17.18
N ASN C 542 -25.55 -9.21 -18.39
CA ASN C 542 -24.78 -8.15 -19.00
C ASN C 542 -25.82 -7.28 -19.70
N PHE C 543 -26.17 -6.16 -19.08
CA PHE C 543 -27.16 -5.24 -19.61
C PHE C 543 -26.43 -3.99 -20.10
N ASN C 544 -26.15 -3.94 -21.40
CA ASN C 544 -25.48 -2.81 -22.06
C ASN C 544 -24.19 -2.44 -21.34
N GLY C 545 -23.44 -3.46 -20.91
CA GLY C 545 -22.18 -3.27 -20.22
C GLY C 545 -22.25 -3.43 -18.72
N LEU C 546 -23.45 -3.40 -18.14
CA LEU C 546 -23.62 -3.58 -16.70
C LEU C 546 -23.63 -5.08 -16.41
N THR C 547 -22.68 -5.55 -15.61
CA THR C 547 -22.53 -6.96 -15.36
C THR C 547 -22.65 -7.29 -13.87
N GLY C 548 -23.12 -8.50 -13.61
CA GLY C 548 -23.27 -8.99 -12.25
C GLY C 548 -24.02 -10.31 -12.27
N THR C 549 -24.27 -10.82 -11.06
CA THR C 549 -24.97 -12.07 -10.87
C THR C 549 -26.23 -11.82 -10.05
N GLY C 550 -27.37 -12.35 -10.48
CA GLY C 550 -28.57 -12.13 -9.72
C GLY C 550 -29.82 -12.67 -10.37
N VAL C 551 -30.94 -12.33 -9.74
CA VAL C 551 -32.30 -12.73 -10.14
C VAL C 551 -33.06 -11.50 -10.63
N LEU C 552 -33.61 -11.60 -11.83
CA LEU C 552 -34.33 -10.51 -12.48
C LEU C 552 -35.82 -10.63 -12.23
N THR C 553 -36.42 -9.56 -11.68
CA THR C 553 -37.84 -9.49 -11.38
C THR C 553 -38.44 -8.21 -11.97
N GLU C 554 -39.77 -8.19 -12.04
CA GLU C 554 -40.48 -7.01 -12.52
C GLU C 554 -40.41 -5.89 -11.49
N SER C 555 -40.11 -4.68 -11.95
CA SER C 555 -39.96 -3.56 -11.04
C SER C 555 -41.24 -2.73 -10.99
N ASN C 556 -41.45 -2.07 -9.85
CA ASN C 556 -42.54 -1.13 -9.68
C ASN C 556 -42.02 0.30 -9.54
N LYS C 557 -40.77 0.53 -9.92
CA LYS C 557 -40.19 1.86 -9.83
C LYS C 557 -40.65 2.71 -11.02
N LYS C 558 -40.95 3.98 -10.73
CA LYS C 558 -41.41 4.91 -11.76
C LYS C 558 -40.19 5.64 -12.34
N PHE C 559 -39.50 4.98 -13.27
CA PHE C 559 -38.37 5.63 -13.91
C PHE C 559 -38.84 6.74 -14.85
N LEU C 560 -38.10 7.83 -14.86
CA LEU C 560 -38.35 8.89 -15.82
C LEU C 560 -37.83 8.45 -17.19
N PRO C 561 -38.37 9.02 -18.29
CA PRO C 561 -37.97 8.59 -19.65
C PRO C 561 -36.48 8.57 -19.97
N PHE C 562 -35.67 9.35 -19.25
CA PHE C 562 -34.24 9.42 -19.53
C PHE C 562 -33.39 8.53 -18.65
N GLN C 563 -33.95 7.93 -17.60
CA GLN C 563 -33.14 7.15 -16.67
C GLN C 563 -32.98 5.72 -17.18
N GLN C 564 -31.73 5.24 -17.18
CA GLN C 564 -31.40 3.95 -17.75
C GLN C 564 -31.18 2.88 -16.70
N PHE C 565 -30.78 3.28 -15.50
CA PHE C 565 -30.52 2.32 -14.44
C PHE C 565 -30.66 3.07 -13.13
N GLY C 566 -30.71 2.32 -12.03
CA GLY C 566 -30.80 2.91 -10.72
C GLY C 566 -29.69 2.41 -9.80
N ARG C 567 -29.54 3.11 -8.70
CA ARG C 567 -28.59 2.74 -7.67
C ARG C 567 -29.25 2.80 -6.30
N ASP C 568 -28.73 1.99 -5.40
CA ASP C 568 -29.23 1.92 -4.03
C ASP C 568 -28.57 3.01 -3.21
N ILE C 569 -28.90 3.08 -1.92
CA ILE C 569 -28.26 4.04 -1.03
C ILE C 569 -26.74 3.84 -1.04
N ALA C 570 -26.30 2.59 -1.19
CA ALA C 570 -24.90 2.20 -1.25
C ALA C 570 -24.19 2.64 -2.54
N ASP C 571 -24.93 3.20 -3.50
CA ASP C 571 -24.41 3.64 -4.81
C ASP C 571 -23.87 2.48 -5.65
N THR C 572 -24.57 1.36 -5.58
CA THR C 572 -24.32 0.19 -6.40
C THR C 572 -25.56 -0.01 -7.23
N THR C 573 -25.42 -0.63 -8.41
CA THR C 573 -26.54 -0.81 -9.32
C THR C 573 -27.60 -1.70 -8.69
N ASP C 574 -28.87 -1.26 -8.75
CA ASP C 574 -29.95 -2.07 -8.21
C ASP C 574 -31.18 -2.07 -9.12
N ALA C 575 -31.08 -1.48 -10.31
CA ALA C 575 -32.21 -1.45 -11.24
C ALA C 575 -31.65 -1.15 -12.61
N VAL C 576 -32.26 -1.69 -13.65
CA VAL C 576 -31.82 -1.44 -15.02
C VAL C 576 -33.01 -1.36 -15.97
N ARG C 577 -32.91 -0.47 -16.94
CA ARG C 577 -33.85 -0.38 -18.06
C ARG C 577 -33.28 -1.27 -19.16
N ASP C 578 -34.07 -2.23 -19.64
CA ASP C 578 -33.60 -3.13 -20.68
C ASP C 578 -33.30 -2.38 -21.98
N PRO C 579 -32.15 -2.63 -22.61
CA PRO C 579 -31.78 -1.88 -23.84
C PRO C 579 -32.60 -2.19 -25.09
N GLN C 580 -33.38 -3.27 -25.14
CA GLN C 580 -34.15 -3.59 -26.35
C GLN C 580 -35.63 -3.29 -26.24
N THR C 581 -36.24 -3.60 -25.09
CA THR C 581 -37.62 -3.27 -24.79
C THR C 581 -37.56 -2.34 -23.60
N LEU C 582 -38.29 -1.22 -23.63
CA LEU C 582 -38.08 -0.20 -22.61
C LEU C 582 -38.88 -0.56 -21.35
N GLU C 583 -38.54 -1.74 -20.83
CA GLU C 583 -39.09 -2.34 -19.62
C GLU C 583 -38.16 -2.08 -18.45
N ILE C 584 -38.72 -1.81 -17.27
CA ILE C 584 -37.91 -1.60 -16.08
C ILE C 584 -37.86 -2.87 -15.23
N LEU C 585 -36.64 -3.34 -14.98
CA LEU C 585 -36.37 -4.52 -14.17
C LEU C 585 -35.66 -4.13 -12.88
N ASP C 586 -35.98 -4.83 -11.80
CA ASP C 586 -35.23 -4.71 -10.55
C ASP C 586 -34.21 -5.85 -10.53
N ILE C 587 -33.00 -5.57 -10.05
CA ILE C 587 -31.97 -6.60 -9.99
C ILE C 587 -31.58 -6.88 -8.55
N THR C 588 -31.78 -8.12 -8.10
CA THR C 588 -31.23 -8.49 -6.81
C THR C 588 -30.32 -9.70 -7.02
N PRO C 589 -29.29 -9.88 -6.20
CA PRO C 589 -28.50 -11.12 -6.21
C PRO C 589 -29.29 -12.35 -5.79
N CYS C 590 -28.75 -13.50 -6.19
CA CYS C 590 -29.30 -14.80 -5.87
C CYS C 590 -29.19 -15.12 -4.39
N SER C 591 -30.19 -15.87 -3.89
CA SER C 591 -30.31 -16.15 -2.46
C SER C 591 -29.04 -16.79 -1.91
N PHE C 592 -28.56 -16.27 -0.79
CA PHE C 592 -27.40 -16.79 -0.11
C PHE C 592 -27.45 -16.62 1.41
N GLY C 593 -26.55 -17.32 2.08
CA GLY C 593 -26.46 -17.19 3.53
C GLY C 593 -25.45 -18.15 4.10
N GLY C 594 -25.14 -17.89 5.37
CA GLY C 594 -24.14 -18.68 6.07
C GLY C 594 -24.64 -20.07 6.40
N VAL C 595 -23.70 -20.98 6.58
CA VAL C 595 -24.02 -22.34 6.99
C VAL C 595 -23.36 -22.59 8.33
N SER C 596 -24.19 -22.93 9.30
CA SER C 596 -23.77 -23.24 10.64
C SER C 596 -24.07 -24.71 10.87
N VAL C 597 -23.16 -25.40 11.53
CA VAL C 597 -23.33 -26.82 11.78
C VAL C 597 -23.68 -26.96 13.25
N ILE C 598 -24.83 -27.56 13.52
CA ILE C 598 -25.28 -27.74 14.90
C ILE C 598 -24.84 -29.15 15.27
N THR C 599 -24.03 -29.27 16.31
CA THR C 599 -23.56 -30.60 16.63
C THR C 599 -23.23 -30.85 18.10
N PRO C 600 -23.52 -32.06 18.59
CA PRO C 600 -22.88 -32.50 19.82
C PRO C 600 -21.43 -32.81 19.51
N GLY C 601 -20.60 -32.85 20.54
CA GLY C 601 -19.20 -33.11 20.31
C GLY C 601 -18.93 -34.50 19.77
N THR C 602 -17.75 -34.65 19.15
CA THR C 602 -17.34 -35.94 18.60
C THR C 602 -17.04 -36.96 19.68
N ASN C 603 -17.00 -36.54 20.95
CA ASN C 603 -16.91 -37.47 22.06
C ASN C 603 -18.17 -38.31 22.20
N THR C 604 -19.29 -37.80 21.72
CA THR C 604 -20.60 -38.45 21.86
C THR C 604 -21.17 -38.98 20.57
N SER C 605 -21.18 -38.18 19.49
CA SER C 605 -21.81 -38.62 18.25
C SER C 605 -21.27 -37.82 17.08
N ASN C 606 -21.29 -38.47 15.91
CA ASN C 606 -20.91 -37.82 14.66
C ASN C 606 -22.10 -37.34 13.85
N GLN C 607 -23.31 -37.37 14.43
CA GLN C 607 -24.50 -36.87 13.75
C GLN C 607 -24.54 -35.35 13.87
N VAL C 608 -24.85 -34.66 12.77
CA VAL C 608 -24.91 -33.20 12.78
C VAL C 608 -26.20 -32.71 12.14
N ALA C 609 -26.49 -31.44 12.41
CA ALA C 609 -27.57 -30.68 11.79
C ALA C 609 -26.97 -29.42 11.19
N VAL C 610 -27.55 -28.94 10.10
CA VAL C 610 -27.04 -27.78 9.39
C VAL C 610 -28.08 -26.68 9.35
N LEU C 611 -27.67 -25.47 9.74
CA LEU C 611 -28.50 -24.29 9.71
C LEU C 611 -28.08 -23.39 8.54
N TYR C 612 -29.01 -23.12 7.63
CA TYR C 612 -28.78 -22.16 6.56
C TYR C 612 -29.38 -20.84 7.02
N GLN C 613 -28.54 -19.90 7.43
CA GLN C 613 -29.05 -18.73 8.14
C GLN C 613 -29.72 -17.73 7.21
N ASP C 614 -30.97 -17.40 7.54
CA ASP C 614 -31.84 -16.47 6.82
C ASP C 614 -31.98 -16.81 5.34
N VAL C 615 -32.18 -18.11 5.05
CA VAL C 615 -32.42 -18.59 3.66
C VAL C 615 -33.74 -19.37 3.70
N ASN C 616 -34.67 -19.09 2.77
CA ASN C 616 -36.00 -19.75 2.79
C ASN C 616 -35.85 -21.26 2.52
N CYS C 617 -36.66 -22.09 3.18
CA CYS C 617 -36.56 -23.57 3.06
C CYS C 617 -36.46 -23.98 1.59
N THR C 618 -37.49 -23.66 0.80
CA THR C 618 -37.37 -23.94 -0.65
C THR C 618 -36.06 -23.80 -1.45
N GLU C 619 -35.27 -22.76 -1.20
CA GLU C 619 -34.05 -22.52 -2.02
C GLU C 619 -32.87 -23.25 -1.37
N VAL C 620 -33.08 -23.92 -0.24
CA VAL C 620 -31.93 -24.55 0.47
C VAL C 620 -31.22 -25.59 -0.43
N PRO C 621 -31.90 -26.57 -1.07
CA PRO C 621 -31.19 -27.58 -1.87
C PRO C 621 -30.46 -27.10 -3.13
N ASN C 641 -36.65 -34.14 7.86
CA ASN C 641 -36.43 -33.31 9.04
C ASN C 641 -36.04 -31.90 8.63
N VAL C 642 -37.01 -31.21 8.00
CA VAL C 642 -36.81 -29.78 7.63
C VAL C 642 -37.66 -28.97 8.61
N PHE C 643 -37.04 -28.08 9.37
CA PHE C 643 -37.73 -27.24 10.36
C PHE C 643 -37.58 -25.74 10.11
N GLN C 644 -38.72 -25.09 9.84
CA GLN C 644 -38.66 -23.61 9.66
C GLN C 644 -38.67 -22.78 10.93
N THR C 645 -37.68 -21.92 11.11
CA THR C 645 -37.57 -20.98 12.23
C THR C 645 -37.10 -19.59 11.82
N ARG C 646 -37.11 -18.67 12.80
CA ARG C 646 -36.71 -17.29 12.57
C ARG C 646 -35.29 -17.17 12.00
N ALA C 647 -34.34 -17.98 12.47
CA ALA C 647 -32.99 -17.88 11.91
C ALA C 647 -32.86 -18.41 10.48
N GLY C 648 -33.82 -19.22 10.04
CA GLY C 648 -33.92 -19.90 8.78
C GLY C 648 -34.51 -21.28 9.00
N CYS C 649 -34.32 -22.08 7.94
CA CYS C 649 -34.80 -23.46 7.96
C CYS C 649 -33.66 -24.36 8.40
N LEU C 650 -33.90 -25.10 9.47
CA LEU C 650 -32.89 -25.98 10.05
C LEU C 650 -33.24 -27.43 9.72
N ILE C 651 -32.31 -28.10 9.05
CA ILE C 651 -32.48 -29.44 8.50
C ILE C 651 -31.52 -30.39 9.21
N GLY C 652 -32.09 -31.51 9.65
CA GLY C 652 -31.40 -32.58 10.36
C GLY C 652 -31.76 -32.65 11.84
N ALA C 653 -32.43 -31.63 12.37
CA ALA C 653 -32.88 -31.63 13.76
C ALA C 653 -34.39 -31.88 13.77
N GLU C 654 -34.84 -32.76 14.64
CA GLU C 654 -36.26 -33.07 14.77
C GLU C 654 -36.92 -32.07 15.72
N HIS C 655 -37.95 -31.39 15.24
CA HIS C 655 -38.64 -30.41 16.07
C HIS C 655 -39.59 -31.12 17.03
N VAL C 656 -39.49 -30.80 18.32
CA VAL C 656 -40.35 -31.38 19.33
C VAL C 656 -41.06 -30.25 20.08
N ASN C 657 -42.15 -30.56 20.77
CA ASN C 657 -42.91 -29.48 21.46
C ASN C 657 -42.45 -29.38 22.91
N ASN C 658 -41.59 -30.30 23.35
CA ASN C 658 -41.14 -30.32 24.74
C ASN C 658 -40.00 -29.33 24.91
N SER C 659 -40.16 -28.37 25.82
CA SER C 659 -39.09 -27.41 26.05
C SER C 659 -38.04 -27.96 27.01
N TYR C 660 -36.80 -27.50 26.84
CA TYR C 660 -35.69 -27.91 27.70
C TYR C 660 -34.74 -26.74 27.90
N GLU C 661 -33.69 -26.96 28.69
CA GLU C 661 -32.67 -25.95 28.84
C GLU C 661 -31.91 -25.79 27.53
N CYS C 662 -31.48 -24.56 27.22
CA CYS C 662 -30.70 -24.36 26.01
C CYS C 662 -29.36 -25.09 26.09
N ASP C 663 -29.06 -25.87 25.06
CA ASP C 663 -27.78 -26.55 24.99
C ASP C 663 -27.06 -25.89 23.82
N ILE C 664 -27.49 -26.18 22.60
CA ILE C 664 -26.96 -25.48 21.43
C ILE C 664 -27.98 -24.44 20.99
N PRO C 665 -27.68 -23.15 21.11
CA PRO C 665 -28.63 -22.12 20.71
C PRO C 665 -28.77 -22.04 19.20
N ILE C 666 -30.00 -21.84 18.74
CA ILE C 666 -30.26 -21.63 17.32
C ILE C 666 -30.50 -20.15 17.04
N GLY C 667 -31.33 -19.52 17.85
CA GLY C 667 -31.65 -18.12 17.73
C GLY C 667 -33.13 -17.96 17.78
N ALA C 668 -33.60 -16.77 18.18
CA ALA C 668 -35.03 -16.45 18.21
C ALA C 668 -35.81 -17.44 19.06
N GLY C 669 -35.23 -17.86 20.19
CA GLY C 669 -35.92 -18.75 21.09
C GLY C 669 -35.74 -20.22 20.83
N ILE C 670 -35.07 -20.61 19.76
CA ILE C 670 -34.90 -22.03 19.45
C ILE C 670 -33.52 -22.45 19.93
N CYS C 671 -33.46 -23.58 20.63
CA CYS C 671 -32.22 -24.19 21.05
C CYS C 671 -32.23 -25.64 20.61
N ALA C 672 -31.04 -26.25 20.52
CA ALA C 672 -30.94 -27.64 20.12
C ALA C 672 -30.13 -28.44 21.12
N SER C 673 -30.40 -29.75 21.18
CA SER C 673 -29.68 -30.65 22.06
C SER C 673 -29.71 -32.06 21.50
N TYR C 674 -28.82 -32.90 22.04
CA TYR C 674 -28.72 -34.30 21.67
C TYR C 674 -29.37 -35.14 22.76
N GLN C 675 -30.47 -35.82 22.43
CA GLN C 675 -31.19 -36.61 23.42
C GLN C 675 -31.69 -37.92 22.82
N GLN C 687 -30.36 -42.24 20.77
CA GLN C 687 -30.39 -40.82 21.05
C GLN C 687 -30.31 -40.07 19.71
N SER C 688 -30.79 -38.83 19.67
CA SER C 688 -30.74 -38.06 18.42
C SER C 688 -30.71 -36.57 18.73
N ILE C 689 -30.50 -35.77 17.68
CA ILE C 689 -30.51 -34.32 17.79
C ILE C 689 -31.94 -33.82 17.64
N ILE C 690 -32.37 -32.96 18.57
CA ILE C 690 -33.71 -32.39 18.56
C ILE C 690 -33.60 -30.87 18.54
N ALA C 691 -34.67 -30.23 18.08
CA ALA C 691 -34.80 -28.78 18.10
C ALA C 691 -36.07 -28.43 18.86
N TYR C 692 -36.03 -27.35 19.63
CA TYR C 692 -37.19 -27.00 20.43
C TYR C 692 -37.19 -25.52 20.79
N THR C 693 -38.37 -25.07 21.22
CA THR C 693 -38.54 -23.76 21.83
C THR C 693 -38.06 -23.87 23.27
N MET C 694 -37.18 -22.96 23.69
CA MET C 694 -36.55 -23.07 25.00
C MET C 694 -37.52 -22.83 26.15
N SER C 695 -37.26 -23.55 27.24
CA SER C 695 -37.96 -23.32 28.48
C SER C 695 -37.26 -22.19 29.22
N LEU C 696 -38.04 -21.38 29.93
CA LEU C 696 -37.44 -20.30 30.68
C LEU C 696 -37.24 -20.67 32.14
N GLY C 697 -37.58 -21.90 32.50
CA GLY C 697 -37.52 -22.38 33.86
C GLY C 697 -38.85 -22.97 34.28
N ALA C 698 -38.83 -23.66 35.42
CA ALA C 698 -40.07 -24.22 35.92
C ALA C 698 -40.99 -23.08 36.37
N GLU C 699 -42.29 -23.27 36.23
CA GLU C 699 -43.20 -22.25 36.71
C GLU C 699 -43.42 -22.43 38.21
N ASN C 700 -43.66 -21.32 38.91
CA ASN C 700 -43.93 -21.36 40.35
C ASN C 700 -44.92 -20.26 40.65
N SER C 701 -46.19 -20.61 40.85
CA SER C 701 -47.18 -19.62 41.26
C SER C 701 -47.04 -19.40 42.76
N VAL C 702 -46.80 -18.15 43.15
CA VAL C 702 -46.61 -17.85 44.57
C VAL C 702 -47.97 -17.70 45.25
N ALA C 703 -48.13 -18.33 46.41
CA ALA C 703 -49.39 -18.33 47.14
C ALA C 703 -49.58 -17.00 47.88
N TYR C 704 -49.71 -15.93 47.08
CA TYR C 704 -49.83 -14.59 47.65
C TYR C 704 -51.23 -14.32 48.18
N SER C 705 -51.25 -13.71 49.35
CA SER C 705 -52.46 -13.19 49.97
C SER C 705 -52.01 -12.02 50.84
N ASN C 706 -52.97 -11.25 51.32
CA ASN C 706 -52.65 -10.06 52.10
C ASN C 706 -52.19 -10.38 53.52
N ASN C 707 -52.32 -11.64 53.95
CA ASN C 707 -52.00 -12.01 55.32
C ASN C 707 -51.22 -13.32 55.45
N SER C 708 -50.36 -13.70 54.49
CA SER C 708 -49.62 -14.96 54.58
C SER C 708 -48.09 -14.84 54.41
N ILE C 709 -47.35 -15.34 55.40
CA ILE C 709 -45.88 -15.35 55.38
C ILE C 709 -45.27 -16.74 55.52
N ALA C 710 -44.26 -17.04 54.69
CA ALA C 710 -43.48 -18.27 54.74
C ALA C 710 -42.18 -17.99 55.48
N ILE C 711 -41.74 -18.93 56.32
CA ILE C 711 -40.48 -18.78 57.07
C ILE C 711 -39.70 -20.09 57.14
N PRO C 712 -38.40 -20.06 56.77
CA PRO C 712 -37.56 -21.27 56.74
C PRO C 712 -37.44 -22.02 58.07
N THR C 713 -37.55 -23.34 58.04
CA THR C 713 -37.37 -24.12 59.29
C THR C 713 -35.90 -24.54 59.32
N ASN C 714 -35.59 -25.78 58.95
CA ASN C 714 -34.16 -26.17 58.83
C ASN C 714 -33.61 -25.24 57.75
N PHE C 715 -32.38 -24.78 57.93
CA PHE C 715 -31.76 -23.91 56.91
C PHE C 715 -30.52 -24.62 56.36
N THR C 716 -30.05 -24.20 55.18
CA THR C 716 -28.85 -24.81 54.63
C THR C 716 -27.78 -23.75 54.37
N ILE C 717 -26.51 -24.18 54.39
CA ILE C 717 -25.37 -23.35 53.99
C ILE C 717 -24.80 -23.87 52.68
N SER C 718 -24.72 -22.99 51.69
CA SER C 718 -24.24 -23.28 50.35
C SER C 718 -22.93 -22.58 50.07
N VAL C 719 -22.03 -23.25 49.35
CA VAL C 719 -20.77 -22.68 48.90
C VAL C 719 -20.75 -22.65 47.37
N THR C 720 -20.62 -21.45 46.81
CA THR C 720 -20.61 -21.22 45.38
C THR C 720 -19.20 -20.86 44.95
N THR C 721 -18.75 -21.44 43.83
CA THR C 721 -17.43 -21.18 43.27
C THR C 721 -17.53 -20.15 42.15
N GLU C 722 -16.79 -19.04 42.30
CA GLU C 722 -16.73 -17.98 41.30
C GLU C 722 -15.31 -17.88 40.77
N ILE C 723 -15.15 -17.99 39.45
CA ILE C 723 -13.85 -18.01 38.78
C ILE C 723 -13.71 -16.75 37.95
N LEU C 724 -12.63 -15.99 38.17
CA LEU C 724 -12.42 -14.78 37.39
C LEU C 724 -11.02 -14.75 36.79
N PRO C 725 -10.88 -14.42 35.51
CA PRO C 725 -9.57 -14.11 34.93
C PRO C 725 -8.95 -12.89 35.60
N VAL C 726 -7.63 -12.94 35.83
CA VAL C 726 -6.89 -11.80 36.36
C VAL C 726 -5.82 -11.32 35.40
N SER C 727 -5.08 -12.24 34.77
CA SER C 727 -3.96 -11.83 33.93
C SER C 727 -3.92 -12.74 32.71
N MET C 728 -3.07 -12.34 31.76
CA MET C 728 -2.82 -13.01 30.50
C MET C 728 -1.31 -13.05 30.33
N THR C 729 -0.80 -14.02 29.56
CA THR C 729 0.64 -14.08 29.31
C THR C 729 1.23 -12.80 28.72
N LYS C 730 2.34 -12.35 29.31
CA LYS C 730 2.99 -11.08 28.96
C LYS C 730 3.95 -11.23 27.78
N THR C 731 3.39 -11.16 26.57
CA THR C 731 4.21 -11.31 25.38
C THR C 731 4.94 -9.99 25.08
N SER C 732 6.03 -10.09 24.32
CA SER C 732 6.84 -8.94 23.91
C SER C 732 7.31 -9.15 22.48
N VAL C 733 6.82 -8.36 21.55
CA VAL C 733 7.18 -8.63 20.13
C VAL C 733 8.15 -7.56 19.67
N ASP C 734 9.43 -7.88 19.55
CA ASP C 734 10.39 -6.90 18.98
C ASP C 734 10.06 -6.85 17.49
N CYS C 735 9.55 -5.72 17.00
CA CYS C 735 9.13 -5.72 15.58
C CYS C 735 10.34 -5.81 14.67
N THR C 736 11.46 -5.18 15.03
CA THR C 736 12.60 -5.19 14.08
C THR C 736 12.96 -6.64 13.75
N MET C 737 12.61 -7.58 14.63
CA MET C 737 12.87 -9.02 14.31
C MET C 737 11.65 -9.63 13.61
N TYR C 738 10.44 -9.29 14.03
CA TYR C 738 9.22 -9.85 13.39
C TYR C 738 9.13 -9.40 11.93
N ILE C 739 9.50 -8.15 11.63
CA ILE C 739 9.29 -7.65 10.24
C ILE C 739 10.55 -7.83 9.38
N CYS C 740 11.74 -7.58 9.93
CA CYS C 740 12.96 -7.73 9.15
C CYS C 740 13.97 -8.66 9.80
N GLY C 741 13.54 -9.85 10.24
CA GLY C 741 14.40 -10.75 10.98
C GLY C 741 15.73 -11.09 10.34
N ASP C 742 16.78 -10.80 11.12
CA ASP C 742 18.19 -11.04 10.76
C ASP C 742 18.59 -10.42 9.43
N SER C 743 18.04 -9.23 9.14
CA SER C 743 18.36 -8.55 7.88
C SER C 743 18.64 -7.08 8.13
N THR C 744 19.90 -6.67 7.91
CA THR C 744 20.29 -5.28 8.08
C THR C 744 19.66 -4.40 7.02
N GLU C 745 19.63 -4.88 5.77
CA GLU C 745 19.07 -4.13 4.65
C GLU C 745 17.58 -3.91 4.86
N CYS C 746 16.88 -4.93 5.34
CA CYS C 746 15.46 -4.78 5.60
C CYS C 746 15.24 -3.82 6.75
N SER C 747 16.05 -3.93 7.81
CA SER C 747 15.93 -3.02 8.95
C SER C 747 16.12 -1.58 8.52
N ASN C 748 17.07 -1.34 7.61
CA ASN C 748 17.31 0.00 7.11
C ASN C 748 16.10 0.49 6.30
N LEU C 749 15.49 -0.40 5.51
CA LEU C 749 14.27 0.00 4.81
C LEU C 749 13.14 0.28 5.81
N LEU C 750 13.07 -0.49 6.89
CA LEU C 750 11.95 -0.27 7.86
C LEU C 750 12.15 1.10 8.52
N LEU C 751 13.40 1.54 8.67
CA LEU C 751 13.61 2.79 9.39
C LEU C 751 12.98 3.97 8.68
N GLN C 752 12.56 3.79 7.42
CA GLN C 752 11.95 4.84 6.63
C GLN C 752 10.50 5.09 7.04
N TYR C 753 9.95 4.24 7.91
CA TYR C 753 8.59 4.34 8.46
C TYR C 753 8.58 4.88 9.88
N GLY C 754 9.70 5.42 10.33
CA GLY C 754 9.78 6.09 11.62
C GLY C 754 9.54 5.26 12.87
N SER C 755 8.63 5.74 13.72
CA SER C 755 8.33 5.15 15.03
C SER C 755 7.16 4.18 15.12
N PHE C 756 6.56 3.73 14.00
CA PHE C 756 5.38 2.86 14.10
C PHE C 756 5.84 1.63 14.88
N CYS C 757 7.06 1.19 14.55
CA CYS C 757 7.67 0.09 15.32
C CYS C 757 8.01 0.19 16.91
N THR C 758 8.32 1.45 17.22
CA THR C 758 8.39 1.83 18.66
C THR C 758 7.18 2.26 19.50
N GLN C 759 6.07 2.60 18.85
CA GLN C 759 4.86 2.92 19.60
C GLN C 759 4.10 1.61 19.80
N LEU C 760 4.29 0.64 18.91
CA LEU C 760 3.67 -0.67 19.12
C LEU C 760 4.37 -1.42 20.27
N ASN C 761 5.70 -1.35 20.29
CA ASN C 761 6.47 -2.02 21.38
C ASN C 761 6.22 -1.29 22.70
N ARG C 762 6.02 0.02 22.66
CA ARG C 762 5.71 0.76 23.87
C ARG C 762 4.35 0.34 24.40
N ALA C 763 3.38 0.16 23.51
CA ALA C 763 2.05 -0.29 23.90
C ALA C 763 2.12 -1.67 24.53
N LEU C 764 2.92 -2.58 23.96
CA LEU C 764 3.03 -3.93 24.52
C LEU C 764 3.79 -3.95 25.85
N THR C 765 4.78 -3.08 26.01
CA THR C 765 5.48 -2.97 27.29
C THR C 765 4.50 -2.48 28.34
N GLY C 766 3.68 -1.51 27.96
CA GLY C 766 2.65 -0.99 28.84
C GLY C 766 1.67 -2.08 29.23
N ILE C 767 1.36 -2.98 28.29
CA ILE C 767 0.48 -4.12 28.60
C ILE C 767 1.11 -5.02 29.65
N ALA C 768 2.39 -5.36 29.50
CA ALA C 768 3.05 -6.22 30.49
C ALA C 768 3.05 -5.58 31.88
N VAL C 769 3.33 -4.27 31.92
CA VAL C 769 3.32 -3.53 33.18
C VAL C 769 1.90 -3.52 33.77
N GLU C 770 0.91 -3.31 32.91
CA GLU C 770 -0.50 -3.32 33.29
C GLU C 770 -0.88 -4.66 33.91
N GLN C 771 -0.35 -5.76 33.37
CA GLN C 771 -0.69 -7.08 33.89
C GLN C 771 -0.08 -7.29 35.27
N ASP C 772 1.12 -6.76 35.48
CA ASP C 772 1.72 -6.89 36.81
C ASP C 772 0.98 -6.01 37.80
N LYS C 773 0.50 -4.84 37.36
CA LYS C 773 -0.29 -3.98 38.22
C LYS C 773 -1.60 -4.65 38.60
N ASN C 774 -2.25 -5.33 37.64
CA ASN C 774 -3.50 -6.02 37.91
C ASN C 774 -3.28 -7.10 38.97
N THR C 775 -2.17 -7.83 38.85
CA THR C 775 -1.85 -8.86 39.84
C THR C 775 -1.71 -8.45 41.30
N GLN C 776 -0.98 -7.36 41.54
CA GLN C 776 -0.82 -6.84 42.90
C GLN C 776 -2.02 -6.07 43.53
N GLU C 777 -2.84 -5.56 42.62
CA GLU C 777 -4.10 -4.92 43.00
C GLU C 777 -5.00 -6.07 43.44
N VAL C 778 -4.92 -7.23 42.77
CA VAL C 778 -5.79 -8.32 43.19
C VAL C 778 -5.26 -9.02 44.42
N PHE C 779 -3.96 -9.34 44.46
CA PHE C 779 -3.44 -10.14 45.56
C PHE C 779 -2.72 -9.37 46.66
N ALA C 780 -2.02 -8.27 46.38
CA ALA C 780 -1.23 -7.61 47.41
C ALA C 780 -2.06 -6.58 48.19
N GLN C 781 -3.12 -7.06 48.83
CA GLN C 781 -3.98 -6.20 49.62
C GLN C 781 -3.77 -6.34 51.12
N VAL C 782 -2.83 -7.18 51.55
CA VAL C 782 -2.55 -7.44 52.96
C VAL C 782 -1.05 -7.11 53.04
N LYS C 783 -0.67 -6.29 54.02
CA LYS C 783 0.76 -5.99 54.16
C LYS C 783 1.65 -7.00 54.96
N GLN C 784 0.94 -7.84 55.70
CA GLN C 784 1.53 -8.86 56.54
C GLN C 784 1.10 -10.26 56.10
N ILE C 785 2.02 -11.22 56.19
CA ILE C 785 1.74 -12.61 55.89
C ILE C 785 1.30 -13.29 57.18
N TYR C 786 0.01 -13.54 57.32
CA TYR C 786 -0.55 -14.11 58.54
C TYR C 786 -0.42 -15.62 58.51
N LYS C 787 -0.22 -16.23 59.68
CA LYS C 787 -0.15 -17.67 59.78
C LYS C 787 -1.11 -18.21 60.83
N THR C 788 -1.61 -19.41 60.57
CA THR C 788 -2.48 -20.15 61.46
C THR C 788 -1.65 -20.82 62.56
N PRO C 789 -2.26 -21.17 63.70
CA PRO C 789 -1.51 -21.89 64.74
C PRO C 789 -1.22 -23.32 64.31
N PRO C 790 -0.20 -23.94 64.91
CA PRO C 790 0.03 -25.39 64.71
C PRO C 790 -1.18 -26.28 64.99
N ILE C 791 -2.02 -25.92 65.96
CA ILE C 791 -3.20 -26.71 66.30
C ILE C 791 -4.38 -26.05 65.61
N LYS C 792 -4.86 -26.70 64.55
CA LYS C 792 -5.91 -26.13 63.70
C LYS C 792 -7.29 -26.49 64.26
N ASP C 793 -7.58 -25.96 65.44
CA ASP C 793 -8.87 -26.16 66.09
C ASP C 793 -9.65 -24.89 65.74
N PHE C 794 -10.38 -24.96 64.62
CA PHE C 794 -11.15 -23.82 64.13
C PHE C 794 -12.62 -24.19 64.01
N GLY C 795 -13.18 -24.63 65.15
CA GLY C 795 -14.65 -24.82 65.25
C GLY C 795 -15.19 -26.16 64.83
N GLY C 796 -14.34 -27.10 64.42
CA GLY C 796 -14.89 -28.34 63.87
C GLY C 796 -15.19 -28.10 62.41
N PHE C 797 -14.84 -26.90 61.93
CA PHE C 797 -14.99 -26.60 60.49
C PHE C 797 -13.67 -27.01 59.86
N ASN C 798 -13.69 -27.83 58.81
CA ASN C 798 -12.43 -28.35 58.22
C ASN C 798 -11.95 -27.40 57.12
N PHE C 799 -10.88 -26.64 57.36
CA PHE C 799 -10.35 -25.75 56.32
C PHE C 799 -9.12 -26.39 55.69
N SER C 800 -8.88 -27.65 56.02
CA SER C 800 -7.63 -28.30 55.51
C SER C 800 -7.71 -28.25 53.99
N GLN C 801 -8.92 -28.28 53.45
CA GLN C 801 -9.11 -28.29 51.98
C GLN C 801 -8.69 -26.97 51.32
N ILE C 802 -8.86 -25.80 51.97
CA ILE C 802 -8.58 -24.48 51.31
C ILE C 802 -7.29 -23.86 51.86
N LEU C 803 -6.83 -24.33 53.03
CA LEU C 803 -5.61 -23.80 53.70
C LEU C 803 -4.42 -24.62 53.20
N PRO C 804 -3.19 -24.08 53.15
CA PRO C 804 -2.05 -24.81 52.59
C PRO C 804 -1.69 -26.12 53.28
N ASP C 805 -1.32 -27.13 52.51
CA ASP C 805 -0.86 -28.42 53.11
C ASP C 805 0.67 -28.44 53.09
N PRO C 806 1.34 -28.53 54.27
CA PRO C 806 2.80 -28.48 54.34
C PRO C 806 3.47 -29.64 53.60
N SER C 807 2.90 -30.85 53.66
CA SER C 807 3.58 -32.04 53.08
C SER C 807 3.81 -31.84 51.59
N LYS C 808 2.82 -31.33 50.85
CA LYS C 808 3.07 -31.03 49.41
C LYS C 808 4.07 -29.88 49.35
N PRO C 809 5.12 -29.93 48.50
CA PRO C 809 6.07 -28.81 48.35
C PRO C 809 5.39 -27.44 48.34
N SER C 810 4.80 -27.05 47.20
CA SER C 810 4.08 -25.80 47.08
C SER C 810 2.97 -25.77 48.12
N LYS C 811 2.98 -24.74 48.98
CA LYS C 811 2.07 -24.68 50.11
C LYS C 811 0.73 -24.12 49.64
N ARG C 812 0.09 -24.93 48.81
CA ARG C 812 -1.21 -24.72 48.20
C ARG C 812 -2.22 -25.58 48.93
N SER C 813 -3.49 -25.26 48.72
CA SER C 813 -4.49 -26.12 49.34
C SER C 813 -4.71 -27.32 48.42
N PRO C 814 -5.44 -28.32 48.91
CA PRO C 814 -5.72 -29.49 48.08
C PRO C 814 -6.53 -29.06 46.84
N ILE C 815 -7.57 -28.25 47.05
CA ILE C 815 -8.35 -27.73 45.92
C ILE C 815 -7.47 -26.87 45.01
N GLU C 816 -6.59 -26.03 45.58
CA GLU C 816 -5.71 -25.23 44.72
C GLU C 816 -4.78 -26.11 43.88
N ASP C 817 -4.23 -27.17 44.47
CA ASP C 817 -3.40 -28.12 43.73
C ASP C 817 -4.23 -28.77 42.62
N LEU C 818 -5.50 -29.03 42.91
CA LEU C 818 -6.43 -29.59 41.93
C LEU C 818 -6.66 -28.63 40.77
N LEU C 819 -6.84 -27.35 41.10
CA LEU C 819 -7.10 -26.33 40.10
C LEU C 819 -5.90 -26.13 39.20
N PHE C 820 -4.69 -26.20 39.77
CA PHE C 820 -3.48 -26.00 38.98
C PHE C 820 -3.27 -27.23 38.11
N ASN C 821 -3.57 -28.43 38.62
CA ASN C 821 -3.39 -29.63 37.82
C ASN C 821 -4.40 -29.66 36.67
N LYS C 822 -5.62 -29.15 36.89
CA LYS C 822 -6.59 -29.11 35.82
C LYS C 822 -6.21 -28.07 34.77
N VAL C 823 -5.74 -26.90 35.21
CA VAL C 823 -5.32 -25.85 34.27
C VAL C 823 -3.87 -25.47 34.52
N LEU C 846 7.04 -24.10 19.60
CA LEU C 846 6.55 -22.79 19.17
C LEU C 846 7.26 -21.61 19.83
N ILE C 847 7.50 -21.67 21.15
CA ILE C 847 8.11 -20.55 21.85
C ILE C 847 9.50 -20.31 21.27
N CYS C 848 10.16 -21.37 20.81
CA CYS C 848 11.42 -21.18 20.11
C CYS C 848 11.13 -20.56 18.74
N ALA C 849 10.15 -21.13 18.02
CA ALA C 849 9.76 -20.65 16.69
C ALA C 849 9.28 -19.21 16.75
N GLN C 850 8.59 -18.84 17.83
CA GLN C 850 8.12 -17.48 18.01
C GLN C 850 9.29 -16.57 18.34
N LYS C 851 10.10 -16.99 19.32
CA LYS C 851 11.24 -16.21 19.77
C LYS C 851 12.13 -15.87 18.60
N PHE C 852 12.30 -16.83 17.67
CA PHE C 852 13.18 -16.69 16.50
C PHE C 852 12.75 -15.54 15.61
N ASN C 853 11.53 -15.04 15.78
CA ASN C 853 11.10 -13.85 15.05
C ASN C 853 10.98 -12.67 16.00
N GLY C 854 11.52 -12.79 17.20
CA GLY C 854 11.51 -11.69 18.16
C GLY C 854 10.25 -11.50 18.96
N LEU C 855 9.42 -12.52 19.14
CA LEU C 855 8.18 -12.30 19.89
C LEU C 855 8.36 -13.21 21.10
N THR C 856 8.95 -12.67 22.14
CA THR C 856 9.29 -13.40 23.37
C THR C 856 8.22 -13.19 24.42
N VAL C 857 8.28 -14.05 25.44
CA VAL C 857 7.38 -14.00 26.59
C VAL C 857 8.20 -13.82 27.85
N LEU C 858 7.83 -12.81 28.64
CA LEU C 858 8.40 -12.34 29.90
C LEU C 858 7.75 -13.08 31.07
N PRO C 859 8.54 -13.45 32.08
CA PRO C 859 7.95 -14.13 33.24
C PRO C 859 7.14 -13.17 34.07
N PRO C 860 6.07 -13.65 34.71
CA PRO C 860 5.36 -12.82 35.70
C PRO C 860 6.29 -12.44 36.84
N LEU C 861 6.05 -11.25 37.40
CA LEU C 861 6.83 -10.84 38.57
C LEU C 861 6.57 -11.71 39.78
N LEU C 862 5.31 -12.09 40.00
CA LEU C 862 4.94 -12.93 41.12
C LEU C 862 4.73 -14.38 40.71
N THR C 863 5.56 -15.27 41.26
CA THR C 863 5.51 -16.68 40.98
C THR C 863 4.34 -17.31 41.74
N ASP C 864 4.03 -18.54 41.35
CA ASP C 864 2.95 -19.29 42.00
C ASP C 864 3.18 -19.46 43.49
N GLU C 865 4.44 -19.59 43.95
CA GLU C 865 4.67 -19.69 45.38
C GLU C 865 4.32 -18.41 46.14
N MET C 866 4.55 -17.23 45.54
CA MET C 866 4.18 -16.01 46.26
C MET C 866 2.70 -15.75 46.15
N ILE C 867 2.08 -16.19 45.06
CA ILE C 867 0.63 -16.06 44.96
C ILE C 867 -0.02 -16.97 46.01
N ALA C 868 0.54 -18.17 46.18
CA ALA C 868 0.08 -19.08 47.22
C ALA C 868 0.28 -18.47 48.60
N GLN C 869 1.40 -17.77 48.82
CA GLN C 869 1.62 -17.11 50.11
C GLN C 869 0.61 -15.98 50.34
N TYR C 870 0.28 -15.20 49.29
CA TYR C 870 -0.75 -14.17 49.46
C TYR C 870 -2.12 -14.77 49.75
N THR C 871 -2.50 -15.84 49.05
CA THR C 871 -3.80 -16.44 49.31
C THR C 871 -3.82 -17.12 50.67
N SER C 872 -2.69 -17.69 51.08
CA SER C 872 -2.59 -18.28 52.41
C SER C 872 -2.70 -17.22 53.49
N ALA C 873 -2.04 -16.08 53.31
CA ALA C 873 -2.12 -14.99 54.28
C ALA C 873 -3.53 -14.43 54.35
N LEU C 874 -4.19 -14.23 53.21
CA LEU C 874 -5.54 -13.68 53.21
C LEU C 874 -6.54 -14.65 53.84
N LEU C 875 -6.41 -15.95 53.54
CA LEU C 875 -7.34 -16.93 54.10
C LEU C 875 -7.07 -17.12 55.59
N ALA C 876 -5.81 -17.20 55.99
CA ALA C 876 -5.46 -17.33 57.40
C ALA C 876 -5.95 -16.11 58.18
N GLY C 877 -5.84 -14.93 57.57
CA GLY C 877 -6.34 -13.73 58.19
C GLY C 877 -7.86 -13.78 58.37
N THR C 878 -8.59 -14.15 57.31
CA THR C 878 -10.04 -14.25 57.41
C THR C 878 -10.46 -15.23 58.50
N ILE C 879 -9.78 -16.39 58.57
CA ILE C 879 -10.16 -17.43 59.51
C ILE C 879 -9.87 -17.01 60.95
N THR C 880 -8.71 -16.38 61.19
CA THR C 880 -8.35 -16.08 62.56
C THR C 880 -8.76 -14.68 63.01
N SER C 881 -9.12 -13.78 62.09
CA SER C 881 -9.45 -12.41 62.46
C SER C 881 -10.73 -11.82 61.90
N GLY C 882 -11.55 -12.60 61.16
CA GLY C 882 -12.73 -12.00 60.54
C GLY C 882 -12.31 -10.91 59.57
N TRP C 883 -12.94 -9.74 59.70
CA TRP C 883 -12.64 -8.61 58.82
C TRP C 883 -11.67 -7.62 59.44
N THR C 884 -11.24 -7.86 60.68
CA THR C 884 -10.43 -6.86 61.39
C THR C 884 -9.03 -6.71 60.81
N PHE C 885 -8.50 -7.74 60.17
CA PHE C 885 -7.16 -7.63 59.60
C PHE C 885 -7.13 -6.71 58.38
N GLY C 886 -8.27 -6.44 57.78
CA GLY C 886 -8.41 -5.61 56.60
C GLY C 886 -8.64 -4.14 56.85
N ALA C 887 -8.78 -3.74 58.12
CA ALA C 887 -9.05 -2.35 58.47
C ALA C 887 -8.10 -1.82 59.55
N GLY C 888 -6.94 -2.45 59.72
CA GLY C 888 -6.01 -2.07 60.75
C GLY C 888 -5.32 -3.29 61.33
N PRO C 889 -4.92 -3.24 62.60
CA PRO C 889 -4.29 -4.41 63.21
C PRO C 889 -5.29 -5.56 63.29
N ALA C 890 -4.80 -6.77 63.10
CA ALA C 890 -5.67 -7.93 63.21
C ALA C 890 -6.00 -8.26 64.65
N LEU C 891 -7.29 -8.30 64.97
CA LEU C 891 -7.72 -8.82 66.25
C LEU C 891 -7.86 -10.33 66.12
N GLN C 892 -7.58 -11.05 67.19
CA GLN C 892 -7.97 -12.45 67.17
C GLN C 892 -9.42 -12.57 67.63
N ILE C 893 -10.13 -13.55 67.08
CA ILE C 893 -11.50 -13.88 67.48
C ILE C 893 -11.70 -15.38 67.22
N PRO C 894 -12.36 -16.11 68.12
CA PRO C 894 -12.77 -17.49 67.83
C PRO C 894 -13.64 -17.58 66.59
N PHE C 895 -13.43 -18.63 65.80
CA PHE C 895 -14.14 -18.78 64.54
C PHE C 895 -15.64 -18.86 64.75
N PRO C 896 -16.10 -19.53 65.81
CA PRO C 896 -17.53 -19.60 66.07
C PRO C 896 -18.11 -18.22 66.36
N MET C 897 -17.34 -17.37 67.05
CA MET C 897 -17.82 -16.02 67.32
C MET C 897 -17.82 -15.19 66.05
N GLN C 898 -16.83 -15.42 65.18
CA GLN C 898 -16.79 -14.77 63.87
C GLN C 898 -18.04 -15.15 63.09
N MET C 899 -18.43 -16.42 63.18
CA MET C 899 -19.63 -16.90 62.51
C MET C 899 -20.84 -16.20 63.10
N ALA C 900 -20.81 -15.93 64.41
CA ALA C 900 -21.90 -15.21 65.07
C ALA C 900 -22.01 -13.79 64.54
N TYR C 901 -20.87 -13.15 64.26
CA TYR C 901 -20.93 -11.80 63.71
C TYR C 901 -21.52 -11.82 62.32
N ARG C 902 -21.13 -12.83 61.53
CA ARG C 902 -21.63 -12.92 60.17
C ARG C 902 -23.12 -13.25 60.11
N PHE C 903 -23.59 -14.07 61.07
CA PHE C 903 -25.03 -14.34 61.19
C PHE C 903 -25.79 -13.09 61.59
N ASN C 904 -25.23 -12.31 62.53
CA ASN C 904 -25.89 -11.04 62.90
C ASN C 904 -25.94 -10.14 61.67
N GLY C 905 -24.85 -10.13 60.88
CA GLY C 905 -24.80 -9.30 59.69
C GLY C 905 -25.88 -9.65 58.68
N ILE C 906 -26.24 -10.93 58.58
CA ILE C 906 -27.27 -11.32 57.61
C ILE C 906 -28.65 -11.30 58.23
N GLY C 907 -28.78 -10.75 59.43
CA GLY C 907 -30.10 -10.64 60.03
C GLY C 907 -30.59 -11.88 60.74
N VAL C 908 -29.67 -12.74 61.20
CA VAL C 908 -30.03 -13.96 61.91
C VAL C 908 -29.40 -13.86 63.29
N THR C 909 -30.18 -14.18 64.32
CA THR C 909 -29.70 -13.96 65.67
C THR C 909 -28.59 -15.00 65.97
N GLN C 910 -27.75 -14.68 66.97
CA GLN C 910 -26.59 -15.50 67.33
C GLN C 910 -27.01 -16.88 67.80
N ASN C 911 -28.18 -16.99 68.42
CA ASN C 911 -28.63 -18.24 68.99
C ASN C 911 -28.93 -19.31 67.95
N VAL C 912 -29.21 -18.93 66.70
CA VAL C 912 -29.47 -19.94 65.69
C VAL C 912 -28.17 -20.69 65.44
N LEU C 913 -27.08 -19.93 65.35
CA LEU C 913 -25.74 -20.47 65.19
C LEU C 913 -25.34 -21.32 66.39
N TYR C 914 -25.49 -20.79 67.61
CA TYR C 914 -24.93 -21.57 68.71
C TYR C 914 -25.75 -22.84 68.94
N GLU C 915 -27.07 -22.76 68.85
CA GLU C 915 -27.90 -23.95 69.02
C GLU C 915 -27.66 -24.97 67.91
N ASN C 916 -27.37 -24.53 66.68
CA ASN C 916 -27.13 -25.45 65.55
C ASN C 916 -25.68 -25.52 65.09
N GLN C 917 -24.69 -25.19 65.96
CA GLN C 917 -23.28 -25.13 65.56
C GLN C 917 -22.77 -26.43 64.94
N LYS C 918 -23.24 -27.57 65.43
CA LYS C 918 -22.76 -28.84 64.89
C LYS C 918 -23.27 -29.12 63.49
N LEU C 919 -24.55 -28.86 63.26
CA LEU C 919 -25.13 -29.03 61.93
C LEU C 919 -24.53 -28.05 60.93
N ILE C 920 -24.25 -26.82 61.39
CA ILE C 920 -23.68 -25.79 60.52
C ILE C 920 -22.29 -26.24 60.12
N ALA C 921 -21.50 -26.73 61.09
CA ALA C 921 -20.17 -27.24 60.77
C ALA C 921 -20.22 -28.43 59.83
N ASN C 922 -21.18 -29.35 60.04
CA ASN C 922 -21.30 -30.51 59.16
C ASN C 922 -21.75 -30.12 57.76
N GLN C 923 -22.70 -29.19 57.67
CA GLN C 923 -23.18 -28.74 56.36
C GLN C 923 -22.08 -28.01 55.61
N PHE C 924 -21.27 -27.25 56.34
CA PHE C 924 -20.13 -26.54 55.75
C PHE C 924 -19.14 -27.56 55.20
N ASN C 925 -18.87 -28.61 55.99
CA ASN C 925 -17.93 -29.64 55.56
C ASN C 925 -18.31 -30.37 54.28
N SER C 926 -19.61 -30.66 54.14
CA SER C 926 -20.10 -31.31 52.93
C SER C 926 -20.10 -30.37 51.72
N ALA C 927 -20.40 -29.10 51.97
CA ALA C 927 -20.38 -28.08 50.92
C ALA C 927 -18.95 -27.99 50.39
N ILE C 928 -17.96 -28.03 51.30
CA ILE C 928 -16.57 -27.99 50.85
C ILE C 928 -16.22 -29.25 50.07
N GLY C 929 -16.66 -30.42 50.55
CA GLY C 929 -16.45 -31.65 49.80
C GLY C 929 -17.13 -31.61 48.44
N LYS C 930 -18.31 -30.99 48.38
CA LYS C 930 -19.03 -30.85 47.12
C LYS C 930 -18.26 -29.96 46.15
N ILE C 931 -17.61 -28.91 46.65
CA ILE C 931 -16.81 -28.05 45.77
C ILE C 931 -15.63 -28.82 45.22
N GLN C 932 -14.93 -29.58 46.09
CA GLN C 932 -13.81 -30.39 45.63
C GLN C 932 -14.23 -31.38 44.55
N ASP C 933 -15.38 -32.05 44.76
CA ASP C 933 -15.84 -33.03 43.79
C ASP C 933 -16.31 -32.38 42.51
N SER C 934 -17.01 -31.23 42.60
CA SER C 934 -17.48 -30.55 41.40
C SER C 934 -16.31 -30.08 40.54
N LEU C 935 -15.27 -29.51 41.17
CA LEU C 935 -14.12 -29.05 40.40
C LEU C 935 -13.35 -30.23 39.82
N SER C 936 -13.22 -31.31 40.59
CA SER C 936 -12.50 -32.49 40.11
C SER C 936 -13.24 -33.16 38.95
N SER C 937 -14.57 -33.14 38.97
CA SER C 937 -15.39 -33.81 37.97
C SER C 937 -15.56 -32.99 36.69
N THR C 938 -15.99 -31.74 36.81
CA THR C 938 -16.43 -30.98 35.65
C THR C 938 -15.25 -30.20 35.06
N PRO C 939 -14.79 -30.64 33.88
CA PRO C 939 -13.65 -30.04 33.21
C PRO C 939 -13.94 -28.60 32.77
N SER C 940 -15.19 -28.30 32.43
CA SER C 940 -15.55 -26.99 31.90
C SER C 940 -15.70 -25.93 32.98
N ALA C 941 -15.54 -26.31 34.25
CA ALA C 941 -15.74 -25.38 35.36
C ALA C 941 -14.82 -24.16 35.28
N LEU C 942 -13.62 -24.34 34.73
CA LEU C 942 -12.63 -23.26 34.65
C LEU C 942 -12.57 -22.68 33.24
N GLY C 943 -13.68 -22.79 32.51
CA GLY C 943 -13.78 -22.24 31.17
C GLY C 943 -13.43 -20.78 31.07
N LYS C 944 -13.72 -20.01 32.12
CA LYS C 944 -13.41 -18.58 32.13
C LYS C 944 -11.91 -18.32 32.04
N LEU C 945 -11.08 -19.20 32.60
CA LEU C 945 -9.64 -18.99 32.46
C LEU C 945 -9.11 -19.67 31.21
N GLN C 946 -9.70 -20.82 30.86
CA GLN C 946 -9.24 -21.55 29.68
C GLN C 946 -9.53 -20.79 28.40
N ASP C 947 -10.65 -20.06 28.33
CA ASP C 947 -10.94 -19.29 27.12
C ASP C 947 -9.92 -18.16 26.95
N VAL C 948 -9.45 -17.56 28.04
CA VAL C 948 -8.45 -16.50 27.95
C VAL C 948 -7.13 -17.07 27.47
N VAL C 949 -6.74 -18.24 28.02
CA VAL C 949 -5.51 -18.89 27.58
C VAL C 949 -5.60 -19.26 26.10
N ASN C 950 -6.77 -19.76 25.68
CA ASN C 950 -6.97 -20.14 24.28
C ASN C 950 -6.96 -18.93 23.37
N GLN C 951 -7.55 -17.81 23.81
CA GLN C 951 -7.56 -16.60 22.99
C GLN C 951 -6.15 -16.07 22.79
N ASN C 952 -5.32 -16.15 23.82
CA ASN C 952 -3.95 -15.67 23.64
C ASN C 952 -3.14 -16.62 22.78
N ALA C 953 -3.39 -17.94 22.93
CA ALA C 953 -2.70 -18.92 22.08
C ALA C 953 -3.10 -18.74 20.63
N GLN C 954 -4.39 -18.49 20.37
CA GLN C 954 -4.86 -18.26 19.01
C GLN C 954 -4.31 -16.96 18.45
N ALA C 955 -4.26 -15.89 19.27
CA ALA C 955 -3.73 -14.61 18.80
C ALA C 955 -2.26 -14.74 18.39
N LEU C 956 -1.48 -15.47 19.19
CA LEU C 956 -0.07 -15.65 18.86
C LEU C 956 0.10 -16.60 17.69
N ASN C 957 -0.72 -17.66 17.61
CA ASN C 957 -0.58 -18.59 16.51
C ASN C 957 -0.99 -17.94 15.20
N THR C 958 -2.00 -17.07 15.23
CA THR C 958 -2.42 -16.36 14.03
C THR C 958 -1.36 -15.36 13.60
N LEU C 959 -0.81 -14.60 14.56
CA LEU C 959 0.22 -13.61 14.25
C LEU C 959 1.44 -14.28 13.64
N VAL C 960 1.86 -15.41 14.22
CA VAL C 960 3.02 -16.14 13.73
C VAL C 960 2.72 -16.75 12.36
N LYS C 961 1.51 -17.31 12.18
CA LYS C 961 1.12 -17.88 10.89
C LYS C 961 1.07 -16.83 9.79
N GLN C 962 0.84 -15.56 10.15
CA GLN C 962 0.82 -14.49 9.15
C GLN C 962 2.18 -14.30 8.49
N LEU C 963 3.26 -14.81 9.10
CA LEU C 963 4.59 -14.72 8.54
C LEU C 963 4.77 -15.66 7.35
N SER C 964 3.86 -16.61 7.17
CA SER C 964 3.89 -17.54 6.03
C SER C 964 3.09 -17.00 4.86
N SER C 965 2.49 -15.82 5.02
CA SER C 965 1.69 -15.19 3.99
C SER C 965 2.62 -14.41 3.06
N ASN C 966 2.27 -14.37 1.78
CA ASN C 966 3.10 -13.68 0.81
C ASN C 966 2.89 -12.18 0.82
N PHE C 967 1.65 -11.74 1.10
CA PHE C 967 1.24 -10.33 1.10
C PHE C 967 1.49 -9.65 -0.23
N GLY C 968 1.53 -10.43 -1.31
CA GLY C 968 1.75 -9.93 -2.65
C GLY C 968 3.17 -10.11 -3.15
N ALA C 969 4.10 -10.50 -2.28
CA ALA C 969 5.47 -10.73 -2.68
C ALA C 969 5.59 -12.06 -3.41
N ILE C 970 6.67 -12.21 -4.18
CA ILE C 970 6.93 -13.48 -4.86
C ILE C 970 7.22 -14.60 -3.87
N SER C 971 7.63 -14.29 -2.65
CA SER C 971 7.92 -15.32 -1.65
C SER C 971 7.80 -14.73 -0.26
N SER C 972 7.31 -15.54 0.68
CA SER C 972 7.19 -15.22 2.10
C SER C 972 8.51 -15.24 2.86
N VAL C 973 9.58 -15.80 2.31
CA VAL C 973 10.84 -15.94 3.03
C VAL C 973 11.77 -14.77 2.72
N LEU C 974 12.12 -14.02 3.77
CA LEU C 974 12.93 -12.83 3.61
C LEU C 974 14.33 -13.18 3.11
N ASN C 975 14.86 -14.31 3.58
CA ASN C 975 16.17 -14.76 3.13
C ASN C 975 16.13 -15.15 1.67
N ASP C 976 15.00 -15.68 1.20
CA ASP C 976 14.89 -16.08 -0.19
C ASP C 976 14.74 -14.87 -1.09
N ILE C 977 14.02 -13.84 -0.63
CA ILE C 977 13.89 -12.61 -1.40
C ILE C 977 15.26 -11.96 -1.56
N LEU C 978 16.01 -11.86 -0.45
CA LEU C 978 17.31 -11.22 -0.52
C LEU C 978 18.32 -12.07 -1.28
N SER C 979 18.15 -13.39 -1.26
CA SER C 979 19.02 -14.29 -1.99
C SER C 979 18.74 -14.28 -3.49
N ARG C 980 17.51 -13.94 -3.89
CA ARG C 980 17.18 -13.95 -5.31
C ARG C 980 17.33 -12.60 -5.98
N LEU C 981 16.91 -11.51 -5.34
CA LEU C 981 16.87 -10.19 -5.98
C LEU C 981 17.98 -9.28 -5.49
N ASP C 982 18.36 -8.32 -6.37
CA ASP C 982 19.23 -7.17 -6.23
C ASP C 982 18.41 -5.97 -5.76
N PRO C 983 19.03 -4.97 -5.11
CA PRO C 983 18.28 -3.78 -4.54
C PRO C 983 17.19 -3.16 -5.42
N PRO C 984 17.38 -2.88 -6.73
CA PRO C 984 16.29 -2.20 -7.49
C PRO C 984 14.95 -2.95 -7.51
N GLU C 985 14.93 -4.26 -7.32
CA GLU C 985 13.70 -5.04 -7.29
C GLU C 985 13.40 -5.51 -5.88
N ALA C 986 14.46 -5.79 -5.13
CA ALA C 986 14.31 -6.24 -3.76
C ALA C 986 13.63 -5.18 -2.92
N GLU C 987 13.88 -3.89 -3.21
CA GLU C 987 13.26 -2.84 -2.40
C GLU C 987 11.75 -2.84 -2.55
N VAL C 988 11.23 -3.09 -3.77
CA VAL C 988 9.78 -3.12 -3.95
C VAL C 988 9.18 -4.38 -3.31
N GLN C 989 9.82 -5.55 -3.49
CA GLN C 989 9.25 -6.76 -2.91
C GLN C 989 9.32 -6.73 -1.37
N ILE C 990 10.40 -6.16 -0.83
CA ILE C 990 10.52 -6.07 0.61
C ILE C 990 9.51 -5.07 1.15
N ASP C 991 9.34 -3.92 0.47
CA ASP C 991 8.33 -2.93 0.87
C ASP C 991 6.94 -3.56 0.93
N ARG C 992 6.65 -4.47 -0.01
CA ARG C 992 5.36 -5.15 -0.02
C ARG C 992 5.24 -6.05 1.22
N LEU C 993 6.33 -6.74 1.56
CA LEU C 993 6.35 -7.59 2.73
C LEU C 993 6.26 -6.77 4.01
N ILE C 994 6.89 -5.59 4.03
CA ILE C 994 6.86 -4.71 5.19
C ILE C 994 5.44 -4.25 5.43
N THR C 995 4.74 -3.86 4.37
CA THR C 995 3.36 -3.38 4.51
C THR C 995 2.49 -4.48 5.11
N GLY C 996 2.59 -5.71 4.57
CA GLY C 996 1.76 -6.78 5.08
C GLY C 996 2.07 -7.19 6.52
N ARG C 997 3.37 -7.29 6.85
CA ARG C 997 3.76 -7.71 8.19
C ARG C 997 3.49 -6.63 9.23
N LEU C 998 3.69 -5.36 8.86
CA LEU C 998 3.41 -4.27 9.76
C LEU C 998 1.92 -4.14 10.04
N GLN C 999 1.08 -4.32 8.99
CA GLN C 999 -0.36 -4.27 9.21
C GLN C 999 -0.81 -5.43 10.12
N SER C 1000 -0.21 -6.60 9.95
CA SER C 1000 -0.58 -7.73 10.80
C SER C 1000 -0.14 -7.51 12.25
N LEU C 1001 1.03 -6.89 12.45
CA LEU C 1001 1.49 -6.63 13.80
C LEU C 1001 0.63 -5.56 14.47
N GLN C 1002 0.24 -4.53 13.71
CA GLN C 1002 -0.64 -3.50 14.27
C GLN C 1002 -1.99 -4.08 14.66
N THR C 1003 -2.50 -5.02 13.85
CA THR C 1003 -3.76 -5.68 14.18
C THR C 1003 -3.62 -6.48 15.47
N TYR C 1004 -2.51 -7.22 15.59
CA TYR C 1004 -2.24 -7.99 16.81
C TYR C 1004 -2.21 -7.09 18.04
N VAL C 1005 -1.47 -5.98 17.97
CA VAL C 1005 -1.34 -5.12 19.14
C VAL C 1005 -2.68 -4.52 19.50
N THR C 1006 -3.47 -4.10 18.49
CA THR C 1006 -4.81 -3.56 18.76
C THR C 1006 -5.69 -4.60 19.45
N GLN C 1007 -5.61 -5.86 18.99
CA GLN C 1007 -6.36 -6.94 19.63
C GLN C 1007 -5.91 -7.18 21.06
N GLN C 1008 -4.62 -7.02 21.32
CA GLN C 1008 -4.12 -7.20 22.68
C GLN C 1008 -4.51 -6.05 23.57
N LEU C 1009 -4.61 -4.84 23.03
CA LEU C 1009 -5.03 -3.70 23.83
C LEU C 1009 -6.50 -3.80 24.21
N ILE C 1010 -7.35 -4.25 23.29
CA ILE C 1010 -8.77 -4.40 23.63
C ILE C 1010 -8.98 -5.58 24.59
N ARG C 1011 -8.31 -6.71 24.34
CA ARG C 1011 -8.44 -7.85 25.24
C ARG C 1011 -7.91 -7.49 26.62
N ALA C 1012 -6.81 -6.74 26.67
CA ALA C 1012 -6.24 -6.29 27.94
C ALA C 1012 -7.19 -5.37 28.66
N ALA C 1013 -7.92 -4.52 27.93
CA ALA C 1013 -8.88 -3.62 28.56
C ALA C 1013 -10.00 -4.43 29.22
N GLU C 1014 -10.46 -5.49 28.54
CA GLU C 1014 -11.48 -6.34 29.16
C GLU C 1014 -10.90 -7.06 30.37
N ILE C 1015 -9.64 -7.52 30.27
CA ILE C 1015 -8.97 -8.17 31.41
C ILE C 1015 -8.83 -7.18 32.57
N ARG C 1016 -8.54 -5.91 32.25
CA ARG C 1016 -8.44 -4.85 33.25
C ARG C 1016 -9.77 -4.69 33.99
N ALA C 1017 -10.88 -4.70 33.23
CA ALA C 1017 -12.20 -4.60 33.86
C ALA C 1017 -12.45 -5.80 34.77
N SER C 1018 -12.04 -6.99 34.31
CA SER C 1018 -12.18 -8.20 35.11
C SER C 1018 -11.33 -8.13 36.36
N ALA C 1019 -10.11 -7.60 36.24
CA ALA C 1019 -9.23 -7.43 37.38
C ALA C 1019 -9.82 -6.46 38.40
N ASN C 1020 -10.50 -5.41 37.92
CA ASN C 1020 -11.13 -4.50 38.86
C ASN C 1020 -12.29 -5.18 39.57
N LEU C 1021 -13.01 -6.04 38.86
CA LEU C 1021 -14.09 -6.77 39.50
C LEU C 1021 -13.53 -7.78 40.51
N ALA C 1022 -12.45 -8.47 40.15
CA ALA C 1022 -11.82 -9.43 41.06
C ALA C 1022 -11.24 -8.75 42.29
N ALA C 1023 -10.61 -7.58 42.12
CA ALA C 1023 -10.06 -6.85 43.26
C ALA C 1023 -11.17 -6.32 44.16
N THR C 1024 -12.27 -5.85 43.56
CA THR C 1024 -13.39 -5.38 44.35
C THR C 1024 -14.01 -6.52 45.12
N LYS C 1025 -14.16 -7.68 44.47
CA LYS C 1025 -14.68 -8.85 45.17
C LYS C 1025 -13.72 -9.31 46.26
N MET C 1026 -12.40 -9.25 46.01
CA MET C 1026 -11.44 -9.62 47.05
C MET C 1026 -11.62 -8.76 48.29
N SER C 1027 -11.67 -7.44 48.09
CA SER C 1027 -11.79 -6.51 49.21
C SER C 1027 -13.13 -6.63 49.91
N GLU C 1028 -14.23 -6.71 49.16
CA GLU C 1028 -15.57 -6.66 49.72
C GLU C 1028 -16.12 -8.02 50.13
N CYS C 1029 -15.60 -9.11 49.58
CA CYS C 1029 -16.09 -10.44 49.83
C CYS C 1029 -15.18 -11.22 50.76
N VAL C 1030 -13.88 -10.90 50.75
CA VAL C 1030 -12.87 -11.62 51.51
C VAL C 1030 -12.41 -10.82 52.72
N LEU C 1031 -12.17 -9.52 52.53
CA LEU C 1031 -11.68 -8.65 53.59
C LEU C 1031 -12.81 -7.96 54.34
N GLY C 1032 -14.02 -8.50 54.26
CA GLY C 1032 -15.17 -7.93 54.93
C GLY C 1032 -16.37 -8.82 54.73
N GLN C 1033 -17.55 -8.27 55.04
CA GLN C 1033 -18.80 -8.98 54.80
C GLN C 1033 -19.74 -8.05 54.07
N SER C 1034 -20.18 -8.48 52.89
CA SER C 1034 -20.98 -7.66 52.01
C SER C 1034 -22.47 -7.89 52.22
N LYS C 1035 -23.25 -6.82 52.09
CA LYS C 1035 -24.70 -6.91 52.09
C LYS C 1035 -25.25 -6.72 50.69
N ARG C 1036 -24.39 -6.74 49.68
CA ARG C 1036 -24.82 -6.56 48.31
C ARG C 1036 -25.26 -7.92 47.76
N VAL C 1037 -26.54 -8.00 47.38
CA VAL C 1037 -27.15 -9.22 46.91
C VAL C 1037 -26.58 -9.64 45.55
N ASP C 1038 -26.22 -10.92 45.44
CA ASP C 1038 -25.66 -11.58 44.26
C ASP C 1038 -24.34 -11.00 43.76
N PHE C 1039 -23.67 -10.17 44.56
CA PHE C 1039 -22.35 -9.68 44.17
C PHE C 1039 -21.28 -10.74 44.45
N CYS C 1040 -21.39 -11.40 45.60
CA CYS C 1040 -20.41 -12.36 46.07
C CYS C 1040 -21.05 -13.74 46.18
N GLY C 1041 -21.70 -14.20 45.12
CA GLY C 1041 -22.34 -15.49 45.14
C GLY C 1041 -23.85 -15.36 45.36
N LYS C 1042 -24.53 -16.46 45.13
CA LYS C 1042 -25.99 -16.50 45.18
C LYS C 1042 -26.45 -16.87 46.59
N GLY C 1043 -27.04 -15.90 47.30
CA GLY C 1043 -27.49 -16.06 48.66
C GLY C 1043 -27.08 -14.88 49.53
N TYR C 1044 -27.20 -15.09 50.85
CA TYR C 1044 -26.82 -14.11 51.86
C TYR C 1044 -25.36 -14.33 52.23
N HIS C 1045 -24.53 -13.32 52.02
CA HIS C 1045 -23.10 -13.46 52.22
C HIS C 1045 -22.72 -13.66 53.68
N LEU C 1046 -21.95 -14.71 53.94
CA LEU C 1046 -21.31 -14.96 55.23
C LEU C 1046 -19.83 -14.61 55.16
N MET C 1047 -19.11 -15.23 54.24
CA MET C 1047 -17.67 -15.05 54.08
C MET C 1047 -17.27 -15.60 52.73
N SER C 1048 -16.06 -15.25 52.31
CA SER C 1048 -15.50 -15.80 51.08
C SER C 1048 -14.04 -16.16 51.32
N PHE C 1049 -13.54 -17.06 50.48
CA PHE C 1049 -12.17 -17.56 50.55
C PHE C 1049 -11.49 -17.42 49.19
N PRO C 1050 -10.33 -16.77 49.12
CA PRO C 1050 -9.60 -16.70 47.85
C PRO C 1050 -8.87 -18.01 47.62
N GLN C 1051 -8.70 -18.37 46.34
CA GLN C 1051 -7.85 -19.49 45.98
C GLN C 1051 -7.02 -19.10 44.77
N SER C 1052 -5.75 -19.51 44.78
CA SER C 1052 -4.88 -19.26 43.65
C SER C 1052 -5.28 -20.13 42.46
N ALA C 1053 -5.17 -19.57 41.27
CA ALA C 1053 -5.40 -20.30 40.04
C ALA C 1053 -4.45 -19.79 38.98
N PRO C 1054 -4.16 -20.60 37.92
CA PRO C 1054 -3.33 -20.11 36.82
C PRO C 1054 -3.86 -18.83 36.19
N HIS C 1055 -3.06 -17.76 36.23
CA HIS C 1055 -3.40 -16.44 35.67
C HIS C 1055 -4.76 -15.93 36.13
N GLY C 1056 -5.16 -16.24 37.37
CA GLY C 1056 -6.47 -15.81 37.83
C GLY C 1056 -6.68 -16.14 39.29
N VAL C 1057 -7.91 -15.87 39.74
CA VAL C 1057 -8.31 -16.09 41.12
C VAL C 1057 -9.64 -16.84 41.14
N VAL C 1058 -9.80 -17.74 42.10
CA VAL C 1058 -11.03 -18.47 42.34
C VAL C 1058 -11.53 -18.12 43.74
N PHE C 1059 -12.79 -17.72 43.83
CA PHE C 1059 -13.42 -17.38 45.10
C PHE C 1059 -14.40 -18.46 45.51
N LEU C 1060 -14.30 -18.89 46.76
CA LEU C 1060 -15.27 -19.80 47.35
C LEU C 1060 -16.17 -18.97 48.25
N HIS C 1061 -17.39 -18.72 47.81
CA HIS C 1061 -18.33 -17.87 48.52
C HIS C 1061 -19.25 -18.72 49.39
N VAL C 1062 -19.31 -18.41 50.68
CA VAL C 1062 -20.14 -19.15 51.62
C VAL C 1062 -21.41 -18.34 51.81
N THR C 1063 -22.55 -18.91 51.43
CA THR C 1063 -23.83 -18.20 51.48
C THR C 1063 -24.87 -18.97 52.28
N TYR C 1064 -25.79 -18.22 52.86
CA TYR C 1064 -26.93 -18.75 53.60
C TYR C 1064 -28.13 -18.81 52.67
N VAL C 1065 -28.73 -19.99 52.52
CA VAL C 1065 -29.88 -20.17 51.65
C VAL C 1065 -31.04 -20.83 52.36
N PRO C 1066 -32.19 -20.18 52.45
CA PRO C 1066 -33.41 -20.80 53.00
C PRO C 1066 -33.81 -22.09 52.31
N ALA C 1067 -34.26 -23.09 53.08
CA ALA C 1067 -34.60 -24.37 52.47
C ALA C 1067 -36.09 -24.62 52.66
N GLN C 1068 -36.49 -25.38 53.69
CA GLN C 1068 -37.88 -25.82 53.82
C GLN C 1068 -38.87 -24.68 54.01
N GLU C 1069 -40.06 -24.89 53.46
CA GLU C 1069 -41.16 -23.95 53.42
C GLU C 1069 -42.19 -24.30 54.49
N LYS C 1070 -42.76 -23.28 55.12
CA LYS C 1070 -43.91 -23.50 55.98
C LYS C 1070 -44.71 -22.22 55.96
N ASN C 1071 -46.02 -22.39 55.82
CA ASN C 1071 -46.98 -21.28 55.81
C ASN C 1071 -47.48 -20.80 57.16
N PHE C 1072 -47.63 -19.48 57.28
CA PHE C 1072 -48.18 -18.84 58.46
C PHE C 1072 -49.08 -17.69 58.00
N THR C 1073 -50.06 -17.34 58.83
CA THR C 1073 -50.89 -16.15 58.62
C THR C 1073 -50.22 -15.00 59.39
N THR C 1074 -50.31 -13.78 58.87
CA THR C 1074 -49.67 -12.63 59.49
C THR C 1074 -50.67 -11.51 59.71
N ALA C 1075 -50.20 -10.44 60.36
CA ALA C 1075 -51.03 -9.28 60.65
C ALA C 1075 -50.10 -8.10 60.87
N PRO C 1076 -50.51 -6.90 60.44
CA PRO C 1076 -49.64 -5.71 60.60
C PRO C 1076 -49.46 -5.16 62.01
N ALA C 1077 -50.36 -5.41 62.96
CA ALA C 1077 -50.23 -4.79 64.28
C ALA C 1077 -51.08 -5.56 65.27
N ILE C 1078 -50.81 -5.34 66.56
CA ILE C 1078 -51.64 -5.90 67.61
C ILE C 1078 -52.29 -4.79 68.43
N CYS C 1079 -53.61 -4.90 68.64
CA CYS C 1079 -54.39 -3.95 69.44
C CYS C 1079 -54.51 -4.52 70.85
N HIS C 1080 -53.83 -3.93 71.83
CA HIS C 1080 -53.92 -4.51 73.16
C HIS C 1080 -54.90 -3.76 74.07
N ASP C 1081 -54.55 -2.55 74.50
CA ASP C 1081 -55.41 -1.71 75.32
C ASP C 1081 -56.04 -0.61 74.49
N GLY C 1082 -56.08 -0.79 73.18
CA GLY C 1082 -56.54 0.20 72.24
C GLY C 1082 -55.39 0.85 71.51
N LYS C 1083 -54.17 0.60 71.95
CA LYS C 1083 -52.94 1.08 71.35
C LYS C 1083 -52.43 0.07 70.33
N ALA C 1084 -51.74 0.56 69.30
CA ALA C 1084 -51.17 -0.31 68.28
C ALA C 1084 -49.74 -0.65 68.63
N HIS C 1085 -49.46 -1.94 68.78
CA HIS C 1085 -48.14 -2.46 69.10
C HIS C 1085 -47.44 -2.97 67.84
N PHE C 1086 -46.23 -2.49 67.60
CA PHE C 1086 -45.53 -2.97 66.41
C PHE C 1086 -44.25 -3.68 66.82
N PRO C 1087 -43.83 -4.70 66.09
CA PRO C 1087 -42.56 -5.38 66.43
C PRO C 1087 -41.34 -4.55 66.08
N ARG C 1088 -40.30 -4.67 66.90
CA ARG C 1088 -39.06 -3.97 66.56
C ARG C 1088 -38.25 -4.73 65.53
N GLU C 1089 -38.22 -6.06 65.62
CA GLU C 1089 -37.39 -6.87 64.74
C GLU C 1089 -38.13 -7.87 63.87
N GLY C 1090 -39.22 -8.48 64.30
CA GLY C 1090 -39.75 -9.51 63.43
C GLY C 1090 -41.11 -9.45 62.76
N VAL C 1091 -41.69 -10.63 62.54
CA VAL C 1091 -43.00 -10.82 61.91
C VAL C 1091 -43.83 -11.76 62.78
N PHE C 1092 -45.04 -11.25 63.03
CA PHE C 1092 -46.01 -11.94 63.89
C PHE C 1092 -46.58 -13.09 63.09
N VAL C 1093 -46.32 -14.30 63.55
CA VAL C 1093 -46.81 -15.46 62.76
C VAL C 1093 -47.75 -16.26 63.66
N SER C 1094 -49.00 -16.36 63.24
CA SER C 1094 -49.95 -17.20 64.01
C SER C 1094 -49.88 -18.61 63.46
N ASN C 1095 -49.69 -19.60 64.33
CA ASN C 1095 -49.74 -21.01 63.86
C ASN C 1095 -51.21 -21.30 63.56
N GLY C 1096 -52.11 -20.47 64.08
CA GLY C 1096 -53.56 -20.67 63.89
C GLY C 1096 -54.25 -20.34 65.19
N THR C 1097 -53.50 -20.39 66.30
CA THR C 1097 -54.07 -20.12 67.64
C THR C 1097 -53.41 -18.88 68.24
N HIS C 1098 -52.23 -19.06 68.84
CA HIS C 1098 -51.55 -17.93 69.52
C HIS C 1098 -50.67 -17.17 68.54
N TRP C 1099 -50.38 -15.90 68.83
CA TRP C 1099 -49.50 -15.09 67.94
C TRP C 1099 -48.09 -15.04 68.53
N PHE C 1100 -47.05 -15.00 67.68
CA PHE C 1100 -45.66 -15.04 68.18
C PHE C 1100 -44.74 -14.18 67.31
N VAL C 1101 -43.67 -13.59 67.86
CA VAL C 1101 -42.71 -12.87 67.02
C VAL C 1101 -41.42 -13.67 66.88
N THR C 1102 -40.90 -13.70 65.66
CA THR C 1102 -39.72 -14.47 65.28
C THR C 1102 -38.85 -13.63 64.36
N GLN C 1103 -37.54 -13.89 64.40
CA GLN C 1103 -36.63 -13.20 63.48
C GLN C 1103 -37.00 -13.56 62.05
N ARG C 1104 -36.81 -12.58 61.18
CA ARG C 1104 -37.35 -12.57 59.82
C ARG C 1104 -36.86 -13.75 58.99
N ASN C 1105 -35.60 -14.15 59.13
CA ASN C 1105 -35.02 -15.16 58.25
C ASN C 1105 -34.90 -16.55 58.90
N PHE C 1106 -35.49 -16.75 60.08
CA PHE C 1106 -35.36 -18.05 60.75
C PHE C 1106 -36.45 -18.19 61.80
N TYR C 1107 -37.30 -19.22 61.67
CA TYR C 1107 -38.43 -19.39 62.57
C TYR C 1107 -37.97 -19.69 63.98
N GLU C 1108 -38.29 -18.79 64.91
CA GLU C 1108 -37.91 -18.93 66.32
C GLU C 1108 -38.94 -18.16 67.14
N PRO C 1109 -40.11 -18.77 67.36
CA PRO C 1109 -41.21 -18.03 67.99
C PRO C 1109 -40.93 -17.69 69.45
N GLN C 1110 -41.25 -16.46 69.84
CA GLN C 1110 -41.11 -16.00 71.21
C GLN C 1110 -42.42 -15.40 71.67
N ILE C 1111 -42.64 -15.45 72.99
CA ILE C 1111 -43.82 -14.88 73.62
C ILE C 1111 -43.87 -13.37 73.40
N ILE C 1112 -45.07 -12.85 73.12
CA ILE C 1112 -45.23 -11.44 72.82
C ILE C 1112 -45.21 -10.68 74.13
N THR C 1113 -44.24 -9.78 74.27
CA THR C 1113 -44.04 -9.01 75.48
C THR C 1113 -43.78 -7.56 75.10
N THR C 1114 -43.77 -6.70 76.12
CA THR C 1114 -43.43 -5.30 75.91
C THR C 1114 -41.94 -5.11 75.65
N ASP C 1115 -41.15 -6.18 75.78
CA ASP C 1115 -39.72 -6.15 75.56
C ASP C 1115 -39.32 -6.47 74.13
N ASN C 1116 -40.26 -6.89 73.28
CA ASN C 1116 -39.93 -7.19 71.90
C ASN C 1116 -40.88 -6.49 70.93
N THR C 1117 -41.70 -5.57 71.44
CA THR C 1117 -42.60 -4.74 70.66
C THR C 1117 -42.45 -3.30 71.12
N PHE C 1118 -43.01 -2.37 70.33
CA PHE C 1118 -43.08 -0.97 70.72
C PHE C 1118 -44.47 -0.45 70.39
N VAL C 1119 -44.84 0.65 71.04
CA VAL C 1119 -46.17 1.22 70.92
C VAL C 1119 -46.09 2.58 70.24
N SER C 1120 -46.93 2.79 69.23
CA SER C 1120 -47.00 4.09 68.57
C SER C 1120 -48.37 4.24 67.94
N GLY C 1121 -49.15 5.21 68.42
CA GLY C 1121 -50.47 5.44 67.89
C GLY C 1121 -51.43 4.39 68.43
N ASN C 1122 -52.64 4.38 67.85
CA ASN C 1122 -53.65 3.44 68.30
C ASN C 1122 -54.08 2.52 67.16
N CYS C 1123 -54.95 1.57 67.49
CA CYS C 1123 -55.40 0.53 66.58
C CYS C 1123 -56.46 0.99 65.57
N ASP C 1124 -56.92 2.24 65.64
CA ASP C 1124 -57.99 2.67 64.72
C ASP C 1124 -57.58 3.16 63.33
N VAL C 1125 -56.29 3.26 63.02
CA VAL C 1125 -55.85 3.75 61.72
C VAL C 1125 -55.11 2.69 60.87
N VAL C 1126 -54.50 1.71 61.51
CA VAL C 1126 -53.67 0.71 60.85
C VAL C 1126 -54.56 -0.34 60.20
N ILE C 1127 -54.26 -0.70 58.95
CA ILE C 1127 -55.10 -1.70 58.24
C ILE C 1127 -54.72 -3.14 58.56
N GLY C 1128 -55.59 -3.90 59.23
CA GLY C 1128 -55.33 -5.34 59.50
C GLY C 1128 -54.91 -5.77 60.90
N ILE C 1129 -54.97 -4.85 61.86
CA ILE C 1129 -54.58 -5.14 63.28
C ILE C 1129 -55.38 -6.33 63.82
N VAL C 1130 -54.72 -7.31 64.43
CA VAL C 1130 -55.49 -8.39 65.10
C VAL C 1130 -55.40 -8.15 66.61
N ASN C 1131 -56.36 -8.69 67.38
CA ASN C 1131 -56.37 -8.40 68.84
C ASN C 1131 -55.81 -9.59 69.61
N ASN C 1132 -54.49 -9.64 69.80
CA ASN C 1132 -53.89 -10.72 70.62
C ASN C 1132 -53.52 -10.11 71.97
N THR C 1133 -53.61 -10.89 73.04
CA THR C 1133 -53.35 -10.30 74.38
C THR C 1133 -51.84 -10.16 74.55
N VAL C 1134 -51.36 -8.91 74.65
CA VAL C 1134 -49.94 -8.69 74.92
C VAL C 1134 -49.70 -8.87 76.42
N TYR C 1135 -48.46 -9.24 76.78
CA TYR C 1135 -48.02 -9.49 78.14
C TYR C 1135 -47.01 -8.47 78.67
N ASP C 1136 -47.12 -8.15 79.96
CA ASP C 1136 -46.25 -7.21 80.63
C ASP C 1136 -45.28 -7.70 81.78
N PRO C 1137 -44.36 -8.60 81.36
CA PRO C 1137 -43.41 -9.34 82.22
C PRO C 1137 -42.81 -8.45 83.31
N GLN D 1 -13.04 -7.97 -67.45
CA GLN D 1 -12.94 -6.71 -66.73
C GLN D 1 -11.48 -6.27 -66.59
N VAL D 2 -10.84 -6.69 -65.51
CA VAL D 2 -9.46 -6.29 -65.25
C VAL D 2 -8.53 -7.05 -66.21
N GLN D 3 -7.56 -6.32 -66.77
CA GLN D 3 -6.60 -6.92 -67.69
C GLN D 3 -5.33 -6.08 -67.69
N LEU D 4 -4.22 -6.74 -68.02
CA LEU D 4 -2.93 -6.08 -68.14
C LEU D 4 -2.38 -6.26 -69.54
N VAL D 5 -2.05 -5.14 -70.18
CA VAL D 5 -1.49 -5.13 -71.53
C VAL D 5 -0.25 -4.26 -71.49
N GLN D 6 0.72 -4.62 -72.31
CA GLN D 6 1.98 -3.90 -72.36
C GLN D 6 2.25 -3.42 -73.78
N SER D 7 3.46 -2.91 -74.00
CA SER D 7 3.86 -2.45 -75.31
C SER D 7 4.25 -3.63 -76.18
N GLY D 8 4.53 -3.34 -77.45
CA GLY D 8 4.84 -4.39 -78.41
C GLY D 8 6.19 -5.06 -78.21
N ALA D 9 6.67 -5.71 -79.26
CA ALA D 9 7.96 -6.37 -79.22
C ALA D 9 9.07 -5.44 -79.69
N GLU D 10 10.21 -5.52 -79.01
CA GLU D 10 11.38 -4.74 -79.35
C GLU D 10 12.50 -5.70 -79.70
N VAL D 11 13.34 -5.28 -80.63
CA VAL D 11 14.57 -5.99 -80.97
C VAL D 11 15.73 -5.04 -80.72
N LYS D 12 16.74 -5.53 -80.00
CA LYS D 12 17.85 -4.68 -79.58
C LYS D 12 19.16 -5.37 -79.90
N LYS D 13 20.18 -4.57 -80.18
CA LYS D 13 21.53 -5.08 -80.35
C LYS D 13 22.06 -5.55 -78.99
N PRO D 14 22.85 -6.64 -78.97
CA PRO D 14 23.43 -7.10 -77.70
C PRO D 14 24.27 -6.03 -77.04
N GLY D 15 24.18 -5.97 -75.72
CA GLY D 15 24.85 -4.97 -74.91
C GLY D 15 24.07 -3.71 -74.64
N SER D 16 22.85 -3.58 -75.17
CA SER D 16 22.02 -2.40 -74.98
C SER D 16 21.11 -2.59 -73.75
N SER D 17 20.14 -1.69 -73.58
CA SER D 17 19.18 -1.74 -72.50
C SER D 17 17.76 -1.72 -73.06
N VAL D 18 16.87 -2.52 -72.48
CA VAL D 18 15.49 -2.64 -72.94
C VAL D 18 14.56 -2.23 -71.81
N LYS D 19 13.57 -1.39 -72.13
CA LYS D 19 12.57 -0.95 -71.17
C LYS D 19 11.21 -1.47 -71.62
N VAL D 20 10.53 -2.20 -70.73
CA VAL D 20 9.24 -2.81 -71.02
C VAL D 20 8.20 -2.26 -70.04
N SER D 21 7.08 -1.78 -70.58
CA SER D 21 5.99 -1.22 -69.79
C SER D 21 4.99 -2.32 -69.43
N CYS D 22 3.97 -1.96 -68.65
CA CYS D 22 2.85 -2.86 -68.37
C CYS D 22 1.69 -1.99 -67.89
N LYS D 23 0.68 -1.80 -68.74
CA LYS D 23 -0.49 -1.01 -68.39
C LYS D 23 -1.53 -1.85 -67.65
N ALA D 24 -2.23 -1.20 -66.71
CA ALA D 24 -3.27 -1.86 -65.94
C ALA D 24 -4.58 -1.09 -66.10
N SER D 25 -5.62 -1.79 -66.52
CA SER D 25 -6.95 -1.23 -66.75
C SER D 25 -7.95 -2.05 -65.97
N GLY D 26 -8.74 -1.38 -65.14
CA GLY D 26 -9.74 -2.03 -64.32
C GLY D 26 -9.22 -2.45 -62.96
N GLY D 27 -10.13 -2.55 -62.00
CA GLY D 27 -9.79 -2.95 -60.66
C GLY D 27 -9.10 -1.86 -59.85
N THR D 28 -8.75 -2.23 -58.63
CA THR D 28 -8.08 -1.34 -57.68
C THR D 28 -6.58 -1.60 -57.75
N PHE D 29 -5.89 -0.76 -58.51
CA PHE D 29 -4.46 -0.93 -58.75
C PHE D 29 -3.69 -0.61 -57.47
N SER D 30 -2.42 -0.99 -57.45
CA SER D 30 -1.38 -0.83 -56.42
C SER D 30 -1.57 -1.84 -55.31
N SER D 31 -2.64 -2.63 -55.30
CA SER D 31 -2.70 -3.76 -54.39
C SER D 31 -2.26 -5.06 -55.04
N TYR D 32 -1.91 -5.05 -56.32
CA TYR D 32 -1.62 -6.28 -57.03
C TYR D 32 -0.16 -6.65 -56.85
N ALA D 33 0.12 -7.94 -56.74
CA ALA D 33 1.50 -8.44 -56.71
C ALA D 33 2.05 -8.60 -58.12
N ILE D 34 2.37 -7.44 -58.74
CA ILE D 34 2.88 -7.43 -60.11
C ILE D 34 4.20 -8.19 -60.16
N SER D 35 4.30 -9.13 -61.09
CA SER D 35 5.46 -10.00 -61.23
C SER D 35 5.97 -9.98 -62.66
N TRP D 36 7.27 -10.19 -62.81
CA TRP D 36 7.92 -10.25 -64.13
C TRP D 36 8.53 -11.64 -64.29
N VAL D 37 8.19 -12.32 -65.38
CA VAL D 37 8.66 -13.67 -65.67
C VAL D 37 9.07 -13.75 -67.13
N ARG D 38 9.84 -14.79 -67.45
CA ARG D 38 10.29 -15.02 -68.82
C ARG D 38 10.42 -16.52 -69.07
N GLN D 39 10.42 -16.88 -70.35
CA GLN D 39 10.64 -18.27 -70.76
C GLN D 39 11.48 -18.27 -72.02
N ALA D 40 12.61 -18.98 -71.97
CA ALA D 40 13.45 -19.13 -73.14
C ALA D 40 12.75 -20.02 -74.17
N PRO D 41 13.00 -19.81 -75.46
CA PRO D 41 12.38 -20.66 -76.49
C PRO D 41 12.81 -22.11 -76.33
N GLY D 42 11.83 -22.97 -76.04
CA GLY D 42 12.08 -24.37 -75.79
C GLY D 42 12.51 -24.72 -74.38
N GLN D 43 12.42 -23.77 -73.44
CA GLN D 43 12.83 -23.98 -72.06
C GLN D 43 11.73 -23.50 -71.11
N GLY D 44 11.79 -24.00 -69.87
CA GLY D 44 10.79 -23.65 -68.89
C GLY D 44 10.92 -22.21 -68.42
N LEU D 45 9.85 -21.72 -67.79
CA LEU D 45 9.81 -20.33 -67.33
C LEU D 45 10.88 -20.04 -66.27
N GLU D 46 11.44 -18.83 -66.32
CA GLU D 46 12.40 -18.41 -65.32
C GLU D 46 11.96 -17.08 -64.72
N TRP D 47 11.95 -17.00 -63.39
CA TRP D 47 11.59 -15.76 -62.73
C TRP D 47 12.76 -14.76 -62.82
N MET D 48 12.43 -13.49 -62.77
CA MET D 48 13.40 -12.41 -62.67
C MET D 48 13.12 -11.40 -61.57
N GLY D 49 11.86 -11.08 -61.29
CA GLY D 49 11.56 -10.11 -60.26
C GLY D 49 10.07 -9.90 -60.10
N GLY D 50 9.73 -9.05 -59.13
CA GLY D 50 8.35 -8.72 -58.82
C GLY D 50 8.32 -7.44 -58.01
N ILE D 51 7.12 -6.84 -57.92
CA ILE D 51 6.99 -5.56 -57.25
C ILE D 51 5.54 -5.39 -56.81
N ILE D 52 5.36 -4.82 -55.62
CA ILE D 52 4.06 -4.41 -55.11
C ILE D 52 4.05 -2.88 -55.11
N PRO D 53 3.22 -2.24 -55.96
CA PRO D 53 3.31 -0.78 -56.13
C PRO D 53 3.09 0.03 -54.86
N ILE D 54 2.18 -0.42 -53.98
CA ILE D 54 1.88 0.38 -52.78
C ILE D 54 3.09 0.39 -51.84
N PHE D 55 3.83 -0.71 -51.76
CA PHE D 55 5.00 -0.76 -50.89
C PHE D 55 6.23 -0.11 -51.52
N GLY D 56 6.22 0.15 -52.83
CA GLY D 56 7.29 0.85 -53.51
C GLY D 56 8.63 0.13 -53.49
N THR D 57 8.62 -1.15 -53.15
CA THR D 57 9.84 -1.94 -53.09
C THR D 57 9.82 -3.02 -54.17
N ALA D 58 11.01 -3.32 -54.69
CA ALA D 58 11.17 -4.26 -55.80
C ALA D 58 12.11 -5.39 -55.37
N ASN D 59 11.75 -6.61 -55.75
CA ASN D 59 12.54 -7.79 -55.45
C ASN D 59 13.05 -8.36 -56.77
N TYR D 60 14.26 -8.92 -56.75
CA TYR D 60 14.89 -9.46 -57.96
C TYR D 60 15.50 -10.82 -57.67
N ALA D 61 15.65 -11.63 -58.72
CA ALA D 61 16.31 -12.91 -58.57
C ALA D 61 17.82 -12.72 -58.54
N GLN D 62 18.49 -13.72 -57.97
CA GLN D 62 19.95 -13.67 -57.83
C GLN D 62 20.64 -13.66 -59.19
N LYS D 63 20.08 -14.39 -60.17
CA LYS D 63 20.64 -14.42 -61.51
C LYS D 63 20.58 -13.05 -62.16
N PHE D 64 19.56 -12.26 -61.83
CA PHE D 64 19.33 -10.96 -62.44
C PHE D 64 19.51 -9.78 -61.49
N GLN D 65 19.94 -10.01 -60.24
CA GLN D 65 20.15 -8.91 -59.30
C GLN D 65 21.34 -8.06 -59.73
N GLY D 66 21.15 -6.75 -59.73
CA GLY D 66 22.13 -5.80 -60.21
C GLY D 66 22.07 -5.55 -61.70
N ARG D 67 21.19 -6.25 -62.43
CA ARG D 67 21.04 -6.07 -63.86
C ARG D 67 19.62 -5.72 -64.28
N VAL D 68 18.63 -5.96 -63.43
CA VAL D 68 17.22 -5.70 -63.73
C VAL D 68 16.71 -4.62 -62.78
N THR D 69 16.11 -3.57 -63.33
CA THR D 69 15.50 -2.50 -62.55
C THR D 69 14.00 -2.48 -62.82
N ILE D 70 13.20 -2.58 -61.77
CA ILE D 70 11.74 -2.64 -61.87
C ILE D 70 11.15 -1.51 -61.03
N THR D 71 10.23 -0.76 -61.63
CA THR D 71 9.54 0.32 -60.94
C THR D 71 8.06 0.29 -61.28
N ALA D 72 7.24 0.81 -60.38
CA ALA D 72 5.80 0.87 -60.57
C ALA D 72 5.34 2.31 -60.46
N ASP D 73 4.70 2.82 -61.51
CA ASP D 73 4.22 4.20 -61.56
C ASP D 73 2.74 4.18 -61.17
N GLU D 74 2.46 4.58 -59.93
CA GLU D 74 1.09 4.55 -59.42
C GLU D 74 0.20 5.57 -60.12
N SER D 75 0.77 6.70 -60.56
CA SER D 75 -0.03 7.76 -61.18
C SER D 75 -0.69 7.30 -62.47
N THR D 76 0.04 6.58 -63.31
CA THR D 76 -0.52 6.08 -64.56
C THR D 76 -1.08 4.68 -64.43
N SER D 77 -1.02 4.09 -63.22
CA SER D 77 -1.44 2.72 -62.96
C SER D 77 -0.71 1.76 -63.90
N THR D 78 0.61 1.95 -63.98
CA THR D 78 1.45 1.19 -64.88
C THR D 78 2.64 0.62 -64.09
N ALA D 79 3.25 -0.44 -64.62
CA ALA D 79 4.47 -1.02 -64.07
C ALA D 79 5.56 -1.09 -65.13
N TYR D 80 6.74 -0.58 -64.81
CA TYR D 80 7.86 -0.50 -65.73
C TYR D 80 9.02 -1.38 -65.31
N MET D 81 9.74 -1.87 -66.31
CA MET D 81 10.94 -2.68 -66.14
C MET D 81 12.07 -2.12 -66.99
N GLU D 82 13.29 -2.12 -66.45
CA GLU D 82 14.46 -1.73 -67.20
C GLU D 82 15.48 -2.86 -67.07
N LEU D 83 15.87 -3.45 -68.20
CA LEU D 83 16.86 -4.52 -68.23
C LEU D 83 18.05 -4.09 -69.08
N SER D 84 19.25 -4.18 -68.52
CA SER D 84 20.47 -3.77 -69.19
C SER D 84 21.40 -4.96 -69.37
N SER D 85 22.48 -4.72 -70.12
CA SER D 85 23.53 -5.70 -70.43
C SER D 85 22.97 -6.98 -71.06
N LEU D 86 22.12 -6.82 -72.06
CA LEU D 86 21.55 -7.96 -72.77
C LEU D 86 22.64 -8.76 -73.47
N ARG D 87 22.49 -10.07 -73.45
CA ARG D 87 23.42 -11.03 -74.06
C ARG D 87 22.66 -11.89 -75.05
N SER D 88 23.38 -12.85 -75.65
CA SER D 88 22.77 -13.73 -76.63
C SER D 88 21.69 -14.61 -76.00
N GLU D 89 21.95 -15.14 -74.81
CA GLU D 89 21.00 -16.05 -74.17
C GLU D 89 19.78 -15.30 -73.63
N ASP D 90 19.87 -13.98 -73.45
CA ASP D 90 18.80 -13.23 -72.81
C ASP D 90 17.57 -13.03 -73.69
N THR D 91 17.64 -13.35 -74.98
CA THR D 91 16.48 -13.15 -75.85
C THR D 91 15.40 -14.18 -75.53
N ALA D 92 14.17 -13.69 -75.33
CA ALA D 92 13.01 -14.50 -74.99
C ALA D 92 11.78 -13.60 -74.98
N VAL D 93 10.62 -14.24 -74.86
CA VAL D 93 9.36 -13.52 -74.67
C VAL D 93 9.22 -13.16 -73.21
N TYR D 94 8.69 -11.96 -72.94
CA TYR D 94 8.63 -11.41 -71.59
C TYR D 94 7.17 -11.17 -71.23
N TYR D 95 6.79 -11.61 -70.03
CA TYR D 95 5.40 -11.60 -69.58
C TYR D 95 5.27 -10.73 -68.33
N CYS D 96 4.21 -9.94 -68.26
CA CYS D 96 3.87 -9.17 -67.07
C CYS D 96 2.67 -9.81 -66.40
N ALA D 97 2.84 -10.26 -65.15
CA ALA D 97 1.83 -11.07 -64.47
C ALA D 97 1.49 -10.49 -63.11
N ARG D 98 0.20 -10.56 -62.77
CA ARG D 98 -0.41 -10.02 -61.56
C ARG D 98 -1.01 -11.12 -60.69
N ARG D 99 -1.37 -10.73 -59.47
CA ARG D 99 -2.00 -11.62 -58.49
C ARG D 99 -3.05 -10.84 -57.70
N GLU D 100 -4.24 -11.42 -57.54
CA GLU D 100 -5.23 -10.84 -56.64
C GLU D 100 -4.73 -10.80 -55.22
N ALA D 101 -5.15 -9.77 -54.49
CA ALA D 101 -4.81 -9.59 -53.10
C ALA D 101 -6.04 -9.70 -52.21
N TYR D 102 -5.84 -10.33 -51.06
CA TYR D 102 -6.85 -10.43 -50.02
C TYR D 102 -6.15 -10.40 -48.67
N GLY D 103 -6.90 -10.02 -47.65
CA GLY D 103 -6.34 -9.96 -46.32
C GLY D 103 -5.70 -8.66 -45.88
N PRO D 104 -4.79 -8.77 -44.90
CA PRO D 104 -4.17 -7.56 -44.32
C PRO D 104 -3.35 -6.74 -45.29
N ARG D 105 -2.91 -7.32 -46.42
CA ARG D 105 -2.17 -6.69 -47.52
C ARG D 105 -0.72 -6.38 -47.14
N ASP D 106 -0.37 -6.46 -45.85
CA ASP D 106 1.03 -6.40 -45.44
C ASP D 106 1.69 -7.76 -45.34
N TYR D 107 0.91 -8.84 -45.33
CA TYR D 107 1.38 -10.21 -45.18
C TYR D 107 0.82 -11.03 -46.33
N TYR D 108 1.62 -11.94 -46.86
CA TYR D 108 1.30 -12.55 -48.14
C TYR D 108 0.06 -13.42 -48.04
N TYR D 109 -1.08 -12.93 -48.55
CA TYR D 109 -2.26 -13.74 -48.81
C TYR D 109 -2.75 -13.31 -50.19
N TYR D 110 -2.39 -14.09 -51.21
CA TYR D 110 -2.65 -13.78 -52.61
C TYR D 110 -3.20 -14.99 -53.36
N TYR D 111 -4.00 -14.70 -54.38
CA TYR D 111 -4.52 -15.70 -55.31
C TYR D 111 -3.49 -16.04 -56.37
N GLY D 112 -3.91 -16.79 -57.39
CA GLY D 112 -3.05 -17.14 -58.50
C GLY D 112 -2.93 -16.05 -59.55
N MET D 113 -2.00 -16.29 -60.48
CA MET D 113 -1.76 -15.40 -61.62
C MET D 113 -2.82 -15.61 -62.70
N ASP D 114 -4.03 -15.14 -62.41
CA ASP D 114 -5.19 -15.42 -63.25
C ASP D 114 -5.00 -14.66 -64.56
N VAL D 115 -4.54 -13.42 -64.49
CA VAL D 115 -4.29 -12.60 -65.67
C VAL D 115 -2.85 -12.31 -66.09
N TRP D 116 -2.55 -12.46 -67.39
CA TRP D 116 -1.19 -12.42 -67.91
C TRP D 116 -1.11 -11.37 -69.02
N GLY D 117 0.12 -10.99 -69.40
CA GLY D 117 0.31 -10.15 -70.57
C GLY D 117 0.31 -10.94 -71.87
N GLN D 118 0.33 -10.21 -72.98
CA GLN D 118 0.29 -10.77 -74.33
C GLN D 118 1.67 -11.09 -74.90
N GLY D 119 2.73 -10.88 -74.13
CA GLY D 119 4.09 -11.10 -74.58
C GLY D 119 4.80 -9.81 -74.93
N THR D 120 6.11 -9.93 -75.10
CA THR D 120 6.99 -8.82 -75.40
C THR D 120 8.18 -9.28 -76.24
N SER E 2 18.16 -28.69 -55.68
CA SER E 2 17.33 -29.06 -56.84
C SER E 2 16.10 -28.18 -56.92
N ALA E 3 15.66 -27.67 -55.75
CA ALA E 3 14.51 -26.78 -55.60
C ALA E 3 13.28 -27.50 -56.14
N LEU E 4 12.56 -26.94 -57.11
CA LEU E 4 11.36 -27.60 -57.64
C LEU E 4 11.77 -28.64 -58.67
N THR E 5 11.53 -29.90 -58.36
CA THR E 5 11.84 -31.00 -59.25
C THR E 5 10.56 -31.47 -59.94
N GLN E 6 10.58 -31.51 -61.26
CA GLN E 6 9.40 -31.84 -62.03
C GLN E 6 9.83 -32.69 -63.22
N PRO E 7 9.10 -33.77 -63.51
CA PRO E 7 9.51 -34.66 -64.60
C PRO E 7 9.49 -33.93 -65.93
N PRO E 8 10.40 -34.29 -66.84
CA PRO E 8 10.45 -33.60 -68.15
C PRO E 8 9.19 -33.80 -68.99
N SER E 9 8.78 -35.04 -69.21
CA SER E 9 7.62 -35.31 -70.05
C SER E 9 6.98 -36.63 -69.63
N ALA E 10 5.66 -36.69 -69.81
CA ALA E 10 4.90 -37.93 -69.54
C ALA E 10 3.88 -38.06 -70.67
N SER E 11 3.28 -39.23 -70.87
CA SER E 11 2.23 -39.35 -71.93
C SER E 11 1.08 -40.25 -71.44
N ALA E 12 -0.15 -39.75 -71.44
CA ALA E 12 -1.30 -40.54 -70.94
C ALA E 12 -2.35 -40.71 -72.04
N SER E 13 -3.11 -41.80 -72.00
CA SER E 13 -4.11 -42.07 -73.07
C SER E 13 -5.41 -41.32 -72.80
N LEU E 14 -6.34 -41.31 -73.75
CA LEU E 14 -7.58 -40.50 -73.60
C LEU E 14 -8.50 -41.10 -72.54
N GLY E 15 -9.12 -40.26 -71.71
CA GLY E 15 -10.09 -40.73 -70.70
C GLY E 15 -9.43 -41.37 -69.50
N ALA E 16 -8.13 -41.14 -69.30
CA ALA E 16 -7.41 -41.80 -68.22
C ALA E 16 -7.01 -40.75 -67.18
N SER E 17 -6.32 -41.22 -66.13
CA SER E 17 -5.86 -40.36 -65.05
C SER E 17 -4.37 -40.10 -65.19
N VAL E 18 -3.98 -38.83 -65.21
CA VAL E 18 -2.58 -38.42 -65.33
CA VAL E 18 -2.58 -38.42 -65.33
C VAL E 18 -2.24 -37.62 -64.09
N THR E 19 -1.63 -38.26 -63.10
CA THR E 19 -1.20 -37.58 -61.88
C THR E 19 0.20 -37.03 -62.10
N LEU E 20 0.34 -35.71 -62.01
CA LEU E 20 1.59 -35.04 -62.26
C LEU E 20 2.18 -34.59 -60.93
N THR E 21 3.43 -34.98 -60.68
CA THR E 21 4.08 -34.74 -59.40
C THR E 21 5.03 -33.56 -59.53
N CYS E 22 4.75 -32.50 -58.78
CA CYS E 22 5.66 -31.37 -58.64
C CYS E 22 6.15 -31.37 -57.20
N THR E 23 7.38 -31.85 -56.98
CA THR E 23 7.88 -32.05 -55.63
C THR E 23 8.44 -30.75 -55.07
N LEU E 24 8.33 -30.60 -53.77
CA LEU E 24 8.84 -29.43 -53.06
C LEU E 24 10.09 -29.84 -52.28
N SER E 25 11.16 -29.06 -52.44
CA SER E 25 12.40 -29.36 -51.75
C SER E 25 12.27 -29.08 -50.26
N SER E 26 13.22 -29.62 -49.49
CA SER E 26 13.20 -29.45 -48.03
C SER E 26 13.36 -27.99 -47.62
N GLY E 27 14.28 -27.27 -48.26
CA GLY E 27 14.44 -25.86 -47.96
C GLY E 27 13.24 -25.02 -48.36
N TYR E 28 12.59 -25.39 -49.47
CA TYR E 28 11.43 -24.69 -50.01
C TYR E 28 10.12 -25.37 -49.61
N SER E 29 10.08 -25.99 -48.42
CA SER E 29 8.99 -26.90 -48.06
C SER E 29 7.65 -26.19 -47.89
N ASN E 30 7.60 -25.13 -47.10
CA ASN E 30 6.32 -24.48 -46.77
C ASN E 30 6.08 -23.27 -47.68
N TYR E 31 5.95 -23.55 -48.97
CA TYR E 31 5.71 -22.53 -49.96
C TYR E 31 4.43 -22.83 -50.75
N LYS E 32 3.74 -21.76 -51.12
CA LYS E 32 2.56 -21.89 -51.98
C LYS E 32 2.99 -22.42 -53.34
N VAL E 33 2.14 -23.25 -53.92
CA VAL E 33 2.40 -23.91 -55.20
C VAL E 33 1.29 -23.54 -56.17
N ASP E 34 1.68 -23.16 -57.38
CA ASP E 34 0.73 -22.78 -58.42
C ASP E 34 0.82 -23.78 -59.57
N TRP E 35 -0.18 -23.73 -60.45
CA TRP E 35 -0.21 -24.58 -61.63
C TRP E 35 -0.70 -23.77 -62.81
N TYR E 36 -0.03 -23.91 -63.95
CA TYR E 36 -0.36 -23.12 -65.13
C TYR E 36 -0.43 -24.00 -66.35
N GLN E 37 -1.26 -23.61 -67.32
CA GLN E 37 -1.39 -24.29 -68.60
C GLN E 37 -0.90 -23.39 -69.71
N GLN E 38 0.04 -23.88 -70.51
CA GLN E 38 0.61 -23.12 -71.62
C GLN E 38 0.31 -23.82 -72.92
N ARG E 39 -0.58 -23.24 -73.72
CA ARG E 39 -0.80 -23.76 -75.07
C ARG E 39 0.44 -23.52 -75.92
N PRO E 40 0.70 -24.38 -76.91
CA PRO E 40 1.91 -24.21 -77.75
C PRO E 40 1.90 -22.88 -78.51
N GLY E 41 2.85 -22.03 -78.17
CA GLY E 41 3.00 -20.73 -78.79
C GLY E 41 2.20 -19.62 -78.16
N LYS E 42 1.39 -19.92 -77.15
CA LYS E 42 0.58 -18.91 -76.48
C LYS E 42 1.03 -18.77 -75.04
N GLY E 43 0.60 -17.69 -74.39
CA GLY E 43 0.93 -17.42 -73.02
C GLY E 43 0.29 -18.37 -72.03
N PRO E 44 1.05 -18.78 -71.01
CA PRO E 44 0.48 -19.65 -69.98
C PRO E 44 -0.64 -18.96 -69.21
N ARG E 45 -1.61 -19.77 -68.77
CA ARG E 45 -2.75 -19.25 -68.04
C ARG E 45 -2.91 -20.07 -66.77
N PHE E 46 -3.50 -19.42 -65.76
CA PHE E 46 -3.64 -20.03 -64.44
C PHE E 46 -4.64 -21.18 -64.46
N VAL E 47 -4.28 -22.28 -63.79
CA VAL E 47 -5.18 -23.42 -63.72
C VAL E 47 -5.79 -23.55 -62.33
N MET E 48 -4.94 -23.86 -61.35
CA MET E 48 -5.34 -24.02 -59.96
C MET E 48 -4.13 -23.70 -59.09
N ARG E 49 -4.40 -23.34 -57.85
CA ARG E 49 -3.36 -23.03 -56.90
C ARG E 49 -3.58 -23.87 -55.64
N VAL E 50 -2.54 -24.55 -55.19
CA VAL E 50 -2.61 -25.42 -54.02
C VAL E 50 -1.69 -24.89 -52.94
N GLY E 51 -2.22 -24.74 -51.74
CA GLY E 51 -1.43 -24.35 -50.59
C GLY E 51 -1.11 -25.56 -49.73
N THR E 52 -0.20 -25.34 -48.78
CA THR E 52 0.20 -26.39 -47.86
C THR E 52 -0.93 -26.79 -46.90
N GLY E 53 -1.96 -25.95 -46.76
CA GLY E 53 -3.09 -26.24 -45.91
C GLY E 53 -4.31 -26.67 -46.70
N GLY E 54 -4.29 -26.45 -48.01
CA GLY E 54 -5.42 -26.82 -48.83
C GLY E 54 -5.38 -26.34 -50.26
N ILE E 55 -6.53 -25.91 -50.78
CA ILE E 55 -6.68 -25.47 -52.17
C ILE E 55 -6.99 -23.98 -52.13
N VAL E 56 -6.31 -23.20 -52.98
CA VAL E 56 -6.60 -21.77 -52.99
C VAL E 56 -8.03 -21.50 -53.50
N GLY E 57 -8.45 -22.20 -54.53
CA GLY E 57 -9.80 -22.05 -55.05
C GLY E 57 -9.88 -21.06 -56.20
N SER E 58 -10.36 -21.52 -57.35
CA SER E 58 -10.48 -20.65 -58.52
C SER E 58 -11.49 -21.25 -59.48
N LYS E 59 -11.99 -20.40 -60.38
CA LYS E 59 -12.92 -20.81 -61.40
C LYS E 59 -12.93 -19.73 -62.49
N GLY E 60 -13.47 -20.10 -63.65
CA GLY E 60 -13.60 -19.17 -64.76
C GLY E 60 -12.29 -18.62 -65.29
N ASP E 61 -11.29 -19.48 -65.44
CA ASP E 61 -10.00 -19.06 -65.99
C ASP E 61 -9.64 -19.86 -67.24
N GLY E 62 -10.65 -20.22 -68.04
CA GLY E 62 -10.42 -21.04 -69.21
C GLY E 62 -9.91 -22.42 -68.89
N ILE E 63 -10.34 -22.99 -67.78
CA ILE E 63 -9.89 -24.29 -67.29
C ILE E 63 -11.10 -25.21 -67.24
N PRO E 64 -11.03 -26.41 -67.81
CA PRO E 64 -12.17 -27.33 -67.72
C PRO E 64 -12.40 -27.79 -66.29
N ASP E 65 -13.65 -28.16 -66.00
CA ASP E 65 -14.04 -28.61 -64.67
C ASP E 65 -13.31 -29.89 -64.28
N ARG E 66 -12.91 -30.70 -65.27
CA ARG E 66 -12.26 -31.99 -65.01
C ARG E 66 -10.96 -31.85 -64.22
N PHE E 67 -10.25 -30.73 -64.37
CA PHE E 67 -8.94 -30.56 -63.73
C PHE E 67 -9.11 -30.46 -62.22
N SER E 68 -8.19 -31.09 -61.49
CA SER E 68 -8.18 -31.02 -60.04
C SER E 68 -6.75 -31.14 -59.54
N VAL E 69 -6.52 -30.63 -58.33
CA VAL E 69 -5.20 -30.61 -57.73
C VAL E 69 -5.30 -31.04 -56.26
N LEU E 70 -4.33 -31.83 -55.82
CA LEU E 70 -4.26 -32.28 -54.43
C LEU E 70 -2.82 -32.13 -53.93
N GLY E 71 -2.69 -31.79 -52.66
CA GLY E 71 -1.37 -31.63 -52.06
C GLY E 71 -1.19 -32.49 -50.82
N SER E 72 -0.29 -33.46 -50.89
CA SER E 72 -0.01 -34.37 -49.79
C SER E 72 1.47 -34.31 -49.46
N GLY E 73 1.78 -33.98 -48.21
CA GLY E 73 3.18 -33.90 -47.79
C GLY E 73 3.94 -32.85 -48.57
N LEU E 74 5.12 -33.21 -49.03
CA LEU E 74 5.97 -32.32 -49.81
C LEU E 74 5.76 -32.46 -51.32
N ASN E 75 4.80 -33.27 -51.75
CA ASN E 75 4.54 -33.49 -53.16
C ASN E 75 3.17 -32.93 -53.53
N ARG E 76 3.11 -32.15 -54.60
CA ARG E 76 1.86 -31.58 -55.08
C ARG E 76 1.43 -32.30 -56.35
N TYR E 77 0.21 -32.83 -56.35
CA TYR E 77 -0.30 -33.63 -57.44
C TYR E 77 -1.41 -32.89 -58.19
N LEU E 78 -1.28 -32.81 -59.50
CA LEU E 78 -2.35 -32.35 -60.38
C LEU E 78 -2.94 -33.54 -61.10
N THR E 79 -4.24 -33.76 -60.93
CA THR E 79 -4.93 -34.92 -61.46
C THR E 79 -5.86 -34.49 -62.58
N ILE E 80 -5.76 -35.17 -63.73
CA ILE E 80 -6.61 -34.94 -64.88
C ILE E 80 -7.44 -36.18 -65.13
N LYS E 81 -8.76 -36.02 -65.16
CA LYS E 81 -9.69 -37.09 -65.43
C LYS E 81 -10.47 -36.77 -66.70
N ASN E 82 -10.83 -37.81 -67.45
CA ASN E 82 -11.53 -37.68 -68.73
C ASN E 82 -10.79 -36.75 -69.69
N ILE E 83 -9.51 -37.05 -69.90
CA ILE E 83 -8.68 -36.22 -70.76
C ILE E 83 -9.07 -36.44 -72.22
N GLN E 84 -9.05 -35.35 -72.99
CA GLN E 84 -9.21 -35.37 -74.44
C GLN E 84 -8.04 -34.65 -75.11
N GLU E 85 -8.14 -34.41 -76.41
CA GLU E 85 -7.05 -33.83 -77.18
C GLU E 85 -6.86 -32.35 -76.92
N GLU E 86 -7.75 -31.71 -76.17
CA GLU E 86 -7.58 -30.30 -75.82
C GLU E 86 -6.55 -30.08 -74.73
N ASP E 87 -6.16 -31.12 -73.99
CA ASP E 87 -5.26 -30.95 -72.86
C ASP E 87 -3.79 -31.02 -73.22
N GLU E 88 -3.44 -31.31 -74.49
CA GLU E 88 -2.03 -31.36 -74.87
C GLU E 88 -1.40 -29.98 -74.74
N SER E 89 -0.50 -29.80 -73.78
CA SER E 89 0.09 -28.50 -73.50
C SER E 89 1.29 -28.68 -72.58
N ASP E 90 1.90 -27.56 -72.22
CA ASP E 90 3.03 -27.52 -71.27
C ASP E 90 2.50 -26.96 -69.96
N TYR E 91 2.71 -27.71 -68.87
CA TYR E 91 2.24 -27.32 -67.54
C TYR E 91 3.41 -26.99 -66.64
N HIS E 92 3.32 -25.87 -65.92
CA HIS E 92 4.40 -25.40 -65.07
C HIS E 92 3.92 -25.17 -63.65
N CYS E 93 4.74 -25.57 -62.68
CA CYS E 93 4.48 -25.35 -61.27
C CYS E 93 5.56 -24.45 -60.68
N GLY E 94 5.13 -23.50 -59.84
CA GLY E 94 6.04 -22.53 -59.29
C GLY E 94 5.98 -22.46 -57.78
N ALA E 95 7.00 -21.83 -57.19
CA ALA E 95 7.06 -21.62 -55.75
C ALA E 95 6.79 -20.16 -55.48
N ASP E 96 6.72 -19.79 -54.20
CA ASP E 96 6.34 -18.41 -53.89
C ASP E 96 6.61 -18.24 -52.39
N GLN E 97 6.69 -16.98 -51.95
CA GLN E 97 6.85 -16.63 -50.53
C GLN E 97 6.49 -15.16 -50.35
N GLY E 98 6.58 -14.66 -49.12
CA GLY E 98 6.00 -13.34 -48.92
C GLY E 98 6.35 -12.52 -47.68
N SER E 99 5.32 -11.96 -47.05
CA SER E 99 5.42 -11.00 -45.93
C SER E 99 6.06 -9.67 -46.38
N GLY E 100 5.50 -9.07 -47.43
CA GLY E 100 5.94 -7.81 -47.95
C GLY E 100 6.97 -7.67 -49.05
N SER E 101 7.84 -8.67 -49.20
CA SER E 101 8.70 -8.72 -50.41
C SER E 101 8.29 -10.04 -51.06
N ASN E 102 7.96 -10.05 -52.35
CA ASN E 102 7.32 -11.25 -52.96
C ASN E 102 8.28 -12.43 -53.06
N PHE E 103 9.55 -12.24 -52.71
CA PHE E 103 10.56 -13.31 -52.88
C PHE E 103 10.66 -13.71 -54.33
N VAL E 104 10.73 -15.00 -54.60
CA VAL E 104 10.88 -15.51 -55.97
C VAL E 104 10.06 -16.74 -56.25
N GLY E 105 9.85 -17.08 -57.51
CA GLY E 105 9.13 -18.33 -57.81
C GLY E 105 10.14 -19.20 -58.53
N VAL E 106 10.45 -20.36 -57.97
CA VAL E 106 11.34 -21.27 -58.73
C VAL E 106 10.43 -22.11 -59.61
N PHE E 107 10.52 -21.93 -60.93
CA PHE E 107 9.64 -22.68 -61.86
C PHE E 107 10.36 -23.97 -62.25
N GLY E 108 9.66 -25.10 -62.19
CA GLY E 108 10.22 -26.36 -62.59
C GLY E 108 10.43 -26.43 -64.09
N GLY E 109 10.96 -27.57 -64.53
CA GLY E 109 11.23 -27.78 -65.93
C GLY E 109 9.99 -27.78 -66.79
N GLY E 110 8.87 -28.25 -66.25
CA GLY E 110 7.63 -28.34 -66.98
C GLY E 110 7.40 -29.75 -67.53
N THR E 111 6.13 -30.02 -67.84
CA THR E 111 5.71 -31.32 -68.33
C THR E 111 5.06 -31.20 -69.71
N LYS E 112 5.53 -32.00 -70.65
CA LYS E 112 4.99 -32.06 -72.01
C LYS E 112 4.11 -33.29 -72.13
N LEU E 113 2.80 -33.11 -71.88
CA LEU E 113 1.84 -34.23 -71.88
C LEU E 113 1.34 -34.49 -73.29
N THR E 114 2.10 -35.25 -74.10
CA THR E 114 1.63 -35.61 -75.45
C THR E 114 0.49 -36.62 -75.31
N VAL E 115 -0.74 -36.22 -75.65
CA VAL E 115 -1.90 -37.14 -75.46
C VAL E 115 -1.73 -38.37 -76.36
N GLN F 1 33.17 41.42 -44.23
CA GLN F 1 33.77 40.41 -43.36
C GLN F 1 33.71 39.03 -43.99
N VAL F 2 32.63 38.30 -43.71
CA VAL F 2 32.49 36.94 -44.23
C VAL F 2 32.19 36.99 -45.72
N GLN F 3 32.85 36.12 -46.48
CA GLN F 3 32.65 36.06 -47.92
C GLN F 3 33.02 34.67 -48.42
N LEU F 4 32.41 34.28 -49.53
CA LEU F 4 32.70 33.01 -50.18
C LEU F 4 33.18 33.26 -51.60
N VAL F 5 34.36 32.71 -51.91
CA VAL F 5 34.98 32.82 -53.22
C VAL F 5 35.35 31.42 -53.67
N GLN F 6 35.28 31.19 -54.97
CA GLN F 6 35.59 29.89 -55.53
C GLN F 6 36.69 30.03 -56.59
N SER F 7 36.94 28.93 -57.30
CA SER F 7 37.93 28.93 -58.36
C SER F 7 37.36 29.59 -59.61
N GLY F 8 38.22 29.74 -60.61
CA GLY F 8 37.82 30.41 -61.84
C GLY F 8 36.85 29.64 -62.71
N ALA F 9 36.79 30.01 -63.98
CA ALA F 9 35.93 29.35 -64.93
C ALA F 9 36.67 28.22 -65.64
N GLU F 10 35.97 27.11 -65.85
CA GLU F 10 36.51 25.97 -66.57
C GLU F 10 35.66 25.74 -67.79
N VAL F 11 36.31 25.25 -68.85
CA VAL F 11 35.64 24.81 -70.05
C VAL F 11 35.99 23.35 -70.26
N LYS F 12 34.98 22.52 -70.50
CA LYS F 12 35.17 21.08 -70.59
C LYS F 12 34.40 20.74 -71.85
N LYS F 13 34.93 19.77 -72.59
CA LYS F 13 34.16 19.21 -73.70
C LYS F 13 33.08 18.29 -73.15
N PRO F 14 31.94 18.14 -73.83
CA PRO F 14 30.88 17.25 -73.32
C PRO F 14 31.19 15.80 -73.00
N GLY F 15 30.54 15.30 -71.96
CA GLY F 15 30.76 13.96 -71.45
C GLY F 15 31.81 13.82 -70.37
N SER F 16 32.48 14.90 -69.99
CA SER F 16 33.52 14.87 -68.97
C SER F 16 32.92 15.17 -67.60
N SER F 17 33.78 15.39 -66.61
CA SER F 17 33.38 15.71 -65.24
C SER F 17 34.03 17.01 -64.80
N VAL F 18 33.28 17.86 -64.10
CA VAL F 18 33.76 19.16 -63.65
C VAL F 18 33.69 19.21 -62.13
N LYS F 19 34.77 19.68 -61.50
CA LYS F 19 34.84 19.84 -60.05
C LYS F 19 34.98 21.32 -59.72
N VAL F 20 34.07 21.84 -58.91
CA VAL F 20 34.03 23.25 -58.54
C VAL F 20 34.20 23.37 -57.04
N SER F 21 35.14 24.20 -56.61
CA SER F 21 35.42 24.45 -55.19
C SER F 21 34.58 25.60 -54.68
N CYS F 22 34.67 25.89 -53.38
CA CYS F 22 34.06 27.08 -52.79
C CYS F 22 34.77 27.35 -51.46
N LYS F 23 35.64 28.36 -51.42
CA LYS F 23 36.35 28.72 -50.21
C LYS F 23 35.52 29.63 -49.31
N ALA F 24 35.69 29.47 -48.00
CA ALA F 24 34.99 30.28 -47.01
C ALA F 24 36.01 30.96 -46.10
N SER F 25 35.91 32.29 -46.02
CA SER F 25 36.80 33.11 -45.21
C SER F 25 35.95 33.97 -44.29
N GLY F 26 36.23 33.90 -42.99
CA GLY F 26 35.49 34.66 -42.00
C GLY F 26 34.29 33.91 -41.45
N GLY F 27 33.90 34.27 -40.23
CA GLY F 27 32.77 33.65 -39.57
C GLY F 27 33.05 32.26 -39.05
N THR F 28 32.00 31.67 -38.48
CA THR F 28 32.06 30.33 -37.91
C THR F 28 31.53 29.33 -38.94
N PHE F 29 32.45 28.69 -39.65
CA PHE F 29 32.11 27.80 -40.73
C PHE F 29 31.49 26.52 -40.15
N SER F 30 30.88 25.72 -41.02
CA SER F 30 30.20 24.44 -40.84
C SER F 30 28.83 24.63 -40.23
N SER F 31 28.44 25.83 -39.84
CA SER F 31 27.06 26.08 -39.50
C SER F 31 26.24 26.65 -40.65
N TYR F 32 26.87 26.90 -41.79
CA TYR F 32 26.19 27.58 -42.87
C TYR F 32 25.46 26.57 -43.75
N ALA F 33 24.29 26.96 -44.25
CA ALA F 33 23.54 26.13 -45.21
C ALA F 33 24.06 26.36 -46.62
N ILE F 34 25.26 25.80 -46.90
CA ILE F 34 25.88 25.96 -48.21
C ILE F 34 25.00 25.35 -49.28
N SER F 35 24.72 26.12 -50.33
CA SER F 35 23.81 25.72 -51.39
C SER F 35 24.49 25.90 -52.75
N TRP F 36 24.10 25.08 -53.70
CA TRP F 36 24.60 25.15 -55.07
C TRP F 36 23.44 25.44 -56.01
N VAL F 37 23.57 26.49 -56.83
CA VAL F 37 22.53 26.92 -57.75
C VAL F 37 23.15 27.24 -59.09
N ARG F 38 22.31 27.29 -60.12
CA ARG F 38 22.76 27.62 -61.46
C ARG F 38 21.66 28.36 -62.21
N GLN F 39 22.05 29.07 -63.26
CA GLN F 39 21.12 29.76 -64.14
C GLN F 39 21.60 29.64 -65.57
N ALA F 40 20.74 29.10 -66.43
CA ALA F 40 21.06 29.01 -67.85
C ALA F 40 21.05 30.41 -68.47
N PRO F 41 21.87 30.64 -69.49
CA PRO F 41 21.88 31.96 -70.15
C PRO F 41 20.53 32.29 -70.77
N GLY F 42 19.91 33.34 -70.23
CA GLY F 42 18.59 33.75 -70.65
C GLY F 42 17.44 33.02 -69.98
N GLN F 43 17.72 32.24 -68.94
CA GLN F 43 16.71 31.46 -68.23
C GLN F 43 16.83 31.68 -66.72
N GLY F 44 15.74 31.38 -66.01
CA GLY F 44 15.73 31.56 -64.58
C GLY F 44 16.60 30.56 -63.86
N LEU F 45 16.90 30.86 -62.58
CA LEU F 45 17.79 30.03 -61.79
C LEU F 45 17.19 28.65 -61.56
N GLU F 46 18.06 27.62 -61.54
CA GLU F 46 17.63 26.27 -61.24
C GLU F 46 18.47 25.69 -60.12
N TRP F 47 17.82 25.13 -59.11
CA TRP F 47 18.55 24.50 -58.01
C TRP F 47 19.09 23.15 -58.47
N MET F 48 20.15 22.70 -57.82
CA MET F 48 20.70 21.36 -57.97
C MET F 48 21.04 20.65 -56.66
N GLY F 49 21.44 21.37 -55.62
CA GLY F 49 21.77 20.71 -54.36
C GLY F 49 22.20 21.69 -53.29
N GLY F 50 22.43 21.14 -52.10
CA GLY F 50 22.87 21.89 -50.95
C GLY F 50 23.47 20.96 -49.92
N ILE F 51 24.17 21.53 -48.96
CA ILE F 51 24.87 20.72 -47.97
C ILE F 51 25.11 21.57 -46.72
N ILE F 52 24.96 20.94 -45.56
CA ILE F 52 25.33 21.52 -44.27
C ILE F 52 26.57 20.76 -43.78
N PRO F 53 27.73 21.42 -43.70
CA PRO F 53 28.98 20.69 -43.41
C PRO F 53 28.99 19.95 -42.09
N ILE F 54 28.38 20.51 -41.04
CA ILE F 54 28.43 19.85 -39.74
C ILE F 54 27.65 18.55 -39.75
N PHE F 55 26.54 18.48 -40.50
CA PHE F 55 25.76 17.26 -40.59
C PHE F 55 26.34 16.25 -41.56
N GLY F 56 27.26 16.67 -42.43
CA GLY F 56 27.94 15.78 -43.35
C GLY F 56 27.03 15.10 -44.36
N THR F 57 25.81 15.60 -44.53
CA THR F 57 24.86 15.04 -45.47
C THR F 57 24.58 16.03 -46.60
N ALA F 58 24.35 15.49 -47.78
CA ALA F 58 24.15 16.28 -48.99
C ALA F 58 22.80 15.95 -49.61
N ASN F 59 22.10 16.98 -50.06
CA ASN F 59 20.80 16.85 -50.70
C ASN F 59 20.93 17.28 -52.15
N TYR F 60 20.19 16.62 -53.04
CA TYR F 60 20.26 16.90 -54.47
C TYR F 60 18.87 16.99 -55.07
N ALA F 61 18.76 17.72 -56.18
CA ALA F 61 17.49 17.79 -56.88
C ALA F 61 17.26 16.52 -57.70
N GLN F 62 15.99 16.27 -57.99
CA GLN F 62 15.62 15.08 -58.76
C GLN F 62 16.19 15.10 -60.17
N LYS F 63 16.27 16.29 -60.78
CA LYS F 63 16.84 16.43 -62.12
C LYS F 63 18.31 16.05 -62.12
N PHE F 64 19.01 16.30 -61.01
CA PHE F 64 20.45 16.08 -60.90
C PHE F 64 20.85 14.96 -59.93
N GLN F 65 19.87 14.24 -59.35
CA GLN F 65 20.20 13.16 -58.43
C GLN F 65 20.84 12.00 -59.20
N GLY F 66 21.94 11.49 -58.66
CA GLY F 66 22.74 10.46 -59.31
C GLY F 66 23.77 10.99 -60.27
N ARG F 67 23.80 12.30 -60.50
CA ARG F 67 24.76 12.92 -61.41
C ARG F 67 25.60 14.01 -60.75
N VAL F 68 25.17 14.53 -59.60
CA VAL F 68 25.89 15.60 -58.90
C VAL F 68 26.35 15.07 -57.56
N THR F 69 27.64 15.23 -57.26
CA THR F 69 28.22 14.84 -55.98
C THR F 69 28.74 16.10 -55.28
N ILE F 70 28.27 16.33 -54.05
CA ILE F 70 28.62 17.51 -53.28
C ILE F 70 29.22 17.07 -51.95
N THR F 71 30.38 17.63 -51.59
CA THR F 71 31.02 17.34 -50.32
C THR F 71 31.53 18.64 -49.70
N ALA F 72 31.66 18.64 -48.37
CA ALA F 72 32.15 19.79 -47.64
C ALA F 72 33.36 19.38 -46.81
N ASP F 73 34.48 20.04 -47.04
CA ASP F 73 35.73 19.74 -46.34
C ASP F 73 35.87 20.72 -45.19
N GLU F 74 35.57 20.24 -43.98
CA GLU F 74 35.60 21.10 -42.80
C GLU F 74 37.00 21.55 -42.44
N SER F 75 38.02 20.74 -42.75
CA SER F 75 39.40 21.07 -42.39
C SER F 75 39.88 22.33 -43.08
N THR F 76 39.58 22.48 -44.37
CA THR F 76 39.99 23.65 -45.11
C THR F 76 38.92 24.73 -45.12
N SER F 77 37.78 24.48 -44.47
CA SER F 77 36.62 25.38 -44.45
C SER F 77 36.20 25.67 -45.89
N THR F 78 36.08 24.61 -46.68
CA THR F 78 35.76 24.71 -48.09
C THR F 78 34.60 23.76 -48.41
N ALA F 79 33.88 24.04 -49.50
CA ALA F 79 32.83 23.17 -50.01
C ALA F 79 33.09 22.81 -51.46
N TYR F 80 33.05 21.52 -51.77
CA TYR F 80 33.36 20.99 -53.10
C TYR F 80 32.15 20.39 -53.80
N MET F 81 32.16 20.52 -55.12
CA MET F 81 31.15 19.95 -55.99
C MET F 81 31.78 19.12 -57.10
N GLU F 82 31.17 17.97 -57.40
CA GLU F 82 31.61 17.16 -58.53
C GLU F 82 30.39 16.89 -59.40
N LEU F 83 30.44 17.33 -60.65
CA LEU F 83 29.36 17.13 -61.61
C LEU F 83 29.89 16.35 -62.80
N SER F 84 29.23 15.25 -63.14
CA SER F 84 29.64 14.39 -64.24
C SER F 84 28.57 14.34 -65.31
N SER F 85 28.91 13.70 -66.43
CA SER F 85 28.05 13.51 -67.59
C SER F 85 27.48 14.83 -68.13
N LEU F 86 28.36 15.82 -68.31
CA LEU F 86 27.95 17.10 -68.85
C LEU F 86 27.44 16.96 -70.28
N ARG F 87 26.40 17.71 -70.59
CA ARG F 87 25.74 17.71 -71.89
C ARG F 87 25.76 19.14 -72.45
N SER F 88 25.15 19.31 -73.63
CA SER F 88 25.11 20.62 -74.27
C SER F 88 24.32 21.63 -73.44
N GLU F 89 23.17 21.21 -72.89
CA GLU F 89 22.33 22.13 -72.14
C GLU F 89 22.92 22.47 -70.77
N ASP F 90 23.87 21.67 -70.28
CA ASP F 90 24.37 21.85 -68.92
C ASP F 90 25.30 23.05 -68.76
N THR F 91 25.72 23.69 -69.86
CA THR F 91 26.63 24.82 -69.74
C THR F 91 25.89 26.03 -69.18
N ALA F 92 26.46 26.65 -68.15
CA ALA F 92 25.89 27.80 -67.45
C ALA F 92 26.90 28.28 -66.43
N VAL F 93 26.59 29.45 -65.84
CA VAL F 93 27.37 29.98 -64.73
C VAL F 93 26.90 29.31 -63.45
N TYR F 94 27.84 29.01 -62.55
CA TYR F 94 27.56 28.24 -61.35
C TYR F 94 27.91 29.08 -60.13
N TYR F 95 26.99 29.11 -59.16
CA TYR F 95 27.08 29.97 -58.01
C TYR F 95 27.12 29.13 -56.73
N CYS F 96 27.99 29.52 -55.79
CA CYS F 96 28.04 28.92 -54.46
C CYS F 96 27.43 29.89 -53.45
N ALA F 97 26.35 29.45 -52.79
CA ALA F 97 25.57 30.35 -51.95
C ALA F 97 25.38 29.77 -50.55
N ARG F 98 25.45 30.66 -49.56
CA ARG F 98 25.36 30.36 -48.13
C ARG F 98 24.14 31.02 -47.49
N ARG F 99 23.87 30.61 -46.25
CA ARG F 99 22.78 31.12 -45.44
C ARG F 99 23.22 31.21 -43.98
N GLU F 100 22.94 32.35 -43.33
CA GLU F 100 23.16 32.46 -41.90
C GLU F 100 22.29 31.46 -41.13
N ALA F 101 22.84 30.98 -40.03
CA ALA F 101 22.14 30.06 -39.15
C ALA F 101 21.87 30.69 -37.79
N TYR F 102 20.70 30.39 -37.24
CA TYR F 102 20.32 30.78 -35.90
C TYR F 102 19.42 29.70 -35.35
N GLY F 103 19.33 29.65 -34.02
CA GLY F 103 18.52 28.65 -33.37
C GLY F 103 19.17 27.34 -33.01
N PRO F 104 18.35 26.30 -32.88
CA PRO F 104 18.85 24.99 -32.44
C PRO F 104 19.86 24.35 -33.37
N ARG F 105 19.90 24.76 -34.65
CA ARG F 105 20.83 24.32 -35.70
C ARG F 105 20.54 22.91 -36.19
N ASP F 106 19.68 22.15 -35.50
CA ASP F 106 19.18 20.88 -36.00
C ASP F 106 17.88 21.01 -36.77
N TYR F 107 17.18 22.14 -36.64
CA TYR F 107 15.88 22.41 -37.24
C TYR F 107 15.99 23.71 -38.01
N TYR F 108 15.34 23.77 -39.17
CA TYR F 108 15.63 24.84 -40.11
C TYR F 108 15.17 26.18 -39.57
N TYR F 109 16.10 27.00 -39.11
CA TYR F 109 15.87 28.43 -38.86
C TYR F 109 17.09 29.15 -39.44
N TYR F 110 16.92 29.68 -40.65
CA TYR F 110 17.99 30.30 -41.42
C TYR F 110 17.56 31.62 -42.03
N TYR F 111 18.53 32.52 -42.21
CA TYR F 111 18.35 33.79 -42.89
C TYR F 111 18.41 33.60 -44.40
N GLY F 112 18.45 34.72 -45.14
CA GLY F 112 18.58 34.68 -46.58
C GLY F 112 20.00 34.47 -47.08
N MET F 113 20.10 34.26 -48.39
CA MET F 113 21.37 34.10 -49.08
C MET F 113 22.05 35.45 -49.31
N ASP F 114 22.55 36.02 -48.22
CA ASP F 114 23.05 37.39 -48.24
C ASP F 114 24.33 37.41 -49.06
N VAL F 115 25.18 36.41 -48.89
CA VAL F 115 26.42 36.30 -49.64
C VAL F 115 26.54 35.22 -50.72
N TRP F 116 27.06 35.60 -51.90
CA TRP F 116 27.05 34.75 -53.09
C TRP F 116 28.49 34.61 -53.61
N GLY F 117 28.71 33.63 -54.50
CA GLY F 117 29.97 33.55 -55.21
C GLY F 117 30.05 34.47 -56.42
N GLN F 118 31.24 34.55 -57.01
CA GLN F 118 31.53 35.42 -58.16
C GLN F 118 31.26 34.74 -59.50
N GLY F 119 30.75 33.52 -59.51
CA GLY F 119 30.51 32.77 -60.72
C GLY F 119 31.57 31.72 -60.99
N THR F 120 31.24 30.85 -61.95
CA THR F 120 32.11 29.75 -62.33
C THR F 120 31.91 29.41 -63.81
N SER G 2 2.76 23.04 -60.92
CA SER G 2 3.28 24.32 -61.38
C SER G 2 4.33 24.87 -60.43
N ALA G 3 4.20 24.48 -59.15
CA ALA G 3 5.10 24.85 -58.05
C ALA G 3 5.11 26.37 -57.94
N LEU G 4 6.25 27.04 -58.05
CA LEU G 4 6.30 28.50 -57.93
C LEU G 4 5.92 29.13 -59.27
N THR G 5 4.79 29.82 -59.29
CA THR G 5 4.31 30.49 -60.49
C THR G 5 4.62 31.97 -60.37
N GLN G 6 5.29 32.53 -61.37
CA GLN G 6 5.73 33.91 -61.33
C GLN G 6 5.59 34.49 -62.73
N PRO G 7 5.04 35.70 -62.86
CA PRO G 7 4.82 36.27 -64.19
C PRO G 7 6.13 36.47 -64.92
N PRO G 8 6.13 36.32 -66.25
CA PRO G 8 7.38 36.47 -67.02
C PRO G 8 7.97 37.88 -66.93
N SER G 9 7.18 38.90 -67.26
CA SER G 9 7.69 40.26 -67.26
C SER G 9 6.56 41.24 -66.99
N ALA G 10 6.92 42.37 -66.36
CA ALA G 10 5.95 43.45 -66.10
C ALA G 10 6.72 44.76 -66.31
N SER G 11 6.04 45.89 -66.51
CA SER G 11 6.76 47.16 -66.80
C SER G 11 6.06 48.34 -66.12
N ALA G 12 6.69 48.94 -65.10
CA ALA G 12 6.03 50.03 -64.34
C ALA G 12 6.77 51.36 -64.58
N SER G 13 6.07 52.48 -64.38
CA SER G 13 6.67 53.82 -64.65
C SER G 13 7.42 54.32 -63.42
N LEU G 14 8.15 55.43 -63.56
CA LEU G 14 9.00 55.92 -62.44
C LEU G 14 8.15 56.49 -61.30
N GLY G 15 8.54 56.23 -60.05
CA GLY G 15 7.84 56.79 -58.88
C GLY G 15 6.51 56.11 -58.60
N ALA G 16 6.29 54.91 -59.14
CA ALA G 16 5.00 54.25 -58.99
C ALA G 16 5.18 53.00 -58.14
N SER G 17 4.08 52.29 -57.92
CA SER G 17 4.07 51.06 -57.13
C SER G 17 4.02 49.85 -58.05
N VAL G 18 4.95 48.92 -57.88
CA VAL G 18 5.02 47.69 -58.67
CA VAL G 18 5.02 47.69 -58.67
C VAL G 18 5.15 46.61 -57.83
N THR G 19 3.92 46.11 -57.78
CA THR G 19 3.64 44.96 -56.94
C THR G 19 3.75 43.59 -57.69
N LEU G 20 4.75 42.83 -57.24
CA LEU G 20 5.10 41.56 -57.84
C LEU G 20 4.60 40.34 -57.08
N THR G 21 3.85 39.49 -57.77
CA THR G 21 3.19 38.35 -57.14
C THR G 21 4.00 37.09 -57.43
N CYS G 22 4.52 36.46 -56.37
CA CYS G 22 5.14 35.14 -56.46
C CYS G 22 4.23 34.19 -55.69
N THR G 23 3.44 33.41 -56.42
CA THR G 23 2.43 32.57 -55.79
C THR G 23 3.05 31.26 -55.30
N LEU G 24 2.49 30.73 -54.22
CA LEU G 24 2.92 29.47 -53.64
C LEU G 24 1.88 28.41 -53.96
N SER G 25 2.34 27.26 -54.46
CA SER G 25 1.44 26.18 -54.80
C SER G 25 0.88 25.53 -53.53
N SER G 26 -0.20 24.76 -53.71
CA SER G 26 -0.85 24.09 -52.57
C SER G 26 0.07 23.08 -51.90
N GLY G 27 0.79 22.28 -52.70
CA GLY G 27 1.72 21.33 -52.12
C GLY G 27 2.89 22.00 -51.42
N TYR G 28 3.36 23.13 -51.96
CA TYR G 28 4.47 23.88 -51.44
C TYR G 28 4.02 25.07 -50.58
N SER G 29 2.89 24.93 -49.88
CA SER G 29 2.21 26.06 -49.25
C SER G 29 3.00 26.67 -48.10
N ASN G 30 3.44 25.85 -47.15
CA ASN G 30 4.09 26.37 -45.94
C ASN G 30 5.61 26.33 -46.06
N TYR G 31 6.12 27.10 -47.03
CA TYR G 31 7.55 27.18 -47.28
C TYR G 31 8.02 28.61 -47.18
N LYS G 32 9.25 28.77 -46.72
CA LYS G 32 9.89 30.08 -46.68
C LYS G 32 10.10 30.58 -48.10
N VAL G 33 9.95 31.89 -48.29
CA VAL G 33 10.05 32.52 -49.60
C VAL G 33 11.14 33.59 -49.52
N ASP G 34 12.01 33.60 -50.52
CA ASP G 34 13.10 34.56 -50.58
C ASP G 34 12.90 35.46 -51.79
N TRP G 35 13.65 36.56 -51.83
CA TRP G 35 13.61 37.48 -52.96
C TRP G 35 15.02 37.95 -53.27
N TYR G 36 15.38 37.96 -54.55
CA TYR G 36 16.73 38.30 -54.96
C TYR G 36 16.69 39.29 -56.11
N GLN G 37 17.73 40.13 -56.18
CA GLN G 37 17.91 41.09 -57.27
C GLN G 37 19.13 40.71 -58.09
N GLN G 38 18.94 40.56 -59.40
CA GLN G 38 20.03 40.21 -60.31
C GLN G 38 20.23 41.32 -61.31
N ARG G 39 21.35 42.03 -61.19
CA ARG G 39 21.72 43.01 -62.20
C ARG G 39 22.07 42.29 -63.49
N PRO G 40 21.86 42.91 -64.65
CA PRO G 40 22.17 42.25 -65.93
C PRO G 40 23.65 41.91 -66.06
N GLY G 41 23.94 40.62 -66.12
CA GLY G 41 25.28 40.12 -66.25
C GLY G 41 26.02 39.91 -64.95
N LYS G 42 25.43 40.26 -63.81
CA LYS G 42 26.06 40.11 -62.52
C LYS G 42 25.28 39.10 -61.68
N GLY G 43 25.91 38.65 -60.61
CA GLY G 43 25.30 37.69 -59.71
C GLY G 43 24.15 38.25 -58.91
N PRO G 44 23.09 37.47 -58.73
CA PRO G 44 21.95 37.91 -57.92
C PRO G 44 22.36 38.11 -56.48
N ARG G 45 21.71 39.07 -55.83
CA ARG G 45 21.98 39.39 -54.44
C ARG G 45 20.68 39.40 -53.66
N PHE G 46 20.78 39.12 -52.36
CA PHE G 46 19.61 38.99 -51.51
C PHE G 46 18.93 40.34 -51.29
N VAL G 47 17.59 40.33 -51.36
CA VAL G 47 16.85 41.57 -51.14
C VAL G 47 16.13 41.52 -49.80
N MET G 48 15.16 40.64 -49.69
CA MET G 48 14.36 40.45 -48.48
C MET G 48 13.86 39.01 -48.47
N ARG G 49 13.55 38.54 -47.27
CA ARG G 49 13.02 37.19 -47.10
C ARG G 49 11.73 37.27 -46.32
N VAL G 50 10.69 36.63 -46.82
CA VAL G 50 9.37 36.64 -46.20
C VAL G 50 8.99 35.22 -45.80
N GLY G 51 8.57 35.07 -44.55
CA GLY G 51 8.09 33.80 -44.06
C GLY G 51 6.58 33.81 -43.99
N THR G 52 6.02 32.61 -43.79
CA THR G 52 4.57 32.45 -43.67
C THR G 52 4.00 33.12 -42.42
N GLY G 53 4.85 33.44 -41.43
CA GLY G 53 4.42 34.10 -40.22
C GLY G 53 4.79 35.57 -40.21
N GLY G 54 5.66 35.97 -41.12
CA GLY G 54 6.07 37.37 -41.16
C GLY G 54 7.23 37.68 -42.08
N ILE G 55 8.13 38.55 -41.64
CA ILE G 55 9.28 39.01 -42.42
C ILE G 55 10.53 38.51 -41.73
N VAL G 56 11.45 37.93 -42.50
CA VAL G 56 12.69 37.46 -41.89
C VAL G 56 13.51 38.61 -41.31
N GLY G 57 13.62 39.71 -42.05
CA GLY G 57 14.33 40.88 -41.57
C GLY G 57 15.76 40.92 -42.04
N SER G 58 16.14 41.99 -42.75
CA SER G 58 17.50 42.12 -43.26
C SER G 58 17.78 43.59 -43.55
N LYS G 59 19.06 43.90 -43.64
CA LYS G 59 19.52 45.24 -43.97
C LYS G 59 20.97 45.16 -44.41
N GLY G 60 21.43 46.22 -45.07
CA GLY G 60 22.82 46.32 -45.49
C GLY G 60 23.24 45.26 -46.49
N ASP G 61 22.40 44.98 -47.49
CA ASP G 61 22.73 44.02 -48.53
C ASP G 61 22.69 44.64 -49.91
N GLY G 62 23.05 45.91 -50.01
CA GLY G 62 22.98 46.63 -51.27
C GLY G 62 21.57 46.79 -51.78
N ILE G 63 20.61 46.95 -50.89
CA ILE G 63 19.20 47.06 -51.23
C ILE G 63 18.71 48.42 -50.74
N PRO G 64 18.03 49.20 -51.59
CA PRO G 64 17.51 50.49 -51.13
C PRO G 64 16.41 50.31 -50.10
N ASP G 65 16.26 51.34 -49.26
CA ASP G 65 15.26 51.32 -48.19
C ASP G 65 13.84 51.23 -48.74
N ARG G 66 13.63 51.73 -49.97
CA ARG G 66 12.30 51.77 -50.58
C ARG G 66 11.68 50.39 -50.74
N PHE G 67 12.50 49.35 -50.93
CA PHE G 67 11.98 48.01 -51.18
C PHE G 67 11.28 47.46 -49.94
N SER G 68 10.16 46.77 -50.16
CA SER G 68 9.42 46.14 -49.07
C SER G 68 8.72 44.90 -49.60
N VAL G 69 8.42 43.99 -48.69
CA VAL G 69 7.80 42.71 -49.03
C VAL G 69 6.69 42.41 -48.03
N LEU G 70 5.59 41.87 -48.54
CA LEU G 70 4.44 41.48 -47.71
C LEU G 70 3.96 40.11 -48.15
N GLY G 71 3.51 39.31 -47.19
CA GLY G 71 3.00 37.99 -47.49
C GLY G 71 1.60 37.76 -46.97
N SER G 72 0.64 37.58 -47.88
CA SER G 72 -0.76 37.38 -47.52
C SER G 72 -1.23 36.08 -48.15
N GLY G 73 -1.73 35.16 -47.32
CA GLY G 73 -2.22 33.89 -47.81
C GLY G 73 -1.12 33.09 -48.50
N LEU G 74 -1.44 32.56 -49.67
CA LEU G 74 -0.50 31.79 -50.46
C LEU G 74 0.26 32.63 -51.50
N ASN G 75 0.07 33.94 -51.48
CA ASN G 75 0.72 34.83 -52.44
C ASN G 75 1.68 35.75 -51.71
N ARG G 76 2.91 35.85 -52.20
CA ARG G 76 3.93 36.71 -51.63
C ARG G 76 4.14 37.92 -52.54
N TYR G 77 4.00 39.11 -51.96
CA TYR G 77 4.06 40.35 -52.72
C TYR G 77 5.32 41.13 -52.37
N LEU G 78 6.07 41.54 -53.39
CA LEU G 78 7.18 42.47 -53.24
C LEU G 78 6.73 43.81 -53.80
N THR G 79 6.78 44.85 -52.96
CA THR G 79 6.29 46.18 -53.31
C THR G 79 7.47 47.13 -53.44
N ILE G 80 7.51 47.85 -54.56
CA ILE G 80 8.54 48.86 -54.83
C ILE G 80 7.85 50.22 -54.91
N LYS G 81 8.32 51.17 -54.09
CA LYS G 81 7.81 52.53 -54.07
C LYS G 81 8.94 53.47 -54.43
N ASN G 82 8.60 54.57 -55.10
CA ASN G 82 9.56 55.57 -55.57
C ASN G 82 10.66 54.92 -56.43
N ILE G 83 10.24 54.18 -57.45
CA ILE G 83 11.17 53.48 -58.31
C ILE G 83 11.88 54.49 -59.21
N GLN G 84 13.17 54.25 -59.45
CA GLN G 84 13.97 54.97 -60.44
C GLN G 84 14.65 53.99 -61.38
N GLU G 85 15.57 54.49 -62.20
CA GLU G 85 16.20 53.66 -63.23
C GLU G 85 17.22 52.68 -62.67
N GLU G 86 17.53 52.74 -61.38
CA GLU G 86 18.44 51.76 -60.79
C GLU G 86 17.78 50.41 -60.54
N ASP G 87 16.45 50.34 -60.56
CA ASP G 87 15.76 49.10 -60.21
C ASP G 87 15.56 48.15 -61.39
N GLU G 88 15.92 48.55 -62.60
CA GLU G 88 15.77 47.66 -63.75
C GLU G 88 16.66 46.43 -63.59
N SER G 89 16.06 45.26 -63.37
CA SER G 89 16.82 44.04 -63.11
C SER G 89 15.89 42.84 -63.21
N ASP G 90 16.46 41.67 -62.94
CA ASP G 90 15.73 40.41 -62.92
C ASP G 90 15.58 39.99 -61.46
N TYR G 91 14.34 39.76 -61.02
CA TYR G 91 14.05 39.39 -59.64
C TYR G 91 13.54 37.95 -59.58
N HIS G 92 14.08 37.18 -58.64
CA HIS G 92 13.73 35.76 -58.51
C HIS G 92 13.26 35.44 -57.10
N CYS G 93 12.23 34.61 -57.02
CA CYS G 93 11.70 34.13 -55.75
C CYS G 93 11.85 32.62 -55.66
N GLY G 94 12.26 32.13 -54.50
CA GLY G 94 12.53 30.72 -54.33
C GLY G 94 11.78 30.12 -53.15
N ALA G 95 11.72 28.78 -53.14
CA ALA G 95 11.09 28.06 -52.06
C ALA G 95 12.20 27.41 -51.23
N ASP G 96 11.81 26.77 -50.12
CA ASP G 96 12.84 26.25 -49.23
C ASP G 96 12.11 25.34 -48.23
N GLN G 97 12.87 24.47 -47.55
CA GLN G 97 12.34 23.59 -46.51
C GLN G 97 13.51 23.07 -45.68
N GLY G 98 13.21 22.24 -44.67
CA GLY G 98 14.31 21.95 -43.76
C GLY G 98 14.22 20.77 -42.79
N SER G 99 14.58 21.02 -41.53
CA SER G 99 14.72 20.01 -40.46
C SER G 99 15.87 19.04 -40.75
N GLY G 100 17.06 19.61 -41.00
CA GLY G 100 18.27 18.85 -41.24
C GLY G 100 18.72 18.43 -42.62
N SER G 101 17.81 18.36 -43.58
CA SER G 101 18.23 18.21 -45.00
C SER G 101 17.69 19.48 -45.67
N ASN G 102 18.51 20.24 -46.40
CA ASN G 102 18.11 21.60 -46.84
C ASN G 102 16.92 21.64 -47.81
N PHE G 103 16.67 20.55 -48.55
CA PHE G 103 15.57 20.50 -49.54
C PHE G 103 15.86 21.10 -50.91
N VAL G 104 14.93 20.95 -51.84
CA VAL G 104 15.12 21.54 -53.18
C VAL G 104 14.28 22.75 -53.72
N GLY G 105 14.50 23.88 -53.04
CA GLY G 105 13.59 25.02 -53.29
C GLY G 105 13.49 25.37 -54.76
N VAL G 106 12.27 25.37 -55.28
CA VAL G 106 12.04 25.73 -56.70
C VAL G 106 12.28 27.22 -56.92
N PHE G 107 12.78 27.60 -58.09
CA PHE G 107 12.92 29.05 -58.40
C PHE G 107 11.95 29.33 -59.54
N GLY G 108 11.18 30.42 -59.45
CA GLY G 108 10.25 30.78 -60.48
C GLY G 108 10.96 31.27 -61.73
N GLY G 109 10.15 31.60 -62.74
CA GLY G 109 10.68 32.08 -64.01
C GLY G 109 11.44 33.38 -63.88
N GLY G 110 11.02 34.25 -62.96
CA GLY G 110 11.64 35.54 -62.79
C GLY G 110 10.87 36.64 -63.50
N THR G 111 11.11 37.87 -63.06
CA THR G 111 10.43 39.05 -63.58
C THR G 111 11.42 40.04 -64.16
N LYS G 112 11.18 40.46 -65.40
CA LYS G 112 12.00 41.46 -66.08
C LYS G 112 11.27 42.80 -66.04
N LEU G 113 11.61 43.60 -65.01
CA LEU G 113 10.91 44.90 -64.79
C LEU G 113 11.59 46.00 -65.62
N THR G 114 11.18 46.18 -66.87
CA THR G 114 11.72 47.30 -67.67
C THR G 114 11.12 48.61 -67.14
N VAL G 115 11.96 49.57 -66.76
CA VAL G 115 11.41 50.82 -66.15
C VAL G 115 10.85 51.70 -67.27
N GLN H 1 49.52 -28.02 -39.16
CA GLN H 1 48.09 -28.33 -39.20
C GLN H 1 47.34 -27.34 -40.07
N VAL H 2 46.85 -26.27 -39.45
CA VAL H 2 46.08 -25.27 -40.18
C VAL H 2 47.00 -24.46 -41.08
N GLN H 3 46.55 -24.22 -42.31
CA GLN H 3 47.33 -23.45 -43.27
C GLN H 3 46.39 -22.84 -44.30
N LEU H 4 46.82 -21.72 -44.88
CA LEU H 4 46.08 -21.05 -45.93
C LEU H 4 46.94 -20.96 -47.19
N VAL H 5 46.39 -21.45 -48.29
CA VAL H 5 47.04 -21.46 -49.59
C VAL H 5 46.06 -20.87 -50.60
N GLN H 6 46.61 -20.17 -51.58
CA GLN H 6 45.78 -19.53 -52.59
C GLN H 6 46.21 -20.02 -53.98
N SER H 7 45.66 -19.36 -54.99
CA SER H 7 46.00 -19.69 -56.37
C SER H 7 47.33 -19.08 -56.74
N GLY H 8 47.80 -19.40 -57.94
CA GLY H 8 49.09 -18.93 -58.40
C GLY H 8 49.17 -17.45 -58.70
N ALA H 9 50.18 -17.07 -59.48
CA ALA H 9 50.36 -15.69 -59.88
C ALA H 9 49.67 -15.41 -61.20
N GLU H 10 49.05 -14.24 -61.29
CA GLU H 10 48.39 -13.79 -62.51
C GLU H 10 49.06 -12.52 -62.97
N VAL H 11 49.09 -12.35 -64.29
CA VAL H 11 49.55 -11.13 -64.91
C VAL H 11 48.40 -10.58 -65.75
N LYS H 12 48.10 -9.30 -65.58
CA LYS H 12 46.94 -8.69 -66.22
C LYS H 12 47.54 -7.41 -66.79
N LYS H 13 47.03 -7.04 -67.96
CA LYS H 13 47.37 -5.71 -68.49
C LYS H 13 46.58 -4.65 -67.74
N PRO H 14 47.10 -3.44 -67.60
CA PRO H 14 46.35 -2.39 -66.88
C PRO H 14 44.93 -2.03 -67.29
N GLY H 15 44.11 -1.71 -66.30
CA GLY H 15 42.72 -1.41 -66.48
C GLY H 15 41.77 -2.58 -66.36
N SER H 16 42.27 -3.79 -66.14
CA SER H 16 41.46 -4.99 -66.02
C SER H 16 41.09 -5.24 -64.56
N SER H 17 40.52 -6.41 -64.28
CA SER H 17 40.13 -6.82 -62.93
C SER H 17 40.80 -8.14 -62.58
N VAL H 18 41.27 -8.28 -61.34
CA VAL H 18 41.96 -9.48 -60.89
C VAL H 18 41.19 -10.07 -59.71
N LYS H 19 40.98 -11.38 -59.74
CA LYS H 19 40.30 -12.11 -58.67
C LYS H 19 41.29 -13.09 -58.04
N VAL H 20 41.49 -12.98 -56.74
CA VAL H 20 42.44 -13.81 -56.00
C VAL H 20 41.67 -14.61 -54.95
N SER H 21 41.89 -15.92 -54.92
CA SER H 21 41.25 -16.83 -53.97
C SER H 21 42.10 -16.96 -52.72
N CYS H 22 41.61 -17.72 -51.73
CA CYS H 22 42.39 -18.08 -50.56
C CYS H 22 41.72 -19.30 -49.92
N LYS H 23 42.31 -20.47 -50.09
CA LYS H 23 41.78 -21.69 -49.51
C LYS H 23 42.22 -21.88 -48.06
N ALA H 24 41.34 -22.46 -47.25
CA ALA H 24 41.62 -22.73 -45.85
C ALA H 24 41.43 -24.21 -45.57
N SER H 25 42.48 -24.85 -45.03
CA SER H 25 42.50 -26.26 -44.70
C SER H 25 42.89 -26.42 -43.24
N GLY H 26 42.06 -27.12 -42.48
CA GLY H 26 42.32 -27.33 -41.06
C GLY H 26 41.70 -26.26 -40.19
N GLY H 27 41.42 -26.65 -38.94
CA GLY H 27 40.83 -25.74 -37.98
C GLY H 27 39.36 -25.47 -38.20
N THR H 28 38.83 -24.61 -37.34
CA THR H 28 37.43 -24.21 -37.38
C THR H 28 37.31 -22.90 -38.14
N PHE H 29 36.95 -23.00 -39.42
CA PHE H 29 36.90 -21.85 -40.29
C PHE H 29 35.70 -20.98 -39.90
N SER H 30 35.67 -19.75 -40.43
CA SER H 30 34.70 -18.67 -40.30
C SER H 30 34.85 -17.96 -38.97
N SER H 31 35.70 -18.43 -38.07
CA SER H 31 36.04 -17.63 -36.91
C SER H 31 37.31 -16.83 -37.09
N TYR H 32 37.98 -16.96 -38.23
CA TYR H 32 39.29 -16.33 -38.40
C TYR H 32 39.12 -14.92 -38.92
N ALA H 33 39.98 -14.01 -38.47
CA ALA H 33 40.00 -12.64 -38.99
C ALA H 33 40.84 -12.57 -40.27
N ILE H 34 40.25 -13.09 -41.36
CA ILE H 34 40.94 -13.13 -42.65
C ILE H 34 41.24 -11.71 -43.11
N SER H 35 42.50 -11.45 -43.45
CA SER H 35 42.96 -10.12 -43.83
C SER H 35 43.69 -10.19 -45.17
N TRP H 36 43.63 -9.08 -45.91
CA TRP H 36 44.32 -8.95 -47.18
C TRP H 36 45.33 -7.82 -47.09
N VAL H 37 46.58 -8.11 -47.43
CA VAL H 37 47.68 -7.15 -47.34
C VAL H 37 48.52 -7.24 -48.61
N ARG H 38 49.32 -6.20 -48.84
CA ARG H 38 50.20 -6.16 -50.00
C ARG H 38 51.47 -5.39 -49.64
N GLN H 39 52.52 -5.61 -50.43
CA GLN H 39 53.78 -4.88 -50.30
C GLN H 39 54.33 -4.61 -51.69
N ALA H 40 54.57 -3.34 -51.97
CA ALA H 40 55.19 -2.95 -53.23
C ALA H 40 56.65 -3.39 -53.24
N PRO H 41 57.20 -3.72 -54.40
CA PRO H 41 58.62 -4.12 -54.48
C PRO H 41 59.54 -3.00 -54.01
N GLY H 42 60.25 -3.26 -52.92
CA GLY H 42 61.12 -2.28 -52.30
C GLY H 42 60.43 -1.31 -51.35
N GLN H 43 59.17 -1.56 -51.00
CA GLN H 43 58.40 -0.69 -50.13
C GLN H 43 57.74 -1.50 -49.02
N GLY H 44 57.37 -0.80 -47.94
CA GLY H 44 56.73 -1.47 -46.82
C GLY H 44 55.32 -1.94 -47.13
N LEU H 45 54.81 -2.83 -46.29
CA LEU H 45 53.49 -3.41 -46.49
C LEU H 45 52.40 -2.37 -46.40
N GLU H 46 51.36 -2.52 -47.24
CA GLU H 46 50.21 -1.65 -47.20
C GLU H 46 48.94 -2.47 -47.06
N TRP H 47 48.08 -2.10 -46.11
CA TRP H 47 46.81 -2.79 -45.93
C TRP H 47 45.84 -2.35 -47.03
N MET H 48 44.88 -3.19 -47.33
CA MET H 48 43.75 -2.89 -48.20
C MET H 48 42.39 -3.32 -47.67
N GLY H 49 42.31 -4.42 -46.90
CA GLY H 49 41.02 -4.85 -46.39
C GLY H 49 41.12 -6.10 -45.55
N GLY H 50 39.98 -6.49 -44.99
CA GLY H 50 39.86 -7.66 -44.16
C GLY H 50 38.41 -8.08 -44.06
N ILE H 51 38.18 -9.30 -43.60
CA ILE H 51 36.82 -9.84 -43.55
C ILE H 51 36.78 -10.94 -42.49
N ILE H 52 35.68 -10.99 -41.76
CA ILE H 52 35.35 -12.08 -40.84
C ILE H 52 34.19 -12.86 -41.46
N PRO H 53 34.40 -14.11 -41.90
CA PRO H 53 33.37 -14.82 -42.66
C PRO H 53 32.04 -15.00 -41.93
N ILE H 54 32.07 -15.23 -40.61
CA ILE H 54 30.83 -15.48 -39.89
C ILE H 54 29.96 -14.22 -39.85
N PHE H 55 30.58 -13.04 -39.77
CA PHE H 55 29.82 -11.80 -39.75
C PHE H 55 29.40 -11.34 -41.13
N GLY H 56 29.99 -11.90 -42.19
CA GLY H 56 29.61 -11.60 -43.56
C GLY H 56 29.83 -10.16 -43.98
N THR H 57 30.61 -9.41 -43.21
CA THR H 57 30.90 -8.01 -43.51
C THR H 57 32.37 -7.84 -43.85
N ALA H 58 32.63 -6.91 -44.76
CA ALA H 58 33.97 -6.66 -45.28
C ALA H 58 34.36 -5.20 -45.02
N ASN H 59 35.60 -5.00 -44.61
CA ASN H 59 36.15 -3.68 -44.34
C ASN H 59 37.25 -3.40 -45.36
N TYR H 60 37.38 -2.15 -45.78
CA TYR H 60 38.36 -1.75 -46.78
C TYR H 60 39.09 -0.49 -46.35
N ALA H 61 40.31 -0.32 -46.88
CA ALA H 61 41.04 0.91 -46.60
C ALA H 61 40.51 2.04 -47.48
N GLN H 62 40.77 3.27 -47.02
CA GLN H 62 40.31 4.46 -47.74
C GLN H 62 40.96 4.58 -49.11
N LYS H 63 42.23 4.18 -49.22
CA LYS H 63 42.93 4.21 -50.51
C LYS H 63 42.28 3.28 -51.51
N PHE H 64 41.72 2.16 -51.03
CA PHE H 64 41.13 1.13 -51.89
C PHE H 64 39.62 0.99 -51.75
N GLN H 65 38.96 1.85 -50.98
CA GLN H 65 37.51 1.78 -50.85
C GLN H 65 36.84 2.17 -52.17
N GLY H 66 35.87 1.35 -52.59
CA GLY H 66 35.20 1.52 -53.86
C GLY H 66 35.91 0.86 -55.02
N ARG H 67 37.09 0.28 -54.80
CA ARG H 67 37.85 -0.39 -55.83
C ARG H 67 38.16 -1.84 -55.51
N VAL H 68 38.07 -2.26 -54.25
CA VAL H 68 38.39 -3.61 -53.82
C VAL H 68 37.11 -4.25 -53.27
N THR H 69 36.78 -5.44 -53.78
CA THR H 69 35.64 -6.22 -53.31
C THR H 69 36.15 -7.51 -52.70
N ILE H 70 35.78 -7.78 -51.45
CA ILE H 70 36.23 -8.95 -50.71
C ILE H 70 35.01 -9.72 -50.23
N THR H 71 35.00 -11.03 -50.48
CA THR H 71 33.92 -11.90 -50.03
C THR H 71 34.51 -13.19 -49.46
N ALA H 72 33.76 -13.83 -48.57
CA ALA H 72 34.18 -15.08 -47.95
C ALA H 72 33.11 -16.13 -48.20
N ASP H 73 33.50 -17.22 -48.83
CA ASP H 73 32.59 -18.32 -49.17
C ASP H 73 32.72 -19.38 -48.07
N GLU H 74 31.74 -19.41 -47.16
CA GLU H 74 31.79 -20.33 -46.04
C GLU H 74 31.63 -21.79 -46.47
N SER H 75 30.89 -22.03 -47.57
CA SER H 75 30.65 -23.40 -48.02
C SER H 75 31.92 -24.12 -48.41
N THR H 76 32.81 -23.44 -49.14
CA THR H 76 34.07 -24.03 -49.56
C THR H 76 35.19 -23.74 -48.58
N SER H 77 34.91 -23.02 -47.49
CA SER H 77 35.90 -22.58 -46.51
C SER H 77 37.02 -21.81 -47.21
N THR H 78 36.61 -20.87 -48.06
CA THR H 78 37.54 -20.11 -48.87
C THR H 78 37.22 -18.62 -48.71
N ALA H 79 38.21 -17.77 -49.00
CA ALA H 79 38.02 -16.32 -49.02
C ALA H 79 38.47 -15.74 -50.36
N TYR H 80 37.59 -14.95 -50.98
CA TYR H 80 37.82 -14.38 -52.31
C TYR H 80 38.00 -12.87 -52.29
N MET H 81 38.82 -12.39 -53.22
CA MET H 81 39.07 -10.99 -53.44
C MET H 81 38.85 -10.61 -54.89
N GLU H 82 38.23 -9.45 -55.12
CA GLU H 82 38.08 -8.92 -56.48
C GLU H 82 38.62 -7.50 -56.47
N LEU H 83 39.66 -7.25 -57.28
CA LEU H 83 40.26 -5.92 -57.40
C LEU H 83 40.16 -5.46 -58.84
N SER H 84 39.60 -4.27 -59.05
CA SER H 84 39.41 -3.72 -60.37
C SER H 84 40.21 -2.43 -60.53
N SER H 85 40.21 -1.92 -61.77
CA SER H 85 40.90 -0.69 -62.16
C SER H 85 42.39 -0.69 -61.80
N LEU H 86 43.07 -1.78 -62.15
CA LEU H 86 44.50 -1.89 -61.89
C LEU H 86 45.28 -0.84 -62.68
N ARG H 87 46.30 -0.29 -62.04
CA ARG H 87 47.17 0.73 -62.60
C ARG H 87 48.61 0.24 -62.57
N SER H 88 49.52 1.10 -63.01
CA SER H 88 50.95 0.74 -63.05
C SER H 88 51.50 0.51 -61.65
N GLU H 89 51.13 1.37 -60.69
CA GLU H 89 51.67 1.25 -59.34
C GLU H 89 51.06 0.07 -58.57
N ASP H 90 49.92 -0.46 -59.04
CA ASP H 90 49.21 -1.48 -58.28
C ASP H 90 49.87 -2.86 -58.34
N THR H 91 50.88 -3.05 -59.19
CA THR H 91 51.52 -4.36 -59.29
C THR H 91 52.37 -4.62 -58.05
N ALA H 92 52.17 -5.80 -57.44
CA ALA H 92 52.85 -6.20 -56.22
C ALA H 92 52.46 -7.64 -55.91
N VAL H 93 53.14 -8.22 -54.93
CA VAL H 93 52.79 -9.53 -54.40
C VAL H 93 51.67 -9.37 -53.39
N TYR H 94 50.70 -10.29 -53.40
CA TYR H 94 49.50 -10.20 -52.59
C TYR H 94 49.44 -11.38 -51.63
N TYR H 95 49.15 -11.08 -50.36
CA TYR H 95 49.20 -12.05 -49.29
C TYR H 95 47.82 -12.18 -48.65
N CYS H 96 47.42 -13.42 -48.35
CA CYS H 96 46.20 -13.70 -47.60
C CYS H 96 46.58 -14.12 -46.18
N ALA H 97 46.13 -13.36 -45.18
CA ALA H 97 46.58 -13.55 -43.81
C ALA H 97 45.40 -13.69 -42.85
N ARG H 98 45.56 -14.57 -41.88
CA ARG H 98 44.57 -14.95 -40.88
C ARG H 98 45.04 -14.60 -39.47
N ARG H 99 44.10 -14.70 -38.53
CA ARG H 99 44.33 -14.44 -37.11
C ARG H 99 43.52 -15.42 -36.28
N GLU H 100 44.15 -16.03 -35.27
CA GLU H 100 43.40 -16.84 -34.30
C GLU H 100 42.39 -16.00 -33.55
N ALA H 101 41.27 -16.63 -33.22
CA ALA H 101 40.22 -15.99 -32.44
C ALA H 101 40.06 -16.66 -31.09
N TYR H 102 39.79 -15.82 -30.08
CA TYR H 102 39.48 -16.28 -28.74
C TYR H 102 38.50 -15.27 -28.14
N GLY H 103 37.77 -15.72 -27.13
CA GLY H 103 36.80 -14.86 -26.48
C GLY H 103 35.40 -14.87 -27.03
N PRO H 104 34.69 -13.76 -26.77
CA PRO H 104 33.26 -13.68 -27.17
C PRO H 104 33.02 -13.74 -28.66
N ARG H 105 34.04 -13.46 -29.49
CA ARG H 105 34.04 -13.52 -30.96
C ARG H 105 33.22 -12.40 -31.59
N ASP H 106 32.44 -11.65 -30.81
CA ASP H 106 31.81 -10.42 -31.29
C ASP H 106 32.64 -9.18 -31.03
N TYR H 107 33.64 -9.27 -30.16
CA TYR H 107 34.49 -8.17 -29.74
C TYR H 107 35.93 -8.58 -29.95
N TYR H 108 36.77 -7.64 -30.40
CA TYR H 108 38.08 -8.01 -30.92
C TYR H 108 38.98 -8.55 -29.82
N TYR H 109 39.16 -9.87 -29.78
CA TYR H 109 40.23 -10.50 -29.00
C TYR H 109 40.84 -11.54 -29.93
N TYR H 110 41.95 -11.19 -30.55
CA TYR H 110 42.62 -12.01 -31.56
C TYR H 110 44.13 -12.08 -31.33
N TYR H 111 44.71 -13.21 -31.75
CA TYR H 111 46.15 -13.42 -31.74
C TYR H 111 46.80 -12.75 -32.95
N GLY H 112 48.09 -13.05 -33.16
CA GLY H 112 48.82 -12.53 -34.30
C GLY H 112 48.58 -13.32 -35.59
N MET H 113 49.09 -12.75 -36.67
CA MET H 113 49.04 -13.37 -38.00
C MET H 113 50.11 -14.46 -38.14
N ASP H 114 49.86 -15.58 -37.46
CA ASP H 114 50.84 -16.63 -37.33
C ASP H 114 51.00 -17.29 -38.70
N VAL H 115 49.90 -17.51 -39.40
CA VAL H 115 49.92 -18.10 -40.74
C VAL H 115 49.62 -17.22 -41.94
N TRP H 116 50.43 -17.32 -43.00
CA TRP H 116 50.39 -16.41 -44.14
C TRP H 116 50.23 -17.23 -45.42
N GLY H 117 49.87 -16.55 -46.52
CA GLY H 117 49.89 -17.19 -47.83
C GLY H 117 51.28 -17.21 -48.47
N GLN H 118 51.38 -17.92 -49.59
CA GLN H 118 52.63 -18.10 -50.33
C GLN H 118 52.87 -17.02 -51.37
N GLY H 119 52.01 -16.02 -51.46
CA GLY H 119 52.12 -14.96 -52.45
C GLY H 119 51.18 -15.14 -53.62
N THR H 120 51.07 -14.08 -54.40
CA THR H 120 50.17 -14.02 -55.55
C THR H 120 50.75 -13.10 -56.62
N SER I 2 50.95 11.21 -39.08
CA SER I 2 52.11 10.37 -39.34
C SER I 2 51.78 8.90 -39.09
N ALA I 3 50.81 8.67 -38.19
CA ALA I 3 50.30 7.34 -37.81
C ALA I 3 51.47 6.54 -37.25
N LEU I 4 51.80 5.37 -37.80
CA LEU I 4 52.89 4.56 -37.28
C LEU I 4 54.21 5.08 -37.83
N THR I 5 55.04 5.62 -36.95
CA THR I 5 56.35 6.14 -37.33
C THR I 5 57.41 5.12 -36.94
N GLN I 6 58.25 4.73 -37.92
CA GLN I 6 59.23 3.69 -37.71
C GLN I 6 60.49 4.08 -38.47
N PRO I 7 61.67 3.94 -37.85
CA PRO I 7 62.90 4.37 -38.51
C PRO I 7 63.15 3.57 -39.77
N PRO I 8 63.74 4.19 -40.80
CA PRO I 8 63.99 3.46 -42.05
C PRO I 8 64.93 2.28 -41.90
N SER I 9 66.13 2.50 -41.34
CA SER I 9 67.11 1.43 -41.22
C SER I 9 68.02 1.71 -40.03
N ALA I 10 68.47 0.61 -39.39
CA ALA I 10 69.43 0.70 -38.28
C ALA I 10 70.43 -0.43 -38.47
N SER I 11 71.57 -0.40 -37.79
CA SER I 11 72.60 -1.45 -38.02
C SER I 11 73.30 -1.79 -36.70
N ALA I 12 73.23 -3.05 -36.27
CA ALA I 12 73.82 -3.43 -34.96
C ALA I 12 74.85 -4.55 -35.16
N SER I 13 75.84 -4.65 -34.26
CA SER I 13 76.90 -5.67 -34.41
C SER I 13 76.46 -6.99 -33.77
N LEU I 14 77.25 -8.05 -33.95
CA LEU I 14 76.83 -9.39 -33.47
C LEU I 14 76.88 -9.48 -31.94
N GLY I 15 75.87 -10.12 -31.32
CA GLY I 15 75.86 -10.33 -29.86
C GLY I 15 75.47 -9.08 -29.08
N ALA I 16 74.84 -8.10 -29.73
CA ALA I 16 74.53 -6.84 -29.06
C ALA I 16 73.02 -6.71 -28.94
N SER I 17 72.59 -5.59 -28.36
CA SER I 17 71.17 -5.30 -28.17
C SER I 17 70.71 -4.27 -29.18
N VAL I 18 69.65 -4.60 -29.92
CA VAL I 18 69.08 -3.72 -30.93
CA VAL I 18 69.08 -3.72 -30.93
C VAL I 18 67.90 -3.45 -30.56
N THR I 19 67.67 -2.30 -29.94
CA THR I 19 66.29 -1.81 -29.68
C THR I 19 65.53 -1.04 -30.76
N LEU I 20 64.45 -1.64 -31.25
CA LEU I 20 63.66 -1.06 -32.33
C LEU I 20 62.38 -0.38 -31.86
N THR I 21 62.24 0.90 -32.19
CA THR I 21 61.14 1.71 -31.70
C THR I 21 60.08 1.84 -32.79
N CYS I 22 58.89 1.33 -32.52
CA CYS I 22 57.73 1.54 -33.38
C CYS I 22 56.76 2.40 -32.57
N THR I 23 56.70 3.69 -32.89
CA THR I 23 55.93 4.62 -32.09
C THR I 23 54.46 4.60 -32.52
N LEU I 24 53.59 4.86 -31.56
CA LEU I 24 52.15 4.92 -31.78
C LEU I 24 51.70 6.37 -31.73
N SER I 25 50.95 6.80 -32.75
CA SER I 25 50.47 8.16 -32.80
C SER I 25 49.40 8.40 -31.73
N SER I 26 49.12 9.68 -31.47
CA SER I 26 48.13 10.05 -30.46
C SER I 26 46.73 9.58 -30.84
N GLY I 27 46.34 9.75 -32.11
CA GLY I 27 45.05 9.27 -32.54
C GLY I 27 44.93 7.76 -32.52
N TYR I 28 46.02 7.07 -32.83
CA TYR I 28 46.08 5.61 -32.88
C TYR I 28 46.69 5.02 -31.60
N SER I 29 46.45 5.68 -30.46
CA SER I 29 47.18 5.38 -29.23
C SER I 29 46.87 4.00 -28.66
N ASN I 30 45.59 3.67 -28.48
CA ASN I 30 45.20 2.43 -27.81
C ASN I 30 44.87 1.35 -28.83
N TYR I 31 45.88 0.97 -29.60
CA TYR I 31 45.75 -0.07 -30.61
C TYR I 31 46.75 -1.18 -30.37
N LYS I 32 46.33 -2.40 -30.70
CA LYS I 32 47.22 -3.56 -30.64
C LYS I 32 48.34 -3.38 -31.65
N VAL I 33 49.53 -3.84 -31.28
CA VAL I 33 50.73 -3.71 -32.10
C VAL I 33 51.29 -5.10 -32.35
N ASP I 34 51.64 -5.36 -33.61
CA ASP I 34 52.19 -6.66 -34.00
C ASP I 34 53.61 -6.45 -34.49
N TRP I 35 54.35 -7.56 -34.61
CA TRP I 35 55.70 -7.53 -35.12
C TRP I 35 55.92 -8.72 -36.06
N TYR I 36 56.54 -8.48 -37.20
CA TYR I 36 56.71 -9.51 -38.21
C TYR I 36 58.15 -9.52 -38.72
N GLN I 37 58.61 -10.69 -39.12
CA GLN I 37 59.94 -10.87 -39.72
C GLN I 37 59.79 -11.27 -41.17
N GLN I 38 60.43 -10.53 -42.07
CA GLN I 38 60.37 -10.81 -43.50
C GLN I 38 61.77 -11.11 -44.01
N ARG I 39 62.01 -12.38 -44.36
CA ARG I 39 63.26 -12.73 -45.01
C ARG I 39 63.29 -12.12 -46.41
N PRO I 40 64.48 -11.80 -46.92
CA PRO I 40 64.56 -11.18 -48.26
C PRO I 40 64.02 -12.09 -49.35
N GLY I 41 62.93 -11.65 -49.98
CA GLY I 41 62.28 -12.37 -51.05
C GLY I 41 61.23 -13.37 -50.60
N LYS I 42 61.05 -13.55 -49.29
CA LYS I 42 60.06 -14.49 -48.76
C LYS I 42 58.99 -13.72 -48.01
N GLY I 43 57.89 -14.42 -47.74
CA GLY I 43 56.77 -13.84 -47.02
C GLY I 43 57.07 -13.57 -45.56
N PRO I 44 56.59 -12.43 -45.05
CA PRO I 44 56.77 -12.12 -43.63
C PRO I 44 56.06 -13.12 -42.74
N ARG I 45 56.63 -13.35 -41.57
CA ARG I 45 56.08 -14.30 -40.61
C ARG I 45 55.97 -13.61 -39.26
N PHE I 46 55.01 -14.08 -38.46
CA PHE I 46 54.72 -13.47 -37.18
C PHE I 46 55.84 -13.71 -36.18
N VAL I 47 56.20 -12.66 -35.43
CA VAL I 47 57.26 -12.78 -34.43
C VAL I 47 56.66 -12.76 -33.02
N MET I 48 56.11 -11.62 -32.63
CA MET I 48 55.50 -11.40 -31.33
C MET I 48 54.46 -10.32 -31.49
N ARG I 49 53.50 -10.32 -30.58
CA ARG I 49 52.44 -9.33 -30.56
C ARG I 49 52.38 -8.69 -29.19
N VAL I 50 52.39 -7.36 -29.14
CA VAL I 50 52.37 -6.62 -27.89
C VAL I 50 51.10 -5.78 -27.82
N GLY I 51 50.38 -5.90 -26.70
CA GLY I 51 49.22 -5.09 -26.46
C GLY I 51 49.55 -3.96 -25.50
N THR I 52 48.60 -3.03 -25.39
CA THR I 52 48.76 -1.89 -24.49
C THR I 52 48.75 -2.29 -23.02
N GLY I 53 48.27 -3.49 -22.70
CA GLY I 53 48.25 -3.99 -21.34
C GLY I 53 49.34 -5.01 -21.09
N GLY I 54 49.96 -5.52 -22.15
CA GLY I 54 51.01 -6.50 -21.98
C GLY I 54 51.48 -7.17 -23.25
N ILE I 55 51.73 -8.48 -23.18
CA ILE I 55 52.26 -9.27 -24.30
C ILE I 55 51.18 -10.25 -24.70
N VAL I 56 50.91 -10.37 -26.01
CA VAL I 56 49.91 -11.32 -26.45
C VAL I 56 50.33 -12.76 -26.15
N GLY I 57 51.60 -13.09 -26.41
CA GLY I 57 52.11 -14.40 -26.10
C GLY I 57 52.05 -15.33 -27.30
N SER I 58 53.21 -15.87 -27.70
CA SER I 58 53.27 -16.76 -28.85
C SER I 58 54.55 -17.59 -28.76
N LYS I 59 54.55 -18.70 -29.50
CA LYS I 59 55.70 -19.58 -29.58
C LYS I 59 55.53 -20.47 -30.79
N GLY I 60 56.63 -21.09 -31.21
CA GLY I 60 56.61 -22.02 -32.33
C GLY I 60 56.20 -21.41 -33.66
N ASP I 61 56.70 -20.22 -33.98
CA ASP I 61 56.41 -19.57 -35.25
C ASP I 61 57.68 -19.28 -36.03
N GLY I 62 58.67 -20.17 -35.92
CA GLY I 62 59.95 -19.95 -36.58
C GLY I 62 60.70 -18.75 -36.06
N ILE I 63 60.57 -18.45 -34.77
CA ILE I 63 61.17 -17.29 -34.14
C ILE I 63 62.12 -17.79 -33.06
N PRO I 64 63.37 -17.32 -33.03
CA PRO I 64 64.29 -17.74 -31.97
C PRO I 64 63.84 -17.23 -30.61
N ASP I 65 64.26 -17.97 -29.57
CA ASP I 65 63.89 -17.64 -28.20
C ASP I 65 64.46 -16.28 -27.79
N ARG I 66 65.57 -15.86 -28.41
CA ARG I 66 66.25 -14.62 -28.05
C ARG I 66 65.37 -13.38 -28.23
N PHE I 67 64.44 -13.42 -29.18
CA PHE I 67 63.61 -12.26 -29.49
C PHE I 67 62.67 -11.95 -28.34
N SER I 68 62.50 -10.66 -28.05
CA SER I 68 61.58 -10.22 -27.00
C SER I 68 61.03 -8.85 -27.37
N VAL I 69 59.87 -8.53 -26.81
CA VAL I 69 59.16 -7.29 -27.10
C VAL I 69 58.65 -6.69 -25.80
N LEU I 70 58.74 -5.37 -25.67
CA LEU I 70 58.25 -4.64 -24.52
C LEU I 70 57.50 -3.41 -24.98
N GLY I 71 56.44 -3.06 -24.26
CA GLY I 71 55.66 -1.88 -24.60
C GLY I 71 55.53 -0.92 -23.45
N SER I 72 56.10 0.28 -23.60
CA SER I 72 56.08 1.30 -22.57
C SER I 72 55.48 2.57 -23.16
N GLY I 73 54.41 3.07 -22.54
CA GLY I 73 53.76 4.27 -23.02
C GLY I 73 53.24 4.11 -24.44
N LEU I 74 53.52 5.09 -25.28
CA LEU I 74 53.10 5.09 -26.67
C LEU I 74 54.16 4.51 -27.60
N ASN I 75 55.26 3.99 -27.07
CA ASN I 75 56.34 3.45 -27.88
C ASN I 75 56.45 1.95 -27.63
N ARG I 76 56.51 1.16 -28.70
CA ARG I 76 56.66 -0.28 -28.60
C ARG I 76 58.07 -0.67 -29.01
N TYR I 77 58.76 -1.39 -28.12
CA TYR I 77 60.15 -1.74 -28.33
C TYR I 77 60.29 -3.24 -28.57
N LEU I 78 60.99 -3.61 -29.64
CA LEU I 78 61.41 -4.98 -29.89
C LEU I 78 62.89 -5.08 -29.61
N THR I 79 63.27 -5.97 -28.70
CA THR I 79 64.64 -6.12 -28.24
C THR I 79 65.21 -7.44 -28.73
N ILE I 80 66.38 -7.38 -29.35
CA ILE I 80 67.10 -8.55 -29.83
C ILE I 80 68.40 -8.68 -29.06
N LYS I 81 68.60 -9.84 -28.42
CA LYS I 81 69.81 -10.13 -27.68
C LYS I 81 70.50 -11.33 -28.32
N ASN I 82 71.83 -11.34 -28.25
CA ASN I 82 72.66 -12.39 -28.86
C ASN I 82 72.35 -12.56 -30.35
N ILE I 83 72.40 -11.45 -31.08
CA ILE I 83 72.08 -11.46 -32.50
C ILE I 83 73.23 -12.13 -33.27
N GLN I 84 72.86 -12.90 -34.29
CA GLN I 84 73.78 -13.48 -35.26
C GLN I 84 73.34 -13.12 -36.68
N GLU I 85 73.97 -13.74 -37.67
CA GLU I 85 73.71 -13.40 -39.07
C GLU I 85 72.37 -13.91 -39.59
N GLU I 86 71.65 -14.70 -38.81
CA GLU I 86 70.32 -15.16 -39.21
C GLU I 86 69.26 -14.08 -39.07
N ASP I 87 69.53 -13.02 -38.31
CA ASP I 87 68.51 -12.01 -38.04
C ASP I 87 68.43 -10.91 -39.09
N GLU I 88 69.32 -10.89 -40.07
CA GLU I 88 69.25 -9.86 -41.11
C GLU I 88 67.97 -10.00 -41.92
N SER I 89 67.05 -9.05 -41.76
CA SER I 89 65.74 -9.13 -42.42
C SER I 89 65.05 -7.78 -42.32
N ASP I 90 63.82 -7.73 -42.84
CA ASP I 90 62.97 -6.56 -42.79
C ASP I 90 61.87 -6.83 -41.75
N TYR I 91 61.74 -5.94 -40.76
CA TYR I 91 60.77 -6.09 -39.69
C TYR I 91 59.70 -5.01 -39.80
N HIS I 92 58.43 -5.43 -39.68
CA HIS I 92 57.31 -4.51 -39.83
C HIS I 92 56.40 -4.56 -38.62
N CYS I 93 55.92 -3.40 -38.19
CA CYS I 93 54.98 -3.26 -37.10
C CYS I 93 53.67 -2.65 -37.62
N GLY I 94 52.54 -3.20 -37.16
CA GLY I 94 51.25 -2.78 -37.65
C GLY I 94 50.31 -2.38 -36.52
N ALA I 95 49.24 -1.68 -36.91
CA ALA I 95 48.22 -1.28 -35.95
C ALA I 95 46.99 -2.14 -36.22
N ASP I 96 45.96 -1.98 -35.38
CA ASP I 96 44.81 -2.87 -35.51
C ASP I 96 43.71 -2.26 -34.63
N GLN I 97 42.46 -2.68 -34.86
CA GLN I 97 41.32 -2.26 -34.05
C GLN I 97 40.17 -3.23 -34.31
N GLY I 98 39.02 -3.02 -33.66
CA GLY I 98 38.03 -4.07 -33.74
C GLY I 98 36.59 -3.81 -33.34
N SER I 99 36.01 -4.72 -32.55
CA SER I 99 34.58 -4.76 -32.18
C SER I 99 33.69 -5.05 -33.38
N GLY I 100 34.00 -6.13 -34.10
CA GLY I 100 33.23 -6.59 -35.24
C GLY I 100 33.53 -6.17 -36.66
N SER I 101 34.22 -5.04 -36.84
CA SER I 101 34.78 -4.72 -38.19
C SER I 101 36.29 -4.66 -37.94
N ASN I 102 37.10 -5.38 -38.72
CA ASN I 102 38.54 -5.58 -38.36
C ASN I 102 39.37 -4.29 -38.36
N PHE I 103 38.94 -3.26 -39.09
CA PHE I 103 39.70 -1.98 -39.19
C PHE I 103 40.85 -1.96 -40.19
N VAL I 104 41.47 -0.80 -40.37
CA VAL I 104 42.62 -0.67 -41.29
C VAL I 104 44.07 -0.43 -40.80
N GLY I 105 44.58 -1.42 -40.06
CA GLY I 105 45.84 -1.20 -39.36
C GLY I 105 46.94 -0.69 -40.24
N VAL I 106 47.52 0.45 -39.87
CA VAL I 106 48.64 1.04 -40.67
C VAL I 106 49.91 0.20 -40.50
N PHE I 107 50.73 0.11 -41.54
CA PHE I 107 52.03 -0.60 -41.41
C PHE I 107 53.11 0.48 -41.58
N GLY I 108 54.10 0.49 -40.70
CA GLY I 108 55.18 1.44 -40.78
C GLY I 108 56.08 1.17 -41.98
N GLY I 109 57.08 2.03 -42.12
CA GLY I 109 58.03 1.90 -43.21
C GLY I 109 58.84 0.61 -43.17
N GLY I 110 59.14 0.13 -41.97
CA GLY I 110 59.94 -1.06 -41.79
C GLY I 110 61.39 -0.73 -41.51
N THR I 111 62.09 -1.70 -40.93
CA THR I 111 63.49 -1.55 -40.53
C THR I 111 64.37 -2.57 -41.24
N LYS I 112 65.43 -2.09 -41.86
CA LYS I 112 66.41 -2.94 -42.54
C LYS I 112 67.65 -3.07 -41.65
N LEU I 113 67.66 -4.13 -40.84
CA LEU I 113 68.76 -4.35 -39.87
C LEU I 113 69.93 -5.04 -40.55
N THR I 114 70.87 -4.27 -41.10
CA THR I 114 72.08 -4.88 -41.73
C THR I 114 73.07 -5.24 -40.61
N VAL I 115 73.26 -6.53 -40.35
CA VAL I 115 74.15 -6.95 -39.22
C VAL I 115 75.59 -6.54 -39.55
#